data_8EWF
#
_entry.id   8EWF
#
_cell.length_a   1.00
_cell.length_b   1.00
_cell.length_c   1.00
_cell.angle_alpha   90.00
_cell.angle_beta   90.00
_cell.angle_gamma   90.00
#
_symmetry.space_group_name_H-M   'P 1'
#
loop_
_entity.id
_entity.type
_entity.pdbx_description
1 polymer 'E1 envelope protein'
2 polymer 'Spike glycoprotein E2'
3 polymer 'Chimeric MXRA8 receptor: D1 from Duck MXRA8 and D2 from Mouse MXRA8'
4 non-polymer 2-acetamido-2-deoxy-beta-D-glucopyranose
#
loop_
_entity_poly.entity_id
_entity_poly.type
_entity_poly.pdbx_seq_one_letter_code
_entity_poly.pdbx_strand_id
1 'polypeptide(L)'
;YEHVTVIPNTVGVPYKTLVNRPGYSPMVLEMELQSVTLEPTLSLDYITCEYKTVIPSPYVKCCGTAECKDKSLPDYSCKV
FTGVYPFMWGGAYCFCDAENTQLSEAHVEKSESCKTEFASAYRAHTASASAKLRVLYQGNNITVAAYANGDHAVTVKDAK
FVVGPMSSAWTPFDNKIVVYKGDVYNMDYPPFGAGRPGQFGDIQSRTPESKDVYANTQLVLQRPAAGTVHVPYSQAPSGF
KYWLKERGASLQHTAPFGCQIATNPVRAVNCAVGNIPISIDIPDAAFTRVVDAPSVTDMSCEVPACTHSSDFGGVAIIKY
TASKKGKCAVHSMTNAVTIREADVEVEGNSQLQISFSTALASAEFRVQVCSTQVHCAAACHPPKDHIVNYPASHTTLGVQ
DISTTAMSWVQKITGGVGLIVAVAALILIVVLCVSFSRH
;
A,G,K,O
2 'polypeptide(L)'
;NFNVYKATRPYLAHCPDCGEGHSCHSPIALERIRNEATDGTLKIQVSLQIGIKTDDSHDWTKLRYMDSHTPADAERAGLL
VRTSAPCTITGTMGHFILARCPKGETLTVGFTDSRKISHTCTHPFHHEPPVIGRERFHSRPQHGKELPCSTYVQSTAATA
EEIEVHMPPDTPDRTLMTQQSGNVKITVNGQTVRYKCNCGGSNEGLTTTDKVINNCKIDQCHAAVTNHKNWQYNSPLVPR
NAELGDRKGKIHIPFPLANVTCRVPKARNPTVTYGKNQVTMLLYPDHPTLLSYRNMGQEPNYHEEWVTHKKEVTLTVPTE
GLEVTWGNNEPYKYWPQMSTNGTAHGHPHEIILYYYELYPTMTVVIVSVASFVLLSMVGTAVGMCVCARRRCITPYELTP
GATVPFLLSLLCCVRTTKA
;
C,I,M,Q
3 'polypeptide(L)'
;SSSLVSESVVSLAAGTQAVLRCQSPRMVWTQDRLNDRQRVVHWDVYSTYYGDNKMERLCDMYSAGDQRVYSSYNQGRIFM
PQNAFTDGNFSLVIKDVAESDGGIYSCNLHHHYCHLYETVKIQLDVTKKAKAAKEYWDGEKAVIVALEGSTVMLPCVNRN
QIWTERHLEEAQQVVHWDRQLPGVSHDRADRLLDLYASGERRAYGPPFLRDRVSVNTNAFARGDFSLRIDELERADEGIY
SCHLHHHYCGLHERRVFHLQVTEPA
;
E
#
loop_
_chem_comp.id
_chem_comp.type
_chem_comp.name
_chem_comp.formula
NAG D-saccharide, beta linking 2-acetamido-2-deoxy-beta-D-glucopyranose 'C8 H15 N O6'
#
# COMPACT_ATOMS: atom_id res chain seq x y z
N TYR A 1 61.16 -5.63 0.54
CA TYR A 1 60.81 -4.49 -0.30
C TYR A 1 59.35 -4.09 -0.09
N GLU A 2 59.09 -2.79 -0.12
CA GLU A 2 57.76 -2.24 0.06
C GLU A 2 57.32 -1.57 -1.24
N HIS A 3 56.10 -1.89 -1.69
CA HIS A 3 55.53 -1.26 -2.87
C HIS A 3 54.13 -0.78 -2.54
N VAL A 4 53.78 0.41 -3.00
CA VAL A 4 52.49 1.01 -2.75
C VAL A 4 51.82 1.31 -4.08
N THR A 5 50.53 1.02 -4.16
CA THR A 5 49.77 1.28 -5.38
C THR A 5 48.35 1.65 -5.00
N VAL A 6 47.58 2.05 -6.01
CA VAL A 6 46.17 2.37 -5.84
C VAL A 6 45.41 1.80 -7.03
N ILE A 7 44.23 1.26 -6.75
CA ILE A 7 43.43 0.65 -7.81
C ILE A 7 41.99 1.13 -7.73
N PRO A 8 41.28 1.26 -8.85
CA PRO A 8 39.88 1.68 -8.78
C PRO A 8 39.05 0.70 -7.98
N ASN A 9 38.07 1.24 -7.26
CA ASN A 9 37.15 0.41 -6.49
C ASN A 9 36.17 -0.29 -7.41
N THR A 10 36.56 -1.44 -7.94
CA THR A 10 35.73 -2.22 -8.84
C THR A 10 35.96 -3.69 -8.57
N VAL A 11 34.95 -4.50 -8.88
CA VAL A 11 34.96 -5.92 -8.59
C VAL A 11 34.94 -6.70 -9.89
N GLY A 12 35.75 -7.75 -9.98
CA GLY A 12 35.77 -8.62 -11.13
C GLY A 12 36.69 -8.16 -12.25
N VAL A 13 37.36 -7.04 -12.09
CA VAL A 13 38.27 -6.51 -13.11
C VAL A 13 39.70 -6.75 -12.64
N PRO A 14 40.45 -7.64 -13.28
CA PRO A 14 41.84 -7.84 -12.88
C PRO A 14 42.66 -6.59 -13.09
N TYR A 15 43.65 -6.38 -12.21
CA TYR A 15 44.54 -5.23 -12.28
C TYR A 15 45.99 -5.70 -12.24
N LYS A 16 46.80 -5.20 -13.16
CA LYS A 16 48.23 -5.50 -13.19
C LYS A 16 48.98 -4.36 -12.52
N THR A 17 49.87 -4.71 -11.59
CA THR A 17 50.72 -3.74 -10.91
C THR A 17 52.16 -4.23 -11.02
N LEU A 18 53.00 -3.46 -11.69
CA LEU A 18 54.37 -3.84 -11.97
C LEU A 18 55.29 -3.25 -10.91
N VAL A 19 55.82 -4.09 -10.04
CA VAL A 19 56.80 -3.67 -9.06
C VAL A 19 58.18 -4.02 -9.60
N ASN A 20 59.08 -3.04 -9.63
CA ASN A 20 60.42 -3.19 -10.15
C ASN A 20 61.42 -2.88 -9.04
N ARG A 21 62.49 -3.65 -9.02
CA ARG A 21 63.54 -3.46 -8.02
C ARG A 21 64.90 -3.59 -8.68
N PRO A 22 65.74 -2.55 -8.65
CA PRO A 22 67.04 -2.65 -9.30
C PRO A 22 67.87 -3.79 -8.73
N GLY A 23 68.63 -4.44 -9.61
CA GLY A 23 69.39 -5.61 -9.24
C GLY A 23 68.63 -6.90 -9.28
N TYR A 24 67.33 -6.86 -9.58
CA TYR A 24 66.51 -8.06 -9.66
C TYR A 24 65.51 -7.90 -10.79
N SER A 25 65.01 -9.03 -11.26
CA SER A 25 64.05 -9.03 -12.35
C SER A 25 62.74 -8.41 -11.88
N PRO A 26 62.23 -7.36 -12.53
CA PRO A 26 60.95 -6.80 -12.11
C PRO A 26 59.82 -7.79 -12.33
N MET A 27 58.80 -7.68 -11.48
CA MET A 27 57.71 -8.64 -11.45
C MET A 27 56.39 -7.89 -11.40
N VAL A 28 55.39 -8.39 -12.09
CA VAL A 28 54.09 -7.75 -12.20
C VAL A 28 53.03 -8.68 -11.62
N LEU A 29 52.26 -8.17 -10.67
CA LEU A 29 51.29 -8.95 -9.92
C LEU A 29 49.87 -8.62 -10.37
N GLU A 30 49.03 -9.63 -10.39
CA GLU A 30 47.62 -9.49 -10.76
C GLU A 30 46.79 -9.50 -9.49
N MET A 31 45.98 -8.45 -9.29
CA MET A 31 45.15 -8.31 -8.11
C MET A 31 43.70 -8.12 -8.56
N GLU A 32 42.80 -8.86 -7.92
CA GLU A 32 41.38 -8.85 -8.27
C GLU A 32 40.57 -8.71 -7.00
N LEU A 33 39.45 -8.01 -7.11
CA LEU A 33 38.54 -7.77 -5.99
C LEU A 33 37.44 -8.82 -6.03
N GLN A 34 37.42 -9.71 -5.04
CA GLN A 34 36.33 -10.68 -4.96
C GLN A 34 35.05 -10.02 -4.48
N SER A 35 35.15 -9.15 -3.47
CA SER A 35 34.00 -8.41 -2.96
C SER A 35 34.50 -7.47 -1.87
N VAL A 36 33.71 -6.44 -1.61
CA VAL A 36 34.01 -5.46 -0.57
C VAL A 36 32.74 -5.25 0.24
N THR A 37 32.85 -5.43 1.55
CA THR A 37 31.72 -5.35 2.46
C THR A 37 31.81 -4.10 3.32
N LEU A 38 30.69 -3.40 3.45
CA LEU A 38 30.57 -2.21 4.30
C LEU A 38 29.58 -2.55 5.39
N GLU A 39 30.06 -2.58 6.64
CA GLU A 39 29.23 -2.90 7.78
C GLU A 39 28.91 -1.60 8.50
N PRO A 40 27.66 -1.17 8.54
CA PRO A 40 27.33 0.07 9.24
C PRO A 40 27.08 -0.16 10.73
N THR A 41 27.10 0.95 11.47
CA THR A 41 26.83 0.87 12.89
C THR A 41 25.44 0.28 13.13
N LEU A 42 25.19 -0.12 14.37
CA LEU A 42 23.89 -0.68 14.75
C LEU A 42 23.52 -0.12 16.13
N SER A 43 22.60 0.84 16.12
CA SER A 43 22.02 1.39 17.35
C SER A 43 20.52 1.18 17.25
N LEU A 44 20.03 0.11 17.86
CA LEU A 44 18.62 -0.26 17.75
C LEU A 44 17.79 0.83 18.41
N ASP A 45 17.14 1.67 17.61
CA ASP A 45 16.29 2.69 18.17
C ASP A 45 15.08 2.06 18.86
N TYR A 46 14.37 1.19 18.15
CA TYR A 46 13.24 0.48 18.75
C TYR A 46 12.74 -0.56 17.77
N ILE A 47 11.61 -1.19 18.12
CA ILE A 47 10.96 -2.20 17.29
C ILE A 47 9.46 -1.94 17.31
N THR A 48 8.76 -2.59 16.38
CA THR A 48 7.30 -2.52 16.35
C THR A 48 6.75 -3.76 15.67
N CYS A 49 5.46 -3.97 15.87
CA CYS A 49 4.77 -5.16 15.41
C CYS A 49 3.26 -4.93 15.56
N GLU A 50 2.48 -5.91 15.14
CA GLU A 50 1.04 -5.83 15.28
C GLU A 50 0.63 -5.96 16.75
N TYR A 51 -0.47 -5.32 17.08
CA TYR A 51 -0.97 -5.25 18.45
C TYR A 51 -2.26 -6.03 18.58
N LYS A 52 -2.52 -6.52 19.79
CA LYS A 52 -3.74 -7.24 20.11
C LYS A 52 -4.59 -6.41 21.06
N THR A 53 -5.89 -6.36 20.77
CA THR A 53 -6.83 -5.56 21.53
C THR A 53 -7.57 -6.48 22.48
N VAL A 54 -7.43 -6.24 23.78
CA VAL A 54 -8.06 -7.04 24.81
C VAL A 54 -9.27 -6.28 25.34
N ILE A 55 -10.42 -6.94 25.31
CA ILE A 55 -11.69 -6.38 25.75
C ILE A 55 -12.41 -7.44 26.58
N PRO A 56 -12.17 -7.52 27.88
CA PRO A 56 -12.80 -8.57 28.67
C PRO A 56 -14.32 -8.46 28.66
N SER A 57 -15.00 -9.41 29.28
CA SER A 57 -16.44 -9.45 29.23
C SER A 57 -17.02 -8.16 29.81
N PRO A 58 -17.93 -7.49 29.10
CA PRO A 58 -18.46 -6.23 29.61
C PRO A 58 -19.27 -6.44 30.89
N TYR A 59 -19.25 -5.42 31.74
CA TYR A 59 -19.96 -5.45 33.00
C TYR A 59 -21.39 -4.98 32.76
N VAL A 60 -22.34 -5.83 33.07
CA VAL A 60 -23.75 -5.50 32.94
C VAL A 60 -24.31 -5.26 34.33
N LYS A 61 -25.37 -4.46 34.42
CA LYS A 61 -25.98 -4.17 35.71
C LYS A 61 -27.44 -3.77 35.49
N CYS A 62 -28.24 -3.98 36.52
CA CYS A 62 -29.65 -3.65 36.55
C CYS A 62 -29.98 -2.82 37.78
N CYS A 63 -30.88 -1.87 37.61
CA CYS A 63 -31.42 -1.06 38.70
C CYS A 63 -30.34 -0.32 39.48
N GLY A 64 -29.14 -0.25 38.92
CA GLY A 64 -27.97 0.32 39.57
C GLY A 64 -27.03 0.78 38.48
N THR A 65 -25.95 1.46 38.88
CA THR A 65 -25.05 2.06 37.92
C THR A 65 -23.62 1.66 38.23
N ALA A 66 -22.82 1.54 37.17
CA ALA A 66 -21.41 1.19 37.29
C ALA A 66 -20.58 2.46 37.36
N GLU A 67 -19.26 2.31 37.32
CA GLU A 67 -18.37 3.44 37.44
C GLU A 67 -17.03 3.10 36.81
N CYS A 68 -16.36 4.11 36.27
CA CYS A 68 -15.07 3.96 35.63
C CYS A 68 -13.96 4.24 36.64
N LYS A 69 -13.08 3.26 36.83
CA LYS A 69 -11.88 3.42 37.64
C LYS A 69 -10.67 3.37 36.72
N ASP A 70 -9.82 4.39 36.81
CA ASP A 70 -8.70 4.50 35.89
C ASP A 70 -7.77 3.30 36.03
N LYS A 71 -7.23 2.85 34.90
CA LYS A 71 -6.28 1.75 34.84
C LYS A 71 -4.99 2.27 34.23
N SER A 72 -3.86 1.94 34.87
CA SER A 72 -2.55 2.38 34.40
C SER A 72 -2.06 1.40 33.33
N LEU A 73 -2.77 1.40 32.20
CA LEU A 73 -2.47 0.53 31.08
C LEU A 73 -2.41 1.36 29.81
N PRO A 74 -1.72 0.88 28.78
CA PRO A 74 -1.58 1.66 27.55
C PRO A 74 -2.92 1.85 26.85
N ASP A 75 -3.22 3.11 26.53
CA ASP A 75 -4.42 3.46 25.77
C ASP A 75 -5.67 2.85 26.37
N TYR A 76 -5.65 2.56 27.66
CA TYR A 76 -6.84 2.02 28.31
C TYR A 76 -7.99 2.99 28.20
N SER A 77 -9.17 2.46 27.88
CA SER A 77 -10.35 3.29 27.74
C SER A 77 -11.54 2.59 28.35
N CYS A 78 -12.53 3.39 28.74
CA CYS A 78 -13.74 2.88 29.37
C CYS A 78 -14.90 3.78 28.99
N LYS A 79 -16.11 3.26 29.19
CA LYS A 79 -17.33 4.02 28.94
C LYS A 79 -18.48 3.32 29.64
N VAL A 80 -19.58 4.06 29.79
CA VAL A 80 -20.81 3.54 30.37
C VAL A 80 -21.97 3.99 29.49
N PHE A 81 -23.06 3.22 29.57
CA PHE A 81 -24.28 3.50 28.83
C PHE A 81 -25.47 3.09 29.68
N THR A 82 -26.63 3.65 29.35
CA THR A 82 -27.83 3.45 30.13
C THR A 82 -29.01 3.17 29.21
N GLY A 83 -30.02 2.51 29.76
CA GLY A 83 -31.24 2.21 29.03
C GLY A 83 -31.15 1.00 28.14
N VAL A 84 -30.02 0.30 28.13
CA VAL A 84 -29.86 -0.86 27.27
C VAL A 84 -30.61 -2.05 27.88
N TYR A 85 -31.33 -2.78 27.04
CA TYR A 85 -32.17 -3.89 27.48
C TYR A 85 -31.76 -5.13 26.69
N PRO A 86 -30.61 -5.72 27.01
CA PRO A 86 -30.11 -6.84 26.22
C PRO A 86 -30.99 -8.06 26.33
N PHE A 87 -30.98 -8.87 25.27
CA PHE A 87 -31.71 -10.12 25.23
C PHE A 87 -30.73 -11.25 24.90
N MET A 88 -30.88 -12.37 25.59
CA MET A 88 -30.12 -13.57 25.33
C MET A 88 -31.03 -14.65 24.75
N TRP A 89 -30.47 -15.85 24.57
CA TRP A 89 -31.23 -16.93 23.93
C TRP A 89 -32.50 -17.25 24.71
N GLY A 90 -32.38 -17.36 26.03
CA GLY A 90 -33.52 -17.76 26.85
C GLY A 90 -34.49 -16.65 27.17
N GLY A 91 -34.17 -15.42 26.81
CA GLY A 91 -35.03 -14.28 27.03
C GLY A 91 -34.23 -13.09 27.46
N ALA A 92 -34.92 -12.11 28.04
CA ALA A 92 -34.24 -10.91 28.53
C ALA A 92 -33.26 -11.29 29.63
N TYR A 93 -32.12 -10.59 29.65
CA TYR A 93 -31.14 -10.82 30.71
C TYR A 93 -31.76 -10.51 32.07
N CYS A 94 -32.51 -9.41 32.14
CA CYS A 94 -33.01 -8.90 33.41
C CYS A 94 -34.22 -8.02 33.19
N PHE A 95 -34.88 -7.65 34.30
CA PHE A 95 -36.20 -7.03 34.20
C PHE A 95 -36.09 -5.51 34.07
N CYS A 96 -35.15 -4.87 34.77
CA CYS A 96 -35.10 -3.41 34.80
C CYS A 96 -35.07 -2.88 33.36
N ASP A 97 -36.19 -2.28 32.96
CA ASP A 97 -36.41 -1.96 31.55
C ASP A 97 -35.43 -0.90 31.07
N ALA A 98 -35.23 0.16 31.86
CA ALA A 98 -34.33 1.24 31.51
C ALA A 98 -33.40 1.66 32.64
N GLU A 99 -33.65 1.21 33.87
CA GLU A 99 -32.78 1.54 34.98
C GLU A 99 -31.43 0.83 34.89
N ASN A 100 -31.28 -0.13 34.00
CA ASN A 100 -30.06 -0.91 33.89
C ASN A 100 -28.96 -0.08 33.23
N THR A 101 -27.73 -0.55 33.39
CA THR A 101 -26.56 0.13 32.86
C THR A 101 -25.54 -0.88 32.38
N GLN A 102 -24.63 -0.39 31.53
CA GLN A 102 -23.56 -1.20 30.95
C GLN A 102 -22.26 -0.43 31.09
N LEU A 103 -21.24 -1.10 31.60
CA LEU A 103 -19.89 -0.56 31.66
C LEU A 103 -19.00 -1.41 30.77
N SER A 104 -18.21 -0.75 29.93
CA SER A 104 -17.28 -1.43 29.03
C SER A 104 -15.92 -0.78 29.14
N GLU A 105 -14.88 -1.55 28.88
CA GLU A 105 -13.53 -1.02 28.84
C GLU A 105 -12.65 -1.95 28.04
N ALA A 106 -11.51 -1.41 27.59
CA ALA A 106 -10.62 -2.16 26.73
C ALA A 106 -9.22 -1.55 26.80
N HIS A 107 -8.24 -2.35 26.39
CA HIS A 107 -6.88 -1.85 26.25
C HIS A 107 -6.20 -2.62 25.13
N VAL A 108 -4.95 -2.24 24.85
CA VAL A 108 -4.18 -2.80 23.75
C VAL A 108 -2.82 -3.23 24.28
N GLU A 109 -2.37 -4.40 23.85
CA GLU A 109 -1.12 -4.97 24.29
C GLU A 109 -0.34 -5.50 23.10
N LYS A 110 0.90 -5.89 23.36
CA LYS A 110 1.75 -6.48 22.34
C LYS A 110 1.33 -7.91 22.06
N SER A 111 1.60 -8.36 20.84
CA SER A 111 1.24 -9.70 20.39
C SER A 111 2.43 -10.63 20.54
N GLU A 112 2.15 -11.88 20.91
CA GLU A 112 3.22 -12.86 21.01
C GLU A 112 3.90 -13.07 19.66
N SER A 113 3.18 -12.84 18.57
CA SER A 113 3.77 -12.92 17.25
C SER A 113 4.96 -11.99 17.11
N CYS A 114 5.01 -10.92 17.91
CA CYS A 114 6.15 -10.01 17.87
C CYS A 114 7.45 -10.75 18.13
N LYS A 115 7.41 -11.83 18.92
CA LYS A 115 8.63 -12.55 19.22
C LYS A 115 9.24 -13.21 17.99
N THR A 116 8.48 -13.31 16.91
CA THR A 116 8.94 -13.96 15.68
C THR A 116 8.97 -13.00 14.50
N GLU A 117 7.93 -12.19 14.34
CA GLU A 117 7.80 -11.26 13.22
C GLU A 117 7.65 -9.85 13.75
N PHE A 118 8.40 -8.93 13.15
CA PHE A 118 8.43 -7.54 13.62
C PHE A 118 9.28 -6.73 12.65
N ALA A 119 9.29 -5.42 12.86
CA ALA A 119 10.12 -4.51 12.09
C ALA A 119 10.91 -3.64 13.06
N SER A 120 12.23 -3.54 12.83
CA SER A 120 13.12 -2.91 13.79
C SER A 120 13.75 -1.67 13.17
N ALA A 121 13.71 -0.56 13.91
CA ALA A 121 14.25 0.72 13.45
C ALA A 121 15.56 0.99 14.18
N TYR A 122 16.61 1.23 13.39
CA TYR A 122 17.95 1.52 13.88
C TYR A 122 18.40 2.90 13.41
N ARG A 123 19.41 3.42 14.08
CA ARG A 123 19.97 4.72 13.75
C ARG A 123 21.43 4.59 13.34
N ALA A 124 21.72 3.61 12.49
CA ALA A 124 23.08 3.40 12.01
C ALA A 124 23.60 4.66 11.33
N HIS A 125 24.83 5.05 11.68
CA HIS A 125 25.41 6.30 11.18
C HIS A 125 26.68 6.06 10.37
N THR A 126 27.66 5.37 10.92
CA THR A 126 28.94 5.14 10.28
C THR A 126 29.05 3.69 9.85
N ALA A 127 30.22 3.33 9.32
CA ALA A 127 30.43 1.98 8.83
C ALA A 127 31.92 1.69 8.77
N SER A 128 32.24 0.40 8.66
CA SER A 128 33.59 -0.09 8.45
C SER A 128 33.62 -0.97 7.21
N ALA A 129 34.80 -1.09 6.62
CA ALA A 129 34.98 -1.74 5.34
C ALA A 129 35.83 -2.99 5.49
N SER A 130 35.36 -4.10 4.90
CA SER A 130 36.12 -5.32 4.80
C SER A 130 36.05 -5.83 3.37
N ALA A 131 37.10 -6.51 2.93
CA ALA A 131 37.22 -6.86 1.52
C ALA A 131 38.01 -8.14 1.35
N LYS A 132 37.82 -8.74 0.17
CA LYS A 132 38.46 -9.98 -0.24
C LYS A 132 39.23 -9.73 -1.52
N LEU A 133 40.48 -10.20 -1.56
CA LEU A 133 41.36 -9.99 -2.70
C LEU A 133 41.92 -11.32 -3.16
N ARG A 134 42.16 -11.41 -4.47
CA ARG A 134 42.84 -12.53 -5.09
C ARG A 134 44.10 -12.01 -5.76
N VAL A 135 45.24 -12.62 -5.45
CA VAL A 135 46.54 -12.15 -5.90
C VAL A 135 47.27 -13.29 -6.59
N LEU A 136 47.85 -13.00 -7.75
CA LEU A 136 48.69 -13.96 -8.45
C LEU A 136 50.12 -13.81 -7.93
N TYR A 137 50.54 -14.77 -7.13
CA TYR A 137 51.86 -14.75 -6.50
C TYR A 137 52.57 -16.05 -6.83
N GLN A 138 53.81 -15.95 -7.31
CA GLN A 138 54.62 -17.12 -7.62
C GLN A 138 53.83 -18.12 -8.47
N GLY A 139 53.07 -17.60 -9.42
CA GLY A 139 52.29 -18.45 -10.31
C GLY A 139 51.18 -19.22 -9.64
N ASN A 140 50.49 -18.60 -8.69
CA ASN A 140 49.30 -19.23 -8.11
C ASN A 140 48.39 -18.15 -7.54
N ASN A 141 47.09 -18.41 -7.63
CA ASN A 141 46.08 -17.51 -7.08
C ASN A 141 45.96 -17.74 -5.58
N ILE A 142 46.02 -16.65 -4.81
CA ILE A 142 45.95 -16.71 -3.36
C ILE A 142 44.87 -15.74 -2.88
N THR A 143 44.09 -16.16 -1.90
CA THR A 143 43.00 -15.37 -1.36
C THR A 143 43.41 -14.70 -0.06
N VAL A 144 43.00 -13.45 0.11
CA VAL A 144 43.27 -12.69 1.31
C VAL A 144 42.01 -11.94 1.71
N ALA A 145 41.84 -11.76 3.02
CA ALA A 145 40.69 -11.05 3.57
C ALA A 145 41.19 -10.04 4.59
N ALA A 146 40.68 -8.82 4.54
CA ALA A 146 41.14 -7.82 5.49
C ALA A 146 40.19 -6.64 5.53
N TYR A 147 40.27 -5.90 6.64
CA TYR A 147 39.45 -4.71 6.81
C TYR A 147 39.99 -3.60 5.93
N ALA A 148 39.16 -3.09 5.02
CA ALA A 148 39.58 -2.09 4.04
C ALA A 148 39.47 -0.68 4.63
N ASN A 149 40.21 -0.46 5.70
CA ASN A 149 40.23 0.84 6.36
C ASN A 149 41.65 1.33 6.62
N GLY A 150 42.65 0.74 5.99
CA GLY A 150 44.02 1.19 6.14
C GLY A 150 44.68 0.81 7.45
N ASP A 151 44.05 -0.03 8.26
CA ASP A 151 44.58 -0.45 9.55
C ASP A 151 44.97 -1.91 9.59
N HIS A 152 44.08 -2.80 9.17
CA HIS A 152 44.35 -4.23 9.27
C HIS A 152 45.50 -4.61 8.36
N ALA A 153 46.48 -5.33 8.92
CA ALA A 153 47.59 -5.87 8.17
C ALA A 153 47.53 -7.39 8.23
N VAL A 154 47.76 -8.04 7.10
CA VAL A 154 47.60 -9.49 6.98
C VAL A 154 48.86 -10.10 6.39
N THR A 155 49.35 -11.16 7.01
CA THR A 155 50.53 -11.86 6.54
C THR A 155 50.11 -13.12 5.80
N VAL A 156 50.67 -13.30 4.60
CA VAL A 156 50.37 -14.49 3.80
C VAL A 156 51.61 -14.83 2.97
N LYS A 157 52.03 -16.08 3.05
CA LYS A 157 53.15 -16.57 2.25
C LYS A 157 54.37 -15.65 2.39
N ASP A 158 54.63 -15.24 3.62
CA ASP A 158 55.81 -14.46 4.01
C ASP A 158 55.69 -12.99 3.62
N ALA A 159 54.57 -12.54 3.05
CA ALA A 159 54.43 -11.18 2.59
C ALA A 159 53.32 -10.47 3.36
N LYS A 160 53.51 -9.19 3.60
CA LYS A 160 52.57 -8.40 4.40
C LYS A 160 51.74 -7.50 3.49
N PHE A 161 50.43 -7.65 3.55
CA PHE A 161 49.48 -6.86 2.78
C PHE A 161 48.74 -5.92 3.71
N VAL A 162 48.60 -4.66 3.28
CA VAL A 162 47.76 -3.68 3.95
C VAL A 162 46.86 -3.03 2.90
N VAL A 163 45.58 -2.91 3.23
CA VAL A 163 44.58 -2.43 2.30
C VAL A 163 43.84 -1.27 2.94
N GLY A 164 43.32 -0.38 2.10
CA GLY A 164 42.57 0.77 2.56
C GLY A 164 43.49 1.90 2.98
N PRO A 165 42.91 2.96 3.53
CA PRO A 165 41.48 3.15 3.77
C PRO A 165 40.70 3.49 2.52
N MET A 166 39.38 3.27 2.56
CA MET A 166 38.52 3.60 1.44
C MET A 166 38.68 5.08 1.08
N SER A 167 38.89 5.34 -0.21
CA SER A 167 39.06 6.71 -0.66
C SER A 167 37.79 7.53 -0.42
N SER A 168 36.63 6.94 -0.67
CA SER A 168 35.36 7.62 -0.54
C SER A 168 34.66 7.15 0.72
N ALA A 169 34.14 8.10 1.50
CA ALA A 169 33.34 7.80 2.68
C ALA A 169 31.87 7.62 2.35
N TRP A 170 31.50 7.69 1.08
CA TRP A 170 30.10 7.57 0.71
C TRP A 170 29.56 6.20 1.11
N THR A 171 28.28 6.19 1.49
CA THR A 171 27.58 4.97 1.84
C THR A 171 26.20 5.00 1.20
N PRO A 172 25.62 3.83 0.91
CA PRO A 172 24.23 3.80 0.46
C PRO A 172 23.23 3.92 1.60
N PHE A 173 23.67 3.69 2.83
CA PHE A 173 22.76 3.71 3.97
C PHE A 173 22.41 5.15 4.35
N ASP A 174 21.72 5.29 5.48
CA ASP A 174 21.30 6.57 5.99
C ASP A 174 21.30 6.51 7.52
N ASN A 175 21.32 7.69 8.14
CA ASN A 175 21.38 7.76 9.60
C ASN A 175 20.30 6.90 10.24
N LYS A 176 19.09 6.92 9.68
CA LYS A 176 17.96 6.17 10.21
C LYS A 176 17.50 5.17 9.17
N ILE A 177 17.31 3.92 9.60
CA ILE A 177 16.89 2.85 8.70
C ILE A 177 15.91 1.94 9.42
N VAL A 178 15.08 1.27 8.65
CA VAL A 178 14.10 0.32 9.18
C VAL A 178 14.26 -1.00 8.44
N VAL A 179 14.31 -2.09 9.20
CA VAL A 179 14.62 -3.41 8.65
C VAL A 179 13.48 -4.35 8.97
N TYR A 180 13.02 -5.06 7.94
CA TYR A 180 12.10 -6.17 8.06
C TYR A 180 12.92 -7.46 8.20
N LYS A 181 12.27 -8.61 8.04
CA LYS A 181 12.95 -9.89 8.19
C LYS A 181 14.20 -9.96 7.33
N GLY A 182 14.09 -9.54 6.06
CA GLY A 182 15.22 -9.63 5.16
C GLY A 182 15.30 -8.46 4.20
N ASP A 183 14.67 -7.34 4.55
CA ASP A 183 14.63 -6.17 3.70
C ASP A 183 15.01 -4.96 4.53
N VAL A 184 15.59 -3.96 3.87
CA VAL A 184 16.05 -2.73 4.50
C VAL A 184 15.46 -1.55 3.75
N TYR A 185 15.13 -0.50 4.50
CA TYR A 185 14.49 0.68 3.94
C TYR A 185 15.07 1.93 4.57
N ASN A 186 15.39 2.90 3.71
CA ASN A 186 15.77 4.23 4.14
C ASN A 186 14.48 5.03 4.34
N MET A 187 14.19 5.37 5.59
CA MET A 187 12.90 5.98 5.91
C MET A 187 12.97 6.54 7.32
N ASP A 188 12.52 7.78 7.49
CA ASP A 188 12.65 8.50 8.74
C ASP A 188 11.46 8.11 9.61
N TYR A 189 11.69 7.22 10.55
CA TYR A 189 10.63 6.79 11.44
C TYR A 189 10.27 7.91 12.41
N PRO A 190 9.03 7.95 12.90
CA PRO A 190 8.64 8.95 13.87
C PRO A 190 9.39 8.74 15.18
N PRO A 191 9.59 9.79 15.96
CA PRO A 191 10.28 9.62 17.24
C PRO A 191 9.50 8.72 18.19
N PHE A 192 10.24 8.01 19.04
CA PHE A 192 9.61 7.09 19.97
C PHE A 192 8.63 7.83 20.86
N GLY A 193 7.48 7.20 21.11
CA GLY A 193 6.46 7.80 21.95
C GLY A 193 5.56 8.80 21.27
N ALA A 194 5.69 8.97 19.95
CA ALA A 194 4.89 9.90 19.19
C ALA A 194 4.35 9.23 17.93
N GLY A 195 4.07 7.94 18.02
CA GLY A 195 3.59 7.21 16.85
C GLY A 195 2.29 7.79 16.34
N ARG A 196 2.21 7.96 15.02
CA ARG A 196 1.00 8.46 14.39
C ARG A 196 0.13 7.29 13.96
N PRO A 197 -1.14 7.23 14.38
CA PRO A 197 -1.94 6.05 14.06
C PRO A 197 -2.09 5.85 12.56
N GLY A 198 -2.12 4.58 12.14
CA GLY A 198 -2.22 4.26 10.75
C GLY A 198 -0.92 4.35 9.98
N GLN A 199 0.20 4.59 10.66
CA GLN A 199 1.49 4.73 10.02
C GLN A 199 2.52 3.91 10.79
N PHE A 200 3.68 3.75 10.19
CA PHE A 200 4.76 3.03 10.83
C PHE A 200 5.10 3.68 12.16
N GLY A 201 5.35 2.87 13.17
CA GLY A 201 5.58 3.35 14.52
C GLY A 201 4.32 3.56 15.32
N ASP A 202 3.16 3.15 14.80
CA ASP A 202 1.91 3.30 15.53
C ASP A 202 1.96 2.64 16.90
N ILE A 203 2.68 1.53 17.03
CA ILE A 203 3.01 0.95 18.32
C ILE A 203 4.52 0.89 18.46
N GLN A 204 5.02 1.29 19.62
CA GLN A 204 6.45 1.35 19.89
C GLN A 204 6.78 0.41 21.05
N SER A 205 7.80 -0.41 20.86
CA SER A 205 8.32 -1.27 21.91
C SER A 205 9.84 -1.18 21.93
N ARG A 206 10.40 -1.06 23.14
CA ARG A 206 11.84 -0.97 23.26
C ARG A 206 12.52 -2.24 22.74
N THR A 207 11.97 -3.40 23.10
CA THR A 207 12.54 -4.67 22.70
C THR A 207 11.40 -5.66 22.50
N PRO A 208 11.64 -6.75 21.77
CA PRO A 208 10.57 -7.74 21.56
C PRO A 208 10.06 -8.36 22.85
N GLU A 209 10.86 -8.35 23.91
CA GLU A 209 10.50 -8.99 25.17
C GLU A 209 10.11 -8.01 26.26
N SER A 210 10.48 -6.75 26.13
CA SER A 210 10.14 -5.76 27.16
C SER A 210 8.62 -5.67 27.30
N LYS A 211 8.14 -5.72 28.54
CA LYS A 211 6.71 -5.68 28.78
C LYS A 211 6.15 -4.28 28.52
N ASP A 212 6.89 -3.24 28.91
CA ASP A 212 6.44 -1.88 28.71
C ASP A 212 6.33 -1.56 27.23
N VAL A 213 5.30 -0.80 26.87
CA VAL A 213 5.05 -0.42 25.48
C VAL A 213 4.41 0.96 25.46
N TYR A 214 4.26 1.51 24.26
CA TYR A 214 3.55 2.77 24.04
C TYR A 214 2.61 2.59 22.86
N ALA A 215 1.45 3.24 22.94
CA ALA A 215 0.43 3.07 21.93
C ALA A 215 -0.33 4.37 21.72
N ASN A 216 -0.96 4.47 20.54
CA ASN A 216 -1.79 5.61 20.21
C ASN A 216 -2.81 5.13 19.18
N THR A 217 -4.02 4.82 19.64
CA THR A 217 -5.00 4.16 18.79
C THR A 217 -6.42 4.67 18.94
N GLN A 218 -6.64 5.76 19.67
CA GLN A 218 -7.95 6.42 19.70
C GLN A 218 -9.07 5.42 19.97
N LEU A 219 -8.87 4.58 20.97
CA LEU A 219 -9.84 3.54 21.31
C LEU A 219 -11.06 4.19 21.94
N VAL A 220 -12.09 4.41 21.13
CA VAL A 220 -13.34 5.01 21.57
C VAL A 220 -14.43 3.95 21.49
N LEU A 221 -15.23 3.85 22.54
CA LEU A 221 -16.32 2.90 22.57
C LEU A 221 -17.59 3.53 22.00
N GLN A 222 -18.61 2.70 21.81
CA GLN A 222 -19.87 3.14 21.26
C GLN A 222 -21.01 2.47 22.00
N ARG A 223 -22.19 3.05 21.89
CA ARG A 223 -23.36 2.47 22.52
C ARG A 223 -23.68 1.13 21.86
N PRO A 224 -23.88 0.07 22.63
CA PRO A 224 -24.16 -1.24 22.01
C PRO A 224 -25.49 -1.25 21.30
N ALA A 225 -25.59 -2.12 20.30
CA ALA A 225 -26.84 -2.28 19.55
C ALA A 225 -27.97 -2.67 20.49
N ALA A 226 -29.11 -2.01 20.33
CA ALA A 226 -30.25 -2.27 21.21
C ALA A 226 -30.72 -3.71 21.06
N GLY A 227 -31.14 -4.29 22.18
CA GLY A 227 -31.65 -5.64 22.19
C GLY A 227 -30.61 -6.72 22.15
N THR A 228 -29.33 -6.36 22.23
CA THR A 228 -28.24 -7.33 22.16
C THR A 228 -27.24 -7.03 23.26
N VAL A 229 -26.52 -8.07 23.66
CA VAL A 229 -25.43 -7.95 24.62
C VAL A 229 -24.13 -8.18 23.88
N HIS A 230 -23.25 -7.19 23.90
CA HIS A 230 -22.00 -7.23 23.16
C HIS A 230 -21.25 -5.95 23.49
N VAL A 231 -19.98 -5.91 23.08
CA VAL A 231 -19.15 -4.73 23.23
C VAL A 231 -18.71 -4.25 21.85
N PRO A 232 -19.07 -3.03 21.45
CA PRO A 232 -18.45 -2.44 20.26
C PRO A 232 -17.18 -1.70 20.63
N TYR A 233 -16.25 -1.68 19.69
CA TYR A 233 -15.03 -0.93 19.89
C TYR A 233 -14.69 -0.19 18.61
N SER A 234 -14.22 1.04 18.76
CA SER A 234 -13.60 1.77 17.66
C SER A 234 -12.09 1.65 17.80
N GLN A 235 -11.61 0.43 17.58
CA GLN A 235 -10.19 0.16 17.56
C GLN A 235 -9.56 0.77 16.31
N ALA A 236 -8.47 1.49 16.50
CA ALA A 236 -7.78 2.06 15.37
C ALA A 236 -7.18 0.94 14.51
N PRO A 237 -7.32 1.01 13.18
CA PRO A 237 -6.63 0.05 12.32
C PRO A 237 -5.14 0.11 12.52
N SER A 238 -4.50 -1.05 12.43
CA SER A 238 -3.08 -1.18 12.72
C SER A 238 -2.26 -0.64 11.55
N GLY A 239 -1.47 0.41 11.82
CA GLY A 239 -0.65 0.98 10.77
C GLY A 239 0.55 0.12 10.43
N PHE A 240 0.95 -0.74 11.37
CA PHE A 240 2.13 -1.57 11.13
C PHE A 240 1.88 -2.56 10.00
N LYS A 241 0.86 -3.41 10.15
CA LYS A 241 0.53 -4.35 9.09
C LYS A 241 0.36 -3.63 7.77
N TYR A 242 -0.26 -2.46 7.79
CA TYR A 242 -0.50 -1.70 6.57
C TYR A 242 0.80 -1.28 5.91
N TRP A 243 1.75 -0.77 6.70
CA TRP A 243 3.01 -0.32 6.13
C TRP A 243 3.68 -1.45 5.36
N LEU A 244 3.48 -2.69 5.79
CA LEU A 244 4.00 -3.82 5.04
C LEU A 244 3.34 -3.89 3.66
N LYS A 245 2.12 -3.36 3.54
CA LYS A 245 1.43 -3.40 2.27
C LYS A 245 1.96 -2.35 1.30
N GLU A 246 2.35 -1.19 1.81
CA GLU A 246 2.92 -0.12 0.98
C GLU A 246 4.40 0.10 1.24
N ARG A 247 5.17 -0.97 1.44
CA ARG A 247 6.58 -0.79 1.76
C ARG A 247 7.30 0.00 0.67
N GLY A 248 7.08 -0.38 -0.58
CA GLY A 248 7.77 0.24 -1.70
C GLY A 248 9.05 -0.50 -2.05
N ALA A 249 9.83 0.14 -2.91
CA ALA A 249 11.06 -0.47 -3.41
C ALA A 249 12.08 -0.59 -2.28
N SER A 250 12.75 -1.74 -2.23
CA SER A 250 13.81 -1.95 -1.27
C SER A 250 15.07 -1.21 -1.70
N LEU A 251 15.98 -1.02 -0.75
CA LEU A 251 17.22 -0.30 -1.04
C LEU A 251 18.15 -1.09 -1.94
N GLN A 252 17.94 -2.40 -2.10
CA GLN A 252 18.85 -3.14 -2.96
C GLN A 252 18.64 -2.76 -4.41
N HIS A 253 17.50 -2.13 -4.71
CA HIS A 253 17.25 -1.57 -6.03
C HIS A 253 17.43 -0.05 -6.08
N THR A 254 17.22 0.65 -4.99
CA THR A 254 17.33 2.10 -4.99
C THR A 254 18.73 2.58 -4.62
N ALA A 255 19.64 1.70 -4.27
CA ALA A 255 20.97 2.10 -3.87
C ALA A 255 21.79 2.52 -5.08
N PRO A 256 22.28 3.75 -5.14
CA PRO A 256 23.21 4.11 -6.21
C PRO A 256 24.46 3.24 -6.14
N PHE A 257 24.98 2.89 -7.32
CA PHE A 257 26.11 1.98 -7.47
C PHE A 257 25.74 0.54 -7.12
N GLY A 258 24.48 0.27 -6.86
CA GLY A 258 24.01 -1.11 -6.73
C GLY A 258 24.76 -1.93 -5.68
N CYS A 259 25.00 -1.35 -4.51
CA CYS A 259 25.69 -2.07 -3.46
C CYS A 259 24.74 -3.11 -2.87
N GLN A 260 24.99 -4.38 -3.18
CA GLN A 260 24.12 -5.45 -2.72
C GLN A 260 24.06 -5.45 -1.20
N ILE A 261 22.86 -5.63 -0.66
CA ILE A 261 22.61 -5.52 0.77
C ILE A 261 22.17 -6.86 1.31
N ALA A 262 22.77 -7.27 2.42
CA ALA A 262 22.45 -8.51 3.12
C ALA A 262 21.96 -8.17 4.53
N THR A 263 21.78 -9.20 5.34
CA THR A 263 21.31 -9.04 6.70
C THR A 263 21.94 -10.09 7.59
N ASN A 264 21.78 -9.91 8.90
CA ASN A 264 22.36 -10.78 9.92
C ASN A 264 23.78 -11.17 9.55
N PRO A 265 24.73 -10.22 9.54
CA PRO A 265 24.56 -8.79 9.80
C PRO A 265 24.18 -8.01 8.57
N VAL A 266 23.78 -6.74 8.72
CA VAL A 266 23.43 -5.91 7.57
C VAL A 266 24.72 -5.35 6.98
N ARG A 267 24.95 -5.64 5.70
CA ARG A 267 26.12 -5.15 5.00
C ARG A 267 25.72 -4.66 3.62
N ALA A 268 26.50 -3.73 3.08
CA ALA A 268 26.37 -3.27 1.71
C ALA A 268 27.61 -3.72 0.95
N VAL A 269 27.43 -4.45 -0.15
CA VAL A 269 28.55 -5.11 -0.80
C VAL A 269 28.51 -4.86 -2.30
N ASN A 270 29.70 -4.89 -2.91
CA ASN A 270 29.86 -4.83 -4.36
C ASN A 270 29.25 -3.55 -4.93
N CYS A 271 29.82 -2.42 -4.50
CA CYS A 271 29.52 -1.12 -5.10
C CYS A 271 30.83 -0.44 -5.45
N ALA A 272 30.93 0.04 -6.68
CA ALA A 272 32.17 0.62 -7.20
C ALA A 272 32.14 2.12 -6.97
N VAL A 273 32.97 2.58 -6.03
CA VAL A 273 33.09 4.01 -5.72
C VAL A 273 34.49 4.26 -5.21
N GLY A 274 35.14 5.27 -5.76
CA GLY A 274 36.47 5.61 -5.30
C GLY A 274 37.51 4.57 -5.72
N ASN A 275 38.57 4.51 -4.92
CA ASN A 275 39.67 3.59 -5.17
C ASN A 275 40.24 3.14 -3.82
N ILE A 276 41.20 2.22 -3.90
CA ILE A 276 41.78 1.60 -2.73
C ILE A 276 43.29 1.71 -2.79
N PRO A 277 43.96 2.12 -1.71
CA PRO A 277 45.42 2.02 -1.65
C PRO A 277 45.86 0.71 -1.02
N ILE A 278 46.87 0.10 -1.62
CA ILE A 278 47.39 -1.18 -1.17
C ILE A 278 48.90 -1.07 -1.02
N SER A 279 49.42 -1.47 0.13
CA SER A 279 50.85 -1.50 0.39
C SER A 279 51.26 -2.95 0.66
N ILE A 280 52.22 -3.44 -0.10
CA ILE A 280 52.67 -4.83 -0.01
C ILE A 280 54.16 -4.82 0.31
N ASP A 281 54.51 -5.43 1.44
CA ASP A 281 55.89 -5.71 1.78
C ASP A 281 56.18 -7.15 1.34
N ILE A 282 57.07 -7.28 0.36
CA ILE A 282 57.35 -8.55 -0.31
C ILE A 282 58.78 -8.94 0.07
N PRO A 283 58.98 -10.10 0.71
CA PRO A 283 60.35 -10.54 1.00
C PRO A 283 61.14 -10.77 -0.28
N ASP A 284 62.45 -10.56 -0.18
CA ASP A 284 63.33 -10.69 -1.33
C ASP A 284 63.40 -12.10 -1.87
N ALA A 285 62.92 -13.09 -1.12
CA ALA A 285 63.00 -14.47 -1.59
C ALA A 285 62.36 -14.62 -2.95
N ALA A 286 61.17 -14.02 -3.15
CA ALA A 286 60.54 -14.07 -4.46
C ALA A 286 61.37 -13.32 -5.50
N PHE A 287 62.03 -12.24 -5.09
CA PHE A 287 62.84 -11.47 -6.02
C PHE A 287 63.98 -12.33 -6.55
N THR A 288 64.28 -12.16 -7.84
CA THR A 288 65.34 -12.90 -8.51
C THR A 288 66.29 -11.90 -9.15
N ARG A 289 67.59 -12.10 -8.92
CA ARG A 289 68.57 -11.20 -9.49
C ARG A 289 68.50 -11.23 -11.01
N VAL A 290 68.80 -10.09 -11.62
CA VAL A 290 68.64 -9.94 -13.06
C VAL A 290 69.47 -10.99 -13.80
N VAL A 291 70.66 -11.30 -13.29
CA VAL A 291 71.51 -12.28 -13.94
C VAL A 291 70.80 -13.62 -14.01
N ASP A 292 69.99 -13.95 -13.01
CA ASP A 292 69.28 -15.22 -13.03
C ASP A 292 68.33 -15.30 -14.22
N ALA A 293 67.63 -14.22 -14.50
CA ALA A 293 66.68 -14.22 -15.61
C ALA A 293 67.42 -14.36 -16.94
N PRO A 294 66.91 -15.16 -17.87
CA PRO A 294 67.55 -15.23 -19.19
C PRO A 294 67.46 -13.89 -19.91
N SER A 295 68.46 -13.62 -20.73
CA SER A 295 68.49 -12.39 -21.51
C SER A 295 67.47 -12.47 -22.65
N VAL A 296 67.35 -11.37 -23.39
CA VAL A 296 66.44 -11.29 -24.51
C VAL A 296 67.07 -10.41 -25.59
N THR A 297 66.84 -10.79 -26.84
CA THR A 297 67.41 -10.06 -27.97
C THR A 297 66.61 -10.39 -29.22
N ASP A 298 66.81 -9.57 -30.25
CA ASP A 298 66.16 -9.76 -31.55
C ASP A 298 64.63 -9.74 -31.38
N MET A 299 64.13 -8.60 -30.94
CA MET A 299 62.72 -8.44 -30.62
C MET A 299 62.00 -7.85 -31.82
N SER A 300 60.98 -8.57 -32.31
CA SER A 300 60.13 -8.09 -33.38
C SER A 300 58.68 -8.31 -32.97
N CYS A 301 57.82 -7.40 -33.41
CA CYS A 301 56.40 -7.45 -33.07
C CYS A 301 55.56 -7.39 -34.33
N GLU A 302 54.40 -8.02 -34.28
CA GLU A 302 53.47 -7.97 -35.40
C GLU A 302 52.07 -8.22 -34.86
N VAL A 303 51.09 -7.67 -35.55
CA VAL A 303 49.68 -7.85 -35.19
C VAL A 303 48.92 -8.37 -36.40
N PRO A 304 48.65 -9.67 -36.49
CA PRO A 304 47.88 -10.16 -37.64
C PRO A 304 46.51 -9.52 -37.73
N ALA A 305 45.92 -9.19 -36.58
CA ALA A 305 44.62 -8.53 -36.54
C ALA A 305 44.33 -8.16 -35.09
N CYS A 306 43.50 -7.14 -34.91
CA CYS A 306 43.09 -6.73 -33.59
C CYS A 306 41.71 -6.09 -33.68
N THR A 307 41.00 -6.11 -32.56
CA THR A 307 39.61 -5.66 -32.53
C THR A 307 39.33 -5.07 -31.15
N HIS A 308 39.33 -3.75 -31.08
CA HIS A 308 39.05 -3.06 -29.82
C HIS A 308 37.68 -3.48 -29.31
N SER A 309 37.65 -4.10 -28.14
CA SER A 309 36.42 -4.62 -27.57
C SER A 309 36.60 -4.75 -26.06
N SER A 310 35.49 -5.07 -25.39
CA SER A 310 35.55 -5.28 -23.95
C SER A 310 36.36 -6.52 -23.60
N ASP A 311 36.56 -7.42 -24.56
CA ASP A 311 37.31 -8.64 -24.34
C ASP A 311 38.75 -8.46 -24.80
N PHE A 312 39.51 -9.56 -24.79
CA PHE A 312 40.89 -9.56 -25.26
C PHE A 312 40.89 -9.79 -26.78
N GLY A 313 40.34 -8.82 -27.48
CA GLY A 313 40.20 -8.94 -28.92
C GLY A 313 41.47 -8.71 -29.70
N GLY A 314 42.53 -8.27 -29.04
CA GLY A 314 43.81 -8.02 -29.71
C GLY A 314 44.74 -9.21 -29.51
N VAL A 315 45.42 -9.59 -30.59
CA VAL A 315 46.41 -10.66 -30.57
C VAL A 315 47.68 -10.13 -31.21
N ALA A 316 48.81 -10.35 -30.53
CA ALA A 316 50.10 -9.88 -31.01
C ALA A 316 51.10 -11.02 -30.98
N ILE A 317 51.84 -11.19 -32.08
CA ILE A 317 52.87 -12.20 -32.20
C ILE A 317 54.22 -11.52 -32.15
N ILE A 318 55.09 -12.00 -31.26
CA ILE A 318 56.41 -11.41 -31.07
C ILE A 318 57.47 -12.48 -31.31
N LYS A 319 58.46 -12.14 -32.11
CA LYS A 319 59.64 -12.96 -32.30
C LYS A 319 60.74 -12.50 -31.36
N TYR A 320 61.30 -13.43 -30.61
CA TYR A 320 62.26 -13.11 -29.56
C TYR A 320 63.42 -14.10 -29.62
N THR A 321 64.55 -13.67 -29.08
CA THR A 321 65.70 -14.55 -28.90
C THR A 321 66.24 -14.32 -27.50
N ALA A 322 66.52 -15.41 -26.78
CA ALA A 322 66.90 -15.34 -25.38
C ALA A 322 68.13 -16.19 -25.13
N SER A 323 68.78 -15.94 -23.99
CA SER A 323 70.00 -16.66 -23.64
C SER A 323 69.70 -18.10 -23.28
N LYS A 324 68.69 -18.33 -22.45
CA LYS A 324 68.44 -19.66 -21.90
C LYS A 324 66.97 -19.77 -21.53
N LYS A 325 66.55 -21.01 -21.29
CA LYS A 325 65.18 -21.27 -20.86
C LYS A 325 64.92 -20.61 -19.51
N GLY A 326 63.77 -19.96 -19.40
CA GLY A 326 63.40 -19.36 -18.13
C GLY A 326 62.13 -18.53 -18.19
N LYS A 327 61.53 -18.28 -17.03
CA LYS A 327 60.35 -17.43 -16.97
C LYS A 327 60.76 -15.97 -17.11
N CYS A 328 59.82 -15.17 -17.60
CA CYS A 328 60.06 -13.73 -17.77
C CYS A 328 58.72 -13.02 -17.76
N ALA A 329 58.65 -11.92 -17.02
CA ALA A 329 57.41 -11.16 -16.89
C ALA A 329 57.18 -10.33 -18.15
N VAL A 330 55.92 -9.99 -18.38
CA VAL A 330 55.50 -9.18 -19.51
C VAL A 330 54.53 -8.12 -19.00
N HIS A 331 54.64 -6.91 -19.56
CA HIS A 331 53.81 -5.81 -19.11
C HIS A 331 53.64 -4.80 -20.24
N SER A 332 52.62 -3.96 -20.10
CA SER A 332 52.43 -2.81 -20.96
C SER A 332 52.48 -1.56 -20.10
N MET A 333 53.35 -0.62 -20.47
CA MET A 333 53.57 0.58 -19.67
C MET A 333 52.61 1.70 -20.04
N THR A 334 51.71 1.47 -20.98
CA THR A 334 50.68 2.46 -21.34
C THR A 334 49.35 1.99 -20.77
N ASN A 335 48.70 2.86 -20.00
CA ASN A 335 47.44 2.49 -19.36
C ASN A 335 46.32 2.29 -20.38
N ALA A 336 46.47 2.83 -21.58
CA ALA A 336 45.41 2.72 -22.58
C ALA A 336 45.20 1.28 -23.04
N VAL A 337 46.14 0.39 -22.76
CA VAL A 337 46.07 -1.00 -23.19
C VAL A 337 46.40 -1.89 -22.02
N THR A 338 45.76 -3.06 -21.97
CA THR A 338 45.99 -4.04 -20.93
C THR A 338 46.29 -5.39 -21.54
N ILE A 339 47.06 -6.20 -20.81
CA ILE A 339 47.46 -7.53 -21.26
C ILE A 339 46.93 -8.55 -20.27
N ARG A 340 46.25 -9.58 -20.77
CA ARG A 340 45.72 -10.62 -19.90
C ARG A 340 46.84 -11.38 -19.21
N GLU A 341 47.90 -11.71 -19.95
CA GLU A 341 48.95 -12.55 -19.41
C GLU A 341 49.90 -11.73 -18.53
N ALA A 342 50.51 -12.43 -17.57
CA ALA A 342 51.45 -11.81 -16.63
C ALA A 342 52.90 -12.10 -16.98
N ASP A 343 53.24 -13.38 -17.16
CA ASP A 343 54.59 -13.78 -17.52
C ASP A 343 54.50 -14.87 -18.58
N VAL A 344 55.66 -15.38 -18.99
CA VAL A 344 55.72 -16.43 -20.00
C VAL A 344 57.10 -17.05 -19.96
N GLU A 345 57.18 -18.32 -20.37
CA GLU A 345 58.45 -18.99 -20.49
C GLU A 345 59.09 -18.68 -21.83
N VAL A 346 60.41 -18.47 -21.82
CA VAL A 346 61.17 -18.14 -23.02
C VAL A 346 62.31 -19.12 -23.12
N GLU A 347 62.46 -19.74 -24.29
CA GLU A 347 63.48 -20.75 -24.53
C GLU A 347 64.68 -20.21 -25.30
N GLY A 348 64.45 -19.28 -26.23
CA GLY A 348 65.52 -18.75 -27.04
C GLY A 348 65.01 -18.11 -28.31
N ASN A 349 65.62 -18.45 -29.44
CA ASN A 349 65.21 -17.89 -30.74
C ASN A 349 63.90 -18.56 -31.13
N SER A 350 62.80 -18.02 -30.62
CA SER A 350 61.48 -18.56 -30.86
C SER A 350 60.50 -17.39 -30.98
N GLN A 351 59.22 -17.69 -30.91
CA GLN A 351 58.17 -16.69 -30.97
C GLN A 351 57.14 -16.97 -29.88
N LEU A 352 56.20 -16.04 -29.73
CA LEU A 352 55.12 -16.22 -28.79
C LEU A 352 53.95 -15.35 -29.19
N GLN A 353 52.79 -15.65 -28.62
CA GLN A 353 51.54 -14.94 -28.89
C GLN A 353 50.98 -14.42 -27.58
N ILE A 354 50.38 -13.23 -27.64
CA ILE A 354 49.84 -12.57 -26.46
C ILE A 354 48.48 -11.99 -26.79
N SER A 355 47.54 -12.14 -25.86
CA SER A 355 46.18 -11.64 -26.00
C SER A 355 45.99 -10.44 -25.09
N PHE A 356 45.49 -9.35 -25.67
CA PHE A 356 45.41 -8.06 -24.99
C PHE A 356 44.11 -7.37 -25.36
N SER A 357 43.78 -6.35 -24.56
CA SER A 357 42.60 -5.52 -24.77
C SER A 357 43.02 -4.06 -24.89
N THR A 358 42.36 -3.36 -25.80
CA THR A 358 42.64 -1.95 -26.06
C THR A 358 41.34 -1.22 -26.35
N ALA A 359 41.44 0.09 -26.48
CA ALA A 359 40.31 0.92 -26.87
C ALA A 359 40.64 1.90 -27.99
N LEU A 360 41.92 2.12 -28.28
CA LEU A 360 42.29 3.02 -29.36
C LEU A 360 41.91 2.42 -30.72
N ALA A 361 41.46 3.28 -31.63
CA ALA A 361 41.17 2.83 -32.98
C ALA A 361 42.41 2.24 -33.63
N SER A 362 43.54 2.93 -33.48
CA SER A 362 44.85 2.41 -33.88
C SER A 362 45.67 2.22 -32.63
N ALA A 363 46.17 0.99 -32.44
CA ALA A 363 46.92 0.63 -31.24
C ALA A 363 48.41 0.75 -31.54
N GLU A 364 49.05 1.73 -30.91
CA GLU A 364 50.48 1.97 -31.08
C GLU A 364 51.07 2.07 -29.68
N PHE A 365 51.79 1.03 -29.26
CA PHE A 365 52.26 0.99 -27.88
C PHE A 365 53.54 0.20 -27.77
N ARG A 366 54.25 0.44 -26.67
CA ARG A 366 55.42 -0.34 -26.30
C ARG A 366 55.01 -1.47 -25.37
N VAL A 367 55.83 -2.52 -25.33
CA VAL A 367 55.62 -3.64 -24.43
C VAL A 367 56.96 -3.98 -23.79
N GLN A 368 56.92 -4.23 -22.48
CA GLN A 368 58.12 -4.49 -21.70
C GLN A 368 58.19 -5.96 -21.34
N VAL A 369 59.36 -6.56 -21.52
CA VAL A 369 59.59 -7.96 -21.17
C VAL A 369 61.10 -8.15 -20.99
N CYS A 370 61.48 -8.82 -19.90
CA CYS A 370 62.89 -9.06 -19.59
C CYS A 370 63.68 -7.75 -19.64
N SER A 371 63.07 -6.69 -19.10
CA SER A 371 63.70 -5.37 -19.06
C SER A 371 64.08 -4.89 -20.45
N THR A 372 63.20 -5.13 -21.43
CA THR A 372 63.41 -4.68 -22.79
C THR A 372 62.09 -4.24 -23.39
N GLN A 373 62.16 -3.30 -24.33
CA GLN A 373 60.99 -2.68 -24.93
C GLN A 373 60.86 -3.11 -26.39
N VAL A 374 59.62 -3.33 -26.80
CA VAL A 374 59.31 -3.66 -28.20
C VAL A 374 58.09 -2.87 -28.63
N HIS A 375 58.18 -2.24 -29.80
CA HIS A 375 57.06 -1.48 -30.34
C HIS A 375 56.02 -2.40 -30.95
N CYS A 376 54.79 -1.90 -31.06
CA CYS A 376 53.70 -2.64 -31.68
C CYS A 376 52.70 -1.65 -32.24
N ALA A 377 52.45 -1.74 -33.55
CA ALA A 377 51.53 -0.84 -34.24
C ALA A 377 50.51 -1.67 -35.01
N ALA A 378 49.24 -1.30 -34.89
CA ALA A 378 48.18 -2.03 -35.56
C ALA A 378 46.95 -1.12 -35.69
N ALA A 379 46.05 -1.51 -36.56
CA ALA A 379 44.80 -0.79 -36.79
C ALA A 379 43.64 -1.72 -36.45
N CYS A 380 43.02 -1.50 -35.29
CA CYS A 380 41.89 -2.31 -34.88
C CYS A 380 40.64 -1.90 -35.64
N HIS A 381 39.61 -2.74 -35.55
CA HIS A 381 38.33 -2.47 -36.19
C HIS A 381 37.21 -2.63 -35.18
N PRO A 382 36.09 -1.94 -35.37
CA PRO A 382 34.98 -2.05 -34.43
C PRO A 382 34.32 -3.41 -34.51
N PRO A 383 34.06 -4.06 -33.37
CA PRO A 383 33.27 -5.30 -33.40
C PRO A 383 31.82 -5.04 -33.79
N LYS A 384 31.02 -6.10 -33.71
CA LYS A 384 29.63 -6.02 -34.17
C LYS A 384 28.67 -5.71 -33.02
N ASP A 385 28.94 -6.23 -31.84
CA ASP A 385 28.06 -6.07 -30.70
C ASP A 385 28.19 -4.67 -30.11
N HIS A 386 27.07 -4.15 -29.60
CA HIS A 386 27.00 -2.81 -29.03
C HIS A 386 26.91 -2.83 -27.51
N ILE A 387 26.68 -3.99 -26.89
CA ILE A 387 26.48 -4.09 -25.46
C ILE A 387 26.74 -5.52 -25.02
N VAL A 388 27.33 -5.67 -23.85
CA VAL A 388 27.80 -6.96 -23.36
C VAL A 388 27.38 -7.08 -21.90
N ASN A 389 27.37 -8.31 -21.40
CA ASN A 389 26.90 -8.56 -20.03
C ASN A 389 28.04 -8.51 -19.03
N TYR A 390 29.09 -9.27 -19.26
CA TYR A 390 30.15 -9.29 -18.27
C TYR A 390 30.81 -7.93 -18.19
N PRO A 391 31.35 -7.56 -17.04
CA PRO A 391 31.98 -6.24 -16.92
C PRO A 391 33.44 -6.28 -17.36
N ALA A 392 33.91 -5.14 -17.87
CA ALA A 392 35.29 -4.99 -18.33
C ALA A 392 35.65 -3.51 -18.32
N SER A 393 36.44 -3.09 -17.34
CA SER A 393 36.86 -1.69 -17.25
C SER A 393 38.32 -1.50 -17.65
N HIS A 394 39.02 -2.56 -18.03
CA HIS A 394 40.46 -2.42 -18.32
C HIS A 394 40.70 -1.44 -19.46
N THR A 395 39.94 -1.55 -20.54
CA THR A 395 40.13 -0.71 -21.71
C THR A 395 39.44 0.63 -21.48
N THR A 396 40.15 1.53 -20.82
CA THR A 396 39.66 2.87 -20.54
C THR A 396 40.39 3.87 -21.44
N LEU A 397 39.62 4.74 -22.09
CA LEU A 397 40.15 5.70 -23.04
C LEU A 397 39.73 7.10 -22.59
N GLY A 398 40.70 8.00 -22.44
CA GLY A 398 40.43 9.36 -22.07
C GLY A 398 40.02 10.20 -23.26
N VAL A 399 39.87 11.50 -23.01
CA VAL A 399 39.52 12.42 -24.08
C VAL A 399 40.61 12.40 -25.15
N GLN A 400 41.87 12.35 -24.73
CA GLN A 400 42.96 12.14 -25.68
C GLN A 400 42.80 10.79 -26.35
N ASP A 401 42.87 10.78 -27.68
CA ASP A 401 42.72 9.55 -28.44
C ASP A 401 43.51 9.67 -29.73
N ILE A 402 43.77 8.52 -30.35
CA ILE A 402 44.58 8.46 -31.55
C ILE A 402 43.67 8.70 -32.75
N SER A 403 43.91 9.80 -33.46
CA SER A 403 43.20 10.06 -34.70
C SER A 403 43.68 9.14 -35.81
N THR A 404 44.75 8.39 -35.58
CA THR A 404 45.22 7.35 -36.50
C THR A 404 45.65 8.03 -37.79
N THR A 405 45.25 7.54 -38.97
CA THR A 405 45.62 8.22 -40.20
C THR A 405 45.09 9.65 -40.19
N ALA A 406 43.86 9.84 -39.71
CA ALA A 406 43.29 11.18 -39.65
C ALA A 406 44.14 12.12 -38.82
N MET A 407 44.96 11.58 -37.92
CA MET A 407 45.91 12.43 -37.21
C MET A 407 46.71 13.26 -38.19
N SER A 408 47.33 12.60 -39.17
CA SER A 408 48.05 13.34 -40.20
C SER A 408 47.17 14.40 -40.81
N TRP A 409 45.91 14.07 -41.09
CA TRP A 409 45.00 15.04 -41.67
C TRP A 409 44.97 16.32 -40.83
N VAL A 410 44.73 16.17 -39.52
CA VAL A 410 44.69 17.36 -38.68
C VAL A 410 46.07 17.99 -38.62
N GLN A 411 47.12 17.17 -38.59
CA GLN A 411 48.47 17.70 -38.67
C GLN A 411 48.64 18.52 -39.94
N LYS A 412 48.00 18.10 -41.03
CA LYS A 412 48.01 18.90 -42.25
C LYS A 412 47.10 20.11 -42.10
N ILE A 413 45.98 19.97 -41.41
CA ILE A 413 45.07 21.08 -41.22
C ILE A 413 45.70 22.16 -40.35
N THR A 414 46.51 21.74 -39.38
CA THR A 414 47.09 22.70 -38.44
C THR A 414 47.87 23.78 -39.16
N GLY A 415 48.37 23.50 -40.35
CA GLY A 415 49.08 24.52 -41.11
C GLY A 415 48.22 25.74 -41.32
N GLY A 416 48.76 26.90 -40.98
CA GLY A 416 48.04 28.15 -41.11
C GLY A 416 48.87 29.21 -41.78
N VAL A 417 48.20 30.32 -42.15
CA VAL A 417 48.86 31.41 -42.86
C VAL A 417 49.28 32.53 -41.91
N GLY A 418 49.30 32.28 -40.61
CA GLY A 418 49.74 33.31 -39.68
C GLY A 418 51.18 33.72 -39.91
N LEU A 419 52.01 32.78 -40.36
CA LEU A 419 53.41 33.12 -40.61
C LEU A 419 53.53 34.16 -41.72
N ILE A 420 52.81 33.97 -42.82
CA ILE A 420 52.91 34.90 -43.93
C ILE A 420 52.31 36.25 -43.57
N VAL A 421 51.23 36.26 -42.77
CA VAL A 421 50.62 37.53 -42.40
C VAL A 421 51.55 38.31 -41.47
N ALA A 422 52.20 37.61 -40.54
CA ALA A 422 53.20 38.26 -39.70
C ALA A 422 54.36 38.78 -40.53
N VAL A 423 54.77 38.03 -41.54
CA VAL A 423 55.85 38.48 -42.42
C VAL A 423 55.45 39.77 -43.12
N ALA A 424 54.21 39.82 -43.63
CA ALA A 424 53.75 41.02 -44.31
C ALA A 424 53.71 42.20 -43.35
N ALA A 425 53.24 41.98 -42.12
CA ALA A 425 53.20 43.06 -41.15
C ALA A 425 54.60 43.56 -40.84
N LEU A 426 55.56 42.65 -40.68
CA LEU A 426 56.94 43.06 -40.42
C LEU A 426 57.49 43.87 -41.60
N ILE A 427 57.23 43.41 -42.82
CA ILE A 427 57.75 44.10 -44.00
C ILE A 427 57.19 45.51 -44.08
N LEU A 428 55.87 45.64 -43.89
CA LEU A 428 55.27 46.97 -43.98
C LEU A 428 55.79 47.88 -42.87
N ILE A 429 55.91 47.36 -41.64
CA ILE A 429 56.33 48.22 -40.55
C ILE A 429 57.78 48.66 -40.75
N VAL A 430 58.64 47.81 -41.30
CA VAL A 430 60.01 48.25 -41.54
C VAL A 430 60.06 49.28 -42.67
N VAL A 431 59.46 48.97 -43.82
CA VAL A 431 59.50 49.93 -44.92
C VAL A 431 58.90 51.26 -44.46
N LEU A 432 58.06 51.22 -43.43
CA LEU A 432 57.61 52.45 -42.79
C LEU A 432 58.62 52.99 -41.79
N CYS A 433 59.47 52.13 -41.22
CA CYS A 433 60.40 52.59 -40.20
C CYS A 433 61.32 53.66 -40.74
N VAL A 434 61.46 53.74 -42.06
CA VAL A 434 62.11 54.92 -42.64
C VAL A 434 61.53 56.19 -42.02
N SER A 435 60.22 56.20 -41.77
CA SER A 435 59.57 57.33 -41.13
C SER A 435 59.10 57.00 -39.71
N PHE A 436 59.06 55.72 -39.33
CA PHE A 436 58.65 55.28 -38.01
C PHE A 436 59.88 54.91 -37.22
N SER A 437 60.16 55.67 -36.15
CA SER A 437 61.43 55.52 -35.44
C SER A 437 61.28 54.68 -34.18
N ARG A 438 60.44 55.11 -33.24
CA ARG A 438 60.28 54.39 -31.98
C ARG A 438 58.82 54.30 -31.51
N HIS A 439 57.88 55.00 -32.12
CA HIS A 439 56.50 55.00 -31.66
C HIS A 439 55.97 53.58 -31.48
N ASN B 1 -1.54 -35.54 28.54
CA ASN B 1 -1.62 -35.41 27.09
C ASN B 1 -2.32 -34.12 26.70
N PHE B 2 -1.75 -33.00 27.11
CA PHE B 2 -2.31 -31.68 26.82
C PHE B 2 -3.79 -31.63 27.18
N ASN B 3 -4.04 -31.90 28.47
CA ASN B 3 -5.40 -31.95 29.02
C ASN B 3 -5.50 -30.93 30.13
N VAL B 4 -5.96 -29.72 29.78
CA VAL B 4 -6.09 -28.61 30.70
C VAL B 4 -7.51 -28.06 30.72
N TYR B 5 -8.42 -28.63 29.94
CA TYR B 5 -9.73 -28.08 29.66
C TYR B 5 -10.83 -28.87 30.35
N LYS B 6 -10.55 -29.33 31.57
CA LYS B 6 -11.51 -30.18 32.28
C LYS B 6 -12.82 -29.43 32.55
N ALA B 7 -12.72 -28.23 33.10
CA ALA B 7 -13.88 -27.48 33.55
C ALA B 7 -14.38 -26.49 32.51
N THR B 8 -13.85 -26.54 31.30
CA THR B 8 -14.30 -25.62 30.25
C THR B 8 -15.71 -25.98 29.82
N ARG B 9 -16.31 -25.07 29.06
CA ARG B 9 -17.64 -25.30 28.49
C ARG B 9 -17.74 -24.51 27.20
N PRO B 10 -18.67 -24.88 26.32
CA PRO B 10 -18.90 -24.10 25.10
C PRO B 10 -19.77 -22.89 25.38
N TYR B 11 -19.85 -22.02 24.38
CA TYR B 11 -20.79 -20.92 24.43
C TYR B 11 -22.12 -21.30 23.78
N LEU B 12 -23.08 -20.39 23.90
CA LEU B 12 -24.21 -20.27 22.98
C LEU B 12 -24.51 -18.78 22.92
N ALA B 13 -23.87 -18.10 21.98
CA ALA B 13 -23.80 -16.66 21.95
C ALA B 13 -24.47 -16.11 20.70
N HIS B 14 -24.74 -14.82 20.72
CA HIS B 14 -25.39 -14.18 19.59
C HIS B 14 -24.42 -14.12 18.43
N CYS B 15 -24.55 -15.06 17.50
CA CYS B 15 -23.73 -14.95 16.32
C CYS B 15 -24.27 -13.82 15.43
N PRO B 16 -23.40 -13.08 14.76
CA PRO B 16 -23.90 -12.01 13.89
C PRO B 16 -24.85 -12.52 12.83
N ASP B 17 -24.67 -13.74 12.35
CA ASP B 17 -25.49 -14.24 11.24
C ASP B 17 -25.73 -15.73 11.41
N CYS B 18 -27.00 -16.10 11.59
CA CYS B 18 -27.41 -17.50 11.60
C CYS B 18 -27.88 -17.97 10.23
N GLY B 19 -27.64 -17.17 9.20
CA GLY B 19 -28.16 -17.44 7.87
C GLY B 19 -29.36 -16.58 7.54
N GLU B 20 -29.72 -16.61 6.26
CA GLU B 20 -30.90 -15.93 5.74
C GLU B 20 -31.15 -14.55 6.35
N GLY B 21 -30.07 -13.80 6.59
CA GLY B 21 -30.20 -12.39 6.91
C GLY B 21 -30.37 -12.07 8.38
N HIS B 22 -31.24 -12.79 9.05
CA HIS B 22 -31.48 -12.53 10.46
C HIS B 22 -30.31 -13.06 11.30
N SER B 23 -29.97 -12.30 12.35
CA SER B 23 -28.95 -12.69 13.31
C SER B 23 -29.58 -13.34 14.53
N CYS B 24 -29.09 -14.53 14.90
CA CYS B 24 -29.63 -15.21 16.07
C CYS B 24 -28.50 -15.75 16.94
N HIS B 25 -28.83 -16.63 17.88
CA HIS B 25 -27.88 -17.16 18.83
C HIS B 25 -27.52 -18.59 18.43
N SER B 26 -26.22 -18.84 18.31
CA SER B 26 -25.67 -20.11 17.88
C SER B 26 -24.55 -20.52 18.80
N PRO B 27 -24.19 -21.80 18.78
CA PRO B 27 -23.02 -22.28 19.55
C PRO B 27 -21.69 -22.14 18.82
N ILE B 28 -21.66 -21.51 17.65
CA ILE B 28 -20.47 -21.45 16.83
C ILE B 28 -20.06 -20.00 16.64
N ALA B 29 -20.38 -19.16 17.63
CA ALA B 29 -19.97 -17.77 17.58
C ALA B 29 -18.44 -17.67 17.54
N LEU B 30 -17.95 -16.75 16.73
CA LEU B 30 -16.52 -16.47 16.60
C LEU B 30 -16.29 -14.98 16.81
N GLU B 31 -15.20 -14.64 17.47
CA GLU B 31 -14.92 -13.25 17.82
C GLU B 31 -13.46 -12.87 17.63
N ARG B 32 -12.63 -13.77 17.12
CA ARG B 32 -11.21 -13.47 16.95
C ARG B 32 -10.70 -14.14 15.68
N ILE B 33 -10.02 -13.36 14.85
CA ILE B 33 -9.42 -13.85 13.62
C ILE B 33 -7.96 -13.39 13.60
N ARG B 34 -7.06 -14.33 13.40
CA ARG B 34 -5.63 -14.06 13.32
C ARG B 34 -5.13 -14.40 11.93
N ASN B 35 -4.50 -13.43 11.28
CA ASN B 35 -4.00 -13.63 9.92
C ASN B 35 -2.61 -13.01 9.72
N GLU B 36 -1.88 -12.75 10.80
CA GLU B 36 -0.56 -12.15 10.69
C GLU B 36 0.44 -13.05 9.98
N ALA B 37 0.14 -14.34 9.84
CA ALA B 37 1.05 -15.25 9.19
C ALA B 37 1.23 -14.87 7.72
N THR B 38 2.48 -14.85 7.27
CA THR B 38 2.76 -14.50 5.88
C THR B 38 2.33 -15.61 4.94
N ASP B 39 2.46 -16.87 5.37
CA ASP B 39 2.13 -17.99 4.51
C ASP B 39 0.69 -17.91 4.03
N GLY B 40 -0.20 -17.43 4.89
CA GLY B 40 -1.61 -17.34 4.57
C GLY B 40 -2.51 -18.22 5.42
N THR B 41 -1.95 -19.16 6.17
CA THR B 41 -2.77 -19.97 7.07
C THR B 41 -3.29 -19.12 8.21
N LEU B 42 -4.52 -19.40 8.64
CA LEU B 42 -5.22 -18.58 9.60
C LEU B 42 -5.65 -19.39 10.81
N LYS B 43 -5.45 -18.81 11.99
CA LYS B 43 -6.11 -19.30 13.19
C LYS B 43 -7.52 -18.74 13.25
N ILE B 44 -8.46 -19.59 13.66
CA ILE B 44 -9.84 -19.19 13.86
C ILE B 44 -10.24 -19.64 15.25
N GLN B 45 -10.55 -18.67 16.10
CA GLN B 45 -11.10 -18.98 17.42
C GLN B 45 -12.57 -19.28 17.28
N VAL B 46 -13.05 -20.24 18.05
CA VAL B 46 -14.43 -20.70 17.95
C VAL B 46 -14.98 -20.89 19.35
N SER B 47 -16.30 -20.71 19.48
CA SER B 47 -16.95 -20.78 20.78
C SER B 47 -16.84 -22.17 21.40
N LEU B 48 -17.15 -23.20 20.62
CA LEU B 48 -17.32 -24.53 21.18
C LEU B 48 -16.02 -25.32 21.14
N GLN B 49 -15.92 -26.29 22.04
CA GLN B 49 -14.75 -27.14 22.15
C GLN B 49 -14.72 -28.16 21.02
N ILE B 50 -13.57 -28.83 20.88
CA ILE B 50 -13.37 -29.83 19.84
C ILE B 50 -12.35 -30.83 20.33
N GLY B 51 -12.50 -32.08 19.88
CA GLY B 51 -11.57 -33.13 20.23
C GLY B 51 -11.80 -33.77 21.58
N ILE B 52 -12.94 -33.51 22.21
CA ILE B 52 -13.24 -34.01 23.54
C ILE B 52 -14.66 -34.54 23.56
N LYS B 53 -14.97 -35.31 24.60
CA LYS B 53 -16.33 -35.75 24.91
C LYS B 53 -16.69 -35.29 26.32
N THR B 54 -17.89 -35.69 26.76
CA THR B 54 -18.34 -35.29 28.09
C THR B 54 -17.47 -35.89 29.17
N ASP B 55 -16.84 -37.03 28.90
CA ASP B 55 -16.00 -37.72 29.87
C ASP B 55 -14.55 -37.24 29.81
N ASP B 56 -14.26 -36.21 29.03
CA ASP B 56 -12.91 -35.64 28.94
C ASP B 56 -11.93 -36.65 28.35
N SER B 57 -12.26 -37.15 27.16
CA SER B 57 -11.37 -38.00 26.40
C SER B 57 -10.52 -37.12 25.48
N HIS B 58 -9.83 -37.75 24.53
CA HIS B 58 -9.04 -36.99 23.55
C HIS B 58 -9.23 -37.48 22.13
N ASP B 59 -10.22 -38.32 21.86
CA ASP B 59 -10.48 -38.75 20.50
C ASP B 59 -10.94 -37.57 19.64
N TRP B 60 -10.42 -37.51 18.42
CA TRP B 60 -10.79 -36.44 17.50
C TRP B 60 -12.14 -36.67 16.85
N THR B 61 -12.76 -37.83 17.09
CA THR B 61 -14.02 -38.14 16.42
C THR B 61 -15.10 -37.14 16.79
N LYS B 62 -15.18 -36.78 18.06
CA LYS B 62 -16.28 -35.98 18.58
C LYS B 62 -15.82 -34.58 18.94
N LEU B 63 -16.80 -33.71 19.18
CA LEU B 63 -16.58 -32.38 19.70
C LEU B 63 -17.74 -32.00 20.61
N ARG B 64 -17.48 -31.04 21.50
CA ARG B 64 -18.44 -30.63 22.51
C ARG B 64 -19.19 -29.38 22.04
N TYR B 65 -20.50 -29.35 22.30
CA TYR B 65 -21.31 -28.18 22.03
C TYR B 65 -22.36 -28.01 23.11
N MET B 66 -22.70 -26.74 23.36
CA MET B 66 -23.74 -26.38 24.32
C MET B 66 -25.10 -26.39 23.64
N ASP B 67 -26.11 -26.76 24.41
CA ASP B 67 -27.49 -26.72 23.92
C ASP B 67 -28.42 -26.91 25.12
N SER B 68 -29.42 -26.05 25.25
CA SER B 68 -30.35 -26.11 26.37
C SER B 68 -29.58 -26.15 27.68
N HIS B 69 -28.58 -25.28 27.78
CA HIS B 69 -27.70 -25.20 28.95
C HIS B 69 -27.26 -26.60 29.39
N THR B 70 -26.84 -27.40 28.41
CA THR B 70 -26.37 -28.75 28.67
C THR B 70 -25.34 -29.11 27.61
N PRO B 71 -24.28 -29.85 27.95
CA PRO B 71 -23.31 -30.24 26.93
C PRO B 71 -23.77 -31.44 26.14
N ALA B 72 -23.19 -31.57 24.95
CA ALA B 72 -23.45 -32.73 24.10
C ALA B 72 -22.27 -32.93 23.16
N ASP B 73 -22.21 -34.11 22.57
CA ASP B 73 -21.11 -34.51 21.70
C ASP B 73 -21.64 -34.75 20.29
N ALA B 74 -20.93 -34.20 19.30
CA ALA B 74 -21.31 -34.32 17.91
C ALA B 74 -20.11 -34.68 17.06
N GLU B 75 -20.37 -35.33 15.93
CA GLU B 75 -19.30 -35.81 15.07
C GLU B 75 -18.45 -34.67 14.56
N ARG B 76 -17.13 -34.87 14.57
CA ARG B 76 -16.20 -33.85 14.11
C ARG B 76 -16.13 -33.74 12.60
N ALA B 77 -16.57 -34.77 11.87
CA ALA B 77 -16.38 -34.78 10.43
C ALA B 77 -17.12 -33.63 9.75
N GLY B 78 -18.34 -33.36 10.20
CA GLY B 78 -19.19 -32.41 9.50
C GLY B 78 -18.73 -30.97 9.59
N LEU B 79 -17.81 -30.68 10.50
CA LEU B 79 -17.31 -29.31 10.61
C LEU B 79 -16.70 -28.85 9.30
N LEU B 80 -16.97 -27.61 8.93
CA LEU B 80 -16.40 -27.06 7.70
C LEU B 80 -16.36 -25.55 7.80
N VAL B 81 -15.57 -24.95 6.92
CA VAL B 81 -15.45 -23.50 6.83
C VAL B 81 -15.37 -23.11 5.36
N ARG B 82 -15.70 -21.86 5.07
CA ARG B 82 -15.75 -21.39 3.70
C ARG B 82 -15.50 -19.89 3.68
N THR B 83 -14.87 -19.42 2.60
CA THR B 83 -14.81 -18.00 2.30
C THR B 83 -15.45 -17.69 0.95
N SER B 84 -15.02 -18.37 -0.10
CA SER B 84 -15.69 -18.33 -1.39
C SER B 84 -15.90 -19.75 -1.90
N ALA B 85 -15.04 -20.66 -1.46
CA ALA B 85 -15.12 -22.08 -1.79
C ALA B 85 -14.71 -22.87 -0.56
N PRO B 86 -15.02 -24.17 -0.50
CA PRO B 86 -14.61 -24.96 0.66
C PRO B 86 -13.11 -24.83 0.91
N CYS B 87 -12.76 -24.57 2.17
CA CYS B 87 -11.38 -24.37 2.57
C CYS B 87 -10.83 -25.68 3.12
N THR B 88 -9.63 -25.64 3.70
CA THR B 88 -8.96 -26.84 4.20
C THR B 88 -8.62 -26.65 5.67
N ILE B 89 -9.07 -27.58 6.50
CA ILE B 89 -8.78 -27.56 7.92
C ILE B 89 -7.53 -28.38 8.20
N THR B 90 -6.68 -27.87 9.09
CA THR B 90 -5.49 -28.57 9.51
C THR B 90 -5.38 -28.68 11.02
N GLY B 91 -5.80 -27.66 11.75
CA GLY B 91 -5.73 -27.66 13.21
C GLY B 91 -7.08 -27.94 13.83
N THR B 92 -7.07 -28.74 14.90
CA THR B 92 -8.30 -29.10 15.60
C THR B 92 -7.92 -29.33 17.07
N MET B 93 -8.13 -28.31 17.89
CA MET B 93 -7.82 -28.43 19.30
C MET B 93 -8.48 -27.31 20.07
N GLY B 94 -9.04 -27.64 21.23
CA GLY B 94 -9.60 -26.65 22.13
C GLY B 94 -10.63 -25.76 21.46
N HIS B 95 -10.26 -24.49 21.29
CA HIS B 95 -11.16 -23.49 20.69
C HIS B 95 -10.51 -22.79 19.51
N PHE B 96 -9.51 -23.42 18.90
CA PHE B 96 -8.79 -22.82 17.79
C PHE B 96 -8.63 -23.83 16.67
N ILE B 97 -8.80 -23.35 15.44
CA ILE B 97 -8.71 -24.19 14.25
C ILE B 97 -7.77 -23.52 13.27
N LEU B 98 -6.82 -24.29 12.74
CA LEU B 98 -5.92 -23.79 11.69
C LEU B 98 -6.51 -24.15 10.34
N ALA B 99 -6.79 -23.15 9.53
CA ALA B 99 -7.39 -23.36 8.22
C ALA B 99 -6.71 -22.48 7.20
N ARG B 100 -6.58 -23.01 6.00
CA ARG B 100 -6.10 -22.24 4.85
C ARG B 100 -7.22 -22.20 3.82
N CYS B 101 -7.44 -21.03 3.25
CA CYS B 101 -8.60 -20.88 2.38
C CYS B 101 -8.24 -19.92 1.26
N PRO B 102 -8.68 -20.20 0.02
CA PRO B 102 -8.27 -19.35 -1.11
C PRO B 102 -8.77 -17.92 -0.94
N LYS B 103 -8.39 -17.03 -1.85
CA LYS B 103 -8.79 -15.64 -1.74
C LYS B 103 -10.30 -15.53 -1.54
N GLY B 104 -10.69 -15.00 -0.39
CA GLY B 104 -12.09 -14.82 -0.06
C GLY B 104 -12.26 -13.60 0.82
N GLU B 105 -13.46 -13.03 0.81
CA GLU B 105 -13.71 -11.77 1.53
C GLU B 105 -14.51 -11.97 2.80
N THR B 106 -15.50 -12.86 2.79
CA THR B 106 -16.22 -13.23 3.99
C THR B 106 -15.70 -14.57 4.49
N LEU B 107 -16.17 -14.98 5.66
CA LEU B 107 -15.67 -16.21 6.27
C LEU B 107 -16.77 -16.78 7.15
N THR B 108 -17.27 -17.95 6.77
CA THR B 108 -18.31 -18.62 7.52
C THR B 108 -17.81 -19.99 7.96
N VAL B 109 -18.39 -20.47 9.06
CA VAL B 109 -18.14 -21.80 9.58
C VAL B 109 -19.49 -22.46 9.78
N GLY B 110 -19.50 -23.78 9.66
CA GLY B 110 -20.73 -24.53 9.82
C GLY B 110 -20.44 -25.92 10.35
N PHE B 111 -21.45 -26.50 10.99
CA PHE B 111 -21.31 -27.84 11.54
C PHE B 111 -22.69 -28.47 11.64
N THR B 112 -22.69 -29.79 11.76
CA THR B 112 -23.92 -30.57 11.85
C THR B 112 -24.07 -31.11 13.27
N ASP B 113 -25.25 -30.94 13.82
CA ASP B 113 -25.51 -31.29 15.20
C ASP B 113 -25.85 -32.77 15.34
N SER B 114 -25.72 -33.28 16.57
CA SER B 114 -26.40 -34.51 16.92
C SER B 114 -27.91 -34.35 16.83
N ARG B 115 -28.38 -33.11 16.82
CA ARG B 115 -29.76 -32.75 16.53
C ARG B 115 -30.11 -32.95 15.05
N LYS B 116 -29.15 -33.44 14.26
CA LYS B 116 -29.24 -33.48 12.80
C LYS B 116 -29.65 -32.11 12.28
N ILE B 117 -28.99 -31.08 12.80
CA ILE B 117 -29.25 -29.71 12.39
C ILE B 117 -27.93 -29.07 11.98
N SER B 118 -28.00 -28.17 11.02
CA SER B 118 -26.83 -27.44 10.54
C SER B 118 -26.83 -26.07 11.19
N HIS B 119 -25.81 -25.82 12.02
CA HIS B 119 -25.61 -24.53 12.65
C HIS B 119 -24.41 -23.86 11.99
N THR B 120 -24.61 -22.63 11.54
CA THR B 120 -23.59 -21.90 10.79
C THR B 120 -23.54 -20.46 11.25
N CYS B 121 -22.35 -19.88 11.18
CA CYS B 121 -22.13 -18.48 11.51
C CYS B 121 -21.16 -17.92 10.48
N THR B 122 -21.12 -16.59 10.35
CA THR B 122 -20.20 -15.96 9.42
C THR B 122 -19.83 -14.56 9.88
N HIS B 123 -18.64 -14.13 9.51
CA HIS B 123 -18.14 -12.79 9.74
C HIS B 123 -17.52 -12.28 8.45
N PRO B 124 -17.69 -11.01 8.12
CA PRO B 124 -16.98 -10.45 6.96
C PRO B 124 -15.54 -10.14 7.30
N PHE B 125 -14.62 -10.99 6.82
CA PHE B 125 -13.20 -10.84 7.09
C PHE B 125 -12.45 -10.94 5.78
N HIS B 126 -11.81 -9.85 5.39
CA HIS B 126 -11.11 -9.80 4.11
C HIS B 126 -9.80 -10.55 4.22
N HIS B 127 -9.72 -11.72 3.61
CA HIS B 127 -8.55 -12.59 3.68
C HIS B 127 -7.76 -12.43 2.38
N GLU B 128 -6.61 -11.79 2.47
CA GLU B 128 -5.75 -11.55 1.30
C GLU B 128 -4.35 -12.06 1.61
N PRO B 129 -3.96 -13.22 1.09
CA PRO B 129 -2.58 -13.67 1.28
C PRO B 129 -1.60 -12.64 0.77
N PRO B 130 -0.56 -12.32 1.52
CA PRO B 130 0.41 -11.33 1.05
C PRO B 130 1.32 -11.90 -0.02
N VAL B 131 1.46 -11.15 -1.11
CA VAL B 131 2.35 -11.59 -2.19
C VAL B 131 3.79 -11.56 -1.68
N ILE B 132 4.40 -12.73 -1.61
CA ILE B 132 5.77 -12.87 -1.14
C ILE B 132 6.67 -12.97 -2.36
N GLY B 133 7.63 -12.05 -2.45
CA GLY B 133 8.41 -11.91 -3.65
C GLY B 133 7.69 -11.06 -4.68
N ARG B 134 8.43 -10.71 -5.73
CA ARG B 134 7.85 -9.87 -6.77
C ARG B 134 6.83 -10.63 -7.58
N GLU B 135 7.14 -11.88 -7.93
CA GLU B 135 6.24 -12.65 -8.75
C GLU B 135 4.99 -13.00 -7.95
N ARG B 136 3.90 -12.31 -8.25
CA ARG B 136 2.63 -12.55 -7.60
C ARG B 136 2.14 -13.93 -8.03
N PHE B 137 2.46 -14.94 -7.24
CA PHE B 137 2.12 -16.32 -7.54
C PHE B 137 0.97 -16.77 -6.64
N HIS B 138 0.14 -17.65 -7.16
CA HIS B 138 -1.06 -18.10 -6.47
C HIS B 138 -1.05 -19.59 -6.13
N SER B 139 -0.19 -20.38 -6.75
CA SER B 139 0.02 -21.76 -6.33
C SER B 139 1.49 -22.09 -6.48
N ARG B 140 2.08 -22.60 -5.41
CA ARG B 140 3.53 -22.69 -5.36
C ARG B 140 4.00 -23.76 -6.34
N PRO B 141 5.22 -23.65 -6.85
CA PRO B 141 5.62 -24.43 -8.01
C PRO B 141 6.34 -25.72 -7.68
N GLN B 142 6.47 -26.57 -8.69
CA GLN B 142 7.40 -27.68 -8.61
C GLN B 142 8.83 -27.18 -8.51
N HIS B 143 9.18 -26.17 -9.31
CA HIS B 143 10.52 -25.61 -9.36
C HIS B 143 10.47 -24.12 -9.06
N GLY B 144 11.41 -23.66 -8.26
CA GLY B 144 11.49 -22.25 -7.93
C GLY B 144 12.42 -22.00 -6.77
N LYS B 145 12.55 -20.72 -6.45
CA LYS B 145 13.40 -20.28 -5.35
C LYS B 145 12.69 -20.51 -4.02
N GLU B 146 13.45 -20.40 -2.94
CA GLU B 146 12.91 -20.58 -1.59
C GLU B 146 13.20 -19.32 -0.76
N LEU B 147 12.17 -18.80 -0.11
CA LEU B 147 12.28 -17.58 0.67
C LEU B 147 11.64 -17.80 2.04
N PRO B 148 12.09 -17.07 3.06
CA PRO B 148 11.49 -17.21 4.38
C PRO B 148 10.09 -16.61 4.41
N CYS B 149 9.28 -17.14 5.34
CA CYS B 149 7.91 -16.66 5.49
C CYS B 149 7.36 -17.20 6.80
N SER B 150 6.62 -16.35 7.51
CA SER B 150 6.01 -16.75 8.76
C SER B 150 4.88 -17.75 8.50
N THR B 151 4.59 -18.55 9.52
CA THR B 151 3.57 -19.58 9.42
C THR B 151 3.37 -20.17 10.81
N TYR B 152 2.48 -21.15 10.88
CA TYR B 152 2.10 -21.79 12.13
C TYR B 152 2.67 -23.21 12.16
N VAL B 153 2.31 -23.95 13.22
CA VAL B 153 2.82 -25.29 13.45
C VAL B 153 1.79 -26.06 14.27
N GLN B 154 1.92 -27.39 14.26
CA GLN B 154 0.95 -28.29 14.87
C GLN B 154 1.22 -28.57 16.33
N SER B 155 2.23 -27.94 16.92
CA SER B 155 2.54 -28.19 18.32
C SER B 155 1.37 -27.81 19.21
N THR B 156 1.19 -28.57 20.28
CA THR B 156 0.07 -28.40 21.21
C THR B 156 0.57 -28.11 22.62
N ALA B 157 1.63 -27.30 22.72
CA ALA B 157 2.18 -26.91 24.01
C ALA B 157 2.77 -25.52 23.85
N ALA B 158 2.03 -24.50 24.32
CA ALA B 158 2.42 -23.13 24.13
C ALA B 158 3.32 -22.67 25.28
N THR B 159 3.77 -21.42 25.20
CA THR B 159 4.69 -20.84 26.18
C THR B 159 4.15 -19.49 26.64
N ALA B 160 3.37 -19.51 27.72
CA ALA B 160 2.89 -18.29 28.38
C ALA B 160 2.08 -17.41 27.43
N GLU B 161 0.99 -17.98 26.93
CA GLU B 161 -0.03 -17.25 26.18
C GLU B 161 -1.36 -17.61 26.84
N GLU B 162 -1.71 -16.89 27.90
CA GLU B 162 -2.78 -17.31 28.78
C GLU B 162 -4.09 -16.61 28.43
N ILE B 163 -5.18 -17.35 28.58
CA ILE B 163 -6.53 -16.84 28.42
C ILE B 163 -7.32 -17.24 29.65
N GLU B 164 -7.99 -16.27 30.26
CA GLU B 164 -8.69 -16.51 31.51
C GLU B 164 -10.01 -17.23 31.26
N VAL B 165 -10.44 -18.01 32.26
CA VAL B 165 -11.74 -18.63 32.26
C VAL B 165 -12.40 -18.34 33.59
N HIS B 166 -13.68 -17.98 33.56
CA HIS B 166 -14.39 -17.52 34.74
C HIS B 166 -15.72 -18.24 34.85
N MET B 167 -16.28 -18.22 36.06
CA MET B 167 -17.53 -18.91 36.34
C MET B 167 -18.68 -18.23 35.61
N PRO B 168 -19.44 -18.95 34.80
CA PRO B 168 -20.52 -18.30 34.02
C PRO B 168 -21.48 -17.59 34.95
N PRO B 169 -21.91 -16.37 34.60
CA PRO B 169 -22.78 -15.63 35.51
C PRO B 169 -24.10 -16.35 35.78
N ASP B 170 -24.88 -16.56 34.73
CA ASP B 170 -26.14 -17.27 34.82
C ASP B 170 -26.75 -17.29 33.42
N THR B 171 -27.86 -17.99 33.28
CA THR B 171 -28.62 -18.04 32.03
C THR B 171 -30.10 -17.92 32.38
N PRO B 172 -30.65 -16.71 32.37
CA PRO B 172 -32.07 -16.53 32.77
C PRO B 172 -33.05 -17.01 31.73
N ASP B 173 -33.66 -18.17 31.97
CA ASP B 173 -34.64 -18.75 31.05
C ASP B 173 -35.94 -18.96 31.80
N ARG B 174 -37.05 -18.65 31.13
CA ARG B 174 -38.37 -18.71 31.72
C ARG B 174 -39.13 -19.96 31.33
N THR B 175 -38.53 -20.86 30.56
CA THR B 175 -39.21 -22.10 30.21
C THR B 175 -39.56 -22.90 31.45
N LEU B 176 -38.77 -22.77 32.51
CA LEU B 176 -39.07 -23.43 33.77
C LEU B 176 -40.39 -22.98 34.36
N MET B 177 -40.84 -21.77 34.02
CA MET B 177 -42.08 -21.25 34.59
C MET B 177 -43.29 -21.75 33.82
N THR B 178 -44.44 -21.69 34.49
CA THR B 178 -45.72 -22.09 33.92
C THR B 178 -46.83 -21.62 34.85
N GLN B 179 -47.90 -21.11 34.27
CA GLN B 179 -49.00 -20.55 35.05
C GLN B 179 -49.98 -21.65 35.44
N GLN B 180 -50.24 -21.78 36.73
CA GLN B 180 -51.20 -22.74 37.27
C GLN B 180 -52.29 -21.93 37.96
N SER B 181 -53.28 -21.51 37.18
CA SER B 181 -54.42 -20.75 37.69
C SER B 181 -53.95 -19.56 38.52
N GLY B 182 -53.12 -18.73 37.90
CA GLY B 182 -52.55 -17.59 38.60
C GLY B 182 -51.47 -17.95 39.59
N ASN B 183 -51.00 -19.20 39.58
CA ASN B 183 -49.95 -19.67 40.48
C ASN B 183 -48.78 -20.12 39.63
N VAL B 184 -47.70 -19.33 39.64
CA VAL B 184 -46.54 -19.64 38.81
C VAL B 184 -45.80 -20.84 39.41
N LYS B 185 -45.47 -21.80 38.57
CA LYS B 185 -44.72 -22.98 38.97
C LYS B 185 -43.38 -22.95 38.28
N ILE B 186 -42.31 -22.94 39.07
CA ILE B 186 -40.94 -22.91 38.56
C ILE B 186 -40.32 -24.28 38.82
N THR B 187 -39.81 -24.88 37.74
CA THR B 187 -39.23 -26.22 37.78
C THR B 187 -37.72 -26.10 37.66
N VAL B 188 -37.00 -26.87 38.47
CA VAL B 188 -35.55 -26.76 38.57
C VAL B 188 -34.85 -27.94 37.91
N ASN B 189 -35.43 -29.13 37.99
CA ASN B 189 -34.89 -30.34 37.37
C ASN B 189 -33.42 -30.54 37.70
N GLY B 190 -32.99 -30.09 38.87
CA GLY B 190 -31.69 -30.46 39.40
C GLY B 190 -30.56 -29.47 39.15
N GLN B 191 -30.85 -28.17 39.27
CA GLN B 191 -29.86 -27.13 39.14
C GLN B 191 -30.04 -26.12 40.28
N THR B 192 -29.13 -25.15 40.35
CA THR B 192 -29.21 -24.05 41.29
C THR B 192 -29.85 -22.87 40.57
N VAL B 193 -31.04 -22.48 41.01
CA VAL B 193 -31.79 -21.43 40.34
C VAL B 193 -32.13 -20.33 41.34
N ARG B 194 -31.79 -19.10 41.00
CA ARG B 194 -32.22 -17.92 41.74
C ARG B 194 -33.47 -17.38 41.06
N TYR B 195 -34.57 -17.36 41.80
CA TYR B 195 -35.79 -16.69 41.38
C TYR B 195 -35.88 -15.36 42.10
N LYS B 196 -36.42 -14.36 41.42
CA LYS B 196 -36.66 -13.07 42.03
C LYS B 196 -37.88 -12.48 41.35
N CYS B 197 -38.89 -12.11 42.13
CA CYS B 197 -40.11 -11.54 41.57
C CYS B 197 -40.49 -10.25 42.27
N ASN B 198 -41.07 -9.33 41.50
CA ASN B 198 -41.61 -8.11 42.08
C ASN B 198 -42.77 -8.42 43.01
N CYS B 199 -43.45 -9.55 42.79
CA CYS B 199 -44.51 -9.97 43.69
C CYS B 199 -44.01 -9.99 45.12
N GLY B 200 -44.93 -9.81 46.06
CA GLY B 200 -44.59 -9.82 47.47
C GLY B 200 -44.21 -11.20 47.97
N GLY B 201 -44.28 -11.40 49.28
CA GLY B 201 -43.94 -12.69 49.84
C GLY B 201 -42.50 -13.06 49.51
N SER B 202 -42.32 -14.30 49.04
CA SER B 202 -41.00 -14.78 48.66
C SER B 202 -40.57 -14.14 47.35
N ASN B 203 -40.33 -12.83 47.37
CA ASN B 203 -39.94 -12.13 46.15
C ASN B 203 -38.64 -12.69 45.60
N GLU B 204 -37.66 -12.93 46.48
CA GLU B 204 -36.33 -13.37 46.08
C GLU B 204 -35.96 -14.66 46.80
N GLY B 205 -35.17 -15.49 46.12
CA GLY B 205 -34.67 -16.70 46.76
C GLY B 205 -33.92 -17.61 45.81
N LEU B 206 -32.84 -18.22 46.29
CA LEU B 206 -32.08 -19.21 45.54
C LEU B 206 -32.44 -20.59 46.05
N THR B 207 -32.86 -21.46 45.15
CA THR B 207 -33.30 -22.80 45.53
C THR B 207 -32.86 -23.80 44.46
N THR B 208 -32.90 -25.07 44.84
CA THR B 208 -32.62 -26.18 43.94
C THR B 208 -33.78 -27.15 43.84
N THR B 209 -34.97 -26.75 44.30
CA THR B 209 -36.14 -27.60 44.31
C THR B 209 -37.30 -26.88 43.62
N ASP B 210 -38.17 -27.68 42.99
CA ASP B 210 -39.32 -27.10 42.31
C ASP B 210 -40.16 -26.30 43.28
N LYS B 211 -40.58 -25.11 42.86
CA LYS B 211 -41.26 -24.17 43.74
C LYS B 211 -42.49 -23.61 43.04
N VAL B 212 -43.38 -23.04 43.85
CA VAL B 212 -44.60 -22.41 43.35
C VAL B 212 -44.80 -21.09 44.09
N ILE B 213 -45.11 -20.04 43.35
CA ILE B 213 -45.52 -18.76 43.91
C ILE B 213 -46.95 -18.51 43.45
N ASN B 214 -47.90 -18.61 44.38
CA ASN B 214 -49.31 -18.54 44.04
C ASN B 214 -49.73 -17.11 43.79
N ASN B 215 -50.90 -16.97 43.16
CA ASN B 215 -51.56 -15.68 42.94
C ASN B 215 -50.58 -14.64 42.40
N CYS B 216 -49.89 -15.00 41.33
CA CYS B 216 -49.00 -14.07 40.66
C CYS B 216 -48.87 -14.47 39.19
N LYS B 217 -48.74 -13.47 38.33
CA LYS B 217 -48.61 -13.70 36.91
C LYS B 217 -47.20 -14.20 36.59
N ILE B 218 -47.11 -15.09 35.59
CA ILE B 218 -45.81 -15.63 35.21
C ILE B 218 -44.92 -14.53 34.63
N ASP B 219 -45.51 -13.63 33.84
CA ASP B 219 -44.76 -12.51 33.29
C ASP B 219 -44.36 -11.49 34.33
N GLN B 220 -44.69 -11.72 35.61
CA GLN B 220 -44.30 -10.78 36.65
C GLN B 220 -42.80 -10.58 36.69
N CYS B 221 -42.03 -11.64 36.52
CA CYS B 221 -40.61 -11.58 36.80
C CYS B 221 -39.89 -12.68 36.03
N HIS B 222 -38.58 -12.77 36.27
CA HIS B 222 -37.72 -13.75 35.64
C HIS B 222 -36.87 -14.44 36.69
N ALA B 223 -36.33 -15.59 36.32
CA ALA B 223 -35.44 -16.37 37.17
C ALA B 223 -34.33 -16.96 36.32
N ALA B 224 -33.22 -17.29 36.96
CA ALA B 224 -32.05 -17.77 36.24
C ALA B 224 -31.37 -18.89 37.00
N VAL B 225 -30.97 -19.93 36.28
CA VAL B 225 -30.18 -20.99 36.88
C VAL B 225 -28.75 -20.50 37.08
N THR B 226 -28.27 -20.61 38.32
CA THR B 226 -26.94 -20.13 38.68
C THR B 226 -25.97 -21.31 38.64
N ASN B 227 -25.32 -21.48 37.49
CA ASN B 227 -24.33 -22.54 37.33
C ASN B 227 -22.95 -21.98 37.69
N HIS B 228 -22.21 -22.75 38.49
CA HIS B 228 -20.86 -22.37 38.89
C HIS B 228 -19.95 -23.60 38.98
N LYS B 229 -20.22 -24.61 38.16
CA LYS B 229 -19.53 -25.88 38.27
C LYS B 229 -18.34 -25.96 37.32
N ASN B 230 -18.61 -25.83 36.03
CA ASN B 230 -17.57 -25.85 35.00
C ASN B 230 -17.41 -24.44 34.45
N TRP B 231 -16.16 -23.97 34.43
CA TRP B 231 -15.90 -22.58 34.10
C TRP B 231 -16.00 -22.36 32.60
N GLN B 232 -16.22 -21.10 32.22
CA GLN B 232 -16.49 -20.71 30.84
C GLN B 232 -15.47 -19.64 30.45
N TYR B 233 -14.81 -19.84 29.32
CA TYR B 233 -13.67 -19.00 29.00
C TYR B 233 -14.11 -17.69 28.37
N ASN B 234 -13.45 -16.61 28.79
CA ASN B 234 -13.96 -15.27 28.60
C ASN B 234 -14.09 -14.92 27.12
N SER B 235 -15.16 -14.19 26.81
CA SER B 235 -15.38 -13.64 25.48
C SER B 235 -16.13 -12.33 25.63
N PRO B 236 -15.99 -11.41 24.68
CA PRO B 236 -16.73 -10.15 24.79
C PRO B 236 -18.24 -10.35 24.80
N LEU B 237 -18.75 -11.32 24.04
CA LEU B 237 -20.20 -11.50 23.95
C LEU B 237 -20.79 -11.90 25.29
N VAL B 238 -20.14 -12.82 25.99
CA VAL B 238 -20.71 -13.33 27.24
C VAL B 238 -20.73 -12.21 28.27
N PRO B 239 -21.81 -12.04 29.03
CA PRO B 239 -21.80 -11.03 30.09
C PRO B 239 -20.89 -11.46 31.24
N ARG B 240 -20.39 -10.45 31.95
CA ARG B 240 -19.52 -10.71 33.09
C ARG B 240 -20.35 -11.14 34.30
N ASN B 241 -19.66 -11.77 35.25
CA ASN B 241 -20.32 -12.26 36.46
C ASN B 241 -20.72 -11.12 37.40
N ALA B 242 -20.27 -9.90 37.15
CA ALA B 242 -20.70 -8.67 37.81
C ALA B 242 -20.11 -8.48 39.19
N GLU B 243 -19.02 -9.15 39.53
CA GLU B 243 -18.33 -8.88 40.80
C GLU B 243 -17.00 -8.17 40.60
N LEU B 244 -16.24 -8.56 39.58
CA LEU B 244 -14.94 -7.97 39.32
C LEU B 244 -14.56 -8.33 37.88
N GLY B 245 -13.33 -8.00 37.49
CA GLY B 245 -12.88 -8.24 36.14
C GLY B 245 -12.43 -9.66 35.87
N ASP B 246 -11.46 -10.14 36.64
CA ASP B 246 -10.79 -11.41 36.37
C ASP B 246 -11.21 -12.47 37.39
N ARG B 247 -10.97 -13.73 37.02
CA ARG B 247 -11.23 -14.86 37.88
C ARG B 247 -10.18 -15.92 37.57
N LYS B 248 -9.88 -16.76 38.56
CA LYS B 248 -8.86 -17.78 38.38
C LYS B 248 -9.28 -18.77 37.31
N GLY B 249 -8.28 -19.42 36.73
CA GLY B 249 -8.49 -20.35 35.63
C GLY B 249 -7.94 -19.80 34.34
N LYS B 250 -6.80 -20.34 33.90
CA LYS B 250 -6.11 -19.87 32.71
C LYS B 250 -5.73 -21.06 31.85
N ILE B 251 -5.76 -20.85 30.53
CA ILE B 251 -5.43 -21.89 29.56
C ILE B 251 -4.52 -21.29 28.49
N HIS B 252 -3.58 -22.09 28.00
CA HIS B 252 -2.67 -21.64 26.96
C HIS B 252 -3.28 -21.85 25.59
N ILE B 253 -2.94 -20.96 24.66
CA ILE B 253 -3.41 -21.04 23.29
C ILE B 253 -2.37 -21.83 22.48
N PRO B 254 -2.76 -22.92 21.83
CA PRO B 254 -1.77 -23.71 21.08
C PRO B 254 -1.53 -23.17 19.68
N PHE B 255 -0.78 -23.92 18.89
CA PHE B 255 -0.44 -23.57 17.51
C PHE B 255 0.39 -22.29 17.49
N PRO B 256 1.62 -22.34 17.98
CA PRO B 256 2.47 -21.14 17.96
C PRO B 256 2.93 -20.76 16.57
N LEU B 257 3.78 -19.73 16.50
CA LEU B 257 4.23 -19.16 15.23
C LEU B 257 5.73 -19.39 15.05
N ALA B 258 6.12 -19.67 13.82
CA ALA B 258 7.53 -19.73 13.44
C ALA B 258 7.62 -19.44 11.96
N ASN B 259 8.79 -19.02 11.50
CA ASN B 259 8.98 -18.73 10.08
C ASN B 259 9.82 -19.83 9.46
N VAL B 260 9.38 -20.30 8.30
CA VAL B 260 10.02 -21.40 7.58
C VAL B 260 10.12 -20.98 6.13
N THR B 261 10.92 -21.74 5.38
CA THR B 261 11.07 -21.44 3.97
C THR B 261 9.84 -21.91 3.19
N CYS B 262 9.55 -21.19 2.11
CA CYS B 262 8.45 -21.52 1.22
C CYS B 262 8.91 -21.27 -0.21
N ARG B 263 8.33 -22.04 -1.13
CA ARG B 263 8.75 -21.96 -2.52
C ARG B 263 8.03 -20.82 -3.24
N VAL B 264 8.67 -20.35 -4.30
CA VAL B 264 8.16 -19.25 -5.11
C VAL B 264 8.63 -19.46 -6.54
N PRO B 265 7.77 -19.31 -7.53
CA PRO B 265 8.18 -19.59 -8.91
C PRO B 265 9.13 -18.55 -9.46
N LYS B 266 9.94 -19.00 -10.40
CA LYS B 266 10.78 -18.11 -11.19
C LYS B 266 9.90 -17.49 -12.27
N ALA B 267 10.53 -16.81 -13.22
CA ALA B 267 9.81 -16.14 -14.30
C ALA B 267 10.37 -16.56 -15.64
N ARG B 268 9.49 -16.66 -16.62
CA ARG B 268 9.91 -16.92 -17.99
C ARG B 268 11.03 -15.98 -18.38
N ASN B 269 12.15 -16.54 -18.81
CA ASN B 269 13.27 -15.71 -19.23
C ASN B 269 12.85 -14.95 -20.50
N PRO B 270 12.92 -13.63 -20.50
CA PRO B 270 12.43 -12.87 -21.66
C PRO B 270 13.35 -13.04 -22.85
N THR B 271 12.81 -12.71 -24.02
CA THR B 271 13.57 -12.78 -25.27
C THR B 271 14.02 -11.36 -25.61
N VAL B 272 15.32 -11.18 -25.78
CA VAL B 272 15.91 -9.86 -25.92
C VAL B 272 16.38 -9.68 -27.35
N THR B 273 15.91 -8.62 -27.99
CA THR B 273 16.42 -8.16 -29.28
C THR B 273 17.23 -6.89 -29.06
N TYR B 274 17.80 -6.39 -30.15
CA TYR B 274 18.99 -5.58 -30.07
C TYR B 274 18.82 -4.26 -30.83
N GLY B 275 19.66 -3.30 -30.47
CA GLY B 275 19.74 -2.05 -31.22
C GLY B 275 20.88 -1.20 -30.70
N LYS B 276 21.18 -0.16 -31.47
CA LYS B 276 22.28 0.74 -31.10
C LYS B 276 22.12 1.25 -29.69
N ASN B 277 23.06 0.86 -28.83
CA ASN B 277 23.05 1.23 -27.41
C ASN B 277 21.65 1.12 -26.84
N GLN B 278 20.89 0.13 -27.32
CA GLN B 278 19.49 -0.01 -26.93
C GLN B 278 19.13 -1.49 -26.90
N VAL B 279 18.30 -1.86 -25.93
CA VAL B 279 17.91 -3.24 -25.72
C VAL B 279 16.39 -3.32 -25.73
N THR B 280 15.85 -4.31 -26.45
CA THR B 280 14.41 -4.49 -26.57
C THR B 280 14.04 -5.82 -25.95
N MET B 281 13.64 -5.80 -24.70
CA MET B 281 13.28 -7.03 -23.99
C MET B 281 11.79 -7.28 -24.15
N LEU B 282 11.44 -8.43 -24.70
CA LEU B 282 10.05 -8.86 -24.76
C LEU B 282 9.83 -9.85 -23.62
N LEU B 283 8.76 -9.62 -22.86
CA LEU B 283 8.51 -10.27 -21.59
C LEU B 283 7.23 -11.08 -21.68
N TYR B 284 7.26 -12.32 -21.19
CA TYR B 284 6.05 -13.12 -21.07
C TYR B 284 5.73 -13.24 -19.59
N PRO B 285 4.69 -12.57 -19.08
CA PRO B 285 4.44 -12.65 -17.63
C PRO B 285 4.09 -14.05 -17.17
N ASP B 286 3.03 -14.64 -17.74
CA ASP B 286 2.46 -15.91 -17.31
C ASP B 286 1.69 -15.74 -16.00
N HIS B 287 1.80 -14.59 -15.37
CA HIS B 287 1.01 -14.18 -14.22
C HIS B 287 1.51 -12.81 -13.78
N PRO B 288 0.77 -12.10 -12.95
CA PRO B 288 1.22 -10.77 -12.53
C PRO B 288 2.62 -10.83 -11.91
N THR B 289 3.50 -9.98 -12.43
CA THR B 289 4.90 -10.00 -12.01
C THR B 289 5.48 -8.61 -12.14
N LEU B 290 6.56 -8.35 -11.41
CA LEU B 290 7.16 -7.03 -11.36
C LEU B 290 8.46 -7.00 -12.15
N LEU B 291 8.66 -5.92 -12.89
CA LEU B 291 9.89 -5.69 -13.64
C LEU B 291 10.43 -4.33 -13.27
N SER B 292 11.69 -4.28 -12.84
CA SER B 292 12.31 -3.03 -12.47
C SER B 292 13.66 -2.90 -13.16
N TYR B 293 14.09 -1.66 -13.35
CA TYR B 293 15.41 -1.40 -13.91
C TYR B 293 16.00 -0.16 -13.26
N ARG B 294 17.34 -0.14 -13.20
CA ARG B 294 18.06 0.94 -12.55
C ARG B 294 19.45 1.07 -13.15
N ASN B 295 19.95 2.30 -13.16
CA ASN B 295 21.28 2.58 -13.67
C ASN B 295 22.33 2.06 -12.71
N MET B 296 23.53 1.85 -13.24
CA MET B 296 24.64 1.32 -12.46
C MET B 296 25.50 2.42 -11.84
N GLY B 297 25.18 3.70 -12.09
CA GLY B 297 25.98 4.81 -11.63
C GLY B 297 25.43 5.43 -10.37
N GLN B 298 25.94 6.64 -10.08
CA GLN B 298 25.50 7.36 -8.89
C GLN B 298 24.03 7.76 -8.98
N GLU B 299 23.45 7.75 -10.17
CA GLU B 299 22.05 8.09 -10.34
C GLU B 299 21.25 6.81 -10.56
N PRO B 300 20.16 6.59 -9.81
CA PRO B 300 19.46 5.31 -9.93
C PRO B 300 18.73 5.13 -11.25
N ASN B 301 18.00 6.17 -11.68
CA ASN B 301 17.07 6.05 -12.80
C ASN B 301 16.04 4.96 -12.51
N TYR B 302 15.60 4.88 -11.26
CA TYR B 302 14.73 3.80 -10.83
C TYR B 302 13.45 3.75 -11.65
N HIS B 303 13.04 2.53 -11.98
CA HIS B 303 11.69 2.29 -12.48
C HIS B 303 11.26 0.89 -12.08
N GLU B 304 9.97 0.74 -11.77
CA GLU B 304 9.40 -0.55 -11.42
C GLU B 304 7.95 -0.58 -11.84
N GLU B 305 7.60 -1.51 -12.72
CA GLU B 305 6.24 -1.64 -13.24
C GLU B 305 5.71 -3.03 -12.93
N TRP B 306 4.38 -3.12 -12.90
CA TRP B 306 3.67 -4.39 -12.85
C TRP B 306 3.30 -4.80 -14.26
N VAL B 307 3.41 -6.09 -14.55
CA VAL B 307 3.15 -6.63 -15.87
C VAL B 307 2.26 -7.85 -15.74
N THR B 308 1.24 -7.93 -16.58
CA THR B 308 0.36 -9.09 -16.65
C THR B 308 0.15 -9.59 -18.06
N HIS B 309 0.48 -8.79 -19.07
CA HIS B 309 0.42 -9.19 -20.47
C HIS B 309 1.82 -9.06 -21.05
N LYS B 310 2.00 -9.60 -22.25
CA LYS B 310 3.31 -9.51 -22.90
C LYS B 310 3.55 -8.07 -23.35
N LYS B 311 4.39 -7.39 -22.58
CA LYS B 311 4.88 -6.09 -22.97
C LYS B 311 6.29 -6.21 -23.55
N GLU B 312 6.48 -5.60 -24.71
CA GLU B 312 7.80 -5.42 -25.29
C GLU B 312 8.31 -4.06 -24.89
N VAL B 313 9.35 -4.03 -24.06
CA VAL B 313 9.86 -2.81 -23.46
C VAL B 313 11.24 -2.54 -24.04
N THR B 314 11.60 -1.26 -24.10
CA THR B 314 12.88 -0.83 -24.64
C THR B 314 13.61 0.00 -23.61
N LEU B 315 14.91 -0.28 -23.44
CA LEU B 315 15.76 0.44 -22.51
C LEU B 315 16.97 0.98 -23.26
N THR B 316 17.38 2.18 -22.86
CA THR B 316 18.57 2.83 -23.41
C THR B 316 19.66 2.77 -22.37
N VAL B 317 20.70 2.00 -22.65
CA VAL B 317 21.76 1.78 -21.67
C VAL B 317 22.52 3.08 -21.45
N PRO B 318 22.98 3.38 -20.24
CA PRO B 318 23.91 4.49 -20.05
C PRO B 318 25.35 4.02 -20.23
N THR B 319 26.25 5.00 -20.31
CA THR B 319 27.66 4.68 -20.47
C THR B 319 28.20 3.89 -19.28
N GLU B 320 27.52 3.91 -18.15
CA GLU B 320 28.01 3.29 -16.92
C GLU B 320 27.31 1.98 -16.60
N GLY B 321 26.33 1.56 -17.38
CA GLY B 321 25.71 0.27 -17.19
C GLY B 321 24.31 0.38 -16.60
N LEU B 322 23.53 -0.68 -16.81
CA LEU B 322 22.15 -0.73 -16.37
C LEU B 322 21.80 -2.16 -15.99
N GLU B 323 21.13 -2.33 -14.86
CA GLU B 323 20.74 -3.65 -14.40
C GLU B 323 19.22 -3.70 -14.22
N VAL B 324 18.64 -4.83 -14.63
CA VAL B 324 17.20 -5.02 -14.63
C VAL B 324 16.89 -6.26 -13.80
N THR B 325 15.92 -6.13 -12.89
CA THR B 325 15.43 -7.24 -12.09
C THR B 325 14.07 -7.67 -12.63
N TRP B 326 13.94 -8.97 -12.90
CA TRP B 326 12.72 -9.54 -13.45
C TRP B 326 12.23 -10.63 -12.51
N GLY B 327 11.05 -10.42 -11.95
CA GLY B 327 10.51 -11.39 -11.00
C GLY B 327 11.50 -11.64 -9.89
N ASN B 328 11.56 -12.90 -9.45
CA ASN B 328 12.51 -13.32 -8.42
C ASN B 328 13.78 -13.91 -9.03
N ASN B 329 13.90 -13.88 -10.35
CA ASN B 329 15.09 -14.38 -11.01
C ASN B 329 16.24 -13.40 -10.80
N GLU B 330 17.45 -13.92 -10.92
CA GLU B 330 18.64 -13.11 -10.70
C GLU B 330 18.67 -11.96 -11.70
N PRO B 331 18.97 -10.73 -11.26
CA PRO B 331 18.94 -9.59 -12.19
C PRO B 331 19.97 -9.73 -13.30
N TYR B 332 19.61 -9.21 -14.46
CA TYR B 332 20.50 -9.22 -15.62
C TYR B 332 21.16 -7.85 -15.77
N LYS B 333 22.46 -7.86 -16.05
CA LYS B 333 23.25 -6.65 -16.22
C LYS B 333 23.62 -6.48 -17.69
N TYR B 334 23.36 -5.31 -18.25
CA TYR B 334 23.82 -4.94 -19.57
C TYR B 334 24.53 -3.59 -19.47
N TRP B 335 25.75 -3.51 -20.00
CA TRP B 335 26.43 -2.22 -20.05
C TRP B 335 26.91 -2.01 -21.48
N PRO B 336 26.96 -0.78 -21.97
CA PRO B 336 27.22 -0.57 -23.40
C PRO B 336 28.60 -1.03 -23.82
N GLN B 337 28.69 -1.43 -25.08
CA GLN B 337 29.93 -1.59 -25.80
C GLN B 337 29.93 -0.52 -26.90
N MET B 338 31.06 -0.40 -27.60
CA MET B 338 31.13 0.58 -28.69
C MET B 338 29.92 0.43 -29.59
N SER B 339 29.57 1.52 -30.28
CA SER B 339 28.26 1.58 -30.93
C SER B 339 28.26 0.87 -32.28
N THR B 340 29.06 1.33 -33.24
CA THR B 340 28.85 0.94 -34.63
C THR B 340 30.18 0.71 -35.33
N ASN B 341 30.08 -0.07 -36.41
CA ASN B 341 31.13 -0.19 -37.43
C ASN B 341 30.98 0.85 -38.53
N GLY B 342 29.92 1.65 -38.50
CA GLY B 342 29.69 2.60 -39.57
C GLY B 342 30.86 3.55 -39.77
N THR B 343 31.44 4.02 -38.67
CA THR B 343 32.63 4.86 -38.75
C THR B 343 33.83 4.03 -39.17
N ALA B 344 34.76 4.67 -39.87
CA ALA B 344 35.96 3.97 -40.33
C ALA B 344 36.98 5.00 -40.79
N HIS B 345 38.25 4.68 -40.58
CA HIS B 345 39.35 5.53 -40.99
C HIS B 345 39.83 5.13 -42.39
N GLY B 346 39.97 6.12 -43.25
CA GLY B 346 40.38 5.85 -44.63
C GLY B 346 40.50 7.15 -45.40
N HIS B 347 40.73 7.01 -46.71
CA HIS B 347 40.88 8.19 -47.55
C HIS B 347 39.68 9.12 -47.43
N PRO B 348 38.44 8.64 -47.55
CA PRO B 348 37.31 9.47 -47.10
C PRO B 348 37.32 9.52 -45.58
N HIS B 349 37.29 10.75 -45.04
CA HIS B 349 37.54 10.94 -43.62
C HIS B 349 36.75 9.94 -42.78
N GLU B 350 35.43 10.01 -42.81
CA GLU B 350 34.57 9.13 -42.00
C GLU B 350 34.99 9.11 -40.53
N ILE B 351 35.64 10.18 -40.06
CA ILE B 351 35.96 10.30 -38.63
C ILE B 351 34.86 10.96 -37.82
N ILE B 352 34.00 11.75 -38.45
CA ILE B 352 32.90 12.35 -37.70
C ILE B 352 32.03 11.27 -37.09
N LEU B 353 31.83 10.17 -37.83
CA LEU B 353 31.10 9.05 -37.28
C LEU B 353 31.85 8.42 -36.10
N TYR B 354 33.18 8.33 -36.21
CA TYR B 354 33.96 7.87 -35.07
C TYR B 354 33.66 8.70 -33.83
N TYR B 355 33.80 10.01 -33.95
CA TYR B 355 33.71 10.87 -32.78
C TYR B 355 32.26 11.13 -32.36
N TYR B 356 31.29 10.72 -33.17
CA TYR B 356 29.89 10.79 -32.77
C TYR B 356 29.44 9.51 -32.09
N GLU B 357 29.66 8.37 -32.73
CA GLU B 357 29.29 7.09 -32.14
C GLU B 357 29.97 6.91 -30.79
N LEU B 358 31.28 7.15 -30.74
CA LEU B 358 32.02 7.15 -29.49
C LEU B 358 32.13 8.58 -28.98
N TYR B 359 31.70 8.80 -27.75
CA TYR B 359 31.66 10.13 -27.15
C TYR B 359 30.76 11.05 -27.98
N PRO B 360 29.49 10.70 -28.17
CA PRO B 360 28.60 11.60 -28.91
C PRO B 360 28.47 12.95 -28.22
N THR B 361 28.41 14.00 -29.03
CA THR B 361 28.28 15.37 -28.55
C THR B 361 29.59 15.87 -27.93
N MET B 362 30.56 14.98 -27.75
CA MET B 362 31.88 15.33 -27.26
C MET B 362 32.89 15.02 -28.36
N THR B 363 33.97 15.80 -28.40
CA THR B 363 34.97 15.73 -29.46
C THR B 363 34.36 16.01 -30.83
N VAL B 364 33.11 16.48 -30.87
CA VAL B 364 32.42 16.85 -32.10
C VAL B 364 32.06 18.34 -32.08
N VAL B 365 31.49 18.79 -30.97
CA VAL B 365 31.39 20.23 -30.73
C VAL B 365 32.78 20.82 -30.61
N ILE B 366 33.75 20.01 -30.19
CA ILE B 366 35.14 20.44 -30.22
C ILE B 366 35.57 20.74 -31.65
N VAL B 367 35.10 19.95 -32.60
CA VAL B 367 35.35 20.25 -34.01
C VAL B 367 34.67 21.56 -34.39
N SER B 368 33.49 21.83 -33.82
CA SER B 368 32.82 23.09 -34.10
C SER B 368 33.63 24.28 -33.61
N VAL B 369 34.20 24.18 -32.40
CA VAL B 369 34.98 25.29 -31.89
C VAL B 369 36.26 25.45 -32.69
N ALA B 370 36.88 24.33 -33.09
CA ALA B 370 38.02 24.40 -34.00
C ALA B 370 37.63 25.11 -35.28
N SER B 371 36.43 24.84 -35.78
CA SER B 371 35.97 25.47 -37.01
C SER B 371 35.87 26.97 -36.85
N PHE B 372 35.23 27.44 -35.78
CA PHE B 372 35.06 28.89 -35.66
C PHE B 372 36.39 29.57 -35.38
N VAL B 373 37.30 28.90 -34.66
CA VAL B 373 38.59 29.55 -34.40
C VAL B 373 39.42 29.61 -35.68
N LEU B 374 39.38 28.57 -36.52
CA LEU B 374 40.12 28.64 -37.77
C LEU B 374 39.52 29.71 -38.67
N LEU B 375 38.19 29.84 -38.64
CA LEU B 375 37.55 30.98 -39.29
C LEU B 375 38.11 32.29 -38.75
N SER B 376 38.39 32.33 -37.45
CA SER B 376 38.92 33.55 -36.83
C SER B 376 40.32 33.87 -37.35
N MET B 377 41.20 32.87 -37.41
CA MET B 377 42.54 33.16 -37.96
C MET B 377 42.46 33.58 -39.42
N VAL B 378 41.61 32.94 -40.22
CA VAL B 378 41.52 33.40 -41.62
C VAL B 378 40.93 34.80 -41.69
N GLY B 379 40.02 35.14 -40.76
CA GLY B 379 39.48 36.49 -40.74
C GLY B 379 40.53 37.53 -40.43
N THR B 380 41.38 37.27 -39.43
CA THR B 380 42.46 38.20 -39.16
C THR B 380 43.49 38.18 -40.28
N ALA B 381 43.58 37.09 -41.04
CA ALA B 381 44.47 37.08 -42.20
C ALA B 381 43.97 38.03 -43.28
N VAL B 382 42.68 37.98 -43.61
CA VAL B 382 42.15 38.94 -44.56
C VAL B 382 42.22 40.36 -43.98
N GLY B 383 42.14 40.48 -42.66
CA GLY B 383 42.40 41.75 -42.03
C GLY B 383 43.80 42.26 -42.31
N MET B 384 44.79 41.37 -42.25
CA MET B 384 46.14 41.80 -42.58
C MET B 384 46.24 42.14 -44.06
N CYS B 385 45.49 41.43 -44.90
CA CYS B 385 45.46 41.76 -46.32
C CYS B 385 45.03 43.20 -46.53
N VAL B 386 43.90 43.58 -45.92
CA VAL B 386 43.41 44.95 -46.08
C VAL B 386 44.36 45.95 -45.44
N CYS B 387 44.96 45.57 -44.30
CA CYS B 387 45.91 46.46 -43.65
C CYS B 387 47.13 46.70 -44.53
N ALA B 388 47.64 45.65 -45.17
CA ALA B 388 48.75 45.81 -46.09
C ALA B 388 48.34 46.66 -47.28
N ARG B 389 47.10 46.50 -47.75
CA ARG B 389 46.61 47.34 -48.84
C ARG B 389 46.68 48.81 -48.46
N ARG B 390 46.10 49.16 -47.31
CA ARG B 390 46.11 50.57 -46.91
C ARG B 390 47.53 51.07 -46.65
N ARG B 391 48.36 50.22 -46.04
CA ARG B 391 49.73 50.63 -45.74
C ARG B 391 50.54 50.85 -47.00
N CYS B 392 50.28 50.07 -48.04
CA CYS B 392 51.03 50.21 -49.29
C CYS B 392 50.53 51.42 -50.09
N ILE B 393 49.24 51.70 -50.04
CA ILE B 393 48.73 52.85 -50.77
C ILE B 393 49.05 54.16 -50.05
N THR B 394 49.16 54.11 -48.72
CA THR B 394 49.37 55.34 -47.96
C THR B 394 50.62 56.10 -48.35
N PRO B 395 51.80 55.47 -48.49
CA PRO B 395 52.96 56.23 -48.97
C PRO B 395 52.69 56.88 -50.32
N TYR B 396 51.84 56.27 -51.14
CA TYR B 396 51.32 56.96 -52.31
C TYR B 396 50.50 58.17 -51.88
N GLU B 397 49.37 57.93 -51.20
CA GLU B 397 48.46 58.99 -50.78
C GLU B 397 48.37 60.08 -51.85
N LEU B 398 48.36 59.65 -53.10
CA LEU B 398 48.32 60.57 -54.23
C LEU B 398 49.47 61.56 -54.18
N THR B 399 50.70 61.04 -54.30
CA THR B 399 51.87 61.91 -54.29
C THR B 399 51.81 62.87 -55.47
N PRO B 400 52.49 64.01 -55.37
CA PRO B 400 52.54 64.92 -56.53
C PRO B 400 53.16 64.26 -57.75
N GLY B 401 54.14 63.37 -57.55
CA GLY B 401 54.73 62.67 -58.67
C GLY B 401 53.76 61.73 -59.36
N ALA B 402 53.01 60.95 -58.58
CA ALA B 402 51.99 60.04 -59.11
C ALA B 402 52.60 59.05 -60.10
N THR B 403 53.49 58.19 -59.59
CA THR B 403 54.17 57.23 -60.44
C THR B 403 54.68 56.07 -59.60
N VAL B 404 54.32 54.86 -59.99
CA VAL B 404 54.89 53.64 -59.41
C VAL B 404 55.16 52.65 -60.54
N PRO B 405 56.11 52.93 -61.45
CA PRO B 405 56.33 52.01 -62.57
C PRO B 405 56.82 50.63 -62.15
N PHE B 406 57.36 50.51 -60.94
CA PHE B 406 57.95 49.25 -60.49
C PHE B 406 57.22 48.62 -59.31
N LEU B 407 56.19 49.27 -58.76
CA LEU B 407 55.51 48.75 -57.59
C LEU B 407 54.08 48.33 -57.89
N LEU B 408 53.23 49.24 -58.35
CA LEU B 408 51.85 48.85 -58.64
C LEU B 408 51.78 48.08 -59.95
N SER B 409 52.60 48.45 -60.92
CA SER B 409 52.69 47.69 -62.15
C SER B 409 53.20 46.28 -61.90
N LEU B 410 53.92 46.06 -60.80
CA LEU B 410 54.51 44.77 -60.48
C LEU B 410 53.88 44.15 -59.24
N LEU B 411 53.87 44.86 -58.11
CA LEU B 411 53.35 44.28 -56.88
C LEU B 411 51.83 44.16 -56.90
N CYS B 412 51.14 45.04 -57.64
CA CYS B 412 49.70 44.94 -57.81
C CYS B 412 48.99 44.96 -56.44
N CYS B 413 49.44 45.84 -55.56
CA CYS B 413 48.91 45.87 -54.20
C CYS B 413 47.44 46.23 -54.19
N VAL B 414 47.07 47.35 -54.81
CA VAL B 414 45.72 47.89 -54.72
C VAL B 414 45.41 48.67 -55.97
N ARG B 415 44.16 48.59 -56.42
CA ARG B 415 43.66 49.36 -57.56
C ARG B 415 44.70 49.39 -58.68
N THR B 416 45.19 48.21 -59.04
CA THR B 416 46.19 48.11 -60.09
C THR B 416 45.66 48.56 -61.45
N THR B 417 44.36 48.87 -61.55
CA THR B 417 43.83 49.47 -62.76
C THR B 417 44.61 50.72 -63.13
N LYS B 418 44.94 51.53 -62.13
CA LYS B 418 45.71 52.75 -62.33
C LYS B 418 47.16 52.47 -61.98
N ALA B 419 48.06 52.65 -62.95
CA ALA B 419 49.48 52.41 -62.74
C ALA B 419 49.74 50.97 -62.31
N SER C 1 -59.96 -1.06 15.19
CA SER C 1 -60.90 -2.09 15.60
C SER C 1 -60.17 -3.29 16.19
N SER C 2 -60.51 -3.64 17.42
CA SER C 2 -59.84 -4.73 18.12
C SER C 2 -60.61 -5.04 19.40
N SER C 3 -60.64 -6.32 19.76
CA SER C 3 -61.44 -6.75 20.90
C SER C 3 -60.91 -6.11 22.18
N LEU C 4 -61.82 -5.59 22.99
CA LEU C 4 -61.42 -4.88 24.20
C LEU C 4 -60.72 -5.82 25.17
N VAL C 5 -59.69 -5.30 25.84
CA VAL C 5 -59.03 -6.04 26.91
C VAL C 5 -58.89 -5.23 28.19
N SER C 6 -58.99 -3.90 28.13
CA SER C 6 -58.87 -3.06 29.32
C SER C 6 -59.37 -1.66 29.04
N GLU C 7 -60.24 -1.14 29.90
CA GLU C 7 -60.79 0.20 29.78
C GLU C 7 -60.26 1.05 30.92
N SER C 8 -59.74 2.24 30.58
CA SER C 8 -59.12 3.12 31.56
C SER C 8 -59.67 4.54 31.40
N VAL C 9 -59.84 5.22 32.53
CA VAL C 9 -60.28 6.61 32.56
C VAL C 9 -59.33 7.38 33.47
N VAL C 10 -58.77 8.47 32.95
CA VAL C 10 -57.81 9.28 33.68
C VAL C 10 -58.14 10.75 33.47
N SER C 11 -57.58 11.60 34.32
CA SER C 11 -57.73 13.04 34.17
C SER C 11 -56.49 13.71 34.76
N LEU C 12 -56.03 14.76 34.08
CA LEU C 12 -54.85 15.49 34.49
C LEU C 12 -55.03 16.96 34.14
N ALA C 13 -53.98 17.75 34.37
CA ALA C 13 -54.00 19.17 34.10
C ALA C 13 -53.08 19.50 32.93
N ALA C 14 -53.38 20.62 32.27
CA ALA C 14 -52.57 21.04 31.13
C ALA C 14 -51.16 21.37 31.58
N GLY C 15 -50.19 21.11 30.70
CA GLY C 15 -48.80 21.33 31.03
C GLY C 15 -48.17 20.23 31.85
N THR C 16 -48.69 19.00 31.76
CA THR C 16 -48.18 17.86 32.48
C THR C 16 -47.89 16.73 31.50
N GLN C 17 -46.84 15.95 31.79
CA GLN C 17 -46.42 14.84 30.94
C GLN C 17 -47.14 13.59 31.40
N ALA C 18 -48.22 13.24 30.71
CA ALA C 18 -48.97 12.03 31.02
C ALA C 18 -48.39 10.84 30.26
N VAL C 19 -48.65 9.65 30.79
CA VAL C 19 -48.21 8.40 30.16
C VAL C 19 -49.35 7.40 30.23
N LEU C 20 -49.64 6.77 29.10
CA LEU C 20 -50.62 5.69 29.01
C LEU C 20 -49.88 4.37 28.92
N ARG C 21 -50.23 3.44 29.80
CA ARG C 21 -49.51 2.18 29.92
C ARG C 21 -50.19 1.10 29.09
N CYS C 22 -50.00 1.20 27.77
CA CYS C 22 -50.49 0.18 26.84
C CYS C 22 -49.38 -0.85 26.66
N GLN C 23 -49.46 -1.93 27.44
CA GLN C 23 -48.45 -2.96 27.44
C GLN C 23 -49.12 -4.32 27.26
N SER C 24 -48.32 -5.27 26.77
CA SER C 24 -48.78 -6.64 26.59
C SER C 24 -47.59 -7.59 26.74
N PRO C 25 -47.62 -8.51 27.72
CA PRO C 25 -46.48 -9.42 27.88
C PRO C 25 -46.24 -10.30 26.67
N ARG C 26 -47.26 -10.50 25.83
CA ARG C 26 -47.08 -11.28 24.61
C ARG C 26 -46.37 -10.51 23.52
N MET C 27 -46.19 -9.19 23.68
CA MET C 27 -45.52 -8.35 22.69
C MET C 27 -44.02 -8.28 22.92
N VAL C 28 -43.43 -9.31 23.53
CA VAL C 28 -41.99 -9.34 23.64
C VAL C 28 -41.50 -9.93 22.32
N TRP C 29 -41.45 -9.09 21.30
CA TRP C 29 -40.95 -9.52 20.01
C TRP C 29 -39.44 -9.64 20.11
N THR C 30 -38.96 -10.87 20.13
CA THR C 30 -37.53 -11.08 20.20
C THR C 30 -36.87 -10.34 19.05
N GLN C 31 -35.66 -9.84 19.30
CA GLN C 31 -34.85 -9.39 18.18
C GLN C 31 -34.81 -10.45 17.09
N ASP C 32 -35.04 -11.71 17.45
CA ASP C 32 -34.69 -12.80 16.55
C ASP C 32 -35.91 -13.33 15.81
N ARG C 33 -35.83 -13.26 14.48
CA ARG C 33 -36.90 -13.74 13.59
C ARG C 33 -36.77 -15.25 13.33
N LEU C 34 -35.69 -15.64 12.66
CA LEU C 34 -35.39 -17.05 12.40
C LEU C 34 -35.36 -17.84 13.71
N ASN C 35 -35.70 -19.12 13.61
CA ASN C 35 -35.70 -20.05 14.73
C ASN C 35 -36.80 -19.74 15.74
N ASP C 36 -37.56 -18.68 15.51
CA ASP C 36 -38.73 -18.42 16.34
C ASP C 36 -39.95 -19.18 15.86
N ARG C 37 -39.91 -19.74 14.65
CA ARG C 37 -40.91 -20.72 14.28
C ARG C 37 -40.78 -21.98 15.13
N GLN C 38 -39.62 -22.17 15.76
CA GLN C 38 -39.38 -23.35 16.56
C GLN C 38 -40.27 -23.35 17.80
N ARG C 39 -40.78 -24.53 18.14
CA ARG C 39 -41.42 -24.78 19.42
C ARG C 39 -40.73 -25.97 20.05
N VAL C 40 -40.86 -26.11 21.37
CA VAL C 40 -40.19 -27.18 22.10
C VAL C 40 -41.23 -27.96 22.88
N VAL C 41 -41.36 -29.24 22.56
CA VAL C 41 -42.19 -30.16 23.32
C VAL C 41 -41.27 -31.03 24.15
N HIS C 42 -41.81 -31.65 25.18
CA HIS C 42 -41.02 -32.56 26.00
C HIS C 42 -41.95 -33.30 26.96
N TRP C 43 -41.39 -34.29 27.64
CA TRP C 43 -42.12 -35.07 28.62
C TRP C 43 -41.32 -35.11 29.91
N ASP C 44 -41.97 -34.83 31.03
CA ASP C 44 -41.34 -34.88 32.35
C ASP C 44 -42.21 -35.70 33.28
N VAL C 45 -41.59 -36.64 33.98
CA VAL C 45 -42.30 -37.56 34.87
C VAL C 45 -41.76 -37.39 36.28
N TYR C 46 -42.68 -37.40 37.24
CA TYR C 46 -42.34 -37.46 38.66
C TYR C 46 -42.86 -38.78 39.21
N SER C 47 -41.96 -39.59 39.78
CA SER C 47 -42.36 -40.86 40.37
C SER C 47 -42.84 -40.61 41.80
N THR C 48 -44.02 -40.02 41.89
CA THR C 48 -44.62 -39.74 43.19
C THR C 48 -44.88 -41.02 43.97
N TYR C 49 -44.89 -42.17 43.30
CA TYR C 49 -45.03 -43.43 44.01
C TYR C 49 -43.92 -43.58 45.05
N TYR C 50 -42.68 -43.27 44.66
CA TYR C 50 -41.60 -43.20 45.63
C TYR C 50 -41.76 -42.00 46.55
N GLY C 51 -42.15 -40.85 45.98
CA GLY C 51 -42.35 -39.64 46.73
C GLY C 51 -41.13 -38.77 46.88
N ASP C 52 -39.93 -39.32 46.63
CA ASP C 52 -38.69 -38.57 46.71
C ASP C 52 -37.97 -38.51 45.37
N ASN C 53 -38.61 -38.93 44.29
CA ASN C 53 -37.99 -38.99 42.97
C ASN C 53 -38.16 -37.64 42.28
N LYS C 54 -37.06 -36.93 42.08
CA LYS C 54 -37.10 -35.67 41.36
C LYS C 54 -37.67 -35.90 39.96
N MET C 55 -38.58 -35.01 39.55
CA MET C 55 -39.30 -35.20 38.30
C MET C 55 -38.34 -35.42 37.13
N GLU C 56 -38.35 -36.62 36.56
CA GLU C 56 -37.38 -36.96 35.52
C GLU C 56 -37.84 -36.37 34.20
N ARG C 57 -37.09 -35.38 33.70
CA ARG C 57 -37.33 -34.86 32.37
C ARG C 57 -36.83 -35.87 31.35
N LEU C 58 -37.68 -36.80 30.95
CA LEU C 58 -37.26 -37.94 30.15
C LEU C 58 -36.59 -37.47 28.86
N CYS C 59 -37.36 -36.81 27.99
CA CYS C 59 -36.90 -36.50 26.65
C CYS C 59 -37.64 -35.26 26.15
N ASP C 60 -37.13 -34.72 25.04
CA ASP C 60 -37.67 -33.49 24.49
C ASP C 60 -37.53 -33.51 22.97
N MET C 61 -38.19 -32.54 22.34
CA MET C 61 -38.24 -32.40 20.90
C MET C 61 -38.30 -30.92 20.56
N TYR C 62 -37.62 -30.55 19.48
CA TYR C 62 -37.79 -29.25 18.86
C TYR C 62 -38.41 -29.47 17.48
N SER C 63 -38.68 -28.37 16.79
CA SER C 63 -39.15 -28.46 15.42
C SER C 63 -38.10 -29.20 14.59
N ALA C 64 -38.54 -30.21 13.84
CA ALA C 64 -37.66 -30.99 12.96
C ALA C 64 -36.60 -31.76 13.76
N GLY C 65 -37.04 -32.74 14.56
CA GLY C 65 -36.11 -33.50 15.39
C GLY C 65 -36.41 -34.97 15.65
N ASP C 66 -36.04 -35.45 16.84
CA ASP C 66 -36.24 -36.82 17.32
C ASP C 66 -36.57 -36.75 18.79
N GLN C 67 -36.67 -37.92 19.40
CA GLN C 67 -36.45 -38.04 20.83
C GLN C 67 -34.98 -37.81 21.15
N ARG C 68 -34.69 -36.75 21.91
CA ARG C 68 -33.41 -36.61 22.59
C ARG C 68 -33.62 -36.97 24.04
N VAL C 69 -32.74 -37.81 24.58
CA VAL C 69 -32.90 -38.37 25.92
C VAL C 69 -31.98 -37.64 26.88
N TYR C 70 -32.54 -37.21 28.01
CA TYR C 70 -31.73 -36.58 29.05
C TYR C 70 -30.73 -37.57 29.64
N SER C 71 -31.11 -38.84 29.76
CA SER C 71 -30.29 -39.85 30.40
C SER C 71 -30.07 -41.02 29.44
N SER C 72 -28.87 -41.61 29.53
CA SER C 72 -28.56 -42.77 28.69
C SER C 72 -29.46 -43.95 29.03
N TYR C 73 -29.76 -44.15 30.31
CA TYR C 73 -30.69 -45.20 30.70
C TYR C 73 -32.02 -45.03 29.97
N ASN C 74 -32.41 -43.80 29.69
CA ASN C 74 -33.59 -43.56 28.86
C ASN C 74 -33.31 -43.82 27.38
N GLN C 75 -32.07 -43.63 26.94
CA GLN C 75 -31.70 -44.01 25.59
C GLN C 75 -31.92 -45.50 25.40
N GLY C 76 -32.57 -45.88 24.31
CA GLY C 76 -33.07 -47.23 24.17
C GLY C 76 -34.30 -47.49 25.00
N ARG C 77 -34.89 -46.45 25.59
CA ARG C 77 -36.05 -46.57 26.44
C ARG C 77 -37.20 -45.66 26.03
N ILE C 78 -36.97 -44.67 25.17
CA ILE C 78 -37.98 -43.67 24.85
C ILE C 78 -37.94 -43.37 23.35
N PHE C 79 -39.11 -43.02 22.83
CA PHE C 79 -39.28 -42.61 21.44
C PHE C 79 -40.35 -41.52 21.37
N MET C 80 -40.11 -40.54 20.51
CA MET C 80 -41.09 -39.52 20.18
C MET C 80 -41.11 -39.39 18.66
N PRO C 81 -42.29 -39.36 18.03
CA PRO C 81 -42.32 -39.34 16.56
C PRO C 81 -41.55 -38.15 16.01
N GLN C 82 -40.79 -38.40 14.95
CA GLN C 82 -40.08 -37.32 14.28
C GLN C 82 -41.04 -36.35 13.60
N ASN C 83 -42.30 -36.77 13.41
CA ASN C 83 -43.32 -35.94 12.80
C ASN C 83 -44.28 -35.36 13.83
N ALA C 84 -43.94 -35.44 15.11
CA ALA C 84 -44.84 -34.98 16.15
C ALA C 84 -45.28 -33.54 15.91
N PHE C 85 -44.34 -32.66 15.59
CA PHE C 85 -44.69 -31.28 15.32
C PHE C 85 -45.60 -31.17 14.10
N THR C 86 -45.31 -31.95 13.05
CA THR C 86 -46.08 -31.84 11.82
C THR C 86 -47.53 -32.24 12.05
N ASP C 87 -47.74 -33.42 12.64
CA ASP C 87 -49.09 -33.94 12.88
C ASP C 87 -49.58 -33.69 14.30
N GLY C 88 -48.78 -33.09 15.15
CA GLY C 88 -49.20 -32.83 16.51
C GLY C 88 -49.29 -34.06 17.38
N ASN C 89 -48.66 -35.16 16.98
CA ASN C 89 -48.74 -36.39 17.76
C ASN C 89 -48.19 -36.17 19.17
N PHE C 90 -46.97 -35.65 19.25
CA PHE C 90 -46.36 -35.28 20.54
C PHE C 90 -46.49 -36.40 21.57
N SER C 91 -46.62 -37.63 21.10
CA SER C 91 -46.90 -38.78 21.97
C SER C 91 -45.63 -39.53 22.28
N LEU C 92 -45.50 -39.95 23.54
CA LEU C 92 -44.33 -40.70 24.00
C LEU C 92 -44.56 -42.19 23.84
N VAL C 93 -43.48 -42.92 23.58
CA VAL C 93 -43.49 -44.38 23.64
C VAL C 93 -42.28 -44.83 24.46
N ILE C 94 -42.50 -45.80 25.33
CA ILE C 94 -41.43 -46.36 26.16
C ILE C 94 -41.38 -47.86 25.91
N LYS C 95 -40.19 -48.36 25.58
CA LYS C 95 -40.01 -49.74 25.14
C LYS C 95 -40.12 -50.75 26.28
N ASP C 96 -39.51 -50.46 27.41
CA ASP C 96 -39.23 -51.45 28.45
C ASP C 96 -39.74 -50.96 29.80
N VAL C 97 -41.00 -50.55 29.84
CA VAL C 97 -41.60 -50.05 31.08
C VAL C 97 -41.33 -51.02 32.22
N ALA C 98 -41.14 -50.46 33.42
CA ALA C 98 -40.92 -51.25 34.61
C ALA C 98 -41.33 -50.41 35.82
N GLU C 99 -41.17 -50.98 37.02
CA GLU C 99 -41.52 -50.25 38.22
C GLU C 99 -40.68 -48.99 38.37
N SER C 100 -39.45 -49.00 37.84
CA SER C 100 -38.60 -47.82 37.93
C SER C 100 -39.22 -46.63 37.23
N ASP C 101 -39.99 -46.86 36.16
CA ASP C 101 -40.57 -45.80 35.35
C ASP C 101 -42.03 -45.53 35.71
N GLY C 102 -42.47 -45.95 36.89
CA GLY C 102 -43.84 -45.68 37.31
C GLY C 102 -43.96 -44.30 37.94
N GLY C 103 -44.99 -43.57 37.55
CA GLY C 103 -45.19 -42.23 38.08
C GLY C 103 -46.14 -41.43 37.23
N ILE C 104 -46.25 -40.15 37.56
CA ILE C 104 -47.14 -39.23 36.85
C ILE C 104 -46.31 -38.48 35.83
N TYR C 105 -46.68 -38.64 34.56
CA TYR C 105 -46.02 -37.98 33.44
C TYR C 105 -46.77 -36.71 33.07
N SER C 106 -46.06 -35.81 32.38
CA SER C 106 -46.64 -34.58 31.88
C SER C 106 -46.02 -34.28 30.52
N CYS C 107 -46.88 -34.11 29.52
CA CYS C 107 -46.47 -33.74 28.17
C CYS C 107 -46.64 -32.24 28.05
N ASN C 108 -45.53 -31.52 27.88
CA ASN C 108 -45.51 -30.06 27.91
C ASN C 108 -45.00 -29.54 26.57
N LEU C 109 -45.55 -28.40 26.15
CA LEU C 109 -45.20 -27.78 24.88
C LEU C 109 -45.10 -26.28 25.09
N HIS C 110 -44.04 -25.68 24.56
CA HIS C 110 -43.81 -24.25 24.64
C HIS C 110 -43.59 -23.70 23.25
N HIS C 111 -44.21 -22.55 22.96
CA HIS C 111 -44.00 -21.84 21.71
C HIS C 111 -43.13 -20.63 21.99
N HIS C 112 -42.01 -20.54 21.28
CA HIS C 112 -41.06 -19.45 21.52
C HIS C 112 -41.66 -18.10 21.13
N TYR C 113 -42.21 -18.01 19.91
CA TYR C 113 -42.66 -16.72 19.41
C TYR C 113 -43.86 -16.20 20.19
N CYS C 114 -44.89 -17.02 20.36
CA CYS C 114 -46.08 -16.59 21.08
C CYS C 114 -45.88 -16.63 22.59
N HIS C 115 -44.84 -17.31 23.07
CA HIS C 115 -44.61 -17.49 24.50
C HIS C 115 -45.75 -18.24 25.18
N LEU C 116 -46.56 -18.95 24.39
CA LEU C 116 -47.68 -19.71 24.92
C LEU C 116 -47.25 -21.14 25.21
N TYR C 117 -47.92 -21.76 26.18
CA TYR C 117 -47.59 -23.10 26.62
C TYR C 117 -48.85 -23.93 26.78
N GLU C 118 -48.70 -25.23 26.56
CA GLU C 118 -49.75 -26.21 26.78
C GLU C 118 -49.16 -27.38 27.56
N THR C 119 -50.02 -28.11 28.27
CA THR C 119 -49.54 -29.28 29.00
C THR C 119 -50.72 -30.20 29.26
N VAL C 120 -50.45 -31.50 29.23
CA VAL C 120 -51.44 -32.52 29.54
C VAL C 120 -50.83 -33.51 30.52
N LYS C 121 -51.59 -33.85 31.55
CA LYS C 121 -51.14 -34.77 32.59
C LYS C 121 -51.52 -36.20 32.24
N ILE C 122 -50.68 -37.14 32.67
CA ILE C 122 -50.92 -38.57 32.48
C ILE C 122 -50.42 -39.26 33.74
N GLN C 123 -51.02 -40.41 34.05
CA GLN C 123 -50.55 -41.24 35.15
C GLN C 123 -50.19 -42.62 34.62
N LEU C 124 -49.08 -43.18 35.13
CA LEU C 124 -48.57 -44.46 34.69
C LEU C 124 -48.29 -45.29 35.93
N ASP C 125 -49.30 -46.06 36.36
CA ASP C 125 -49.07 -47.07 37.36
C ASP C 125 -48.46 -48.29 36.68
N VAL C 126 -47.78 -49.13 37.47
CA VAL C 126 -47.03 -50.25 36.96
C VAL C 126 -47.65 -51.54 37.49
N THR C 127 -47.95 -52.48 36.59
CA THR C 127 -48.39 -53.80 36.98
C THR C 127 -47.35 -54.82 36.53
N LYS C 128 -47.13 -55.84 37.36
CA LYS C 128 -46.10 -56.83 37.04
C LYS C 128 -46.41 -57.55 35.74
N LYS C 129 -47.69 -57.77 35.46
CA LYS C 129 -48.10 -58.40 34.22
C LYS C 129 -49.45 -57.84 33.79
N ALA C 130 -49.95 -58.32 32.66
CA ALA C 130 -51.14 -57.76 32.03
C ALA C 130 -52.44 -58.23 32.68
N LYS C 131 -52.37 -58.94 33.80
CA LYS C 131 -53.60 -59.39 34.45
C LYS C 131 -54.46 -58.22 34.92
N ALA C 132 -53.90 -57.02 35.02
CA ALA C 132 -54.65 -55.85 35.43
C ALA C 132 -54.26 -54.61 34.64
N ALA C 133 -53.63 -54.77 33.49
CA ALA C 133 -53.19 -53.63 32.68
C ALA C 133 -54.36 -53.09 31.88
N LYS C 134 -54.76 -51.85 32.17
CA LYS C 134 -55.90 -51.24 31.50
C LYS C 134 -55.86 -49.74 31.70
N GLU C 135 -56.66 -49.03 30.92
CA GLU C 135 -56.78 -47.59 30.97
C GLU C 135 -58.01 -47.21 31.78
N TYR C 136 -57.93 -46.08 32.49
CA TYR C 136 -59.09 -45.56 33.18
C TYR C 136 -58.89 -44.06 33.39
N TRP C 137 -59.91 -43.42 33.97
CA TRP C 137 -59.92 -41.98 34.19
C TRP C 137 -60.11 -41.72 35.68
N ASP C 138 -59.07 -41.22 36.33
CA ASP C 138 -59.14 -40.94 37.77
C ASP C 138 -60.16 -39.84 38.06
N GLY C 139 -60.31 -38.89 37.15
CA GLY C 139 -61.21 -37.77 37.37
C GLY C 139 -60.65 -36.48 36.83
N GLU C 140 -59.34 -36.44 36.59
CA GLU C 140 -58.68 -35.25 36.07
C GLU C 140 -57.80 -35.59 34.87
N LYS C 141 -57.32 -36.83 34.82
CA LYS C 141 -56.39 -37.24 33.78
C LYS C 141 -56.66 -38.70 33.42
N ALA C 142 -55.82 -39.24 32.54
CA ALA C 142 -55.90 -40.64 32.13
C ALA C 142 -54.79 -41.41 32.85
N VAL C 143 -55.15 -42.58 33.38
CA VAL C 143 -54.23 -43.43 34.14
C VAL C 143 -54.11 -44.76 33.43
N ILE C 144 -52.88 -45.17 33.16
CA ILE C 144 -52.57 -46.41 32.47
C ILE C 144 -51.88 -47.35 33.44
N VAL C 145 -52.39 -48.56 33.56
CA VAL C 145 -51.75 -49.62 34.34
C VAL C 145 -50.83 -50.35 33.36
N ALA C 146 -49.63 -49.82 33.19
CA ALA C 146 -48.70 -50.34 32.19
C ALA C 146 -48.22 -51.73 32.55
N LEU C 147 -48.26 -52.62 31.57
CA LEU C 147 -47.69 -53.96 31.71
C LEU C 147 -46.18 -53.88 31.78
N GLU C 148 -45.61 -54.34 32.88
CA GLU C 148 -44.16 -54.29 33.05
C GLU C 148 -43.47 -55.12 31.98
N GLY C 149 -42.31 -54.65 31.53
CA GLY C 149 -41.57 -55.34 30.50
C GLY C 149 -42.27 -55.34 29.14
N SER C 150 -42.92 -54.24 28.80
CA SER C 150 -43.62 -54.13 27.52
C SER C 150 -43.63 -52.68 27.10
N THR C 151 -43.86 -52.46 25.81
CA THR C 151 -43.91 -51.11 25.26
C THR C 151 -45.26 -50.47 25.57
N VAL C 152 -45.23 -49.20 25.99
CA VAL C 152 -46.43 -48.46 26.34
C VAL C 152 -46.36 -47.10 25.66
N MET C 153 -47.53 -46.49 25.47
CA MET C 153 -47.64 -45.23 24.76
C MET C 153 -48.46 -44.24 25.57
N LEU C 154 -47.98 -43.00 25.64
CA LEU C 154 -48.68 -41.90 26.29
C LEU C 154 -49.08 -40.89 25.25
N PRO C 155 -50.36 -40.62 25.04
CA PRO C 155 -50.77 -39.72 23.96
C PRO C 155 -50.72 -38.26 24.36
N CYS C 156 -50.47 -37.42 23.37
CA CYS C 156 -50.52 -35.95 23.50
C CYS C 156 -51.24 -35.45 22.25
N VAL C 157 -52.57 -35.35 22.35
CA VAL C 157 -53.42 -35.24 21.17
C VAL C 157 -53.74 -33.78 20.84
N ASN C 158 -52.96 -32.83 21.33
CA ASN C 158 -53.12 -31.45 20.90
C ASN C 158 -52.73 -31.33 19.45
N ARG C 159 -53.62 -30.76 18.63
CA ARG C 159 -53.41 -30.62 17.19
C ARG C 159 -53.78 -29.22 16.74
N ASN C 160 -53.37 -28.22 17.51
CA ASN C 160 -53.70 -26.84 17.21
C ASN C 160 -52.68 -26.27 16.24
N GLN C 161 -53.19 -25.57 15.22
CA GLN C 161 -52.36 -24.93 14.20
C GLN C 161 -51.19 -24.18 14.81
N ILE C 162 -51.34 -23.71 16.05
CA ILE C 162 -50.28 -22.96 16.71
C ILE C 162 -49.01 -23.80 16.78
N TRP C 163 -49.14 -25.08 17.14
CA TRP C 163 -47.99 -25.95 17.33
C TRP C 163 -47.63 -26.74 16.07
N THR C 164 -48.54 -26.85 15.12
CA THR C 164 -48.22 -27.55 13.87
C THR C 164 -47.05 -26.87 13.19
N GLU C 165 -46.11 -27.67 12.70
CA GLU C 165 -44.87 -27.13 12.14
C GLU C 165 -45.18 -26.14 11.03
N ARG C 166 -44.43 -25.04 11.01
CA ARG C 166 -44.75 -23.93 10.11
C ARG C 166 -43.64 -22.90 10.19
N HIS C 167 -43.63 -22.00 9.20
CA HIS C 167 -42.84 -20.77 9.22
C HIS C 167 -43.77 -19.65 9.65
N LEU C 168 -43.78 -19.33 10.94
CA LEU C 168 -44.77 -18.43 11.52
C LEU C 168 -44.24 -17.02 11.78
N GLU C 169 -42.95 -16.77 11.57
CA GLU C 169 -42.39 -15.46 11.87
C GLU C 169 -42.53 -14.48 10.73
N GLU C 170 -43.15 -14.89 9.61
CA GLU C 170 -43.53 -13.93 8.59
C GLU C 170 -44.43 -12.85 9.18
N ALA C 171 -45.23 -13.22 10.18
CA ALA C 171 -46.04 -12.24 10.89
C ALA C 171 -45.18 -11.42 11.83
N GLN C 172 -45.62 -10.20 12.11
CA GLN C 172 -44.94 -9.34 13.07
C GLN C 172 -45.95 -8.41 13.71
N GLN C 173 -45.58 -7.89 14.87
CA GLN C 173 -46.49 -7.08 15.66
C GLN C 173 -46.81 -5.78 14.95
N VAL C 174 -48.03 -5.27 15.17
CA VAL C 174 -48.41 -3.95 14.71
C VAL C 174 -49.16 -3.24 15.83
N VAL C 175 -48.91 -1.93 15.95
CA VAL C 175 -49.49 -1.11 17.00
C VAL C 175 -50.09 0.14 16.37
N HIS C 176 -51.32 0.45 16.73
CA HIS C 176 -52.00 1.66 16.30
C HIS C 176 -52.36 2.50 17.51
N TRP C 177 -51.99 3.77 17.49
CA TRP C 177 -52.34 4.72 18.54
C TRP C 177 -53.15 5.84 17.92
N ASP C 178 -54.37 6.01 18.39
CA ASP C 178 -55.28 7.02 17.85
C ASP C 178 -55.94 7.79 18.99
N ARG C 179 -56.41 8.99 18.67
CA ARG C 179 -57.09 9.85 19.62
C ARG C 179 -58.48 10.17 19.10
N GLN C 180 -59.50 9.94 19.93
CA GLN C 180 -60.89 10.25 19.62
C GLN C 180 -61.27 11.46 20.46
N LEU C 181 -61.42 12.61 19.81
CA LEU C 181 -61.75 13.83 20.52
C LEU C 181 -63.19 13.75 21.02
N PRO C 182 -63.62 14.74 21.82
CA PRO C 182 -65.02 14.76 22.26
C PRO C 182 -65.97 15.08 21.13
N GLY C 183 -66.30 14.07 20.33
CA GLY C 183 -67.11 14.24 19.14
C GLY C 183 -66.72 13.31 18.02
N VAL C 184 -65.54 12.69 18.15
CA VAL C 184 -65.09 11.69 17.18
C VAL C 184 -65.59 10.32 17.64
N SER C 185 -65.65 9.39 16.69
CA SER C 185 -66.13 8.03 16.95
C SER C 185 -64.95 7.07 16.93
N HIS C 186 -65.10 5.96 17.65
CA HIS C 186 -64.07 4.93 17.65
C HIS C 186 -63.89 4.38 16.24
N ASP C 187 -62.62 4.16 15.87
CA ASP C 187 -62.17 3.79 14.54
C ASP C 187 -62.20 4.98 13.59
N ARG C 188 -62.74 6.12 14.00
CA ARG C 188 -62.61 7.37 13.27
C ARG C 188 -61.60 8.31 13.93
N ALA C 189 -61.02 7.89 15.06
CA ALA C 189 -59.98 8.68 15.70
C ALA C 189 -58.82 8.92 14.73
N ASP C 190 -58.29 10.14 14.76
CA ASP C 190 -57.16 10.46 13.90
C ASP C 190 -56.01 9.50 14.20
N ARG C 191 -55.42 8.97 13.13
CA ARG C 191 -54.32 8.01 13.28
C ARG C 191 -53.08 8.75 13.74
N LEU C 192 -52.86 8.77 15.05
CA LEU C 192 -51.72 9.49 15.60
C LEU C 192 -50.41 8.79 15.30
N LEU C 193 -50.36 7.47 15.48
CA LEU C 193 -49.09 6.76 15.35
C LEU C 193 -49.32 5.33 14.90
N ASP C 194 -48.43 4.86 14.02
CA ASP C 194 -48.37 3.47 13.60
C ASP C 194 -46.98 2.93 13.86
N LEU C 195 -46.90 1.76 14.48
CA LEU C 195 -45.62 1.13 14.82
C LEU C 195 -45.62 -0.31 14.33
N TYR C 196 -44.46 -0.74 13.82
CA TYR C 196 -44.27 -2.09 13.33
C TYR C 196 -43.07 -2.70 14.03
N ALA C 197 -43.10 -4.02 14.21
CA ALA C 197 -42.06 -4.71 14.96
C ALA C 197 -40.68 -4.50 14.34
N SER C 198 -40.61 -4.15 13.06
CA SER C 198 -39.35 -3.89 12.39
C SER C 198 -38.87 -2.47 12.56
N GLY C 199 -39.44 -1.72 13.50
CA GLY C 199 -38.99 -0.37 13.77
C GLY C 199 -39.59 0.71 12.91
N GLU C 200 -40.41 0.35 11.92
CA GLU C 200 -41.07 1.37 11.13
C GLU C 200 -42.04 2.16 12.00
N ARG C 201 -41.96 3.48 11.90
CA ARG C 201 -42.81 4.37 12.69
C ARG C 201 -43.39 5.42 11.77
N ARG C 202 -44.70 5.63 11.86
CA ARG C 202 -45.40 6.63 11.07
C ARG C 202 -46.20 7.54 11.97
N ALA C 203 -46.05 8.85 11.76
CA ALA C 203 -46.78 9.86 12.52
C ALA C 203 -47.54 10.75 11.55
N TYR C 204 -48.62 11.34 12.05
CA TYR C 204 -49.51 12.14 11.21
C TYR C 204 -49.91 13.39 12.00
N GLY C 205 -50.92 14.10 11.49
CA GLY C 205 -51.36 15.32 12.11
C GLY C 205 -50.39 16.45 11.86
N PRO C 206 -50.50 17.53 12.64
CA PRO C 206 -49.58 18.65 12.46
C PRO C 206 -48.16 18.22 12.80
N PRO C 207 -47.15 18.91 12.24
CA PRO C 207 -45.77 18.46 12.47
C PRO C 207 -45.39 18.43 13.95
N PHE C 208 -45.98 19.32 14.74
CA PHE C 208 -45.55 19.52 16.12
C PHE C 208 -46.18 18.50 17.05
N LEU C 209 -47.50 18.30 16.94
CA LEU C 209 -48.20 17.36 17.81
C LEU C 209 -47.54 16.00 17.85
N ARG C 210 -46.79 15.64 16.80
CA ARG C 210 -46.15 14.33 16.76
C ARG C 210 -45.10 14.20 17.86
N ASP C 211 -44.28 15.24 18.07
CA ASP C 211 -43.14 15.10 18.96
C ASP C 211 -43.58 14.87 20.40
N ARG C 212 -44.61 15.58 20.86
CA ARG C 212 -45.03 15.44 22.24
C ARG C 212 -45.53 14.02 22.52
N VAL C 213 -46.28 13.45 21.59
CA VAL C 213 -46.77 12.07 21.72
C VAL C 213 -45.69 11.15 21.15
N SER C 214 -45.08 10.35 22.03
CA SER C 214 -43.95 9.52 21.65
C SER C 214 -44.07 8.15 22.31
N VAL C 215 -43.31 7.21 21.76
CA VAL C 215 -43.23 5.86 22.29
C VAL C 215 -41.76 5.52 22.50
N ASN C 216 -41.48 4.70 23.50
CA ASN C 216 -40.11 4.32 23.82
C ASN C 216 -39.42 3.74 22.59
N THR C 217 -38.09 3.71 22.61
CA THR C 217 -37.35 3.33 21.41
C THR C 217 -37.61 1.89 21.01
N ASN C 218 -37.68 0.99 21.99
CA ASN C 218 -37.67 -0.45 21.75
C ASN C 218 -38.84 -1.13 22.43
N ALA C 219 -40.04 -0.57 22.28
CA ALA C 219 -41.22 -1.13 22.92
C ALA C 219 -41.41 -2.59 22.54
N PHE C 220 -41.18 -2.92 21.27
CA PHE C 220 -41.43 -4.29 20.81
C PHE C 220 -40.55 -5.28 21.55
N ALA C 221 -39.28 -4.93 21.76
CA ALA C 221 -38.37 -5.83 22.49
C ALA C 221 -38.85 -6.10 23.90
N ARG C 222 -39.62 -5.18 24.50
CA ARG C 222 -40.14 -5.34 25.84
C ARG C 222 -41.63 -5.65 25.90
N GLY C 223 -42.37 -5.39 24.82
CA GLY C 223 -43.80 -5.55 24.86
C GLY C 223 -44.52 -4.48 25.64
N ASP C 224 -43.88 -3.33 25.87
CA ASP C 224 -44.49 -2.21 26.60
C ASP C 224 -44.49 -1.01 25.66
N PHE C 225 -45.66 -0.69 25.11
CA PHE C 225 -45.82 0.41 24.16
C PHE C 225 -46.44 1.62 24.83
N SER C 226 -46.06 1.88 26.08
CA SER C 226 -46.59 3.03 26.79
C SER C 226 -46.33 4.31 26.01
N LEU C 227 -47.37 5.13 25.86
CA LEU C 227 -47.29 6.35 25.09
C LEU C 227 -47.17 7.55 26.03
N ARG C 228 -46.13 8.35 25.82
CA ARG C 228 -45.88 9.52 26.64
C ARG C 228 -46.28 10.76 25.87
N ILE C 229 -47.16 11.56 26.46
CA ILE C 229 -47.55 12.87 25.93
C ILE C 229 -46.98 13.92 26.87
N ASP C 230 -46.17 14.83 26.32
CA ASP C 230 -45.40 15.76 27.12
C ASP C 230 -46.11 17.10 27.22
N GLU C 231 -46.25 17.61 28.44
CA GLU C 231 -46.86 18.91 28.68
C GLU C 231 -48.24 18.98 28.03
N LEU C 232 -49.12 18.14 28.55
CA LEU C 232 -50.47 17.97 28.01
C LEU C 232 -51.10 19.29 27.63
N GLU C 233 -51.49 19.41 26.38
CA GLU C 233 -52.33 20.52 25.93
C GLU C 233 -53.79 20.12 26.14
N ARG C 234 -54.58 21.04 26.71
CA ARG C 234 -55.95 20.69 27.05
C ARG C 234 -56.76 20.26 25.84
N ALA C 235 -56.33 20.65 24.63
CA ALA C 235 -57.02 20.22 23.42
C ALA C 235 -56.79 18.74 23.11
N ASP C 236 -55.86 18.09 23.80
CA ASP C 236 -55.56 16.68 23.56
C ASP C 236 -56.48 15.75 24.34
N GLU C 237 -57.36 16.28 25.18
CA GLU C 237 -58.22 15.42 25.98
C GLU C 237 -59.15 14.62 25.07
N GLY C 238 -59.43 13.38 25.47
CA GLY C 238 -60.30 12.51 24.71
C GLY C 238 -60.05 11.06 25.08
N ILE C 239 -60.50 10.18 24.18
CA ILE C 239 -60.36 8.74 24.37
C ILE C 239 -59.22 8.27 23.49
N TYR C 240 -58.12 7.85 24.10
CA TYR C 240 -56.98 7.34 23.37
C TYR C 240 -57.10 5.84 23.22
N SER C 241 -57.03 5.37 21.98
CA SER C 241 -57.18 3.95 21.64
C SER C 241 -55.83 3.39 21.22
N CYS C 242 -55.51 2.23 21.77
CA CYS C 242 -54.24 1.54 21.51
C CYS C 242 -54.59 0.13 21.06
N HIS C 243 -54.41 -0.14 19.77
CA HIS C 243 -54.74 -1.44 19.18
C HIS C 243 -53.45 -2.20 18.90
N LEU C 244 -53.38 -3.43 19.42
CA LEU C 244 -52.21 -4.29 19.28
C LEU C 244 -52.63 -5.54 18.53
N HIS C 245 -52.05 -5.76 17.35
CA HIS C 245 -52.43 -6.88 16.50
C HIS C 245 -51.22 -7.71 16.11
N HIS C 246 -51.34 -9.01 16.32
CA HIS C 246 -50.44 -10.02 15.76
C HIS C 246 -51.27 -11.28 15.59
N HIS C 247 -51.48 -11.69 14.35
CA HIS C 247 -52.59 -12.58 14.05
C HIS C 247 -52.28 -14.05 14.34
N TYR C 248 -51.03 -14.48 14.22
CA TYR C 248 -50.74 -15.90 14.44
C TYR C 248 -51.08 -16.30 15.87
N CYS C 249 -50.61 -15.54 16.84
CA CYS C 249 -50.99 -15.79 18.23
C CYS C 249 -52.45 -15.46 18.48
N GLY C 250 -53.12 -14.82 17.53
CA GLY C 250 -54.50 -14.42 17.69
C GLY C 250 -54.70 -13.11 18.42
N LEU C 251 -53.63 -12.38 18.69
CA LEU C 251 -53.71 -11.17 19.47
C LEU C 251 -54.35 -10.04 18.68
N HIS C 252 -55.48 -9.54 19.18
CA HIS C 252 -56.18 -8.40 18.60
C HIS C 252 -56.67 -7.48 19.72
N GLU C 253 -55.76 -7.09 20.61
CA GLU C 253 -56.15 -6.38 21.83
C GLU C 253 -56.48 -4.92 21.55
N ARG C 254 -57.41 -4.39 22.33
CA ARG C 254 -57.73 -2.97 22.40
C ARG C 254 -57.55 -2.50 23.83
N ARG C 255 -56.89 -1.36 23.99
CA ARG C 255 -56.82 -0.67 25.27
C ARG C 255 -57.30 0.76 25.06
N VAL C 256 -57.96 1.31 26.07
CA VAL C 256 -58.59 2.62 25.96
C VAL C 256 -58.30 3.43 27.21
N PHE C 257 -58.00 4.70 27.02
CA PHE C 257 -57.72 5.63 28.11
C PHE C 257 -58.57 6.88 27.92
N HIS C 258 -59.52 7.12 28.83
CA HIS C 258 -60.33 8.34 28.79
C HIS C 258 -59.59 9.40 29.59
N LEU C 259 -58.79 10.20 28.90
CA LEU C 259 -57.96 11.21 29.54
C LEU C 259 -58.62 12.57 29.40
N GLN C 260 -58.96 13.19 30.54
CA GLN C 260 -59.56 14.51 30.58
C GLN C 260 -58.53 15.49 31.12
N VAL C 261 -58.15 16.45 30.29
CA VAL C 261 -57.10 17.41 30.65
C VAL C 261 -57.75 18.66 31.22
N THR C 262 -57.33 19.04 32.42
CA THR C 262 -57.78 20.25 33.07
C THR C 262 -56.72 21.33 32.92
N GLU C 263 -56.99 22.50 33.48
CA GLU C 263 -56.06 23.62 33.44
C GLU C 263 -56.02 24.30 34.80
N PRO C 264 -54.91 24.93 35.15
CA PRO C 264 -54.88 25.71 36.39
C PRO C 264 -55.83 26.89 36.33
N ALA C 265 -56.36 27.24 37.50
CA ALA C 265 -57.30 28.35 37.60
C ALA C 265 -56.78 29.40 38.58
N TYR D 1 -47.99 45.36 25.79
CA TYR D 1 -46.96 45.99 24.99
C TYR D 1 -46.59 45.13 23.78
N GLU D 2 -46.30 45.78 22.66
CA GLU D 2 -45.93 45.12 21.43
C GLU D 2 -44.50 45.46 21.08
N HIS D 3 -43.70 44.46 20.75
CA HIS D 3 -42.33 44.66 20.33
C HIS D 3 -42.09 43.85 19.06
N VAL D 4 -41.39 44.47 18.10
CA VAL D 4 -41.10 43.85 16.82
C VAL D 4 -39.59 43.79 16.64
N THR D 5 -39.10 42.66 16.14
CA THR D 5 -37.68 42.50 15.90
C THR D 5 -37.49 41.61 14.67
N VAL D 6 -36.24 41.50 14.25
CA VAL D 6 -35.86 40.63 13.14
C VAL D 6 -34.57 39.92 13.51
N ILE D 7 -34.48 38.64 13.15
CA ILE D 7 -33.29 37.86 13.49
C ILE D 7 -32.81 37.08 12.27
N PRO D 8 -31.51 36.86 12.12
CA PRO D 8 -31.03 36.07 10.98
C PRO D 8 -31.62 34.68 10.98
N ASN D 9 -31.88 34.16 9.77
CA ASN D 9 -32.38 32.80 9.63
C ASN D 9 -31.27 31.80 9.89
N THR D 10 -31.07 31.45 11.15
CA THR D 10 -30.04 30.51 11.55
C THR D 10 -30.54 29.67 12.71
N VAL D 11 -30.01 28.46 12.84
CA VAL D 11 -30.47 27.50 13.83
C VAL D 11 -29.34 27.22 14.81
N GLY D 12 -29.68 27.16 16.08
CA GLY D 12 -28.72 26.84 17.12
C GLY D 12 -27.94 28.01 17.66
N VAL D 13 -28.18 29.21 17.15
CA VAL D 13 -27.48 30.42 17.59
C VAL D 13 -28.44 31.23 18.44
N PRO D 14 -28.22 31.34 19.76
CA PRO D 14 -29.11 32.16 20.58
C PRO D 14 -29.04 33.63 20.17
N TYR D 15 -30.17 34.32 20.31
CA TYR D 15 -30.27 35.73 19.98
C TYR D 15 -30.87 36.49 21.16
N LYS D 16 -30.23 37.59 21.54
CA LYS D 16 -30.74 38.46 22.58
C LYS D 16 -31.47 39.63 21.95
N THR D 17 -32.69 39.89 22.43
CA THR D 17 -33.49 41.02 21.98
C THR D 17 -33.95 41.78 23.20
N LEU D 18 -33.52 43.03 23.31
CA LEU D 18 -33.79 43.86 24.49
C LEU D 18 -35.01 44.72 24.22
N VAL D 19 -36.12 44.40 24.89
CA VAL D 19 -37.32 45.22 24.84
C VAL D 19 -37.33 46.11 26.07
N ASN D 20 -37.49 47.41 25.84
CA ASN D 20 -37.50 48.41 26.89
C ASN D 20 -38.83 49.14 26.89
N ARG D 21 -39.33 49.44 28.08
CA ARG D 21 -40.60 50.14 28.23
C ARG D 21 -40.47 51.19 29.32
N PRO D 22 -40.66 52.47 29.00
CA PRO D 22 -40.50 53.50 30.04
C PRO D 22 -41.47 53.28 31.19
N GLY D 23 -41.00 53.58 32.39
CA GLY D 23 -41.76 53.33 33.59
C GLY D 23 -41.62 51.93 34.14
N TYR D 24 -40.88 51.06 33.46
CA TYR D 24 -40.67 49.70 33.91
C TYR D 24 -39.25 49.27 33.59
N SER D 25 -38.79 48.25 34.30
CA SER D 25 -37.45 47.75 34.09
C SER D 25 -37.35 47.09 32.72
N PRO D 26 -36.44 47.51 31.85
CA PRO D 26 -36.31 46.85 30.55
C PRO D 26 -35.84 45.42 30.72
N MET D 27 -36.26 44.57 29.77
CA MET D 27 -36.03 43.14 29.87
C MET D 27 -35.53 42.64 28.52
N VAL D 28 -34.59 41.69 28.55
CA VAL D 28 -33.97 41.16 27.34
C VAL D 28 -34.27 39.68 27.25
N LEU D 29 -34.80 39.25 26.11
CA LEU D 29 -35.27 37.89 25.91
C LEU D 29 -34.31 37.14 24.99
N GLU D 30 -34.13 35.85 25.27
CA GLU D 30 -33.29 34.98 24.48
C GLU D 30 -34.18 34.11 23.61
N MET D 31 -33.95 34.16 22.30
CA MET D 31 -34.73 33.42 21.33
C MET D 31 -33.80 32.55 20.49
N GLU D 32 -34.16 31.28 20.33
CA GLU D 32 -33.36 30.31 19.62
C GLU D 32 -34.23 29.55 18.64
N LEU D 33 -33.66 29.19 17.51
CA LEU D 33 -34.35 28.46 16.45
C LEU D 33 -34.06 26.98 16.61
N GLN D 34 -35.10 26.20 16.96
CA GLN D 34 -34.92 24.76 17.05
C GLN D 34 -34.83 24.14 15.66
N SER D 35 -35.69 24.58 14.74
CA SER D 35 -35.68 24.11 13.37
C SER D 35 -36.74 24.88 12.59
N VAL D 36 -36.58 24.91 11.28
CA VAL D 36 -37.52 25.56 10.38
C VAL D 36 -37.82 24.61 9.24
N THR D 37 -39.10 24.33 9.02
CA THR D 37 -39.54 23.37 8.02
C THR D 37 -40.20 24.09 6.87
N LEU D 38 -39.85 23.68 5.64
CA LEU D 38 -40.45 24.20 4.42
C LEU D 38 -41.17 23.02 3.75
N GLU D 39 -42.49 23.14 3.66
CA GLU D 39 -43.32 22.10 3.07
C GLU D 39 -43.71 22.56 1.68
N PRO D 40 -43.26 21.90 0.61
CA PRO D 40 -43.65 22.32 -0.74
C PRO D 40 -44.97 21.71 -1.18
N THR D 41 -45.52 22.30 -2.24
CA THR D 41 -46.76 21.78 -2.79
C THR D 41 -46.57 20.32 -3.20
N LEU D 42 -47.69 19.65 -3.44
CA LEU D 42 -47.67 18.26 -3.89
C LEU D 42 -48.74 18.08 -4.96
N SER D 43 -48.31 18.02 -6.21
CA SER D 43 -49.17 17.71 -7.35
C SER D 43 -48.57 16.48 -8.02
N LEU D 44 -49.11 15.31 -7.70
CA LEU D 44 -48.57 14.06 -8.18
C LEU D 44 -48.77 14.00 -9.70
N ASP D 45 -47.68 14.23 -10.44
CA ASP D 45 -47.79 14.14 -11.90
C ASP D 45 -48.08 12.71 -12.33
N TYR D 46 -47.28 11.76 -11.85
CA TYR D 46 -47.55 10.35 -12.16
C TYR D 46 -46.59 9.49 -11.36
N ILE D 47 -46.61 8.18 -11.63
CA ILE D 47 -45.72 7.22 -10.99
C ILE D 47 -45.18 6.27 -12.05
N THR D 48 -44.18 5.50 -11.67
CA THR D 48 -43.63 4.48 -12.55
C THR D 48 -42.96 3.40 -11.72
N CYS D 49 -42.74 2.26 -12.36
CA CYS D 49 -42.20 1.07 -11.72
C CYS D 49 -41.80 0.09 -12.81
N GLU D 50 -41.26 -1.05 -12.38
CA GLU D 50 -40.87 -2.10 -13.32
C GLU D 50 -42.12 -2.75 -13.92
N TYR D 51 -41.96 -3.22 -15.16
CA TYR D 51 -43.06 -3.81 -15.92
C TYR D 51 -42.82 -5.30 -16.11
N LYS D 52 -43.93 -6.02 -16.28
CA LYS D 52 -43.89 -7.46 -16.53
C LYS D 52 -44.37 -7.74 -17.95
N THR D 53 -43.64 -8.61 -18.64
CA THR D 53 -43.93 -8.93 -20.03
C THR D 53 -44.67 -10.26 -20.06
N VAL D 54 -45.90 -10.24 -20.57
CA VAL D 54 -46.73 -11.42 -20.66
C VAL D 54 -46.72 -11.92 -22.09
N ILE D 55 -46.37 -13.20 -22.25
CA ILE D 55 -46.27 -13.86 -23.54
C ILE D 55 -46.92 -15.23 -23.41
N PRO D 56 -48.22 -15.35 -23.62
CA PRO D 56 -48.88 -16.65 -23.46
C PRO D 56 -48.32 -17.70 -24.41
N SER D 57 -48.79 -18.93 -24.27
CA SER D 57 -48.24 -20.02 -25.06
C SER D 57 -48.41 -19.73 -26.55
N PRO D 58 -47.36 -19.84 -27.35
CA PRO D 58 -47.49 -19.52 -28.78
C PRO D 58 -48.42 -20.47 -29.48
N TYR D 59 -49.09 -19.97 -30.51
CA TYR D 59 -50.02 -20.76 -31.30
C TYR D 59 -49.24 -21.47 -32.40
N VAL D 60 -49.30 -22.78 -32.41
CA VAL D 60 -48.66 -23.60 -33.43
C VAL D 60 -49.73 -24.12 -34.36
N LYS D 61 -49.34 -24.40 -35.60
CA LYS D 61 -50.29 -24.91 -36.58
C LYS D 61 -49.53 -25.68 -37.65
N CYS D 62 -50.24 -26.62 -38.29
CA CYS D 62 -49.73 -27.45 -39.36
C CYS D 62 -50.66 -27.39 -40.55
N CYS D 63 -50.07 -27.41 -41.74
CA CYS D 63 -50.78 -27.50 -43.00
C CYS D 63 -51.80 -26.37 -43.19
N GLY D 64 -51.69 -25.33 -42.37
CA GLY D 64 -52.63 -24.22 -42.33
C GLY D 64 -51.88 -23.02 -41.79
N THR D 65 -52.54 -21.87 -41.82
CA THR D 65 -51.89 -20.63 -41.45
C THR D 65 -52.72 -19.88 -40.41
N ALA D 66 -52.03 -19.16 -39.54
CA ALA D 66 -52.68 -18.37 -38.50
C ALA D 66 -52.87 -16.94 -39.00
N GLU D 67 -53.30 -16.06 -38.11
CA GLU D 67 -53.59 -14.69 -38.50
C GLU D 67 -53.50 -13.80 -37.26
N CYS D 68 -53.10 -12.56 -37.47
CA CYS D 68 -52.98 -11.57 -36.41
C CYS D 68 -54.26 -10.75 -36.31
N LYS D 69 -54.87 -10.77 -35.12
CA LYS D 69 -56.03 -9.94 -34.81
C LYS D 69 -55.60 -8.90 -33.78
N ASP D 70 -55.85 -7.63 -34.09
CA ASP D 70 -55.36 -6.56 -33.23
C ASP D 70 -55.97 -6.66 -31.85
N LYS D 71 -55.16 -6.34 -30.84
CA LYS D 71 -55.57 -6.33 -29.45
C LYS D 71 -55.39 -4.93 -28.89
N SER D 72 -56.42 -4.42 -28.20
CA SER D 72 -56.37 -3.09 -27.62
C SER D 72 -55.67 -3.14 -26.27
N LEU D 73 -54.39 -3.46 -26.32
CA LEU D 73 -53.55 -3.58 -25.14
C LEU D 73 -52.28 -2.77 -25.33
N PRO D 74 -51.63 -2.38 -24.24
CA PRO D 74 -50.43 -1.53 -24.36
C PRO D 74 -49.30 -2.26 -25.06
N ASP D 75 -48.73 -1.62 -26.07
CA ASP D 75 -47.56 -2.13 -26.79
C ASP D 75 -47.77 -3.58 -27.23
N TYR D 76 -49.02 -3.99 -27.42
CA TYR D 76 -49.28 -5.34 -27.89
C TYR D 76 -48.65 -5.54 -29.25
N SER D 77 -48.02 -6.71 -29.44
CA SER D 77 -47.37 -7.01 -30.69
C SER D 77 -47.62 -8.46 -31.05
N CYS D 78 -47.54 -8.76 -32.34
CA CYS D 78 -47.75 -10.10 -32.85
C CYS D 78 -46.89 -10.31 -34.08
N LYS D 79 -46.72 -11.58 -34.45
CA LYS D 79 -45.98 -11.94 -35.64
C LYS D 79 -46.31 -13.38 -35.99
N VAL D 80 -45.98 -13.74 -37.24
CA VAL D 80 -46.15 -15.09 -37.73
C VAL D 80 -44.88 -15.51 -38.46
N PHE D 81 -44.68 -16.82 -38.53
CA PHE D 81 -43.53 -17.40 -39.21
C PHE D 81 -43.95 -18.71 -39.85
N THR D 82 -43.18 -19.15 -40.84
CA THR D 82 -43.52 -20.32 -41.63
C THR D 82 -42.29 -21.18 -41.81
N GLY D 83 -42.53 -22.47 -42.07
CA GLY D 83 -41.46 -23.42 -42.31
C GLY D 83 -40.81 -23.97 -41.06
N VAL D 84 -41.28 -23.59 -39.88
CA VAL D 84 -40.68 -24.06 -38.64
C VAL D 84 -41.15 -25.49 -38.37
N TYR D 85 -40.21 -26.34 -37.97
CA TYR D 85 -40.47 -27.76 -37.75
C TYR D 85 -40.03 -28.11 -36.33
N PRO D 86 -40.80 -27.69 -35.33
CA PRO D 86 -40.37 -27.89 -33.94
C PRO D 86 -40.33 -29.36 -33.56
N PHE D 87 -39.45 -29.66 -32.62
CA PHE D 87 -39.31 -31.00 -32.07
C PHE D 87 -39.49 -30.95 -30.56
N MET D 88 -40.21 -31.91 -30.03
CA MET D 88 -40.39 -32.06 -28.59
C MET D 88 -39.66 -33.33 -28.11
N TRP D 89 -39.84 -33.66 -26.84
CA TRP D 89 -39.12 -34.79 -26.26
C TRP D 89 -39.45 -36.08 -26.98
N GLY D 90 -40.73 -36.33 -27.25
CA GLY D 90 -41.14 -37.58 -27.86
C GLY D 90 -40.97 -37.64 -29.36
N GLY D 91 -40.59 -36.54 -29.99
CA GLY D 91 -40.36 -36.49 -31.42
C GLY D 91 -40.89 -35.20 -31.99
N ALA D 92 -41.06 -35.18 -33.30
CA ALA D 92 -41.61 -34.01 -33.97
C ALA D 92 -43.02 -33.74 -33.48
N TYR D 93 -43.34 -32.45 -33.35
CA TYR D 93 -44.69 -32.07 -32.96
C TYR D 93 -45.70 -32.59 -33.97
N CYS D 94 -45.38 -32.45 -35.25
CA CYS D 94 -46.32 -32.73 -36.33
C CYS D 94 -45.58 -33.02 -37.63
N PHE D 95 -46.34 -33.49 -38.63
CA PHE D 95 -45.71 -34.03 -39.84
C PHE D 95 -45.43 -32.94 -40.87
N CYS D 96 -46.33 -31.97 -41.02
CA CYS D 96 -46.19 -31.01 -42.12
C CYS D 96 -44.80 -30.37 -42.05
N ASP D 97 -43.96 -30.72 -43.01
CA ASP D 97 -42.54 -30.42 -42.94
C ASP D 97 -42.29 -28.92 -43.02
N ALA D 98 -42.97 -28.24 -43.95
CA ALA D 98 -42.81 -26.81 -44.13
C ALA D 98 -44.13 -26.07 -44.27
N GLU D 99 -45.25 -26.77 -44.47
CA GLU D 99 -46.55 -26.13 -44.57
C GLU D 99 -47.02 -25.56 -43.24
N ASN D 100 -46.36 -25.91 -42.14
CA ASN D 100 -46.78 -25.49 -40.82
C ASN D 100 -46.45 -24.01 -40.59
N THR D 101 -47.08 -23.44 -39.58
CA THR D 101 -46.91 -22.02 -39.26
C THR D 101 -46.93 -21.83 -37.75
N GLN D 102 -46.41 -20.68 -37.34
CA GLN D 102 -46.34 -20.30 -35.93
C GLN D 102 -46.82 -18.86 -35.80
N LEU D 103 -47.74 -18.64 -34.87
CA LEU D 103 -48.19 -17.30 -34.52
C LEU D 103 -47.77 -17.02 -33.08
N SER D 104 -47.18 -15.86 -32.86
CA SER D 104 -46.76 -15.44 -31.53
C SER D 104 -47.25 -14.03 -31.28
N GLU D 105 -47.47 -13.71 -30.00
CA GLU D 105 -47.84 -12.35 -29.63
C GLU D 105 -47.50 -12.14 -28.16
N ALA D 106 -47.42 -10.87 -27.77
CA ALA D 106 -47.02 -10.53 -26.42
C ALA D 106 -47.49 -9.12 -26.10
N HIS D 107 -47.56 -8.83 -24.80
CA HIS D 107 -47.83 -7.47 -24.35
C HIS D 107 -47.13 -7.25 -23.02
N VAL D 108 -47.25 -6.04 -22.51
CA VAL D 108 -46.56 -5.61 -21.30
C VAL D 108 -47.58 -4.98 -20.35
N GLU D 109 -47.48 -5.32 -19.08
CA GLU D 109 -48.40 -4.85 -18.06
C GLU D 109 -47.62 -4.39 -16.83
N LYS D 110 -48.35 -3.77 -15.91
CA LYS D 110 -47.78 -3.31 -14.66
C LYS D 110 -47.55 -4.50 -13.73
N SER D 111 -46.55 -4.36 -12.86
CA SER D 111 -46.19 -5.40 -11.90
C SER D 111 -46.86 -5.14 -10.56
N GLU D 112 -47.25 -6.23 -9.90
CA GLU D 112 -47.85 -6.10 -8.57
C GLU D 112 -46.85 -5.48 -7.60
N SER D 113 -45.56 -5.65 -7.86
CA SER D 113 -44.55 -5.01 -7.03
C SER D 113 -44.72 -3.50 -7.00
N CYS D 114 -45.34 -2.94 -8.03
CA CYS D 114 -45.59 -1.50 -8.05
C CYS D 114 -46.36 -1.06 -6.81
N LYS D 115 -47.22 -1.93 -6.29
CA LYS D 115 -48.02 -1.55 -5.13
C LYS D 115 -47.16 -1.29 -3.90
N THR D 116 -45.91 -1.72 -3.91
CA THR D 116 -45.01 -1.56 -2.78
C THR D 116 -43.81 -0.69 -3.12
N GLU D 117 -43.18 -0.92 -4.26
CA GLU D 117 -41.98 -0.19 -4.67
C GLU D 117 -42.26 0.51 -5.99
N PHE D 118 -41.84 1.77 -6.08
CA PHE D 118 -42.10 2.59 -7.25
C PHE D 118 -41.41 3.92 -7.06
N ALA D 119 -41.44 4.74 -8.12
CA ALA D 119 -40.90 6.09 -8.09
C ALA D 119 -41.97 7.04 -8.58
N SER D 120 -42.19 8.13 -7.84
CA SER D 120 -43.30 9.02 -8.10
C SER D 120 -42.79 10.41 -8.48
N ALA D 121 -43.33 10.95 -9.56
CA ALA D 121 -42.94 12.26 -10.08
C ALA D 121 -44.04 13.26 -9.75
N TYR D 122 -43.63 14.35 -9.09
CA TYR D 122 -44.52 15.43 -8.70
C TYR D 122 -44.06 16.74 -9.33
N ARG D 123 -44.97 17.71 -9.35
CA ARG D 123 -44.71 19.02 -9.91
C ARG D 123 -44.84 20.09 -8.83
N ALA D 124 -44.27 19.83 -7.65
CA ALA D 124 -44.33 20.80 -6.57
C ALA D 124 -43.72 22.13 -7.01
N HIS D 125 -44.41 23.22 -6.70
CA HIS D 125 -44.00 24.55 -7.15
C HIS D 125 -43.71 25.49 -5.99
N THR D 126 -44.65 25.66 -5.08
CA THR D 126 -44.53 26.60 -3.97
C THR D 126 -44.35 25.82 -2.66
N ALA D 127 -44.31 26.55 -1.56
CA ALA D 127 -44.10 25.93 -0.25
C ALA D 127 -44.59 26.86 0.83
N SER D 128 -44.75 26.28 2.03
CA SER D 128 -45.10 27.02 3.24
C SER D 128 -44.06 26.70 4.31
N ALA D 129 -43.94 27.62 5.26
CA ALA D 129 -42.89 27.57 6.27
C ALA D 129 -43.49 27.35 7.66
N SER D 130 -42.91 26.42 8.40
CA SER D 130 -43.24 26.20 9.80
C SER D 130 -41.95 26.09 10.58
N ALA D 131 -41.98 26.51 11.85
CA ALA D 131 -40.76 26.65 12.62
C ALA D 131 -41.04 26.45 14.10
N LYS D 132 -39.95 26.13 14.81
CA LYS D 132 -39.94 25.88 16.25
C LYS D 132 -38.99 26.86 16.91
N LEU D 133 -39.45 27.49 17.99
CA LEU D 133 -38.68 28.49 18.70
C LEU D 133 -38.60 28.15 20.18
N ARG D 134 -37.48 28.51 20.79
CA ARG D 134 -37.29 28.41 22.23
C ARG D 134 -37.03 29.81 22.76
N VAL D 135 -37.79 30.19 23.79
CA VAL D 135 -37.76 31.55 24.32
C VAL D 135 -37.51 31.48 25.82
N LEU D 136 -36.60 32.32 26.30
CA LEU D 136 -36.36 32.46 27.74
C LEU D 136 -37.32 33.51 28.28
N TYR D 137 -38.34 33.05 29.00
CA TYR D 137 -39.37 33.92 29.54
C TYR D 137 -39.48 33.68 31.03
N GLN D 138 -39.44 34.75 31.82
CA GLN D 138 -39.58 34.66 33.28
C GLN D 138 -38.65 33.59 33.84
N GLY D 139 -37.43 33.54 33.30
CA GLY D 139 -36.45 32.59 33.78
C GLY D 139 -36.79 31.14 33.51
N ASN D 140 -37.34 30.84 32.34
CA ASN D 140 -37.55 29.45 31.95
C ASN D 140 -37.63 29.36 30.44
N ASN D 141 -37.13 28.25 29.90
CA ASN D 141 -37.18 27.99 28.47
C ASN D 141 -38.56 27.46 28.11
N ILE D 142 -39.15 28.05 27.07
CA ILE D 142 -40.49 27.69 26.61
C ILE D 142 -40.44 27.43 25.12
N THR D 143 -41.14 26.39 24.67
CA THR D 143 -41.15 25.99 23.28
C THR D 143 -42.43 26.48 22.61
N VAL D 144 -42.28 26.95 21.37
CA VAL D 144 -43.39 27.42 20.57
C VAL D 144 -43.24 26.88 19.15
N ALA D 145 -44.37 26.62 18.51
CA ALA D 145 -44.39 26.13 17.13
C ALA D 145 -45.39 26.95 16.34
N ALA D 146 -45.00 27.37 15.14
CA ALA D 146 -45.93 28.18 14.35
C ALA D 146 -45.50 28.24 12.90
N TYR D 147 -46.46 28.55 12.04
CA TYR D 147 -46.19 28.69 10.62
C TYR D 147 -45.41 29.97 10.37
N ALA D 148 -44.22 29.85 9.79
CA ALA D 148 -43.33 30.99 9.59
C ALA D 148 -43.66 31.71 8.29
N ASN D 149 -44.89 32.19 8.20
CA ASN D 149 -45.34 32.93 7.02
C ASN D 149 -46.01 34.25 7.38
N GLY D 150 -45.84 34.73 8.61
CA GLY D 150 -46.40 36.00 9.00
C GLY D 150 -47.89 36.00 9.25
N ASP D 151 -48.53 34.83 9.27
CA ASP D 151 -49.97 34.72 9.49
C ASP D 151 -50.33 34.05 10.80
N HIS D 152 -49.75 32.90 11.09
CA HIS D 152 -50.10 32.16 12.29
C HIS D 152 -49.70 32.94 13.53
N ALA D 153 -50.65 33.09 14.45
CA ALA D 153 -50.41 33.71 15.74
C ALA D 153 -50.64 32.67 16.84
N VAL D 154 -49.75 32.64 17.82
CA VAL D 154 -49.77 31.60 18.85
C VAL D 154 -49.73 32.26 20.22
N THR D 155 -50.61 31.82 21.10
CA THR D 155 -50.67 32.34 22.46
C THR D 155 -49.99 31.36 23.41
N VAL D 156 -49.09 31.87 24.25
CA VAL D 156 -48.40 31.05 25.23
C VAL D 156 -48.10 31.90 26.45
N LYS D 157 -48.47 31.39 27.63
CA LYS D 157 -48.17 32.06 28.89
C LYS D 157 -48.61 33.51 28.85
N ASP D 158 -49.80 33.75 28.30
CA ASP D 158 -50.47 35.05 28.26
C ASP D 158 -49.89 35.98 27.22
N ALA D 159 -48.91 35.55 26.42
CA ALA D 159 -48.26 36.41 25.44
C ALA D 159 -48.51 35.89 24.03
N LYS D 160 -48.64 36.82 23.09
CA LYS D 160 -48.96 36.48 21.71
C LYS D 160 -47.71 36.62 20.84
N PHE D 161 -47.33 35.53 20.18
CA PHE D 161 -46.19 35.49 19.29
C PHE D 161 -46.66 35.38 17.84
N VAL D 162 -46.06 36.17 16.96
CA VAL D 162 -46.28 36.04 15.53
C VAL D 162 -44.92 36.00 14.85
N VAL D 163 -44.75 35.06 13.92
CA VAL D 163 -43.48 34.80 13.27
C VAL D 163 -43.68 34.89 11.76
N GLY D 164 -42.60 35.23 11.06
CA GLY D 164 -42.62 35.33 9.63
C GLY D 164 -43.19 36.66 9.17
N PRO D 165 -43.37 36.81 7.87
CA PRO D 165 -43.08 35.82 6.82
C PRO D 165 -41.60 35.70 6.50
N MET D 166 -41.21 34.58 5.90
CA MET D 166 -39.83 34.38 5.50
C MET D 166 -39.36 35.50 4.61
N SER D 167 -38.20 36.07 4.93
CA SER D 167 -37.67 37.17 4.14
C SER D 167 -37.36 36.71 2.71
N SER D 168 -36.78 35.52 2.57
CA SER D 168 -36.38 34.99 1.28
C SER D 168 -37.38 33.93 0.83
N ALA D 169 -37.79 34.01 -0.43
CA ALA D 169 -38.66 33.01 -1.02
C ALA D 169 -37.87 31.86 -1.65
N TRP D 170 -36.55 31.87 -1.50
CA TRP D 170 -35.73 30.83 -2.10
C TRP D 170 -36.08 29.47 -1.51
N THR D 171 -36.00 28.45 -2.35
CA THR D 171 -36.22 27.07 -1.95
C THR D 171 -35.16 26.19 -2.56
N PRO D 172 -34.83 25.06 -1.91
CA PRO D 172 -33.94 24.09 -2.56
C PRO D 172 -34.63 23.22 -3.58
N PHE D 173 -35.96 23.17 -3.55
CA PHE D 173 -36.70 22.29 -4.44
C PHE D 173 -36.76 22.89 -5.84
N ASP D 174 -37.54 22.24 -6.71
CA ASP D 174 -37.72 22.66 -8.09
C ASP D 174 -39.14 22.34 -8.51
N ASN D 175 -39.58 23.00 -9.59
CA ASN D 175 -40.94 22.80 -10.07
C ASN D 175 -41.27 21.34 -10.24
N LYS D 176 -40.33 20.56 -10.77
CA LYS D 176 -40.53 19.14 -11.03
C LYS D 176 -39.52 18.34 -10.21
N ILE D 177 -40.01 17.32 -9.52
CA ILE D 177 -39.17 16.49 -8.66
C ILE D 177 -39.62 15.04 -8.77
N VAL D 178 -38.69 14.13 -8.50
CA VAL D 178 -38.96 12.70 -8.52
C VAL D 178 -38.51 12.11 -7.19
N VAL D 179 -39.36 11.30 -6.57
CA VAL D 179 -39.13 10.79 -5.24
C VAL D 179 -39.13 9.26 -5.28
N TYR D 180 -38.11 8.66 -4.68
CA TYR D 180 -38.04 7.24 -4.41
C TYR D 180 -38.62 6.99 -3.02
N LYS D 181 -38.39 5.80 -2.47
CA LYS D 181 -38.92 5.44 -1.17
C LYS D 181 -38.56 6.50 -0.12
N GLY D 182 -37.31 6.93 -0.09
CA GLY D 182 -36.86 7.88 0.90
C GLY D 182 -35.86 8.88 0.37
N ASP D 183 -35.82 9.05 -0.94
CA ASP D 183 -34.87 9.95 -1.58
C ASP D 183 -35.62 10.85 -2.54
N VAL D 184 -35.07 12.04 -2.75
CA VAL D 184 -35.67 13.06 -3.60
C VAL D 184 -34.63 13.53 -4.61
N TYR D 185 -35.07 13.81 -5.83
CA TYR D 185 -34.18 14.21 -6.91
C TYR D 185 -34.81 15.33 -7.71
N ASN D 186 -34.00 16.35 -7.99
CA ASN D 186 -34.37 17.41 -8.91
C ASN D 186 -34.01 16.94 -10.32
N MET D 187 -35.03 16.70 -11.15
CA MET D 187 -34.80 16.08 -12.44
C MET D 187 -36.06 16.22 -13.26
N ASP D 188 -35.91 16.65 -14.51
CA ASP D 188 -37.03 16.98 -15.38
C ASP D 188 -37.47 15.69 -16.05
N TYR D 189 -38.54 15.10 -15.54
CA TYR D 189 -39.06 13.87 -16.11
C TYR D 189 -39.69 14.14 -17.47
N PRO D 190 -39.70 13.15 -18.36
CA PRO D 190 -40.34 13.34 -19.65
C PRO D 190 -41.85 13.50 -19.48
N PRO D 191 -42.52 14.17 -20.40
CA PRO D 191 -43.97 14.33 -20.28
C PRO D 191 -44.69 13.00 -20.34
N PHE D 192 -45.82 12.93 -19.66
CA PHE D 192 -46.59 11.70 -19.62
C PHE D 192 -46.99 11.28 -21.03
N GLY D 193 -46.90 9.97 -21.29
CA GLY D 193 -47.26 9.44 -22.59
C GLY D 193 -46.18 9.54 -23.64
N ALA D 194 -44.98 10.01 -23.28
CA ALA D 194 -43.87 10.16 -24.21
C ALA D 194 -42.60 9.56 -23.62
N GLY D 195 -42.75 8.50 -22.83
CA GLY D 195 -41.59 7.90 -22.19
C GLY D 195 -40.59 7.41 -23.21
N ARG D 196 -39.32 7.70 -22.97
CA ARG D 196 -38.24 7.25 -23.84
C ARG D 196 -37.69 5.93 -23.32
N PRO D 197 -37.65 4.89 -24.13
CA PRO D 197 -37.22 3.58 -23.61
C PRO D 197 -35.80 3.63 -23.07
N GLY D 198 -35.56 2.88 -22.01
CA GLY D 198 -34.26 2.85 -21.37
C GLY D 198 -34.00 4.02 -20.46
N GLN D 199 -34.99 4.88 -20.21
CA GLN D 199 -34.82 6.04 -19.37
C GLN D 199 -36.00 6.13 -18.40
N PHE D 200 -35.85 7.00 -17.41
CA PHE D 200 -36.93 7.21 -16.46
C PHE D 200 -38.20 7.63 -17.18
N GLY D 201 -39.33 7.11 -16.73
CA GLY D 201 -40.59 7.33 -17.40
C GLY D 201 -40.88 6.37 -18.53
N ASP D 202 -40.04 5.36 -18.72
CA ASP D 202 -40.27 4.38 -19.78
C ASP D 202 -41.65 3.74 -19.69
N ILE D 203 -42.15 3.53 -18.48
CA ILE D 203 -43.55 3.16 -18.26
C ILE D 203 -44.20 4.21 -17.39
N GLN D 204 -45.40 4.62 -17.77
CA GLN D 204 -46.14 5.66 -17.08
C GLN D 204 -47.44 5.08 -16.55
N SER D 205 -47.73 5.35 -15.28
CA SER D 205 -49.00 4.98 -14.67
C SER D 205 -49.53 6.16 -13.87
N ARG D 206 -50.83 6.42 -14.02
CA ARG D 206 -51.43 7.53 -13.29
C ARG D 206 -51.35 7.31 -11.79
N THR D 207 -51.64 6.10 -11.34
CA THR D 207 -51.61 5.76 -9.92
C THR D 207 -51.16 4.32 -9.77
N PRO D 208 -50.70 3.93 -8.58
CA PRO D 208 -50.27 2.54 -8.39
C PRO D 208 -51.36 1.53 -8.62
N GLU D 209 -52.63 1.92 -8.49
CA GLU D 209 -53.75 1.00 -8.62
C GLU D 209 -54.49 1.13 -9.93
N SER D 210 -54.36 2.26 -10.64
CA SER D 210 -55.06 2.43 -11.89
C SER D 210 -54.66 1.35 -12.88
N LYS D 211 -55.65 0.72 -13.51
CA LYS D 211 -55.37 -0.35 -14.45
C LYS D 211 -54.77 0.19 -15.74
N ASP D 212 -55.25 1.33 -16.21
CA ASP D 212 -54.74 1.90 -17.44
C ASP D 212 -53.28 2.32 -17.27
N VAL D 213 -52.49 2.12 -18.33
CA VAL D 213 -51.07 2.43 -18.32
C VAL D 213 -50.66 2.85 -19.73
N TYR D 214 -49.42 3.31 -19.84
CA TYR D 214 -48.82 3.65 -21.13
C TYR D 214 -47.42 3.06 -21.17
N ALA D 215 -47.00 2.61 -22.35
CA ALA D 215 -45.73 1.93 -22.49
C ALA D 215 -45.11 2.24 -23.84
N ASN D 216 -43.79 2.07 -23.91
CA ASN D 216 -43.04 2.25 -25.15
C ASN D 216 -41.80 1.38 -25.03
N THR D 217 -41.84 0.19 -25.64
CA THR D 217 -40.80 -0.79 -25.43
C THR D 217 -40.37 -1.54 -26.70
N GLN D 218 -40.85 -1.15 -27.87
CA GLN D 218 -40.33 -1.69 -29.13
C GLN D 218 -40.32 -3.22 -29.11
N LEU D 219 -41.44 -3.81 -28.67
CA LEU D 219 -41.54 -5.25 -28.55
C LEU D 219 -41.62 -5.85 -29.95
N VAL D 220 -40.48 -6.33 -30.45
CA VAL D 220 -40.38 -6.95 -31.76
C VAL D 220 -40.06 -8.42 -31.57
N LEU D 221 -40.77 -9.28 -32.27
CA LEU D 221 -40.54 -10.71 -32.21
C LEU D 221 -39.49 -11.13 -33.22
N GLN D 222 -39.07 -12.39 -33.12
CA GLN D 222 -38.06 -12.94 -34.01
C GLN D 222 -38.44 -14.36 -34.39
N ARG D 223 -37.86 -14.83 -35.48
CA ARG D 223 -38.11 -16.20 -35.91
C ARG D 223 -37.54 -17.16 -34.88
N PRO D 224 -38.33 -18.15 -34.43
CA PRO D 224 -37.82 -19.07 -33.41
C PRO D 224 -36.70 -19.94 -33.94
N ALA D 225 -35.84 -20.39 -33.03
CA ALA D 225 -34.74 -21.26 -33.40
C ALA D 225 -35.27 -22.53 -34.05
N ALA D 226 -34.64 -22.93 -35.15
CA ALA D 226 -35.09 -24.09 -35.88
C ALA D 226 -34.98 -25.35 -35.02
N GLY D 227 -35.94 -26.25 -35.18
CA GLY D 227 -35.94 -27.50 -34.46
C GLY D 227 -36.41 -27.41 -33.03
N THR D 228 -36.87 -26.24 -32.59
CA THR D 228 -37.31 -26.05 -31.22
C THR D 228 -38.65 -25.32 -31.22
N VAL D 229 -39.40 -25.54 -30.14
CA VAL D 229 -40.66 -24.84 -29.91
C VAL D 229 -40.44 -23.89 -28.74
N HIS D 230 -40.64 -22.60 -29.00
CA HIS D 230 -40.39 -21.57 -28.01
C HIS D 230 -40.80 -20.24 -28.65
N VAL D 231 -40.85 -19.19 -27.82
CA VAL D 231 -41.13 -17.84 -28.28
C VAL D 231 -39.95 -16.96 -27.97
N PRO D 232 -39.29 -16.36 -28.95
CA PRO D 232 -38.33 -15.29 -28.67
C PRO D 232 -39.02 -13.94 -28.61
N TYR D 233 -38.46 -13.06 -27.79
CA TYR D 233 -38.98 -11.71 -27.72
C TYR D 233 -37.81 -10.74 -27.68
N SER D 234 -37.96 -9.62 -28.39
CA SER D 234 -37.07 -8.49 -28.23
C SER D 234 -37.73 -7.47 -27.31
N GLN D 235 -37.84 -7.87 -26.04
CA GLN D 235 -38.35 -6.98 -25.01
C GLN D 235 -37.33 -5.89 -24.72
N ALA D 236 -37.80 -4.65 -24.69
CA ALA D 236 -36.91 -3.56 -24.38
C ALA D 236 -36.47 -3.67 -22.91
N PRO D 237 -35.17 -3.48 -22.63
CA PRO D 237 -34.74 -3.43 -21.23
C PRO D 237 -35.43 -2.31 -20.48
N SER D 238 -35.70 -2.58 -19.20
CA SER D 238 -36.49 -1.66 -18.39
C SER D 238 -35.62 -0.48 -17.96
N GLY D 239 -36.00 0.71 -18.39
CA GLY D 239 -35.25 1.90 -18.01
C GLY D 239 -35.46 2.28 -16.56
N PHE D 240 -36.58 1.86 -15.97
CA PHE D 240 -36.87 2.25 -14.59
C PHE D 240 -35.86 1.63 -13.63
N LYS D 241 -35.76 0.31 -13.63
CA LYS D 241 -34.77 -0.35 -12.78
C LYS D 241 -33.39 0.24 -12.99
N TYR D 242 -33.05 0.53 -14.24
CA TYR D 242 -31.73 1.06 -14.56
C TYR D 242 -31.51 2.43 -13.93
N TRP D 243 -32.52 3.32 -14.01
CA TRP D 243 -32.37 4.65 -13.44
C TRP D 243 -32.02 4.57 -11.96
N LEU D 244 -32.52 3.54 -11.28
CA LEU D 244 -32.13 3.33 -9.89
C LEU D 244 -30.64 3.05 -9.78
N LYS D 245 -30.04 2.53 -10.85
CA LYS D 245 -28.61 2.22 -10.81
C LYS D 245 -27.77 3.47 -10.99
N GLU D 246 -28.23 4.43 -11.80
CA GLU D 246 -27.52 5.68 -12.02
C GLU D 246 -28.25 6.88 -11.41
N ARG D 247 -28.84 6.72 -10.23
CA ARG D 247 -29.60 7.82 -9.66
C ARG D 247 -28.73 9.07 -9.49
N GLY D 248 -27.54 8.89 -8.94
CA GLY D 248 -26.67 10.01 -8.66
C GLY D 248 -26.89 10.55 -7.25
N ALA D 249 -26.26 11.71 -7.01
CA ALA D 249 -26.31 12.32 -5.69
C ALA D 249 -27.72 12.79 -5.36
N SER D 250 -28.15 12.52 -4.13
CA SER D 250 -29.43 13.01 -3.66
C SER D 250 -29.38 14.50 -3.36
N LEU D 251 -30.55 15.11 -3.28
CA LEU D 251 -30.63 16.54 -3.02
C LEU D 251 -30.21 16.89 -1.60
N GLN D 252 -30.15 15.93 -0.68
CA GLN D 252 -29.76 16.28 0.68
C GLN D 252 -28.29 16.66 0.72
N HIS D 253 -27.54 16.27 -0.32
CA HIS D 253 -26.16 16.69 -0.48
C HIS D 253 -25.98 17.81 -1.49
N THR D 254 -26.84 17.90 -2.50
CA THR D 254 -26.70 18.92 -3.52
C THR D 254 -27.46 20.20 -3.20
N ALA D 255 -28.21 20.23 -2.11
CA ALA D 255 -28.99 21.40 -1.78
C ALA D 255 -28.09 22.51 -1.24
N PRO D 256 -28.06 23.68 -1.87
CA PRO D 256 -27.35 24.80 -1.25
C PRO D 256 -27.95 25.15 0.09
N PHE D 257 -27.09 25.54 1.03
CA PHE D 257 -27.44 25.82 2.41
C PHE D 257 -27.82 24.56 3.17
N GLY D 258 -27.66 23.38 2.58
CA GLY D 258 -27.80 22.14 3.31
C GLY D 258 -29.12 21.96 4.02
N CYS D 259 -30.22 22.28 3.35
CA CYS D 259 -31.54 22.13 3.95
C CYS D 259 -31.88 20.65 4.01
N GLN D 260 -31.84 20.08 5.21
CA GLN D 260 -32.10 18.65 5.36
C GLN D 260 -33.49 18.32 4.85
N ILE D 261 -33.60 17.21 4.13
CA ILE D 261 -34.83 16.83 3.44
C ILE D 261 -35.35 15.54 4.03
N ALA D 262 -36.64 15.51 4.33
CA ALA D 262 -37.33 14.35 4.86
C ALA D 262 -38.43 13.93 3.88
N THR D 263 -39.25 12.98 4.30
CA THR D 263 -40.33 12.47 3.47
C THR D 263 -41.51 12.10 4.35
N ASN D 264 -42.65 11.84 3.71
CA ASN D 264 -43.91 11.53 4.37
C ASN D 264 -44.11 12.39 5.61
N PRO D 265 -44.31 13.70 5.43
CA PRO D 265 -44.32 14.45 4.18
C PRO D 265 -42.93 14.92 3.76
N VAL D 266 -42.77 15.40 2.53
CA VAL D 266 -41.49 15.90 2.06
C VAL D 266 -41.31 17.32 2.57
N ARG D 267 -40.24 17.56 3.32
CA ARG D 267 -39.93 18.87 3.84
C ARG D 267 -38.45 19.14 3.68
N ALA D 268 -38.10 20.43 3.60
CA ALA D 268 -36.72 20.88 3.63
C ALA D 268 -36.51 21.67 4.91
N VAL D 269 -35.52 21.27 5.70
CA VAL D 269 -35.38 21.79 7.06
C VAL D 269 -33.95 22.21 7.32
N ASN D 270 -33.79 23.19 8.20
CA ASN D 270 -32.49 23.61 8.71
C ASN D 270 -31.59 24.11 7.58
N CYS D 271 -32.03 25.17 6.93
CA CYS D 271 -31.22 25.90 5.96
C CYS D 271 -31.26 27.38 6.31
N ALA D 272 -30.09 27.98 6.40
CA ALA D 272 -29.96 29.37 6.83
C ALA D 272 -29.98 30.28 5.62
N VAL D 273 -31.08 31.01 5.45
CA VAL D 273 -31.23 31.96 4.35
C VAL D 273 -32.16 33.07 4.80
N GLY D 274 -31.75 34.31 4.58
CA GLY D 274 -32.60 35.43 4.95
C GLY D 274 -32.70 35.59 6.45
N ASN D 275 -33.82 36.21 6.86
CA ASN D 275 -34.08 36.46 8.26
C ASN D 275 -35.58 36.34 8.51
N ILE D 276 -35.96 36.47 9.78
CA ILE D 276 -37.33 36.28 10.22
C ILE D 276 -37.79 37.49 11.02
N PRO D 277 -38.97 38.04 10.75
CA PRO D 277 -39.54 39.05 11.65
C PRO D 277 -40.45 38.41 12.68
N ILE D 278 -40.31 38.88 13.92
CA ILE D 278 -41.08 38.36 15.05
C ILE D 278 -41.72 39.52 15.79
N SER D 279 -43.02 39.42 16.02
CA SER D 279 -43.76 40.41 16.79
C SER D 279 -44.34 39.73 18.02
N ILE D 280 -44.03 40.28 19.19
CA ILE D 280 -44.44 39.70 20.47
C ILE D 280 -45.26 40.75 21.21
N ASP D 281 -46.50 40.39 21.53
CA ASP D 281 -47.34 41.17 22.42
C ASP D 281 -47.20 40.56 23.81
N ILE D 282 -46.61 41.30 24.72
CA ILE D 282 -46.26 40.83 26.06
C ILE D 282 -47.15 41.54 27.06
N PRO D 283 -47.97 40.83 27.83
CA PRO D 283 -48.77 41.51 28.87
C PRO D 283 -47.87 42.19 29.90
N ASP D 284 -48.39 43.28 30.47
CA ASP D 284 -47.64 44.07 31.44
C ASP D 284 -47.34 43.31 32.72
N ALA D 285 -48.00 42.17 32.96
CA ALA D 285 -47.76 41.42 34.18
C ALA D 285 -46.29 41.11 34.36
N ALA D 286 -45.62 40.67 33.30
CA ALA D 286 -44.19 40.41 33.38
C ALA D 286 -43.42 41.70 33.61
N PHE D 287 -43.89 42.80 33.04
CA PHE D 287 -43.21 44.08 33.23
C PHE D 287 -43.22 44.48 34.70
N THR D 288 -42.11 45.04 35.16
CA THR D 288 -41.95 45.49 36.54
C THR D 288 -41.55 46.95 36.54
N ARG D 289 -42.25 47.74 37.35
CA ARG D 289 -41.94 49.17 37.42
C ARG D 289 -40.50 49.38 37.89
N VAL D 290 -39.90 50.45 37.39
CA VAL D 290 -38.49 50.70 37.64
C VAL D 290 -38.22 50.77 39.14
N VAL D 291 -39.15 51.37 39.89
CA VAL D 291 -38.96 51.48 41.34
C VAL D 291 -38.82 50.11 41.97
N ASP D 292 -39.51 49.11 41.43
CA ASP D 292 -39.40 47.76 41.98
C ASP D 292 -37.98 47.24 41.87
N ALA D 293 -37.33 47.46 40.74
CA ALA D 293 -35.97 46.97 40.55
C ALA D 293 -35.02 47.68 41.50
N PRO D 294 -34.07 46.97 42.10
CA PRO D 294 -33.08 47.64 42.94
C PRO D 294 -32.21 48.57 42.11
N SER D 295 -31.75 49.64 42.74
CA SER D 295 -30.89 50.60 42.07
C SER D 295 -29.49 50.02 41.91
N VAL D 296 -28.63 50.78 41.25
CA VAL D 296 -27.25 50.36 41.01
C VAL D 296 -26.36 51.60 41.06
N THR D 297 -25.15 51.43 41.61
CA THR D 297 -24.21 52.53 41.73
C THR D 297 -22.82 51.96 41.92
N ASP D 298 -21.82 52.83 41.75
CA ASP D 298 -20.42 52.47 41.93
C ASP D 298 -20.04 51.32 40.98
N MET D 299 -20.14 51.61 39.69
CA MET D 299 -19.92 50.60 38.66
C MET D 299 -18.49 50.67 38.18
N SER D 300 -17.77 49.56 38.29
CA SER D 300 -16.41 49.43 37.77
C SER D 300 -16.32 48.15 36.98
N CYS D 301 -15.50 48.17 35.94
CA CYS D 301 -15.33 47.03 35.05
C CYS D 301 -13.86 46.69 34.92
N GLU D 302 -13.58 45.41 34.70
CA GLU D 302 -12.22 44.95 34.50
C GLU D 302 -12.27 43.65 33.71
N VAL D 303 -11.21 43.42 32.94
CA VAL D 303 -11.08 42.20 32.16
C VAL D 303 -9.76 41.53 32.50
N PRO D 304 -9.75 40.50 33.35
CA PRO D 304 -8.47 39.83 33.64
C PRO D 304 -7.83 39.25 32.40
N ALA D 305 -8.65 38.81 31.44
CA ALA D 305 -8.17 38.26 30.19
C ALA D 305 -9.36 38.00 29.29
N CYS D 306 -9.11 38.03 27.98
CA CYS D 306 -10.15 37.73 27.01
C CYS D 306 -9.50 37.13 25.77
N THR D 307 -10.30 36.38 25.01
CA THR D 307 -9.78 35.64 23.87
C THR D 307 -10.90 35.55 22.83
N HIS D 308 -10.80 36.39 21.81
CA HIS D 308 -11.79 36.38 20.74
C HIS D 308 -11.84 35.00 20.10
N SER D 309 -13.00 34.36 20.17
CA SER D 309 -13.16 33.01 19.68
C SER D 309 -14.64 32.78 19.39
N SER D 310 -14.93 31.63 18.79
CA SER D 310 -16.32 31.25 18.53
C SER D 310 -17.07 30.99 19.82
N ASP D 311 -16.36 30.74 20.91
CA ASP D 311 -16.98 30.45 22.20
C ASP D 311 -17.03 31.73 23.04
N PHE D 312 -17.43 31.58 24.30
CA PHE D 312 -17.48 32.70 25.25
C PHE D 312 -16.11 32.83 25.91
N GLY D 313 -15.13 33.20 25.07
CA GLY D 313 -13.76 33.27 25.53
C GLY D 313 -13.44 34.52 26.34
N GLY D 314 -14.38 35.46 26.41
CA GLY D 314 -14.17 36.68 27.17
C GLY D 314 -14.82 36.58 28.54
N VAL D 315 -14.09 37.05 29.56
CA VAL D 315 -14.59 37.08 30.93
C VAL D 315 -14.38 38.48 31.48
N ALA D 316 -15.42 39.05 32.07
CA ALA D 316 -15.36 40.40 32.61
C ALA D 316 -15.89 40.41 34.03
N ILE D 317 -15.14 41.05 34.92
CA ILE D 317 -15.52 41.18 36.33
C ILE D 317 -15.95 42.61 36.58
N ILE D 318 -17.13 42.78 37.15
CA ILE D 318 -17.69 44.10 37.41
C ILE D 318 -17.97 44.23 38.90
N LYS D 319 -17.53 45.35 39.47
CA LYS D 319 -17.86 45.72 40.83
C LYS D 319 -19.06 46.67 40.81
N TYR D 320 -20.07 46.34 41.60
CA TYR D 320 -21.34 47.05 41.58
C TYR D 320 -21.80 47.28 43.01
N THR D 321 -22.65 48.29 43.18
CA THR D 321 -23.33 48.55 44.44
C THR D 321 -24.79 48.84 44.14
N ALA D 322 -25.69 48.21 44.88
CA ALA D 322 -27.11 48.26 44.61
C ALA D 322 -27.87 48.57 45.89
N SER D 323 -29.13 49.01 45.70
CA SER D 323 -29.96 49.38 46.83
C SER D 323 -30.37 48.16 47.64
N LYS D 324 -30.83 47.10 46.97
CA LYS D 324 -31.42 45.97 47.65
C LYS D 324 -31.27 44.72 46.78
N LYS D 325 -31.50 43.57 47.39
CA LYS D 325 -31.45 42.31 46.65
C LYS D 325 -32.54 42.29 45.58
N GLY D 326 -32.17 41.83 44.39
CA GLY D 326 -33.15 41.70 43.33
C GLY D 326 -32.54 41.32 41.99
N LYS D 327 -33.38 40.81 41.10
CA LYS D 327 -32.92 40.47 39.76
C LYS D 327 -32.75 41.74 38.93
N CYS D 328 -31.86 41.66 37.94
CA CYS D 328 -31.62 42.78 37.05
C CYS D 328 -31.07 42.25 35.73
N ALA D 329 -31.60 42.76 34.64
CA ALA D 329 -31.18 42.32 33.32
C ALA D 329 -29.83 42.92 32.95
N VAL D 330 -29.15 42.25 32.04
CA VAL D 330 -27.84 42.68 31.54
C VAL D 330 -27.84 42.55 30.03
N HIS D 331 -27.21 43.52 29.35
CA HIS D 331 -27.21 43.52 27.90
C HIS D 331 -25.97 44.27 27.41
N SER D 332 -25.64 44.02 26.14
CA SER D 332 -24.63 44.78 25.43
C SER D 332 -25.29 45.46 24.25
N MET D 333 -25.13 46.78 24.15
CA MET D 333 -25.80 47.56 23.13
C MET D 333 -24.99 47.65 21.84
N THR D 334 -23.82 47.02 21.78
CA THR D 334 -23.02 46.95 20.57
C THR D 334 -23.13 45.55 19.98
N ASN D 335 -23.53 45.49 18.71
CA ASN D 335 -23.72 44.20 18.06
C ASN D 335 -22.42 43.44 17.89
N ALA D 336 -21.27 44.13 17.95
CA ALA D 336 -19.99 43.46 17.74
C ALA D 336 -19.67 42.47 18.84
N VAL D 337 -20.37 42.52 19.97
CA VAL D 337 -20.11 41.66 21.11
C VAL D 337 -21.44 41.11 21.61
N THR D 338 -21.40 39.87 22.11
CA THR D 338 -22.58 39.21 22.64
C THR D 338 -22.29 38.68 24.03
N ILE D 339 -23.33 38.60 24.85
CA ILE D 339 -23.22 38.12 26.23
C ILE D 339 -24.10 36.89 26.38
N ARG D 340 -23.51 35.81 26.92
CA ARG D 340 -24.26 34.59 27.13
C ARG D 340 -25.39 34.79 28.13
N GLU D 341 -25.12 35.49 29.22
CA GLU D 341 -26.09 35.65 30.29
C GLU D 341 -27.13 36.69 29.93
N ALA D 342 -28.32 36.53 30.51
CA ALA D 342 -29.44 37.43 30.28
C ALA D 342 -29.66 38.39 31.45
N ASP D 343 -29.76 37.86 32.66
CA ASP D 343 -29.95 38.66 33.87
C ASP D 343 -29.07 38.09 34.97
N VAL D 344 -29.16 38.70 36.15
CA VAL D 344 -28.38 38.26 37.29
C VAL D 344 -28.97 38.87 38.54
N GLU D 345 -28.78 38.20 39.67
CA GLU D 345 -29.19 38.73 40.96
C GLU D 345 -28.12 39.66 41.50
N VAL D 346 -28.56 40.76 42.10
CA VAL D 346 -27.67 41.76 42.67
C VAL D 346 -28.09 42.00 44.12
N GLU D 347 -27.13 41.93 45.02
CA GLU D 347 -27.39 42.08 46.45
C GLU D 347 -27.03 43.46 46.97
N GLY D 348 -25.97 44.07 46.44
CA GLY D 348 -25.52 45.36 46.92
C GLY D 348 -24.08 45.63 46.54
N ASN D 349 -23.28 46.08 47.50
CA ASN D 349 -21.87 46.37 47.26
C ASN D 349 -21.12 45.05 47.14
N SER D 350 -21.16 44.50 45.93
CA SER D 350 -20.54 43.21 45.64
C SER D 350 -19.95 43.27 44.25
N GLN D 351 -19.60 42.10 43.71
CA GLN D 351 -19.06 41.98 42.37
C GLN D 351 -19.74 40.83 41.65
N LEU D 352 -19.44 40.71 40.36
CA LEU D 352 -19.97 39.60 39.57
C LEU D 352 -19.07 39.38 38.37
N GLN D 353 -19.24 38.21 37.75
CA GLN D 353 -18.48 37.80 36.58
C GLN D 353 -19.43 37.48 35.45
N ILE D 354 -19.02 37.81 34.23
CA ILE D 354 -19.85 37.61 33.05
C ILE D 354 -18.99 37.04 31.92
N SER D 355 -19.56 36.07 31.20
CA SER D 355 -18.89 35.41 30.10
C SER D 355 -19.52 35.88 28.78
N PHE D 356 -18.67 36.33 27.86
CA PHE D 356 -19.11 36.96 26.63
C PHE D 356 -18.23 36.52 25.48
N SER D 357 -18.73 36.77 24.26
CA SER D 357 -18.02 36.47 23.04
C SER D 357 -17.87 37.75 22.21
N THR D 358 -16.71 37.89 21.58
CA THR D 358 -16.40 39.04 20.76
C THR D 358 -15.58 38.60 19.56
N ALA D 359 -15.33 39.56 18.67
CA ALA D 359 -14.47 39.33 17.52
C ALA D 359 -13.42 40.42 17.33
N LEU D 360 -13.56 41.56 17.99
CA LEU D 360 -12.57 42.62 17.86
C LEU D 360 -11.26 42.20 18.51
N ALA D 361 -10.15 42.60 17.90
CA ALA D 361 -8.85 42.34 18.51
C ALA D 361 -8.75 43.02 19.87
N SER D 362 -9.19 44.26 19.95
CA SER D 362 -9.33 44.98 21.22
C SER D 362 -10.82 45.23 21.45
N ALA D 363 -11.31 44.76 22.59
CA ALA D 363 -12.72 44.86 22.92
C ALA D 363 -12.95 46.10 23.77
N GLU D 364 -13.63 47.09 23.21
CA GLU D 364 -13.95 48.34 23.90
C GLU D 364 -15.44 48.58 23.74
N PHE D 365 -16.22 48.35 24.79
CA PHE D 365 -17.66 48.41 24.66
C PHE D 365 -18.31 48.84 25.96
N ARG D 366 -19.55 49.30 25.83
CA ARG D 366 -20.40 49.60 26.98
C ARG D 366 -21.26 48.39 27.30
N VAL D 367 -21.70 48.32 28.55
CA VAL D 367 -22.61 47.27 29.00
C VAL D 367 -23.72 47.92 29.81
N GLN D 368 -24.95 47.49 29.58
CA GLN D 368 -26.12 48.06 30.21
C GLN D 368 -26.67 47.08 31.25
N VAL D 369 -26.97 47.61 32.43
CA VAL D 369 -27.57 46.81 33.50
C VAL D 369 -28.28 47.76 34.46
N CYS D 370 -29.50 47.41 34.84
CA CYS D 370 -30.31 48.24 35.73
C CYS D 370 -30.37 49.68 35.21
N SER D 371 -30.53 49.81 33.89
CA SER D 371 -30.63 51.11 33.25
C SER D 371 -29.40 51.98 33.55
N THR D 372 -28.23 51.35 33.53
CA THR D 372 -26.97 52.06 33.75
C THR D 372 -25.90 51.47 32.84
N GLN D 373 -24.94 52.32 32.47
CA GLN D 373 -23.90 51.96 31.52
C GLN D 373 -22.55 51.86 32.23
N VAL D 374 -21.75 50.87 31.81
CA VAL D 374 -20.40 50.71 32.33
C VAL D 374 -19.47 50.40 31.16
N HIS D 375 -18.33 51.07 31.11
CA HIS D 375 -17.35 50.85 30.07
C HIS D 375 -16.53 49.59 30.35
N CYS D 376 -15.95 49.03 29.30
CA CYS D 376 -15.08 47.87 29.42
C CYS D 376 -14.09 47.87 28.28
N ALA D 377 -12.80 47.87 28.61
CA ALA D 377 -11.72 47.90 27.64
C ALA D 377 -10.76 46.76 27.92
N ALA D 378 -10.38 46.03 26.87
CA ALA D 378 -9.48 44.90 27.02
C ALA D 378 -8.83 44.60 25.67
N ALA D 379 -7.75 43.84 25.73
CA ALA D 379 -7.02 43.43 24.52
C ALA D 379 -7.04 41.90 24.45
N CYS D 380 -7.87 41.37 23.57
CA CYS D 380 -7.97 39.93 23.39
C CYS D 380 -6.77 39.41 22.60
N HIS D 381 -6.61 38.10 22.61
CA HIS D 381 -5.54 37.44 21.89
C HIS D 381 -6.11 36.31 21.04
N PRO D 382 -5.46 35.97 19.93
CA PRO D 382 -5.96 34.89 19.08
C PRO D 382 -5.83 33.54 19.75
N PRO D 383 -6.88 32.72 19.74
CA PRO D 383 -6.73 31.34 20.22
C PRO D 383 -5.84 30.50 19.32
N LYS D 384 -5.76 29.20 19.63
CA LYS D 384 -4.85 28.33 18.91
C LYS D 384 -5.54 27.60 17.76
N ASP D 385 -6.81 27.24 17.95
CA ASP D 385 -7.54 26.47 16.95
C ASP D 385 -7.96 27.36 15.78
N HIS D 386 -7.98 26.77 14.59
CA HIS D 386 -8.32 27.48 13.36
C HIS D 386 -9.70 27.11 12.83
N ILE D 387 -10.33 26.09 13.39
CA ILE D 387 -11.61 25.58 12.88
C ILE D 387 -12.28 24.77 13.98
N VAL D 388 -13.61 24.89 14.07
CA VAL D 388 -14.38 24.31 15.15
C VAL D 388 -15.61 23.65 14.55
N ASN D 389 -16.23 22.74 15.31
CA ASN D 389 -17.36 21.99 14.79
C ASN D 389 -18.68 22.68 15.09
N TYR D 390 -18.93 23.02 16.34
CA TYR D 390 -20.22 23.59 16.65
C TYR D 390 -20.35 24.95 15.99
N PRO D 391 -21.56 25.37 15.64
CA PRO D 391 -21.73 26.66 14.98
C PRO D 391 -21.82 27.79 15.99
N ALA D 392 -21.37 28.98 15.56
CA ALA D 392 -21.41 30.18 16.38
C ALA D 392 -21.35 31.41 15.47
N SER D 393 -22.49 32.07 15.31
CA SER D 393 -22.54 33.26 14.47
C SER D 393 -22.65 34.55 15.28
N HIS D 394 -22.67 34.46 16.61
CA HIS D 394 -22.88 35.66 17.41
C HIS D 394 -21.79 36.69 17.17
N THR D 395 -20.54 36.26 17.17
CA THR D 395 -19.40 37.18 17.02
C THR D 395 -19.20 37.47 15.53
N THR D 396 -19.96 38.46 15.05
CA THR D 396 -19.88 38.91 13.66
C THR D 396 -19.17 40.25 13.62
N LEU D 397 -18.19 40.38 12.73
CA LEU D 397 -17.37 41.57 12.60
C LEU D 397 -17.47 42.07 11.17
N GLY D 398 -17.83 43.34 11.01
CA GLY D 398 -17.92 43.94 9.71
C GLY D 398 -16.56 44.41 9.21
N VAL D 399 -16.57 45.09 8.06
CA VAL D 399 -15.34 45.63 7.51
C VAL D 399 -14.72 46.63 8.49
N GLN D 400 -15.56 47.44 9.12
CA GLN D 400 -15.08 48.30 10.19
C GLN D 400 -14.58 47.44 11.34
N ASP D 401 -13.37 47.74 11.82
CA ASP D 401 -12.75 46.97 12.89
C ASP D 401 -11.82 47.88 13.66
N ILE D 402 -11.48 47.44 14.88
CA ILE D 402 -10.65 48.23 15.76
C ILE D 402 -9.19 47.94 15.44
N SER D 403 -8.48 48.96 14.97
CA SER D 403 -7.05 48.84 14.76
C SER D 403 -6.29 48.81 16.09
N THR D 404 -6.96 49.07 17.20
CA THR D 404 -6.41 48.93 18.55
C THR D 404 -5.28 49.93 18.68
N THR D 405 -4.11 49.55 19.20
CA THR D 405 -2.99 50.48 19.28
C THR D 405 -2.64 51.02 17.90
N ALA D 406 -2.65 50.14 16.90
CA ALA D 406 -2.32 50.56 15.54
C ALA D 406 -3.28 51.64 15.05
N MET D 407 -4.47 51.74 15.64
CA MET D 407 -5.36 52.85 15.32
C MET D 407 -4.62 54.17 15.48
N SER D 408 -4.00 54.38 16.63
CA SER D 408 -3.21 55.59 16.83
C SER D 408 -2.19 55.74 15.70
N TRP D 409 -1.54 54.64 15.32
CA TRP D 409 -0.56 54.71 14.24
C TRP D 409 -1.18 55.33 13.01
N VAL D 410 -2.33 54.83 12.56
CA VAL D 410 -2.95 55.41 11.37
C VAL D 410 -3.40 56.82 11.67
N GLN D 411 -3.90 57.05 12.89
CA GLN D 411 -4.22 58.42 13.29
C GLN D 411 -3.00 59.32 13.17
N LYS D 412 -1.82 58.78 13.46
CA LYS D 412 -0.59 59.53 13.26
C LYS D 412 -0.25 59.62 11.78
N ILE D 413 -0.53 58.55 11.02
CA ILE D 413 -0.24 58.56 9.58
C ILE D 413 -1.14 59.55 8.87
N THR D 414 -2.38 59.71 9.35
CA THR D 414 -3.33 60.57 8.66
C THR D 414 -2.81 61.99 8.51
N GLY D 415 -1.90 62.40 9.39
CA GLY D 415 -1.31 63.73 9.27
C GLY D 415 -0.66 63.91 7.91
N GLY D 416 -1.02 65.02 7.25
CA GLY D 416 -0.50 65.30 5.92
C GLY D 416 -0.02 66.73 5.82
N VAL D 417 0.68 67.01 4.72
CA VAL D 417 1.25 68.33 4.50
C VAL D 417 0.38 69.19 3.60
N GLY D 418 -0.88 68.80 3.39
CA GLY D 418 -1.76 69.61 2.57
C GLY D 418 -2.00 70.99 3.16
N LEU D 419 -1.98 71.09 4.49
CA LEU D 419 -2.20 72.38 5.12
C LEU D 419 -1.07 73.36 4.75
N ILE D 420 0.17 72.90 4.82
CA ILE D 420 1.30 73.79 4.54
C ILE D 420 1.32 74.15 3.05
N VAL D 421 0.95 73.20 2.18
CA VAL D 421 0.99 73.50 0.75
C VAL D 421 -0.10 74.51 0.41
N ALA D 422 -1.28 74.37 1.02
CA ALA D 422 -2.33 75.36 0.83
C ALA D 422 -1.89 76.72 1.36
N VAL D 423 -1.19 76.73 2.50
CA VAL D 423 -0.70 77.99 3.05
C VAL D 423 0.26 78.66 2.07
N ALA D 424 1.17 77.87 1.49
CA ALA D 424 2.11 78.42 0.52
C ALA D 424 1.39 78.98 -0.70
N ALA D 425 0.39 78.25 -1.19
CA ALA D 425 -0.39 78.74 -2.33
C ALA D 425 -1.08 80.04 -2.00
N LEU D 426 -1.68 80.13 -0.82
CA LEU D 426 -2.35 81.38 -0.41
C LEU D 426 -1.35 82.53 -0.32
N ILE D 427 -0.17 82.27 0.24
CA ILE D 427 0.82 83.32 0.40
C ILE D 427 1.27 83.83 -0.96
N LEU D 428 1.57 82.91 -1.87
CA LEU D 428 2.02 83.33 -3.19
C LEU D 428 0.93 84.09 -3.93
N ILE D 429 -0.32 83.61 -3.86
CA ILE D 429 -1.37 84.28 -4.61
C ILE D 429 -1.63 85.67 -4.05
N VAL D 430 -1.52 85.85 -2.74
CA VAL D 430 -1.73 87.20 -2.21
C VAL D 430 -0.57 88.11 -2.60
N VAL D 431 0.68 87.69 -2.34
CA VAL D 431 1.80 88.55 -2.70
C VAL D 431 1.76 88.88 -4.19
N LEU D 432 1.08 88.03 -4.96
CA LEU D 432 0.80 88.36 -6.36
C LEU D 432 -0.42 89.27 -6.50
N CYS D 433 -1.35 89.24 -5.55
CA CYS D 433 -2.56 90.03 -5.67
C CYS D 433 -2.24 91.51 -5.79
N VAL D 434 -1.05 91.92 -5.35
CA VAL D 434 -0.59 93.26 -5.68
C VAL D 434 -0.80 93.54 -7.16
N SER D 435 -0.59 92.53 -8.00
CA SER D 435 -0.82 92.64 -9.44
C SER D 435 -2.01 91.82 -9.91
N PHE D 436 -2.51 90.91 -9.09
CA PHE D 436 -3.65 90.06 -9.42
C PHE D 436 -4.87 90.58 -8.67
N SER D 437 -5.85 91.08 -9.41
CA SER D 437 -6.97 91.78 -8.80
C SER D 437 -8.20 90.89 -8.65
N ARG D 438 -8.73 90.38 -9.76
CA ARG D 438 -9.93 89.55 -9.71
C ARG D 438 -9.89 88.32 -10.61
N HIS D 439 -8.89 88.19 -11.50
CA HIS D 439 -8.84 87.07 -12.44
C HIS D 439 -9.01 85.73 -11.73
N ASN E 1 -55.78 -25.75 3.33
CA ASN E 1 -54.40 -25.44 3.65
C ASN E 1 -53.63 -25.04 2.39
N PHE E 2 -54.07 -23.97 1.74
CA PHE E 2 -53.45 -23.48 0.52
C PHE E 2 -53.28 -24.60 -0.49
N ASN E 3 -54.40 -25.21 -0.84
CA ASN E 3 -54.45 -26.35 -1.75
C ASN E 3 -55.33 -25.99 -2.93
N VAL E 4 -54.69 -25.47 -3.98
CA VAL E 4 -55.37 -25.02 -5.19
C VAL E 4 -54.83 -25.72 -6.44
N TYR E 5 -53.86 -26.60 -6.28
CA TYR E 5 -53.06 -27.16 -7.37
C TYR E 5 -53.42 -28.63 -7.63
N LYS E 6 -54.71 -28.95 -7.52
CA LYS E 6 -55.12 -30.34 -7.65
C LYS E 6 -54.83 -30.87 -9.05
N ALA E 7 -55.24 -30.13 -10.08
CA ALA E 7 -55.15 -30.59 -11.45
C ALA E 7 -53.90 -30.12 -12.16
N THR E 8 -52.96 -29.51 -11.43
CA THR E 8 -51.73 -29.05 -12.05
C THR E 8 -50.88 -30.24 -12.47
N ARG E 9 -49.84 -29.94 -13.26
CA ARG E 9 -48.89 -30.95 -13.68
C ARG E 9 -47.56 -30.28 -13.93
N PRO E 10 -46.46 -31.02 -13.91
CA PRO E 10 -45.16 -30.46 -14.23
C PRO E 10 -44.96 -30.37 -15.75
N TYR E 11 -43.90 -29.67 -16.13
CA TYR E 11 -43.48 -29.66 -17.52
C TYR E 11 -42.47 -30.76 -17.80
N LEU E 12 -42.14 -30.91 -19.07
CA LEU E 12 -40.88 -31.48 -19.52
C LEU E 12 -40.53 -30.72 -20.80
N ALA E 13 -39.80 -29.63 -20.64
CA ALA E 13 -39.62 -28.64 -21.69
C ALA E 13 -38.17 -28.54 -22.09
N HIS E 14 -37.93 -27.91 -23.23
CA HIS E 14 -36.58 -27.74 -23.74
C HIS E 14 -35.83 -26.77 -22.84
N CYS E 15 -35.04 -27.29 -21.93
CA CYS E 15 -34.20 -26.39 -21.15
C CYS E 15 -33.06 -25.89 -22.04
N PRO E 16 -32.65 -24.62 -21.88
CA PRO E 16 -31.54 -24.14 -22.70
C PRO E 16 -30.28 -24.96 -22.54
N ASP E 17 -30.05 -25.53 -21.36
CA ASP E 17 -28.79 -26.24 -21.11
C ASP E 17 -29.04 -27.42 -20.19
N CYS E 18 -28.81 -28.63 -20.70
CA CYS E 18 -28.84 -29.84 -19.89
C CYS E 18 -27.46 -30.22 -19.38
N GLY E 19 -26.49 -29.33 -19.51
CA GLY E 19 -25.11 -29.63 -19.19
C GLY E 19 -24.28 -29.90 -20.43
N GLU E 20 -22.97 -29.93 -20.22
CA GLU E 20 -21.98 -30.26 -21.24
C GLU E 20 -22.31 -29.67 -22.61
N GLY E 21 -22.82 -28.44 -22.64
CA GLY E 21 -22.89 -27.68 -23.86
C GLY E 21 -24.16 -27.87 -24.67
N HIS E 22 -24.57 -29.12 -24.85
CA HIS E 22 -25.77 -29.39 -25.62
C HIS E 22 -27.02 -29.04 -24.82
N SER E 23 -28.02 -28.51 -25.51
CA SER E 23 -29.32 -28.18 -24.93
C SER E 23 -30.30 -29.31 -25.19
N CYS E 24 -30.97 -29.79 -24.14
CA CYS E 24 -31.94 -30.86 -24.29
C CYS E 24 -33.21 -30.54 -23.51
N HIS E 25 -34.07 -31.54 -23.34
CA HIS E 25 -35.35 -31.38 -22.69
C HIS E 25 -35.28 -31.94 -21.28
N SER E 26 -35.65 -31.13 -20.30
CA SER E 26 -35.59 -31.46 -18.90
C SER E 26 -36.89 -31.09 -18.22
N PRO E 27 -37.16 -31.64 -17.03
CA PRO E 27 -38.33 -31.25 -16.25
C PRO E 27 -38.11 -30.03 -15.35
N ILE E 28 -36.95 -29.39 -15.45
CA ILE E 28 -36.60 -28.29 -14.55
C ILE E 28 -36.39 -27.02 -15.34
N ALA E 29 -37.10 -26.91 -16.46
CA ALA E 29 -37.04 -25.69 -17.25
C ALA E 29 -37.52 -24.49 -16.44
N LEU E 30 -36.82 -23.37 -16.59
CA LEU E 30 -37.16 -22.12 -15.93
C LEU E 30 -37.27 -21.03 -16.99
N GLU E 31 -38.23 -20.13 -16.82
CA GLU E 31 -38.47 -19.09 -17.81
C GLU E 31 -38.76 -17.72 -17.19
N ARG E 32 -38.69 -17.60 -15.87
CA ARG E 32 -38.99 -16.33 -15.23
C ARG E 32 -38.07 -16.15 -14.03
N ILE E 33 -37.44 -14.97 -13.96
CA ILE E 33 -36.56 -14.60 -12.86
C ILE E 33 -37.00 -13.23 -12.36
N ARG E 34 -37.23 -13.14 -11.05
CA ARG E 34 -37.64 -11.89 -10.41
C ARG E 34 -36.56 -11.48 -9.43
N ASN E 35 -36.05 -10.26 -9.58
CA ASN E 35 -35.00 -9.76 -8.71
C ASN E 35 -35.23 -8.30 -8.32
N GLU E 36 -36.45 -7.80 -8.42
CA GLU E 36 -36.73 -6.41 -8.07
C GLU E 36 -36.53 -6.13 -6.60
N ALA E 37 -36.46 -7.16 -5.76
CA ALA E 37 -36.27 -6.96 -4.33
C ALA E 37 -34.93 -6.28 -4.07
N THR E 38 -34.95 -5.26 -3.22
CA THR E 38 -33.71 -4.56 -2.88
C THR E 38 -32.82 -5.41 -1.99
N ASP E 39 -33.42 -6.21 -1.11
CA ASP E 39 -32.62 -7.02 -0.18
C ASP E 39 -31.68 -7.94 -0.92
N GLY E 40 -32.10 -8.45 -2.08
CA GLY E 40 -31.31 -9.37 -2.87
C GLY E 40 -31.89 -10.76 -2.99
N THR E 41 -32.89 -11.11 -2.19
CA THR E 41 -33.53 -12.41 -2.33
C THR E 41 -34.31 -12.47 -3.64
N LEU E 42 -34.31 -13.63 -4.27
CA LEU E 42 -34.86 -13.81 -5.60
C LEU E 42 -35.94 -14.88 -5.62
N LYS E 43 -37.04 -14.58 -6.31
CA LYS E 43 -37.98 -15.62 -6.71
C LYS E 43 -37.47 -16.31 -7.95
N ILE E 44 -37.62 -17.63 -7.99
CA ILE E 44 -37.28 -18.43 -9.15
C ILE E 44 -38.50 -19.28 -9.48
N GLN E 45 -39.07 -19.05 -10.66
CA GLN E 45 -40.13 -19.89 -11.16
C GLN E 45 -39.51 -21.16 -11.74
N VAL E 46 -40.18 -22.28 -11.54
CA VAL E 46 -39.67 -23.57 -11.97
C VAL E 46 -40.79 -24.39 -12.58
N SER E 47 -40.43 -25.26 -13.52
CA SER E 47 -41.42 -26.02 -14.25
C SER E 47 -42.20 -26.97 -13.34
N LEU E 48 -41.49 -27.72 -12.50
CA LEU E 48 -42.12 -28.82 -11.77
C LEU E 48 -42.62 -28.36 -10.41
N GLN E 49 -43.61 -29.10 -9.90
CA GLN E 49 -44.23 -28.80 -8.62
C GLN E 49 -43.31 -29.23 -7.48
N ILE E 50 -43.66 -28.78 -6.27
CA ILE E 50 -42.87 -29.08 -5.08
C ILE E 50 -43.82 -29.07 -3.88
N GLY E 51 -43.49 -29.90 -2.90
CA GLY E 51 -44.27 -29.96 -1.68
C GLY E 51 -45.51 -30.80 -1.75
N ILE E 52 -45.68 -31.61 -2.80
CA ILE E 52 -46.87 -32.41 -3.02
C ILE E 52 -46.45 -33.81 -3.44
N LYS E 53 -47.40 -34.73 -3.38
CA LYS E 53 -47.27 -36.07 -3.92
C LYS E 53 -48.39 -36.32 -4.92
N THR E 54 -48.43 -37.54 -5.46
CA THR E 54 -49.46 -37.88 -6.44
C THR E 54 -50.84 -37.84 -5.83
N ASP E 55 -50.95 -38.06 -4.52
CA ASP E 55 -52.23 -38.06 -3.83
C ASP E 55 -52.63 -36.68 -3.32
N ASP E 56 -51.87 -35.64 -3.68
CA ASP E 56 -52.19 -34.27 -3.30
C ASP E 56 -52.11 -34.08 -1.78
N SER E 57 -50.96 -34.42 -1.24
CA SER E 57 -50.66 -34.16 0.17
C SER E 57 -49.99 -32.79 0.29
N HIS E 58 -49.42 -32.51 1.45
CA HIS E 58 -48.71 -31.25 1.64
C HIS E 58 -47.37 -31.43 2.36
N ASP E 59 -46.87 -32.65 2.50
CA ASP E 59 -45.57 -32.85 3.10
C ASP E 59 -44.48 -32.27 2.22
N TRP E 60 -43.51 -31.61 2.85
CA TRP E 60 -42.40 -31.01 2.13
C TRP E 60 -41.35 -32.03 1.72
N THR E 61 -41.50 -33.28 2.16
CA THR E 61 -40.48 -34.28 1.88
C THR E 61 -40.31 -34.50 0.38
N LYS E 62 -41.43 -34.58 -0.35
CA LYS E 62 -41.43 -34.97 -1.74
C LYS E 62 -41.76 -33.78 -2.64
N LEU E 63 -41.54 -34.00 -3.94
CA LEU E 63 -41.93 -33.07 -4.98
C LEU E 63 -42.33 -33.85 -6.21
N ARG E 64 -43.13 -33.21 -7.07
CA ARG E 64 -43.68 -33.85 -8.26
C ARG E 64 -42.84 -33.51 -9.47
N TYR E 65 -42.62 -34.50 -10.33
CA TYR E 65 -41.95 -34.28 -11.60
C TYR E 65 -42.56 -35.15 -12.68
N MET E 66 -42.53 -34.64 -13.90
CA MET E 66 -43.00 -35.35 -15.07
C MET E 66 -41.90 -36.23 -15.65
N ASP E 67 -42.30 -37.37 -16.20
CA ASP E 67 -41.37 -38.26 -16.87
C ASP E 67 -42.17 -39.29 -17.64
N SER E 68 -41.84 -39.50 -18.91
CA SER E 68 -42.57 -40.44 -19.76
C SER E 68 -44.06 -40.15 -19.69
N HIS E 69 -44.40 -38.87 -19.81
CA HIS E 69 -45.79 -38.40 -19.71
C HIS E 69 -46.51 -39.06 -18.55
N THR E 70 -45.85 -39.09 -17.39
CA THR E 70 -46.43 -39.66 -16.19
C THR E 70 -45.83 -38.94 -14.98
N PRO E 71 -46.60 -38.70 -13.94
CA PRO E 71 -46.06 -38.03 -12.75
C PRO E 71 -45.30 -39.00 -11.86
N ALA E 72 -44.40 -38.43 -11.05
CA ALA E 72 -43.66 -39.20 -10.07
C ALA E 72 -43.22 -38.28 -8.95
N ASP E 73 -42.84 -38.89 -7.83
CA ASP E 73 -42.47 -38.18 -6.63
C ASP E 73 -41.00 -38.44 -6.30
N ALA E 74 -40.27 -37.37 -5.99
CA ALA E 74 -38.85 -37.47 -5.69
C ALA E 74 -38.51 -36.65 -4.45
N GLU E 75 -37.46 -37.05 -3.76
CA GLU E 75 -37.09 -36.41 -2.50
C GLU E 75 -36.78 -34.93 -2.72
N ARG E 76 -37.27 -34.10 -1.81
CA ARG E 76 -37.05 -32.66 -1.89
C ARG E 76 -35.65 -32.25 -1.45
N ALA E 77 -34.95 -33.10 -0.70
CA ALA E 77 -33.68 -32.69 -0.13
C ALA E 77 -32.66 -32.36 -1.21
N GLY E 78 -32.60 -33.17 -2.27
CA GLY E 78 -31.55 -33.04 -3.24
C GLY E 78 -31.62 -31.79 -4.10
N LEU E 79 -32.74 -31.09 -4.07
CA LEU E 79 -32.87 -29.86 -4.85
C LEU E 79 -31.80 -28.86 -4.42
N LEU E 80 -31.21 -28.18 -5.40
CA LEU E 80 -30.21 -27.17 -5.09
C LEU E 80 -30.14 -26.18 -6.24
N VAL E 81 -29.52 -25.03 -5.95
CA VAL E 81 -29.31 -23.99 -6.94
C VAL E 81 -27.92 -23.40 -6.73
N ARG E 82 -27.39 -22.78 -7.77
CA ARG E 82 -26.04 -22.24 -7.73
C ARG E 82 -25.93 -21.08 -8.71
N THR E 83 -25.09 -20.11 -8.35
CA THR E 83 -24.65 -19.08 -9.29
C THR E 83 -23.15 -19.10 -9.47
N SER E 84 -22.40 -19.01 -8.38
CA SER E 84 -20.96 -19.23 -8.39
C SER E 84 -20.58 -20.20 -7.28
N ALA E 85 -21.41 -20.25 -6.24
CA ALA E 85 -21.24 -21.15 -5.11
C ALA E 85 -22.62 -21.61 -4.67
N PRO E 86 -22.73 -22.69 -3.89
CA PRO E 86 -24.04 -23.12 -3.42
C PRO E 86 -24.79 -21.99 -2.73
N CYS E 87 -26.04 -21.81 -3.13
CA CYS E 87 -26.88 -20.73 -2.60
C CYS E 87 -27.73 -21.29 -1.46
N THR E 88 -28.69 -20.49 -0.99
CA THR E 88 -29.53 -20.87 0.15
C THR E 88 -30.99 -20.78 -0.26
N ILE E 89 -31.72 -21.87 -0.08
CA ILE E 89 -33.14 -21.92 -0.38
C ILE E 89 -33.94 -21.58 0.87
N THR E 90 -34.98 -20.80 0.69
CA THR E 90 -35.88 -20.46 1.79
C THR E 90 -37.34 -20.74 1.47
N GLY E 91 -37.76 -20.54 0.21
CA GLY E 91 -39.13 -20.76 -0.20
C GLY E 91 -39.27 -22.05 -0.97
N THR E 92 -40.36 -22.78 -0.69
CA THR E 92 -40.63 -24.05 -1.35
C THR E 92 -42.14 -24.21 -1.43
N MET E 93 -42.72 -23.86 -2.57
CA MET E 93 -44.16 -23.97 -2.74
C MET E 93 -44.50 -23.88 -4.22
N GLY E 94 -45.43 -24.74 -4.65
CA GLY E 94 -45.94 -24.68 -6.01
C GLY E 94 -44.86 -24.73 -7.06
N HIS E 95 -44.67 -23.61 -7.76
CA HIS E 95 -43.69 -23.51 -8.82
C HIS E 95 -42.73 -22.35 -8.61
N PHE E 96 -42.58 -21.90 -7.36
CA PHE E 96 -41.74 -20.76 -7.05
C PHE E 96 -40.87 -21.08 -5.85
N ILE E 97 -39.61 -20.67 -5.91
CA ILE E 97 -38.64 -20.91 -4.87
C ILE E 97 -37.97 -19.59 -4.51
N LEU E 98 -37.91 -19.29 -3.22
CA LEU E 98 -37.19 -18.11 -2.76
C LEU E 98 -35.77 -18.51 -2.39
N ALA E 99 -34.79 -17.91 -3.05
CA ALA E 99 -33.40 -18.23 -2.83
C ALA E 99 -32.58 -16.96 -2.77
N ARG E 100 -31.57 -16.97 -1.93
CA ARG E 100 -30.58 -15.91 -1.86
C ARG E 100 -29.22 -16.50 -2.21
N CYS E 101 -28.48 -15.79 -3.05
CA CYS E 101 -27.25 -16.38 -3.55
C CYS E 101 -26.21 -15.29 -3.71
N PRO E 102 -24.95 -15.55 -3.37
CA PRO E 102 -23.94 -14.48 -3.42
C PRO E 102 -23.75 -13.96 -4.83
N LYS E 103 -22.93 -12.91 -4.99
CA LYS E 103 -22.73 -12.34 -6.32
C LYS E 103 -22.38 -13.42 -7.32
N GLY E 104 -23.25 -13.58 -8.31
CA GLY E 104 -23.04 -14.56 -9.37
C GLY E 104 -23.65 -14.06 -10.65
N GLU E 105 -23.16 -14.58 -11.78
CA GLU E 105 -23.58 -14.09 -13.10
C GLU E 105 -24.51 -15.05 -13.82
N THR E 106 -24.26 -16.35 -13.71
CA THR E 106 -25.17 -17.35 -14.22
C THR E 106 -25.97 -17.94 -13.07
N LEU E 107 -26.95 -18.77 -13.41
CA LEU E 107 -27.83 -19.32 -12.38
C LEU E 107 -28.33 -20.67 -12.86
N THR E 108 -27.96 -21.72 -12.16
CA THR E 108 -28.36 -23.07 -12.48
C THR E 108 -29.12 -23.68 -11.31
N VAL E 109 -29.99 -24.62 -11.63
CA VAL E 109 -30.72 -25.40 -10.66
C VAL E 109 -30.51 -26.87 -11.00
N GLY E 110 -30.56 -27.71 -9.97
CA GLY E 110 -30.36 -29.13 -10.17
C GLY E 110 -31.13 -29.92 -9.12
N PHE E 111 -31.44 -31.16 -9.47
CA PHE E 111 -32.15 -32.03 -8.56
C PHE E 111 -31.83 -33.47 -8.91
N THR E 112 -32.12 -34.36 -7.96
CA THR E 112 -31.86 -35.79 -8.11
C THR E 112 -33.18 -36.51 -8.24
N ASP E 113 -33.28 -37.39 -9.23
CA ASP E 113 -34.51 -38.07 -9.54
C ASP E 113 -34.68 -39.31 -8.68
N SER E 114 -35.93 -39.78 -8.61
CA SER E 114 -36.17 -41.15 -8.18
C SER E 114 -35.54 -42.14 -9.15
N ARG E 115 -35.22 -41.68 -10.35
CA ARG E 115 -34.42 -42.41 -11.32
C ARG E 115 -32.96 -42.50 -10.90
N LYS E 116 -32.62 -41.97 -9.74
CA LYS E 116 -31.24 -41.78 -9.30
C LYS E 116 -30.44 -41.09 -10.40
N ILE E 117 -31.02 -40.03 -10.96
CA ILE E 117 -30.39 -39.26 -12.01
C ILE E 117 -30.41 -37.79 -11.60
N SER E 118 -29.37 -37.08 -12.02
CA SER E 118 -29.25 -35.65 -11.74
C SER E 118 -29.70 -34.88 -12.98
N HIS E 119 -30.78 -34.13 -12.83
CA HIS E 119 -31.29 -33.27 -13.89
C HIS E 119 -31.02 -31.83 -13.49
N THR E 120 -30.37 -31.08 -14.39
CA THR E 120 -29.96 -29.73 -14.11
C THR E 120 -30.22 -28.84 -15.31
N CYS E 121 -30.50 -27.57 -15.04
CA CYS E 121 -30.72 -26.57 -16.07
C CYS E 121 -30.04 -25.29 -15.61
N THR E 122 -29.78 -24.38 -16.54
CA THR E 122 -29.16 -23.11 -16.18
C THR E 122 -29.54 -22.02 -17.18
N HIS E 123 -29.55 -20.78 -16.69
CA HIS E 123 -29.79 -19.60 -17.47
C HIS E 123 -28.74 -18.56 -17.10
N PRO E 124 -28.22 -17.80 -18.04
CA PRO E 124 -27.32 -16.70 -17.69
C PRO E 124 -28.11 -15.49 -17.19
N PHE E 125 -28.10 -15.28 -15.88
CA PHE E 125 -28.83 -14.18 -15.26
C PHE E 125 -27.88 -13.44 -14.33
N HIS E 126 -27.60 -12.19 -14.65
CA HIS E 126 -26.65 -11.40 -13.89
C HIS E 126 -27.30 -10.92 -12.59
N HIS E 127 -26.91 -11.52 -11.48
CA HIS E 127 -27.48 -11.22 -10.16
C HIS E 127 -26.53 -10.30 -9.42
N GLU E 128 -26.93 -9.05 -9.27
CA GLU E 128 -26.13 -8.04 -8.58
C GLU E 128 -26.96 -7.39 -7.48
N PRO E 129 -26.76 -7.75 -6.22
CA PRO E 129 -27.47 -7.06 -5.14
C PRO E 129 -27.21 -5.58 -5.20
N PRO E 130 -28.24 -4.75 -5.07
CA PRO E 130 -28.03 -3.30 -5.11
C PRO E 130 -27.41 -2.80 -3.81
N VAL E 131 -26.36 -2.00 -3.95
CA VAL E 131 -25.72 -1.41 -2.77
C VAL E 131 -26.69 -0.44 -2.12
N ILE E 132 -27.12 -0.76 -0.90
CA ILE E 132 -28.05 0.07 -0.15
C ILE E 132 -27.23 0.91 0.82
N GLY E 133 -27.38 2.22 0.72
CA GLY E 133 -26.52 3.13 1.44
C GLY E 133 -25.20 3.35 0.72
N ARG E 134 -24.44 4.32 1.20
CA ARG E 134 -23.17 4.64 0.56
C ARG E 134 -22.15 3.55 0.81
N GLU E 135 -22.09 3.04 2.03
CA GLU E 135 -21.10 2.02 2.35
C GLU E 135 -21.45 0.73 1.63
N ARG E 136 -20.71 0.42 0.59
CA ARG E 136 -20.90 -0.79 -0.18
C ARG E 136 -20.49 -1.96 0.70
N PHE E 137 -21.47 -2.53 1.40
CA PHE E 137 -21.22 -3.63 2.34
C PHE E 137 -21.72 -4.92 1.74
N HIS E 138 -21.04 -6.02 2.08
CA HIS E 138 -21.32 -7.33 1.50
C HIS E 138 -21.83 -8.34 2.53
N SER E 139 -21.64 -8.09 3.82
CA SER E 139 -22.27 -8.93 4.84
C SER E 139 -22.68 -8.02 5.99
N ARG E 140 -23.95 -8.12 6.37
CA ARG E 140 -24.50 -7.13 7.26
C ARG E 140 -23.90 -7.29 8.66
N PRO E 141 -23.85 -6.22 9.43
CA PRO E 141 -22.98 -6.20 10.62
C PRO E 141 -23.70 -6.57 11.90
N GLN E 142 -22.90 -6.83 12.93
CA GLN E 142 -23.44 -6.88 14.28
C GLN E 142 -23.97 -5.52 14.70
N HIS E 143 -23.23 -4.46 14.39
CA HIS E 143 -23.59 -3.10 14.77
C HIS E 143 -23.67 -2.23 13.52
N GLY E 144 -24.69 -1.38 13.47
CA GLY E 144 -24.84 -0.48 12.35
C GLY E 144 -26.22 0.14 12.34
N LYS E 145 -26.42 1.01 11.34
CA LYS E 145 -27.68 1.71 11.16
C LYS E 145 -28.69 0.78 10.50
N GLU E 146 -29.95 1.19 10.52
CA GLU E 146 -31.04 0.43 9.92
C GLU E 146 -31.76 1.29 8.89
N LEU E 147 -31.93 0.74 7.69
CA LEU E 147 -32.57 1.46 6.58
C LEU E 147 -33.64 0.59 5.95
N PRO E 148 -34.65 1.19 5.34
CA PRO E 148 -35.69 0.40 4.68
C PRO E 148 -35.16 -0.26 3.42
N CYS E 149 -35.79 -1.36 3.05
CA CYS E 149 -35.41 -2.09 1.86
C CYS E 149 -36.49 -3.10 1.52
N SER E 150 -36.79 -3.23 0.23
CA SER E 150 -37.79 -4.18 -0.21
C SER E 150 -37.27 -5.61 -0.02
N THR E 151 -38.21 -6.55 0.09
CA THR E 151 -37.89 -7.95 0.30
C THR E 151 -39.18 -8.74 0.19
N TYR E 152 -39.05 -10.05 0.39
CA TYR E 152 -40.16 -10.99 0.27
C TYR E 152 -40.56 -11.50 1.65
N VAL E 153 -41.50 -12.44 1.66
CA VAL E 153 -42.05 -12.98 2.89
C VAL E 153 -42.56 -14.39 2.62
N GLN E 154 -42.75 -15.16 3.69
CA GLN E 154 -43.07 -16.57 3.62
C GLN E 154 -44.57 -16.83 3.52
N SER E 155 -45.40 -15.79 3.46
CA SER E 155 -46.84 -16.00 3.38
C SER E 155 -47.21 -16.79 2.14
N THR E 156 -48.23 -17.62 2.27
CA THR E 156 -48.68 -18.52 1.20
C THR E 156 -50.13 -18.23 0.82
N ALA E 157 -50.49 -16.95 0.81
CA ALA E 157 -51.84 -16.54 0.42
C ALA E 157 -51.73 -15.17 -0.24
N ALA E 158 -51.79 -15.15 -1.57
CA ALA E 158 -51.58 -13.93 -2.34
C ALA E 158 -52.91 -13.20 -2.51
N THR E 159 -52.85 -12.04 -3.16
CA THR E 159 -54.01 -11.17 -3.37
C THR E 159 -54.08 -10.79 -4.85
N ALA E 160 -54.81 -11.58 -5.62
CA ALA E 160 -55.12 -11.27 -7.02
C ALA E 160 -53.84 -11.12 -7.85
N GLU E 161 -53.07 -12.20 -7.91
CA GLU E 161 -51.93 -12.33 -8.82
C GLU E 161 -52.12 -13.67 -9.52
N GLU E 162 -52.90 -13.66 -10.59
CA GLU E 162 -53.39 -14.89 -11.18
C GLU E 162 -52.53 -15.34 -12.36
N ILE E 163 -52.37 -16.65 -12.47
CA ILE E 163 -51.68 -17.28 -13.59
C ILE E 163 -52.60 -18.36 -14.13
N GLU E 164 -52.83 -18.35 -15.44
CA GLU E 164 -53.77 -19.27 -16.06
C GLU E 164 -53.16 -20.65 -16.21
N VAL E 165 -54.02 -21.66 -16.17
CA VAL E 165 -53.65 -23.03 -16.46
C VAL E 165 -54.64 -23.58 -17.48
N HIS E 166 -54.11 -24.28 -18.48
CA HIS E 166 -54.89 -24.74 -19.61
C HIS E 166 -54.62 -26.21 -19.88
N MET E 167 -55.54 -26.83 -20.60
CA MET E 167 -55.45 -28.26 -20.88
C MET E 167 -54.29 -28.52 -21.83
N PRO E 168 -53.35 -29.40 -21.48
CA PRO E 168 -52.18 -29.62 -22.34
C PRO E 168 -52.62 -30.05 -23.73
N PRO E 169 -52.01 -29.50 -24.79
CA PRO E 169 -52.45 -29.85 -26.14
C PRO E 169 -52.33 -31.33 -26.44
N ASP E 170 -51.11 -31.84 -26.41
CA ASP E 170 -50.83 -33.25 -26.64
C ASP E 170 -49.32 -33.44 -26.53
N THR E 171 -48.89 -34.69 -26.60
CA THR E 171 -47.48 -35.04 -26.60
C THR E 171 -47.27 -36.12 -27.66
N PRO E 172 -46.92 -35.73 -28.89
CA PRO E 172 -46.77 -36.73 -29.97
C PRO E 172 -45.51 -37.58 -29.85
N ASP E 173 -45.67 -38.82 -29.41
CA ASP E 173 -44.55 -39.74 -29.25
C ASP E 173 -44.80 -40.98 -30.09
N ARG E 174 -43.75 -41.46 -30.75
CA ARG E 174 -43.86 -42.60 -31.65
C ARG E 174 -43.37 -43.90 -31.03
N THR E 175 -42.97 -43.88 -29.75
CA THR E 175 -42.56 -45.12 -29.11
C THR E 175 -43.69 -46.14 -29.10
N LEU E 176 -44.94 -45.67 -29.09
CA LEU E 176 -46.08 -46.57 -29.15
C LEU E 176 -46.11 -47.36 -30.44
N MET E 177 -45.50 -46.84 -31.51
CA MET E 177 -45.53 -47.52 -32.80
C MET E 177 -44.45 -48.59 -32.87
N THR E 178 -44.66 -49.53 -33.80
CA THR E 178 -43.74 -50.63 -34.05
C THR E 178 -44.15 -51.31 -35.34
N GLN E 179 -43.18 -51.67 -36.17
CA GLN E 179 -43.45 -52.26 -37.47
C GLN E 179 -43.60 -53.77 -37.32
N GLN E 180 -44.74 -54.29 -37.78
CA GLN E 180 -45.01 -55.72 -37.79
C GLN E 180 -45.17 -56.15 -39.25
N SER E 181 -44.05 -56.45 -39.89
CA SER E 181 -44.04 -56.89 -41.29
C SER E 181 -44.84 -55.94 -42.17
N GLY E 182 -44.45 -54.66 -42.11
CA GLY E 182 -45.16 -53.64 -42.86
C GLY E 182 -46.50 -53.27 -42.27
N ASN E 183 -46.80 -53.73 -41.06
CA ASN E 183 -48.06 -53.44 -40.39
C ASN E 183 -47.73 -52.69 -39.10
N VAL E 184 -48.02 -51.40 -39.07
CA VAL E 184 -47.70 -50.59 -37.91
C VAL E 184 -48.65 -50.93 -36.78
N LYS E 185 -48.10 -51.15 -35.59
CA LYS E 185 -48.88 -51.44 -34.39
C LYS E 185 -48.71 -50.29 -33.41
N ILE E 186 -49.82 -49.65 -33.06
CA ILE E 186 -49.83 -48.53 -32.13
C ILE E 186 -50.43 -49.01 -30.82
N THR E 187 -49.69 -48.82 -29.74
CA THR E 187 -50.09 -49.25 -28.41
C THR E 187 -50.50 -48.05 -27.58
N VAL E 188 -51.58 -48.17 -26.84
CA VAL E 188 -52.17 -47.06 -26.12
C VAL E 188 -51.94 -47.17 -24.62
N ASN E 189 -51.95 -48.39 -24.08
CA ASN E 189 -51.71 -48.65 -22.67
C ASN E 189 -52.55 -47.76 -21.76
N GLY E 190 -53.75 -47.37 -22.22
CA GLY E 190 -54.73 -46.77 -21.36
C GLY E 190 -54.77 -45.25 -21.37
N GLN E 191 -54.63 -44.65 -22.56
CA GLN E 191 -54.74 -43.21 -22.73
C GLN E 191 -55.60 -42.92 -23.95
N THR E 192 -55.87 -41.64 -24.17
CA THR E 192 -56.59 -41.15 -25.35
C THR E 192 -55.55 -40.71 -26.37
N VAL E 193 -55.49 -41.42 -27.50
CA VAL E 193 -54.48 -41.17 -28.52
C VAL E 193 -55.16 -40.91 -29.85
N ARG E 194 -54.83 -39.79 -30.46
CA ARG E 194 -55.22 -39.50 -31.83
C ARG E 194 -54.08 -39.93 -32.75
N TYR E 195 -54.39 -40.87 -33.64
CA TYR E 195 -53.49 -41.25 -34.72
C TYR E 195 -53.97 -40.60 -35.99
N LYS E 196 -53.02 -40.21 -36.84
CA LYS E 196 -53.35 -39.67 -38.15
C LYS E 196 -52.22 -40.05 -39.08
N CYS E 197 -52.55 -40.72 -40.19
CA CYS E 197 -51.54 -41.14 -41.14
C CYS E 197 -51.91 -40.71 -42.55
N ASN E 198 -50.88 -40.39 -43.34
CA ASN E 198 -51.08 -40.11 -44.76
C ASN E 198 -51.57 -41.35 -45.50
N CYS E 199 -51.28 -42.53 -44.96
CA CYS E 199 -51.79 -43.77 -45.55
C CYS E 199 -53.30 -43.69 -45.69
N GLY E 200 -53.83 -44.44 -46.66
CA GLY E 200 -55.26 -44.46 -46.89
C GLY E 200 -56.02 -45.17 -45.80
N GLY E 201 -57.23 -45.61 -46.10
CA GLY E 201 -58.03 -46.30 -45.10
C GLY E 201 -58.26 -45.42 -43.89
N SER E 202 -58.05 -45.99 -42.71
CA SER E 202 -58.21 -45.25 -41.47
C SER E 202 -57.07 -44.27 -41.28
N ASN E 203 -57.01 -43.25 -42.14
CA ASN E 203 -55.92 -42.28 -42.05
C ASN E 203 -55.94 -41.58 -40.70
N GLU E 204 -57.12 -41.18 -40.23
CA GLU E 204 -57.27 -40.40 -39.01
C GLU E 204 -58.22 -41.12 -38.05
N GLY E 205 -57.98 -40.94 -36.76
CA GLY E 205 -58.88 -41.48 -35.75
C GLY E 205 -58.37 -41.33 -34.34
N LEU E 206 -59.27 -41.02 -33.40
CA LEU E 206 -58.95 -40.95 -31.99
C LEU E 206 -59.47 -42.21 -31.31
N THR E 207 -58.59 -42.92 -30.61
CA THR E 207 -58.94 -44.18 -29.98
C THR E 207 -58.23 -44.29 -28.64
N THR E 208 -58.72 -45.22 -27.83
CA THR E 208 -58.11 -45.56 -26.55
C THR E 208 -57.74 -47.03 -26.47
N THR E 209 -57.70 -47.73 -27.59
CA THR E 209 -57.40 -49.16 -27.63
C THR E 209 -56.27 -49.41 -28.61
N ASP E 210 -55.47 -50.43 -28.34
CA ASP E 210 -54.36 -50.78 -29.21
C ASP E 210 -54.88 -51.07 -30.61
N LYS E 211 -54.20 -50.53 -31.62
CA LYS E 211 -54.67 -50.60 -32.99
C LYS E 211 -53.53 -51.00 -33.91
N VAL E 212 -53.89 -51.44 -35.10
CA VAL E 212 -52.93 -51.82 -36.14
C VAL E 212 -53.39 -51.27 -37.47
N ILE E 213 -52.47 -50.67 -38.21
CA ILE E 213 -52.70 -50.25 -39.59
C ILE E 213 -51.74 -51.05 -40.45
N ASN E 214 -52.28 -51.99 -41.22
CA ASN E 214 -51.46 -52.92 -41.98
C ASN E 214 -50.91 -52.26 -43.24
N ASN E 215 -49.91 -52.91 -43.81
CA ASN E 215 -49.31 -52.52 -45.10
C ASN E 215 -49.03 -51.01 -45.15
N CYS E 216 -48.31 -50.54 -44.14
CA CYS E 216 -47.89 -49.14 -44.10
C CYS E 216 -46.62 -49.03 -43.28
N LYS E 217 -45.75 -48.11 -43.69
CA LYS E 217 -44.50 -47.89 -42.97
C LYS E 217 -44.76 -47.11 -41.68
N ILE E 218 -43.98 -47.44 -40.66
CA ILE E 218 -44.13 -46.75 -39.37
C ILE E 218 -43.77 -45.28 -39.51
N ASP E 219 -42.72 -44.97 -40.27
CA ASP E 219 -42.34 -43.58 -40.50
C ASP E 219 -43.33 -42.83 -41.37
N GLN E 220 -44.42 -43.47 -41.78
CA GLN E 220 -45.41 -42.78 -42.61
C GLN E 220 -45.95 -41.55 -41.91
N CYS E 221 -46.19 -41.64 -40.59
CA CYS E 221 -46.94 -40.60 -39.91
C CYS E 221 -46.61 -40.64 -38.41
N HIS E 222 -47.29 -39.78 -37.67
CA HIS E 222 -47.13 -39.66 -36.23
C HIS E 222 -48.49 -39.69 -35.55
N ALA E 223 -48.47 -39.96 -34.26
CA ALA E 223 -49.67 -39.97 -33.44
C ALA E 223 -49.33 -39.39 -32.08
N ALA E 224 -50.36 -38.90 -31.38
CA ALA E 224 -50.14 -38.20 -30.12
C ALA E 224 -51.23 -38.57 -29.12
N VAL E 225 -50.82 -38.81 -27.88
CA VAL E 225 -51.79 -39.03 -26.81
C VAL E 225 -52.42 -37.70 -26.42
N THR E 226 -53.74 -37.66 -26.45
CA THR E 226 -54.49 -36.44 -26.16
C THR E 226 -54.92 -36.49 -24.70
N ASN E 227 -54.10 -35.89 -23.83
CA ASN E 227 -54.44 -35.80 -22.41
C ASN E 227 -55.19 -34.50 -22.15
N HIS E 228 -56.28 -34.61 -21.39
CA HIS E 228 -57.07 -33.45 -21.01
C HIS E 228 -57.62 -33.60 -19.60
N LYS E 229 -56.88 -34.30 -18.73
CA LYS E 229 -57.39 -34.63 -17.40
C LYS E 229 -56.92 -33.62 -16.37
N ASN E 230 -55.62 -33.48 -16.21
CA ASN E 230 -55.03 -32.53 -15.28
C ASN E 230 -54.41 -31.39 -16.06
N TRP E 231 -54.77 -30.16 -15.69
CA TRP E 231 -54.38 -29.00 -16.48
C TRP E 231 -52.92 -28.64 -16.23
N GLN E 232 -52.35 -27.92 -17.19
CA GLN E 232 -50.93 -27.59 -17.20
C GLN E 232 -50.79 -26.08 -17.29
N TYR E 233 -49.98 -25.50 -16.41
CA TYR E 233 -49.99 -24.05 -16.28
C TYR E 233 -49.10 -23.41 -17.32
N ASN E 234 -49.59 -22.30 -17.88
CA ASN E 234 -49.07 -21.77 -19.12
C ASN E 234 -47.61 -21.36 -19.00
N SER E 235 -46.86 -21.61 -20.07
CA SER E 235 -45.48 -21.17 -20.19
C SER E 235 -45.21 -20.90 -21.66
N PRO E 236 -44.26 -20.01 -21.97
CA PRO E 236 -43.94 -19.77 -23.38
C PRO E 236 -43.46 -21.01 -24.11
N LEU E 237 -42.68 -21.86 -23.44
CA LEU E 237 -42.12 -23.02 -24.11
C LEU E 237 -43.21 -23.98 -24.57
N VAL E 238 -44.19 -24.23 -23.72
CA VAL E 238 -45.22 -25.23 -24.06
C VAL E 238 -46.03 -24.72 -25.24
N PRO E 239 -46.34 -25.55 -26.24
CA PRO E 239 -47.21 -25.10 -27.32
C PRO E 239 -48.65 -24.93 -26.84
N ARG E 240 -49.36 -24.04 -27.52
CA ARG E 240 -50.75 -23.79 -27.19
C ARG E 240 -51.64 -24.91 -27.72
N ASN E 241 -52.84 -25.00 -27.15
CA ASN E 241 -53.79 -26.03 -27.55
C ASN E 241 -54.40 -25.78 -28.92
N ALA E 242 -54.17 -24.59 -29.50
CA ALA E 242 -54.48 -24.25 -30.89
C ALA E 242 -55.95 -23.95 -31.13
N GLU E 243 -56.74 -23.65 -30.10
CA GLU E 243 -58.12 -23.22 -30.29
C GLU E 243 -58.32 -21.74 -29.99
N LEU E 244 -57.69 -21.23 -28.95
CA LEU E 244 -57.81 -19.85 -28.55
C LEU E 244 -56.66 -19.52 -27.61
N GLY E 245 -56.68 -18.33 -27.03
CA GLY E 245 -55.62 -17.89 -26.16
C GLY E 245 -55.70 -18.42 -24.74
N ASP E 246 -56.81 -18.16 -24.06
CA ASP E 246 -56.94 -18.45 -22.65
C ASP E 246 -57.87 -19.63 -22.41
N ARG E 247 -57.75 -20.20 -21.20
CA ARG E 247 -58.60 -21.30 -20.76
C ARG E 247 -58.80 -21.15 -19.27
N LYS E 248 -59.93 -21.66 -18.78
CA LYS E 248 -60.25 -21.54 -17.36
C LYS E 248 -59.22 -22.28 -16.52
N GLY E 249 -59.10 -21.85 -15.27
CA GLY E 249 -58.13 -22.40 -14.35
C GLY E 249 -57.06 -21.39 -14.03
N LYS E 250 -57.11 -20.80 -12.83
CA LYS E 250 -56.19 -19.77 -12.42
C LYS E 250 -55.66 -20.09 -11.03
N ILE E 251 -54.40 -19.72 -10.79
CA ILE E 251 -53.73 -19.96 -9.51
C ILE E 251 -52.98 -18.71 -9.11
N HIS E 252 -52.97 -18.43 -7.81
CA HIS E 252 -52.26 -17.26 -7.29
C HIS E 252 -50.79 -17.59 -7.05
N ILE E 253 -49.94 -16.57 -7.22
CA ILE E 253 -48.51 -16.71 -7.01
C ILE E 253 -48.21 -16.31 -5.57
N PRO E 254 -47.61 -17.17 -4.75
CA PRO E 254 -47.35 -16.81 -3.36
C PRO E 254 -46.07 -16.00 -3.19
N PHE E 255 -45.68 -15.79 -1.93
CA PHE E 255 -44.49 -15.04 -1.57
C PHE E 255 -44.60 -13.60 -2.04
N PRO E 256 -45.49 -12.82 -1.45
CA PRO E 256 -45.64 -11.42 -1.85
C PRO E 256 -44.45 -10.56 -1.44
N LEU E 257 -44.55 -9.25 -1.69
CA LEU E 257 -43.47 -8.31 -1.47
C LEU E 257 -43.85 -7.32 -0.37
N ALA E 258 -42.88 -6.97 0.47
CA ALA E 258 -43.03 -5.90 1.44
C ALA E 258 -41.65 -5.36 1.73
N ASN E 259 -41.57 -4.13 2.25
CA ASN E 259 -40.29 -3.53 2.58
C ASN E 259 -40.14 -3.51 4.10
N VAL E 260 -38.96 -3.92 4.56
CA VAL E 260 -38.65 -4.01 5.97
C VAL E 260 -37.28 -3.39 6.18
N THR E 261 -36.96 -3.14 7.44
CA THR E 261 -35.66 -2.57 7.75
C THR E 261 -34.57 -3.63 7.64
N CYS E 262 -33.38 -3.17 7.27
CA CYS E 262 -32.21 -4.01 7.17
C CYS E 262 -31.02 -3.24 7.69
N ARG E 263 -30.04 -3.98 8.22
CA ARG E 263 -28.88 -3.37 8.84
C ARG E 263 -27.83 -3.01 7.80
N VAL E 264 -27.02 -2.02 8.14
CA VAL E 264 -25.96 -1.53 7.27
C VAL E 264 -24.81 -1.05 8.16
N PRO E 265 -23.57 -1.39 7.85
CA PRO E 265 -22.47 -1.02 8.75
C PRO E 265 -22.17 0.47 8.68
N LYS E 266 -21.62 0.97 9.79
CA LYS E 266 -21.08 2.30 9.86
C LYS E 266 -19.69 2.28 9.22
N ALA E 267 -18.95 3.36 9.37
CA ALA E 267 -17.61 3.47 8.79
C ALA E 267 -16.62 3.87 9.85
N ARG E 268 -15.41 3.34 9.73
CA ARG E 268 -14.32 3.75 10.59
C ARG E 268 -14.22 5.27 10.66
N ASN E 269 -14.29 5.81 11.87
CA ASN E 269 -14.19 7.25 12.01
C ASN E 269 -12.78 7.69 11.60
N PRO E 270 -12.64 8.59 10.64
CA PRO E 270 -11.30 8.95 10.16
C PRO E 270 -10.53 9.75 11.20
N THR E 271 -9.22 9.79 11.00
CA THR E 271 -8.33 10.55 11.87
C THR E 271 -8.00 11.86 11.19
N VAL E 272 -8.27 12.97 11.85
CA VAL E 272 -8.20 14.28 11.24
C VAL E 272 -7.01 15.03 11.84
N THR E 273 -6.13 15.49 10.97
CA THR E 273 -5.05 16.41 11.32
C THR E 273 -5.38 17.79 10.76
N TYR E 274 -4.52 18.74 11.06
CA TYR E 274 -4.91 20.13 11.12
C TYR E 274 -3.98 21.01 10.27
N GLY E 275 -4.49 22.19 9.91
CA GLY E 275 -3.67 23.19 9.26
C GLY E 275 -4.45 24.49 9.13
N LYS E 276 -3.73 25.53 8.74
CA LYS E 276 -4.33 26.85 8.60
C LYS E 276 -5.53 26.79 7.67
N ASN E 277 -6.72 27.07 8.23
CA ASN E 277 -7.97 27.02 7.51
C ASN E 277 -8.03 25.79 6.61
N GLN E 278 -7.44 24.70 7.05
CA GLN E 278 -7.33 23.49 6.23
C GLN E 278 -7.40 22.27 7.13
N VAL E 279 -8.06 21.24 6.62
CA VAL E 279 -8.29 20.01 7.37
C VAL E 279 -7.76 18.84 6.55
N THR E 280 -7.02 17.94 7.20
CA THR E 280 -6.42 16.79 6.54
C THR E 280 -7.03 15.53 7.15
N MET E 281 -8.05 15.00 6.49
CA MET E 281 -8.73 13.80 6.99
C MET E 281 -8.10 12.57 6.36
N LEU E 282 -7.60 11.67 7.20
CA LEU E 282 -7.11 10.38 6.74
C LEU E 282 -8.21 9.36 6.99
N LEU E 283 -8.51 8.59 5.96
CA LEU E 283 -9.69 7.73 5.91
C LEU E 283 -9.25 6.28 5.80
N TYR E 284 -9.86 5.41 6.61
CA TYR E 284 -9.65 3.97 6.46
C TYR E 284 -10.93 3.37 5.91
N PRO E 285 -10.96 2.95 4.64
CA PRO E 285 -12.22 2.42 4.10
C PRO E 285 -12.69 1.17 4.81
N ASP E 286 -11.87 0.13 4.81
CA ASP E 286 -12.22 -1.21 5.31
C ASP E 286 -13.15 -1.92 4.32
N HIS E 287 -13.63 -1.21 3.31
CA HIS E 287 -14.38 -1.76 2.19
C HIS E 287 -14.80 -0.59 1.32
N PRO E 288 -15.23 -0.83 0.08
CA PRO E 288 -15.62 0.28 -0.79
C PRO E 288 -16.68 1.15 -0.12
N THR E 289 -16.41 2.46 -0.08
CA THR E 289 -17.29 3.39 0.60
C THR E 289 -17.20 4.76 -0.06
N LEU E 290 -18.23 5.57 0.14
CA LEU E 290 -18.34 6.85 -0.53
C LEU E 290 -18.05 7.98 0.46
N LEU E 291 -17.30 8.98 -0.01
CA LEU E 291 -17.00 10.17 0.77
C LEU E 291 -17.37 11.38 -0.07
N SER E 292 -18.21 12.26 0.49
CA SER E 292 -18.61 13.46 -0.21
C SER E 292 -18.43 14.67 0.69
N TYR E 293 -18.25 15.83 0.08
CA TYR E 293 -18.17 17.07 0.82
C TYR E 293 -18.83 18.19 0.02
N ARG E 294 -19.35 19.17 0.75
CA ARG E 294 -20.07 20.28 0.16
C ARG E 294 -19.98 21.50 1.06
N ASN E 295 -19.99 22.67 0.42
CA ASN E 295 -19.97 23.93 1.14
C ASN E 295 -21.29 24.18 1.85
N MET E 296 -21.24 25.04 2.86
CA MET E 296 -22.41 25.37 3.66
C MET E 296 -23.16 26.58 3.13
N GLY E 297 -22.66 27.22 2.07
CA GLY E 297 -23.23 28.44 1.55
C GLY E 297 -24.14 28.20 0.37
N GLN E 298 -24.44 29.30 -0.34
CA GLN E 298 -25.30 29.21 -1.52
C GLN E 298 -24.67 28.41 -2.64
N GLU E 299 -23.37 28.20 -2.59
CA GLU E 299 -22.67 27.43 -3.60
C GLU E 299 -22.34 26.04 -3.04
N PRO E 300 -22.67 24.96 -3.72
CA PRO E 300 -22.47 23.64 -3.14
C PRO E 300 -21.01 23.24 -3.01
N ASN E 301 -20.24 23.46 -4.08
CA ASN E 301 -18.88 22.91 -4.18
C ASN E 301 -18.93 21.39 -4.04
N TYR E 302 -19.95 20.77 -4.63
CA TYR E 302 -20.17 19.35 -4.47
C TYR E 302 -18.97 18.53 -4.89
N HIS E 303 -18.67 17.50 -4.12
CA HIS E 303 -17.76 16.45 -4.56
C HIS E 303 -18.15 15.15 -3.88
N GLU E 304 -17.99 14.05 -4.61
CA GLU E 304 -18.28 12.71 -4.08
C GLU E 304 -17.39 11.71 -4.78
N GLU E 305 -16.55 11.01 -4.00
CA GLU E 305 -15.61 10.03 -4.52
C GLU E 305 -15.89 8.68 -3.88
N TRP E 306 -15.45 7.64 -4.59
CA TRP E 306 -15.42 6.29 -4.07
C TRP E 306 -14.01 6.01 -3.53
N VAL E 307 -13.94 5.32 -2.40
CA VAL E 307 -12.69 5.03 -1.73
C VAL E 307 -12.65 3.56 -1.36
N THR E 308 -11.51 2.92 -1.63
CA THR E 308 -11.28 1.54 -1.25
C THR E 308 -9.95 1.33 -0.56
N HIS E 309 -9.04 2.29 -0.64
CA HIS E 309 -7.77 2.25 0.07
C HIS E 309 -7.70 3.47 0.96
N LYS E 310 -6.71 3.50 1.85
CA LYS E 310 -6.56 4.64 2.74
C LYS E 310 -6.06 5.84 1.94
N LYS E 311 -6.98 6.75 1.67
CA LYS E 311 -6.63 8.04 1.10
C LYS E 311 -6.59 9.10 2.19
N GLU E 312 -5.51 9.87 2.21
CA GLU E 312 -5.42 11.06 3.02
C GLU E 312 -5.81 12.25 2.16
N VAL E 313 -6.93 12.87 2.48
CA VAL E 313 -7.52 13.92 1.67
C VAL E 313 -7.43 15.23 2.44
N THR E 314 -7.36 16.33 1.72
CA THR E 314 -7.24 17.65 2.31
C THR E 314 -8.36 18.54 1.77
N LEU E 315 -8.99 19.27 2.68
CA LEU E 315 -10.07 20.19 2.34
C LEU E 315 -9.74 21.57 2.87
N THR E 316 -10.11 22.58 2.09
CA THR E 316 -9.93 23.98 2.45
C THR E 316 -11.30 24.55 2.80
N VAL E 317 -11.48 24.86 4.07
CA VAL E 317 -12.80 25.32 4.54
C VAL E 317 -13.10 26.69 3.94
N PRO E 318 -14.36 26.97 3.60
CA PRO E 318 -14.73 28.34 3.24
C PRO E 318 -15.11 29.14 4.47
N THR E 319 -15.24 30.45 4.30
CA THR E 319 -15.63 31.31 5.40
C THR E 319 -17.01 30.97 5.93
N GLU E 320 -17.82 30.25 5.16
CA GLU E 320 -19.21 29.98 5.52
C GLU E 320 -19.43 28.55 6.01
N GLY E 321 -18.40 27.71 6.01
CA GLY E 321 -18.52 26.37 6.55
C GLY E 321 -18.55 25.31 5.48
N LEU E 322 -18.22 24.08 5.89
CA LEU E 322 -18.16 22.95 4.99
C LEU E 322 -18.55 21.69 5.75
N GLU E 323 -19.39 20.87 5.13
CA GLU E 323 -19.85 19.63 5.74
C GLU E 323 -19.48 18.45 4.85
N VAL E 324 -19.04 17.37 5.49
CA VAL E 324 -18.56 16.18 4.81
C VAL E 324 -19.37 14.99 5.29
N THR E 325 -19.85 14.19 4.35
CA THR E 325 -20.57 12.95 4.65
C THR E 325 -19.64 11.78 4.35
N TRP E 326 -19.50 10.90 5.34
CA TRP E 326 -18.63 9.73 5.24
C TRP E 326 -19.47 8.48 5.48
N GLY E 327 -19.54 7.63 4.46
CA GLY E 327 -20.36 6.43 4.58
C GLY E 327 -21.77 6.77 4.99
N ASN E 328 -22.35 5.93 5.83
CA ASN E 328 -23.68 6.16 6.38
C ASN E 328 -23.63 6.83 7.74
N ASN E 329 -22.45 7.19 8.21
CA ASN E 329 -22.30 7.86 9.49
C ASN E 329 -22.78 9.30 9.35
N GLU E 330 -23.16 9.89 10.48
CA GLU E 330 -23.68 11.24 10.48
C GLU E 330 -22.63 12.22 9.95
N PRO E 331 -23.00 13.14 9.07
CA PRO E 331 -21.98 14.03 8.48
C PRO E 331 -21.33 14.92 9.53
N TYR E 332 -20.05 15.21 9.30
CA TYR E 332 -19.31 16.09 10.19
C TYR E 332 -19.22 17.49 9.58
N LYS E 333 -19.42 18.50 10.43
CA LYS E 333 -19.38 19.89 10.02
C LYS E 333 -18.14 20.56 10.59
N TYR E 334 -17.39 21.24 9.72
CA TYR E 334 -16.27 22.07 10.12
C TYR E 334 -16.45 23.45 9.50
N TRP E 335 -16.38 24.50 10.31
CA TRP E 335 -16.40 25.84 9.75
C TRP E 335 -15.23 26.61 10.32
N PRO E 336 -14.64 27.55 9.58
CA PRO E 336 -13.39 28.15 10.02
C PRO E 336 -13.53 28.94 11.29
N GLN E 337 -12.43 29.00 12.03
CA GLN E 337 -12.21 29.95 13.10
C GLN E 337 -11.07 30.85 12.66
N MET E 338 -10.78 31.90 13.43
CA MET E 338 -9.70 32.81 13.08
C MET E 338 -8.44 31.99 12.77
N SER E 339 -7.55 32.56 11.96
CA SER E 339 -6.49 31.76 11.37
C SER E 339 -5.31 31.56 12.33
N THR E 340 -4.65 32.64 12.74
CA THR E 340 -3.34 32.50 13.35
C THR E 340 -3.16 33.46 14.52
N ASN E 341 -2.22 33.10 15.40
CA ASN E 341 -1.67 33.99 16.40
C ASN E 341 -0.46 34.77 15.88
N GLY E 342 -0.02 34.51 14.65
CA GLY E 342 1.17 35.16 14.15
C GLY E 342 1.05 36.67 14.18
N THR E 343 -0.10 37.19 13.80
CA THR E 343 -0.35 38.62 13.89
C THR E 343 -0.48 39.05 15.34
N ALA E 344 -0.08 40.29 15.62
CA ALA E 344 -0.15 40.81 16.98
C ALA E 344 0.05 42.31 16.95
N HIS E 345 -0.63 42.99 17.85
CA HIS E 345 -0.54 44.45 17.99
C HIS E 345 0.55 44.80 19.00
N GLY E 346 1.42 45.72 18.62
CA GLY E 346 2.52 46.12 19.48
C GLY E 346 3.35 47.20 18.82
N HIS E 347 4.46 47.53 19.46
CA HIS E 347 5.34 48.57 18.93
C HIS E 347 5.76 48.26 17.51
N PRO E 348 6.25 47.05 17.17
CA PRO E 348 6.32 46.67 15.76
C PRO E 348 4.92 46.42 15.25
N HIS E 349 4.57 47.09 14.15
CA HIS E 349 3.19 47.12 13.69
C HIS E 349 2.57 45.73 13.74
N GLU E 350 3.05 44.80 12.92
CA GLU E 350 2.51 43.46 12.83
C GLU E 350 0.99 43.46 12.61
N ILE E 351 0.44 44.54 12.04
CA ILE E 351 -0.98 44.58 11.69
C ILE E 351 -1.27 44.04 10.30
N ILE E 352 -0.28 44.03 9.41
CA ILE E 352 -0.51 43.48 8.08
C ILE E 352 -0.91 42.01 8.20
N LEU E 353 -0.29 41.30 9.14
CA LEU E 353 -0.68 39.92 9.39
C LEU E 353 -2.11 39.85 9.93
N TYR E 354 -2.49 40.78 10.80
CA TYR E 354 -3.88 40.84 11.24
C TYR E 354 -4.83 40.92 10.06
N TYR E 355 -4.60 41.89 9.19
CA TYR E 355 -5.56 42.15 8.12
C TYR E 355 -5.41 41.18 6.95
N TYR E 356 -4.37 40.36 6.95
CA TYR E 356 -4.24 39.29 5.96
C TYR E 356 -4.87 37.99 6.45
N GLU E 357 -4.48 37.54 7.64
CA GLU E 357 -5.06 36.33 8.20
C GLU E 357 -6.57 36.45 8.30
N LEU E 358 -7.05 37.56 8.87
CA LEU E 358 -8.46 37.87 8.90
C LEU E 358 -8.81 38.78 7.72
N TYR E 359 -9.77 38.36 6.93
CA TYR E 359 -10.16 39.07 5.71
C TYR E 359 -8.97 39.17 4.77
N PRO E 360 -8.39 38.05 4.35
CA PRO E 360 -7.28 38.11 3.39
C PRO E 360 -7.72 38.77 2.09
N THR E 361 -6.80 39.55 1.51
CA THR E 361 -7.06 40.26 0.26
C THR E 361 -8.03 41.42 0.44
N MET E 362 -8.64 41.52 1.62
CA MET E 362 -9.51 42.64 1.96
C MET E 362 -8.88 43.39 3.13
N THR E 363 -9.12 44.69 3.18
CA THR E 363 -8.49 45.58 4.15
C THR E 363 -6.97 45.59 4.01
N VAL E 364 -6.44 44.98 2.95
CA VAL E 364 -5.02 44.96 2.66
C VAL E 364 -4.74 45.63 1.33
N VAL E 365 -5.52 45.30 0.30
CA VAL E 365 -5.53 46.12 -0.91
C VAL E 365 -6.06 47.50 -0.59
N ILE E 366 -6.89 47.61 0.46
CA ILE E 366 -7.29 48.92 0.95
C ILE E 366 -6.08 49.71 1.41
N VAL E 367 -5.11 49.02 2.03
CA VAL E 367 -3.87 49.68 2.40
C VAL E 367 -3.12 50.10 1.14
N SER E 368 -3.21 49.30 0.07
CA SER E 368 -2.55 49.68 -1.18
C SER E 368 -3.15 50.95 -1.76
N VAL E 369 -4.48 51.07 -1.73
CA VAL E 369 -5.10 52.27 -2.27
C VAL E 369 -4.78 53.47 -1.40
N ALA E 370 -4.77 53.28 -0.08
CA ALA E 370 -4.31 54.34 0.82
C ALA E 370 -2.90 54.76 0.46
N SER E 371 -2.04 53.80 0.12
CA SER E 371 -0.66 54.10 -0.23
C SER E 371 -0.60 54.97 -1.47
N PHE E 372 -1.32 54.59 -2.52
CA PHE E 372 -1.20 55.37 -3.75
C PHE E 372 -1.84 56.75 -3.57
N VAL E 373 -2.90 56.85 -2.78
CA VAL E 373 -3.51 58.17 -2.60
C VAL E 373 -2.62 59.07 -1.77
N LEU E 374 -1.95 58.52 -0.74
CA LEU E 374 -1.03 59.35 0.03
C LEU E 374 0.15 59.78 -0.84
N LEU E 375 0.60 58.88 -1.71
CA LEU E 375 1.56 59.28 -2.74
C LEU E 375 1.02 60.43 -3.58
N SER E 376 -0.28 60.42 -3.85
CA SER E 376 -0.89 61.48 -4.66
C SER E 376 -0.87 62.81 -3.93
N MET E 377 -1.23 62.83 -2.64
CA MET E 377 -1.16 64.10 -1.92
C MET E 377 0.28 64.61 -1.82
N VAL E 378 1.24 63.72 -1.58
CA VAL E 378 2.62 64.22 -1.53
C VAL E 378 3.07 64.70 -2.90
N GLY E 379 2.56 64.08 -3.97
CA GLY E 379 2.89 64.55 -5.31
C GLY E 379 2.37 65.94 -5.58
N THR E 380 1.11 66.19 -5.22
CA THR E 380 0.59 67.55 -5.37
C THR E 380 1.27 68.51 -4.41
N ALA E 381 1.82 68.02 -3.30
CA ALA E 381 2.58 68.88 -2.40
C ALA E 381 3.87 69.35 -3.07
N VAL E 382 4.61 68.42 -3.68
CA VAL E 382 5.81 68.85 -4.41
C VAL E 382 5.41 69.70 -5.61
N GLY E 383 4.23 69.46 -6.16
CA GLY E 383 3.70 70.36 -7.18
C GLY E 383 3.55 71.78 -6.66
N MET E 384 3.03 71.91 -5.44
CA MET E 384 2.92 73.26 -4.87
C MET E 384 4.30 73.82 -4.61
N CYS E 385 5.25 72.97 -4.24
CA CYS E 385 6.62 73.45 -4.05
C CYS E 385 7.14 74.10 -5.33
N VAL E 386 7.01 73.40 -6.46
CA VAL E 386 7.51 73.96 -7.72
C VAL E 386 6.68 75.18 -8.12
N CYS E 387 5.38 75.16 -7.85
CA CYS E 387 4.54 76.31 -8.17
C CYS E 387 4.97 77.53 -7.37
N ALA E 388 5.24 77.35 -6.09
CA ALA E 388 5.74 78.46 -5.27
C ALA E 388 7.09 78.93 -5.78
N ARG E 389 7.94 78.00 -6.22
CA ARG E 389 9.22 78.39 -6.80
C ARG E 389 9.03 79.33 -7.98
N ARG E 390 8.20 78.91 -8.95
CA ARG E 390 8.00 79.75 -10.13
C ARG E 390 7.32 81.06 -9.76
N ARG E 391 6.36 81.02 -8.84
CA ARG E 391 5.65 82.23 -8.45
C ARG E 391 6.57 83.21 -7.75
N CYS E 392 7.54 82.72 -6.98
CA CYS E 392 8.45 83.61 -6.26
C CYS E 392 9.50 84.18 -7.20
N ILE E 393 9.95 83.40 -8.19
CA ILE E 393 10.95 83.91 -9.11
C ILE E 393 10.31 84.84 -10.13
N THR E 394 9.04 84.65 -10.45
CA THR E 394 8.40 85.44 -11.50
C THR E 394 8.42 86.93 -11.21
N PRO E 395 8.07 87.42 -10.02
CA PRO E 395 8.20 88.86 -9.77
C PRO E 395 9.62 89.34 -9.98
N TYR E 396 10.60 88.49 -9.76
CA TYR E 396 11.95 88.77 -10.23
C TYR E 396 11.99 88.87 -11.75
N GLU E 397 11.73 87.76 -12.42
CA GLU E 397 11.78 87.68 -13.88
C GLU E 397 12.93 88.53 -14.42
N LEU E 398 14.05 88.49 -13.71
CA LEU E 398 15.23 89.27 -14.07
C LEU E 398 14.89 90.76 -14.16
N THR E 399 14.52 91.34 -13.02
CA THR E 399 14.20 92.77 -13.00
C THR E 399 15.44 93.57 -13.38
N PRO E 400 15.25 94.79 -13.89
CA PRO E 400 16.41 95.64 -14.17
C PRO E 400 17.24 95.91 -12.93
N GLY E 401 16.61 96.02 -11.76
CA GLY E 401 17.36 96.22 -10.54
C GLY E 401 18.24 95.03 -10.18
N ALA E 402 17.67 93.82 -10.27
CA ALA E 402 18.41 92.58 -10.01
C ALA E 402 19.01 92.57 -8.60
N THR E 403 18.12 92.57 -7.60
CA THR E 403 18.56 92.61 -6.21
C THR E 403 17.45 92.09 -5.31
N VAL E 404 17.79 91.10 -4.47
CA VAL E 404 16.91 90.62 -3.41
C VAL E 404 17.75 90.40 -2.16
N PRO E 405 18.30 91.46 -1.53
CA PRO E 405 19.16 91.24 -0.36
C PRO E 405 18.42 90.63 0.82
N PHE E 406 17.10 90.71 0.85
CA PHE E 406 16.32 90.25 1.99
C PHE E 406 15.40 89.08 1.68
N LEU E 407 15.33 88.63 0.43
CA LEU E 407 14.42 87.56 0.05
C LEU E 407 15.15 86.29 -0.37
N LEU E 408 15.98 86.34 -1.41
CA LEU E 408 16.68 85.13 -1.81
C LEU E 408 17.84 84.83 -0.86
N SER E 409 18.49 85.87 -0.37
CA SER E 409 19.51 85.68 0.65
C SER E 409 18.94 85.10 1.93
N LEU E 410 17.63 85.27 2.16
CA LEU E 410 16.98 84.80 3.37
C LEU E 410 15.97 83.70 3.08
N LEU E 411 15.01 83.94 2.19
CA LEU E 411 13.98 82.94 1.94
C LEU E 411 14.52 81.74 1.15
N CYS E 412 15.55 81.95 0.33
CA CYS E 412 16.19 80.86 -0.39
C CYS E 412 15.18 80.08 -1.23
N CYS E 413 14.30 80.82 -1.92
CA CYS E 413 13.23 80.18 -2.67
C CYS E 413 13.78 79.32 -3.81
N VAL E 414 14.62 79.90 -4.66
CA VAL E 414 15.07 79.22 -5.87
C VAL E 414 16.44 79.76 -6.26
N ARG E 415 17.28 78.87 -6.77
CA ARG E 415 18.61 79.22 -7.28
C ARG E 415 19.29 80.22 -6.35
N THR E 416 19.31 79.89 -5.06
CA THR E 416 19.93 80.76 -4.07
C THR E 416 21.43 80.92 -4.30
N THR E 417 22.01 80.19 -5.25
CA THR E 417 23.40 80.42 -5.63
C THR E 417 23.61 81.88 -6.00
N LYS E 418 22.67 82.47 -6.74
CA LYS E 418 22.73 83.85 -7.15
C LYS E 418 21.86 84.68 -6.21
N ALA E 419 22.47 85.63 -5.51
CA ALA E 419 21.76 86.48 -4.58
C ALA E 419 21.09 85.66 -3.48
N TYR F 1 -27.42 -5.75 -83.50
CA TYR F 1 -26.93 -4.43 -83.11
C TYR F 1 -26.03 -4.53 -81.88
N GLU F 2 -25.00 -3.69 -81.85
CA GLU F 2 -24.05 -3.64 -80.75
C GLU F 2 -24.15 -2.30 -80.05
N HIS F 3 -24.24 -2.33 -78.73
CA HIS F 3 -24.26 -1.11 -77.93
C HIS F 3 -23.25 -1.23 -76.80
N VAL F 4 -22.51 -0.17 -76.55
CA VAL F 4 -21.49 -0.14 -75.51
C VAL F 4 -21.83 0.96 -74.54
N THR F 5 -21.66 0.69 -73.25
CA THR F 5 -21.93 1.66 -72.21
C THR F 5 -20.96 1.42 -71.06
N VAL F 6 -20.99 2.34 -70.09
CA VAL F 6 -20.18 2.23 -68.89
C VAL F 6 -21.04 2.67 -67.71
N ILE F 7 -20.90 1.95 -66.59
CA ILE F 7 -21.70 2.25 -65.42
C ILE F 7 -20.81 2.30 -64.17
N PRO F 8 -21.13 3.14 -63.19
CA PRO F 8 -20.32 3.17 -61.98
C PRO F 8 -20.30 1.82 -61.28
N ASN F 9 -19.17 1.50 -60.67
CA ASN F 9 -19.03 0.27 -59.92
C ASN F 9 -19.76 0.38 -58.59
N THR F 10 -21.06 0.08 -58.60
CA THR F 10 -21.88 0.16 -57.40
C THR F 10 -22.90 -0.96 -57.45
N VAL F 11 -23.35 -1.39 -56.27
CA VAL F 11 -24.25 -2.52 -56.13
C VAL F 11 -25.56 -2.04 -55.56
N GLY F 12 -26.67 -2.55 -56.11
CA GLY F 12 -27.99 -2.24 -55.62
C GLY F 12 -28.61 -0.98 -56.20
N VAL F 13 -27.90 -0.28 -57.09
CA VAL F 13 -28.40 0.94 -57.70
C VAL F 13 -28.78 0.62 -59.15
N PRO F 14 -30.05 0.63 -59.50
CA PRO F 14 -30.44 0.37 -60.89
C PRO F 14 -29.89 1.46 -61.81
N TYR F 15 -29.56 1.06 -63.04
CA TYR F 15 -29.05 1.98 -64.05
C TYR F 15 -29.84 1.82 -65.33
N LYS F 16 -30.27 2.95 -65.89
CA LYS F 16 -30.98 2.97 -67.16
C LYS F 16 -30.00 3.30 -68.27
N THR F 17 -30.01 2.49 -69.33
CA THR F 17 -29.18 2.73 -70.51
C THR F 17 -30.08 2.67 -71.72
N LEU F 18 -30.17 3.79 -72.44
CA LEU F 18 -31.09 3.93 -73.56
C LEU F 18 -30.32 3.64 -74.85
N VAL F 19 -30.62 2.50 -75.48
CA VAL F 19 -30.07 2.17 -76.79
C VAL F 19 -31.10 2.53 -77.84
N ASN F 20 -30.67 3.30 -78.83
CA ASN F 20 -31.54 3.77 -79.90
C ASN F 20 -31.00 3.27 -81.23
N ARG F 21 -31.90 2.90 -82.11
CA ARG F 21 -31.53 2.40 -83.43
C ARG F 21 -32.47 3.00 -84.48
N PRO F 22 -31.95 3.75 -85.45
CA PRO F 22 -32.84 4.37 -86.45
C PRO F 22 -33.63 3.31 -87.19
N GLY F 23 -34.87 3.65 -87.53
CA GLY F 23 -35.77 2.72 -88.15
C GLY F 23 -36.51 1.81 -87.20
N TYR F 24 -36.23 1.89 -85.90
CA TYR F 24 -36.89 1.08 -84.90
C TYR F 24 -37.10 1.89 -83.65
N SER F 25 -38.05 1.46 -82.84
CA SER F 25 -38.36 2.15 -81.60
C SER F 25 -37.19 2.02 -80.62
N PRO F 26 -36.62 3.12 -80.13
CA PRO F 26 -35.54 3.01 -79.16
C PRO F 26 -36.03 2.38 -77.87
N MET F 27 -35.12 1.68 -77.19
CA MET F 27 -35.46 0.89 -76.02
C MET F 27 -34.43 1.17 -74.94
N VAL F 28 -34.88 1.22 -73.69
CA VAL F 28 -34.02 1.54 -72.55
C VAL F 28 -34.03 0.36 -71.60
N LEU F 29 -32.85 -0.12 -71.24
CA LEU F 29 -32.68 -1.31 -70.44
C LEU F 29 -32.22 -0.94 -69.04
N GLU F 30 -32.71 -1.70 -68.06
CA GLU F 30 -32.34 -1.52 -66.66
C GLU F 30 -31.34 -2.59 -66.28
N MET F 31 -30.19 -2.17 -65.77
CA MET F 31 -29.11 -3.06 -65.38
C MET F 31 -28.76 -2.80 -63.92
N GLU F 32 -28.64 -3.87 -63.14
CA GLU F 32 -28.36 -3.80 -61.72
C GLU F 32 -27.26 -4.78 -61.37
N LEU F 33 -26.42 -4.39 -60.41
CA LEU F 33 -25.30 -5.19 -59.95
C LEU F 33 -25.74 -5.98 -58.73
N GLN F 34 -25.82 -7.31 -58.87
CA GLN F 34 -26.14 -8.14 -57.72
C GLN F 34 -24.95 -8.24 -56.78
N SER F 35 -23.76 -8.43 -57.33
CA SER F 35 -22.52 -8.49 -56.55
C SER F 35 -21.36 -8.63 -57.52
N VAL F 36 -20.17 -8.27 -57.04
CA VAL F 36 -18.94 -8.39 -57.80
C VAL F 36 -17.90 -9.04 -56.92
N THR F 37 -17.30 -10.12 -57.39
CA THR F 37 -16.35 -10.90 -56.64
C THR F 37 -14.94 -10.72 -57.21
N LEU F 38 -13.97 -10.53 -56.32
CA LEU F 38 -12.57 -10.42 -56.68
C LEU F 38 -11.85 -11.60 -56.03
N GLU F 39 -11.31 -12.48 -56.86
CA GLU F 39 -10.62 -13.66 -56.39
C GLU F 39 -9.13 -13.41 -56.54
N PRO F 40 -8.36 -13.33 -55.46
CA PRO F 40 -6.92 -13.10 -55.58
C PRO F 40 -6.16 -14.40 -55.77
N THR F 41 -4.91 -14.25 -56.22
CA THR F 41 -4.05 -15.40 -56.39
C THR F 41 -3.90 -16.14 -55.07
N LEU F 42 -3.39 -17.38 -55.15
CA LEU F 42 -3.16 -18.19 -53.97
C LEU F 42 -1.83 -18.90 -54.13
N SER F 43 -0.80 -18.41 -53.44
CA SER F 43 0.51 -19.05 -53.38
C SER F 43 0.78 -19.31 -51.90
N LEU F 44 0.50 -20.53 -51.45
CA LEU F 44 0.64 -20.87 -50.04
C LEU F 44 2.10 -20.79 -49.66
N ASP F 45 2.47 -19.72 -48.95
CA ASP F 45 3.85 -19.60 -48.50
C ASP F 45 4.17 -20.67 -47.47
N TYR F 46 3.35 -20.80 -46.44
CA TYR F 46 3.55 -21.86 -45.45
C TYR F 46 2.37 -21.87 -44.48
N ILE F 47 2.47 -22.69 -43.44
CA ILE F 47 1.46 -22.78 -42.40
C ILE F 47 2.15 -22.83 -41.04
N THR F 48 1.36 -22.65 -39.99
CA THR F 48 1.88 -22.77 -38.64
C THR F 48 0.74 -23.13 -37.69
N CYS F 49 1.14 -23.59 -36.51
CA CYS F 49 0.20 -24.08 -35.51
C CYS F 49 0.97 -24.26 -34.20
N GLU F 50 0.25 -24.67 -33.17
CA GLU F 50 0.86 -24.92 -31.88
C GLU F 50 1.76 -26.16 -31.93
N TYR F 51 2.80 -26.15 -31.12
CA TYR F 51 3.80 -27.19 -31.09
C TYR F 51 3.72 -27.97 -29.78
N LYS F 52 4.15 -29.23 -29.84
CA LYS F 52 4.19 -30.10 -28.68
C LYS F 52 5.63 -30.39 -28.31
N THR F 53 5.95 -30.31 -27.02
CA THR F 53 7.29 -30.50 -26.51
C THR F 53 7.41 -31.91 -25.96
N VAL F 54 8.29 -32.70 -26.54
CA VAL F 54 8.50 -34.08 -26.13
C VAL F 54 9.77 -34.15 -25.31
N ILE F 55 9.64 -34.70 -24.10
CA ILE F 55 10.74 -34.85 -23.15
C ILE F 55 10.65 -36.24 -22.55
N PRO F 56 11.27 -37.24 -23.18
CA PRO F 56 11.16 -38.61 -22.64
C PRO F 56 11.73 -38.72 -21.24
N SER F 57 11.61 -39.90 -20.64
CA SER F 57 12.04 -40.07 -19.26
C SER F 57 13.52 -39.74 -19.13
N PRO F 58 13.91 -38.91 -18.17
CA PRO F 58 15.32 -38.55 -18.04
C PRO F 58 16.17 -39.74 -17.66
N TYR F 59 17.42 -39.73 -18.12
CA TYR F 59 18.36 -40.79 -17.84
C TYR F 59 19.04 -40.50 -16.50
N VAL F 60 18.90 -41.41 -15.56
CA VAL F 60 19.55 -41.29 -14.27
C VAL F 60 20.71 -42.26 -14.22
N LYS F 61 21.71 -41.94 -13.39
CA LYS F 61 22.87 -42.80 -13.27
C LYS F 61 23.52 -42.57 -11.92
N CYS F 62 24.23 -43.59 -11.45
CA CYS F 62 24.96 -43.59 -10.20
C CYS F 62 26.40 -44.03 -10.43
N CYS F 63 27.32 -43.40 -9.69
CA CYS F 63 28.72 -43.78 -9.65
C CYS F 63 29.36 -43.74 -11.05
N GLY F 64 28.69 -43.12 -12.00
CA GLY F 64 29.10 -43.09 -13.39
C GLY F 64 28.50 -41.85 -14.02
N THR F 65 28.89 -41.57 -15.26
CA THR F 65 28.49 -40.34 -15.91
C THR F 65 27.89 -40.64 -17.28
N ALA F 66 26.93 -39.81 -17.68
CA ALA F 66 26.28 -39.95 -18.96
C ALA F 66 26.98 -39.07 -19.99
N GLU F 67 26.40 -38.96 -21.18
CA GLU F 67 27.03 -38.20 -22.25
C GLU F 67 25.96 -37.77 -23.24
N CYS F 68 26.19 -36.62 -23.87
CA CYS F 68 25.27 -36.08 -24.86
C CYS F 68 25.70 -36.51 -26.25
N LYS F 69 24.80 -37.17 -26.96
CA LYS F 69 24.98 -37.52 -28.36
C LYS F 69 24.02 -36.70 -29.20
N ASP F 70 24.54 -35.99 -30.20
CA ASP F 70 23.72 -35.08 -30.97
C ASP F 70 22.60 -35.83 -31.68
N LYS F 71 21.43 -35.20 -31.75
CA LYS F 71 20.27 -35.73 -32.44
C LYS F 71 19.87 -34.78 -33.54
N SER F 72 19.63 -35.32 -34.73
CA SER F 72 19.24 -34.50 -35.89
C SER F 72 17.74 -34.26 -35.85
N LEU F 73 17.32 -33.52 -34.84
CA LEU F 73 15.93 -33.19 -34.62
C LEU F 73 15.78 -31.68 -34.41
N PRO F 74 14.59 -31.14 -34.66
CA PRO F 74 14.42 -29.68 -34.54
C PRO F 74 14.61 -29.21 -33.11
N ASP F 75 15.45 -28.20 -32.95
CA ASP F 75 15.67 -27.56 -31.65
C ASP F 75 15.97 -28.57 -30.55
N TYR F 76 16.51 -29.73 -30.94
CA TYR F 76 16.86 -30.72 -29.93
C TYR F 76 17.91 -30.16 -28.99
N SER F 77 17.73 -30.42 -27.70
CA SER F 77 18.65 -29.93 -26.70
C SER F 77 18.88 -31.01 -25.65
N CYS F 78 20.02 -30.92 -24.99
CA CYS F 78 20.41 -31.87 -23.96
C CYS F 78 21.25 -31.16 -22.91
N LYS F 79 21.38 -31.82 -21.75
CA LYS F 79 22.19 -31.29 -20.68
C LYS F 79 22.46 -32.42 -19.68
N VAL F 80 23.47 -32.20 -18.84
CA VAL F 80 23.81 -33.13 -17.78
C VAL F 80 24.03 -32.34 -16.50
N PHE F 81 23.86 -33.04 -15.38
CA PHE F 81 24.04 -32.46 -14.05
C PHE F 81 24.62 -33.52 -13.14
N THR F 82 25.24 -33.07 -12.04
CA THR F 82 25.94 -33.94 -11.13
C THR F 82 25.59 -33.58 -9.70
N GLY F 83 25.75 -34.57 -8.80
CA GLY F 83 25.50 -34.36 -7.40
C GLY F 83 24.06 -34.45 -6.98
N VAL F 84 23.15 -34.74 -7.91
CA VAL F 84 21.73 -34.84 -7.58
C VAL F 84 21.46 -36.14 -6.88
N TYR F 85 20.66 -36.09 -5.82
CA TYR F 85 20.36 -37.25 -4.99
C TYR F 85 18.85 -37.40 -4.90
N PRO F 86 18.21 -37.87 -5.97
CA PRO F 86 16.75 -37.92 -6.00
C PRO F 86 16.20 -38.92 -5.01
N PHE F 87 14.99 -38.64 -4.55
CA PHE F 87 14.26 -39.49 -3.63
C PHE F 87 12.92 -39.86 -4.25
N MET F 88 12.53 -41.12 -4.12
CA MET F 88 11.23 -41.59 -4.55
C MET F 88 10.38 -41.96 -3.33
N TRP F 89 9.21 -42.54 -3.59
CA TRP F 89 8.29 -42.84 -2.50
C TRP F 89 8.91 -43.81 -1.51
N GLY F 90 9.56 -44.86 -1.99
CA GLY F 90 10.11 -45.87 -1.12
C GLY F 90 11.45 -45.54 -0.51
N GLY F 91 12.05 -44.43 -0.90
CA GLY F 91 13.31 -43.97 -0.37
C GLY F 91 14.18 -43.43 -1.47
N ALA F 92 15.48 -43.32 -1.17
CA ALA F 92 16.42 -42.83 -2.16
C ALA F 92 16.46 -43.78 -3.36
N TYR F 93 16.60 -43.19 -4.54
CA TYR F 93 16.73 -44.01 -5.75
C TYR F 93 17.96 -44.91 -5.65
N CYS F 94 19.07 -44.36 -5.17
CA CYS F 94 20.34 -45.05 -5.18
C CYS F 94 21.28 -44.48 -4.13
N PHE F 95 22.41 -45.18 -3.92
CA PHE F 95 23.26 -44.86 -2.77
C PHE F 95 24.26 -43.76 -3.09
N CYS F 96 24.83 -43.76 -4.30
CA CYS F 96 25.93 -42.84 -4.60
C CYS F 96 25.49 -41.42 -4.28
N ASP F 97 26.07 -40.86 -3.21
CA ASP F 97 25.57 -39.62 -2.63
C ASP F 97 25.75 -38.44 -3.57
N ALA F 98 26.94 -38.35 -4.18
CA ALA F 98 27.24 -37.25 -5.10
C ALA F 98 27.90 -37.72 -6.39
N GLU F 99 28.36 -38.97 -6.47
CA GLU F 99 28.96 -39.48 -7.69
C GLU F 99 27.94 -39.68 -8.80
N ASN F 100 26.65 -39.62 -8.48
CA ASN F 100 25.60 -39.87 -9.46
C ASN F 100 25.48 -38.70 -10.43
N THR F 101 24.81 -38.96 -11.55
CA THR F 101 24.62 -37.97 -12.59
C THR F 101 23.25 -38.11 -13.22
N GLN F 102 22.83 -37.05 -13.90
CA GLN F 102 21.54 -36.99 -14.56
C GLN F 102 21.76 -36.43 -15.97
N LEU F 103 21.21 -37.11 -16.97
CA LEU F 103 21.20 -36.63 -18.34
C LEU F 103 19.75 -36.39 -18.74
N SER F 104 19.50 -35.22 -19.32
CA SER F 104 18.16 -34.87 -19.80
C SER F 104 18.27 -34.35 -21.22
N GLU F 105 17.20 -34.51 -21.98
CA GLU F 105 17.13 -33.96 -23.32
C GLU F 105 15.68 -33.83 -23.73
N ALA F 106 15.45 -33.01 -24.74
CA ALA F 106 14.09 -32.73 -25.18
C ALA F 106 14.12 -32.19 -26.61
N HIS F 107 12.97 -32.28 -27.26
CA HIS F 107 12.81 -31.66 -28.57
C HIS F 107 11.35 -31.24 -28.74
N VAL F 108 11.07 -30.61 -29.88
CA VAL F 108 9.76 -30.04 -30.16
C VAL F 108 9.30 -30.53 -31.52
N GLU F 109 8.02 -30.90 -31.60
CA GLU F 109 7.44 -31.44 -32.82
C GLU F 109 6.10 -30.78 -33.08
N LYS F 110 5.55 -31.06 -34.26
CA LYS F 110 4.24 -30.56 -34.62
C LYS F 110 3.15 -31.33 -33.91
N SER F 111 2.02 -30.65 -33.69
CA SER F 111 0.89 -31.24 -33.00
C SER F 111 -0.12 -31.79 -33.99
N GLU F 112 -0.74 -32.91 -33.62
CA GLU F 112 -1.77 -33.48 -34.49
C GLU F 112 -2.93 -32.51 -34.66
N SER F 113 -3.15 -31.64 -33.68
CA SER F 113 -4.18 -30.61 -33.82
C SER F 113 -3.96 -29.75 -35.05
N CYS F 114 -2.72 -29.65 -35.52
CA CYS F 114 -2.44 -28.90 -36.73
C CYS F 114 -3.28 -29.38 -37.90
N LYS F 115 -3.60 -30.68 -37.93
CA LYS F 115 -4.36 -31.23 -39.04
C LYS F 115 -5.77 -30.64 -39.10
N THR F 116 -6.23 -29.99 -38.04
CA THR F 116 -7.57 -29.41 -37.98
C THR F 116 -7.54 -27.91 -37.81
N GLU F 117 -6.70 -27.40 -36.91
CA GLU F 117 -6.62 -25.97 -36.61
C GLU F 117 -5.20 -25.48 -36.89
N PHE F 118 -5.10 -24.34 -37.56
CA PHE F 118 -3.81 -23.79 -37.96
C PHE F 118 -4.05 -22.43 -38.61
N ALA F 119 -2.96 -21.75 -38.90
CA ALA F 119 -2.99 -20.47 -39.60
C ALA F 119 -2.06 -20.54 -40.79
N SER F 120 -2.55 -20.13 -41.96
CA SER F 120 -1.82 -20.31 -43.21
C SER F 120 -1.46 -18.97 -43.81
N ALA F 121 -0.19 -18.81 -44.20
CA ALA F 121 0.33 -17.58 -44.78
C ALA F 121 0.50 -17.78 -46.28
N TYR F 122 -0.12 -16.90 -47.07
CA TYR F 122 -0.06 -16.90 -48.52
C TYR F 122 0.54 -15.60 -49.01
N ARG F 123 0.99 -15.64 -50.27
CA ARG F 123 1.59 -14.47 -50.91
C ARG F 123 0.76 -14.06 -52.13
N ALA F 124 -0.56 -14.01 -51.96
CA ALA F 124 -1.43 -13.60 -53.05
C ALA F 124 -1.07 -12.21 -53.54
N HIS F 125 -0.97 -12.05 -54.86
CA HIS F 125 -0.54 -10.81 -55.47
C HIS F 125 -1.59 -10.17 -56.36
N THR F 126 -2.11 -10.91 -57.33
CA THR F 126 -3.08 -10.40 -58.29
C THR F 126 -4.45 -11.01 -58.01
N ALA F 127 -5.41 -10.68 -58.87
CA ALA F 127 -6.77 -11.16 -58.68
C ALA F 127 -7.52 -11.10 -60.01
N SER F 128 -8.65 -11.80 -60.04
CA SER F 128 -9.57 -11.78 -61.16
C SER F 128 -10.96 -11.41 -60.65
N ALA F 129 -11.78 -10.88 -61.55
CA ALA F 129 -13.08 -10.32 -61.19
C ALA F 129 -14.19 -11.13 -61.82
N SER F 130 -15.21 -11.45 -61.02
CA SER F 130 -16.43 -12.07 -61.48
C SER F 130 -17.62 -11.33 -60.87
N ALA F 131 -18.72 -11.30 -61.61
CA ALA F 131 -19.83 -10.44 -61.22
C ALA F 131 -21.15 -11.03 -61.69
N LYS F 132 -22.21 -10.56 -61.03
CA LYS F 132 -23.59 -10.96 -61.29
C LYS F 132 -24.41 -9.73 -61.66
N LEU F 133 -25.18 -9.84 -62.73
CA LEU F 133 -25.98 -8.74 -63.24
C LEU F 133 -27.43 -9.16 -63.38
N ARG F 134 -28.32 -8.21 -63.18
CA ARG F 134 -29.75 -8.38 -63.44
C ARG F 134 -30.17 -7.37 -64.50
N VAL F 135 -30.82 -7.85 -65.55
CA VAL F 135 -31.16 -7.03 -66.71
C VAL F 135 -32.65 -7.15 -66.97
N LEU F 136 -33.30 -6.01 -67.21
CA LEU F 136 -34.70 -5.99 -67.60
C LEU F 136 -34.75 -6.10 -69.12
N TYR F 137 -35.15 -7.27 -69.61
CA TYR F 137 -35.21 -7.55 -71.04
C TYR F 137 -36.60 -8.05 -71.37
N GLN F 138 -37.21 -7.46 -72.40
CA GLN F 138 -38.54 -7.87 -72.86
C GLN F 138 -39.51 -7.98 -71.69
N GLY F 139 -39.41 -7.03 -70.77
CA GLY F 139 -40.31 -7.00 -69.62
C GLY F 139 -40.13 -8.16 -68.66
N ASN F 140 -38.89 -8.57 -68.40
CA ASN F 140 -38.63 -9.56 -67.37
C ASN F 140 -37.19 -9.41 -66.89
N ASN F 141 -37.00 -9.68 -65.60
CA ASN F 141 -35.68 -9.65 -64.98
C ASN F 141 -34.95 -10.95 -65.30
N ILE F 142 -33.70 -10.82 -65.78
CA ILE F 142 -32.88 -11.96 -66.15
C ILE F 142 -31.53 -11.83 -65.46
N THR F 143 -31.01 -12.95 -64.98
CA THR F 143 -29.76 -12.99 -64.25
C THR F 143 -28.64 -13.49 -65.16
N VAL F 144 -27.48 -12.87 -65.04
CA VAL F 144 -26.31 -13.23 -65.81
C VAL F 144 -25.10 -13.23 -64.88
N ALA F 145 -24.15 -14.12 -65.15
CA ALA F 145 -22.92 -14.23 -64.38
C ALA F 145 -21.75 -14.28 -65.33
N ALA F 146 -20.69 -13.52 -65.04
CA ALA F 146 -19.56 -13.53 -65.95
C ALA F 146 -18.33 -12.94 -65.29
N TYR F 147 -17.17 -13.28 -65.82
CA TYR F 147 -15.90 -12.75 -65.33
C TYR F 147 -15.77 -11.29 -65.75
N ALA F 148 -15.64 -10.40 -64.77
CA ALA F 148 -15.61 -8.96 -65.04
C ALA F 148 -14.18 -8.50 -65.36
N ASN F 149 -13.63 -9.08 -66.43
CA ASN F 149 -12.30 -8.73 -66.88
C ASN F 149 -12.25 -8.42 -68.37
N GLY F 150 -13.39 -8.19 -69.00
CA GLY F 150 -13.41 -7.84 -70.40
C GLY F 150 -13.16 -8.98 -71.36
N ASP F 151 -13.11 -10.22 -70.88
CA ASP F 151 -12.85 -11.38 -71.71
C ASP F 151 -14.04 -12.31 -71.84
N HIS F 152 -14.66 -12.68 -70.72
CA HIS F 152 -15.74 -13.64 -70.75
C HIS F 152 -16.94 -13.06 -71.48
N ALA F 153 -17.47 -13.81 -72.43
CA ALA F 153 -18.69 -13.45 -73.15
C ALA F 153 -19.76 -14.49 -72.85
N VAL F 154 -20.98 -14.02 -72.60
CA VAL F 154 -22.06 -14.88 -72.16
C VAL F 154 -23.28 -14.66 -73.05
N THR F 155 -23.87 -15.75 -73.52
CA THR F 155 -25.06 -15.69 -74.35
C THR F 155 -26.28 -16.00 -73.52
N VAL F 156 -27.31 -15.14 -73.63
CA VAL F 156 -28.55 -15.34 -72.91
C VAL F 156 -29.69 -14.76 -73.75
N LYS F 157 -30.72 -15.57 -73.95
CA LYS F 157 -31.92 -15.14 -74.65
C LYS F 157 -31.56 -14.49 -75.99
N ASP F 158 -30.63 -15.12 -76.70
CA ASP F 158 -30.21 -14.76 -78.05
C ASP F 158 -29.30 -13.54 -78.07
N ALA F 159 -28.93 -12.96 -76.93
CA ALA F 159 -28.12 -11.75 -76.88
C ALA F 159 -26.79 -12.03 -76.21
N LYS F 160 -25.75 -11.36 -76.69
CA LYS F 160 -24.38 -11.58 -76.20
C LYS F 160 -23.98 -10.42 -75.30
N PHE F 161 -23.63 -10.74 -74.06
CA PHE F 161 -23.17 -9.77 -73.08
C PHE F 161 -21.68 -9.96 -72.83
N VAL F 162 -20.95 -8.85 -72.78
CA VAL F 162 -19.55 -8.84 -72.37
C VAL F 162 -19.37 -7.74 -71.33
N VAL F 163 -18.68 -8.09 -70.24
CA VAL F 163 -18.52 -7.20 -69.10
C VAL F 163 -17.03 -7.03 -68.81
N GLY F 164 -16.69 -5.89 -68.22
CA GLY F 164 -15.33 -5.61 -67.87
C GLY F 164 -14.54 -5.07 -69.05
N PRO F 165 -13.25 -4.88 -68.86
CA PRO F 165 -12.48 -5.13 -67.63
C PRO F 165 -12.69 -4.07 -66.57
N MET F 166 -12.40 -4.42 -65.31
CA MET F 166 -12.52 -3.46 -64.22
C MET F 166 -11.68 -2.23 -64.51
N SER F 167 -12.30 -1.06 -64.35
CA SER F 167 -11.59 0.19 -64.61
C SER F 167 -10.43 0.36 -63.64
N SER F 168 -10.64 0.02 -62.37
CA SER F 168 -9.62 0.19 -61.34
C SER F 168 -9.01 -1.16 -61.00
N ALA F 169 -7.68 -1.19 -60.93
CA ALA F 169 -6.96 -2.38 -60.50
C ALA F 169 -6.79 -2.45 -58.98
N TRP F 170 -7.36 -1.50 -58.25
CA TRP F 170 -7.20 -1.47 -56.81
C TRP F 170 -7.81 -2.72 -56.19
N THR F 171 -7.17 -3.19 -55.12
CA THR F 171 -7.65 -4.33 -54.35
C THR F 171 -7.54 -4.02 -52.87
N PRO F 172 -8.39 -4.63 -52.04
CA PRO F 172 -8.21 -4.49 -50.59
C PRO F 172 -7.13 -5.41 -50.04
N PHE F 173 -6.72 -6.42 -50.79
CA PHE F 173 -5.75 -7.39 -50.31
C PHE F 173 -4.35 -6.79 -50.35
N ASP F 174 -3.37 -7.65 -50.07
CA ASP F 174 -1.96 -7.26 -50.06
C ASP F 174 -1.13 -8.45 -50.53
N ASN F 175 0.09 -8.16 -50.94
CA ASN F 175 0.96 -9.20 -51.47
C ASN F 175 1.06 -10.38 -50.50
N LYS F 176 1.15 -10.11 -49.21
CA LYS F 176 1.27 -11.14 -48.19
C LYS F 176 0.08 -11.06 -47.25
N ILE F 177 -0.53 -12.21 -47.00
CA ILE F 177 -1.71 -12.28 -46.14
C ILE F 177 -1.66 -13.53 -45.29
N VAL F 178 -2.33 -13.50 -44.15
CA VAL F 178 -2.40 -14.64 -43.24
C VAL F 178 -3.87 -14.92 -42.94
N VAL F 179 -4.27 -16.18 -43.03
CA VAL F 179 -5.66 -16.58 -42.93
C VAL F 179 -5.80 -17.57 -41.79
N TYR F 180 -6.78 -17.31 -40.93
CA TYR F 180 -7.23 -18.25 -39.91
C TYR F 180 -8.38 -19.07 -40.49
N LYS F 181 -9.12 -19.77 -39.63
CA LYS F 181 -10.20 -20.62 -40.09
C LYS F 181 -11.16 -19.85 -40.98
N GLY F 182 -11.55 -18.65 -40.56
CA GLY F 182 -12.51 -17.87 -41.31
C GLY F 182 -12.22 -16.38 -41.30
N ASP F 183 -10.99 -16.02 -41.00
CA ASP F 183 -10.59 -14.61 -40.91
C ASP F 183 -9.32 -14.42 -41.73
N VAL F 184 -9.16 -13.20 -42.24
CA VAL F 184 -8.04 -12.82 -43.08
C VAL F 184 -7.39 -11.57 -42.50
N TYR F 185 -6.06 -11.51 -42.60
CA TYR F 185 -5.30 -10.41 -42.03
C TYR F 185 -4.20 -9.99 -43.00
N ASN F 186 -4.07 -8.68 -43.19
CA ASN F 186 -2.95 -8.10 -43.91
C ASN F 186 -1.82 -7.91 -42.91
N MET F 187 -0.74 -8.67 -43.07
CA MET F 187 0.31 -8.69 -42.08
C MET F 187 1.52 -9.38 -42.68
N ASP F 188 2.69 -8.77 -42.53
CA ASP F 188 3.92 -9.23 -43.17
C ASP F 188 4.53 -10.29 -42.26
N TYR F 189 4.33 -11.55 -42.61
CA TYR F 189 4.88 -12.64 -41.82
C TYR F 189 6.40 -12.69 -41.99
N PRO F 190 7.11 -13.20 -40.98
CA PRO F 190 8.55 -13.33 -41.10
C PRO F 190 8.90 -14.36 -42.16
N PRO F 191 10.08 -14.25 -42.77
CA PRO F 191 10.46 -15.23 -43.80
C PRO F 191 10.59 -16.62 -43.20
N PHE F 192 10.31 -17.62 -44.03
CA PHE F 192 10.38 -19.01 -43.58
C PHE F 192 11.77 -19.33 -43.06
N GLY F 193 11.83 -20.06 -41.96
CA GLY F 193 13.09 -20.45 -41.38
C GLY F 193 13.73 -19.42 -40.49
N ALA F 194 13.06 -18.29 -40.24
CA ALA F 194 13.58 -17.22 -39.40
C ALA F 194 12.53 -16.78 -38.39
N GLY F 195 11.71 -17.72 -37.94
CA GLY F 195 10.65 -17.36 -37.01
C GLY F 195 11.22 -16.78 -35.72
N ARG F 196 10.61 -15.69 -35.28
CA ARG F 196 11.01 -15.04 -34.03
C ARG F 196 10.18 -15.60 -32.89
N PRO F 197 10.79 -16.12 -31.82
CA PRO F 197 10.00 -16.74 -30.77
C PRO F 197 9.04 -15.75 -30.13
N GLY F 198 7.87 -16.26 -29.75
CA GLY F 198 6.83 -15.43 -29.17
C GLY F 198 6.03 -14.62 -30.16
N GLN F 199 6.24 -14.84 -31.46
CA GLN F 199 5.54 -14.10 -32.49
C GLN F 199 5.04 -15.07 -33.54
N PHE F 200 4.18 -14.56 -34.42
CA PHE F 200 3.67 -15.38 -35.50
C PHE F 200 4.81 -15.90 -36.35
N GLY F 201 4.70 -17.16 -36.76
CA GLY F 201 5.77 -17.83 -37.46
C GLY F 201 6.80 -18.48 -36.57
N ASP F 202 6.58 -18.49 -35.27
CA ASP F 202 7.52 -19.11 -34.35
C ASP F 202 7.81 -20.56 -34.71
N ILE F 203 6.82 -21.28 -35.23
CA ILE F 203 7.03 -22.59 -35.83
C ILE F 203 6.56 -22.53 -37.28
N GLN F 204 7.37 -23.08 -38.18
CA GLN F 204 7.09 -23.06 -39.61
C GLN F 204 6.96 -24.49 -40.11
N SER F 205 5.90 -24.74 -40.87
CA SER F 205 5.69 -26.02 -41.53
C SER F 205 5.28 -25.77 -42.97
N ARG F 206 5.87 -26.54 -43.89
CA ARG F 206 5.53 -26.37 -45.29
C ARG F 206 4.07 -26.72 -45.54
N THR F 207 3.60 -27.81 -44.95
CA THR F 207 2.22 -28.25 -45.13
C THR F 207 1.75 -28.88 -43.84
N PRO F 208 0.43 -29.01 -43.64
CA PRO F 208 -0.06 -29.63 -42.41
C PRO F 208 0.38 -31.07 -42.23
N GLU F 209 0.73 -31.75 -43.31
CA GLU F 209 1.10 -33.16 -43.25
C GLU F 209 2.60 -33.40 -43.39
N SER F 210 3.35 -32.44 -43.93
CA SER F 210 4.79 -32.62 -44.09
C SER F 210 5.44 -32.87 -42.73
N LYS F 211 6.28 -33.91 -42.66
CA LYS F 211 6.93 -34.24 -41.40
C LYS F 211 8.00 -33.23 -41.05
N ASP F 212 8.75 -32.75 -42.04
CA ASP F 212 9.81 -31.78 -41.78
C ASP F 212 9.21 -30.48 -41.29
N VAL F 213 9.91 -29.84 -40.34
CA VAL F 213 9.48 -28.59 -39.73
C VAL F 213 10.72 -27.78 -39.37
N TYR F 214 10.48 -26.54 -38.94
CA TYR F 214 11.51 -25.65 -38.44
C TYR F 214 11.02 -25.00 -37.16
N ALA F 215 11.93 -24.79 -36.21
CA ALA F 215 11.55 -24.28 -34.91
C ALA F 215 12.65 -23.38 -34.36
N ASN F 216 12.25 -22.52 -33.43
CA ASN F 216 13.19 -21.63 -32.74
C ASN F 216 12.57 -21.30 -31.38
N THR F 217 13.00 -22.01 -30.35
CA THR F 217 12.34 -21.93 -29.05
C THR F 217 13.28 -21.89 -27.86
N GLN F 218 14.59 -21.78 -28.07
CA GLN F 218 15.53 -21.55 -26.98
C GLN F 218 15.31 -22.54 -25.84
N LEU F 219 15.20 -23.82 -26.19
CA LEU F 219 14.94 -24.86 -25.21
C LEU F 219 16.20 -25.08 -24.39
N VAL F 220 16.23 -24.46 -23.20
CA VAL F 220 17.35 -24.57 -22.27
C VAL F 220 16.87 -25.34 -21.04
N LEU F 221 17.66 -26.30 -20.60
CA LEU F 221 17.35 -27.08 -19.43
C LEU F 221 17.90 -26.41 -18.18
N GLN F 222 17.50 -26.94 -17.03
CA GLN F 222 17.93 -26.41 -15.74
C GLN F 222 18.24 -27.56 -14.80
N ARG F 223 19.00 -27.25 -13.76
CA ARG F 223 19.32 -28.25 -12.76
C ARG F 223 18.04 -28.66 -12.03
N PRO F 224 17.76 -29.95 -11.89
CA PRO F 224 16.52 -30.36 -11.22
C PRO F 224 16.54 -30.01 -9.74
N ALA F 225 15.35 -29.82 -9.20
CA ALA F 225 15.22 -29.53 -7.77
C ALA F 225 15.84 -30.64 -6.95
N ALA F 226 16.61 -30.25 -5.93
CA ALA F 226 17.30 -31.21 -5.10
C ALA F 226 16.30 -32.11 -4.37
N GLY F 227 16.66 -33.37 -4.22
CA GLY F 227 15.82 -34.31 -3.51
C GLY F 227 14.65 -34.85 -4.29
N THR F 228 14.55 -34.50 -5.57
CA THR F 228 13.43 -34.93 -6.40
C THR F 228 13.96 -35.43 -7.73
N VAL F 229 13.17 -36.32 -8.35
CA VAL F 229 13.45 -36.82 -9.68
C VAL F 229 12.42 -36.24 -10.62
N HIS F 230 12.88 -35.50 -11.62
CA HIS F 230 12.02 -34.80 -12.56
C HIS F 230 12.90 -34.12 -13.59
N VAL F 231 12.28 -33.62 -14.65
CA VAL F 231 12.97 -32.87 -15.68
C VAL F 231 12.39 -31.46 -15.74
N PRO F 232 13.18 -30.42 -15.49
CA PRO F 232 12.73 -29.06 -15.80
C PRO F 232 13.08 -28.70 -17.24
N TYR F 233 12.23 -27.85 -17.81
CA TYR F 233 12.51 -27.36 -19.15
C TYR F 233 12.20 -25.87 -19.18
N SER F 234 13.05 -25.13 -19.89
CA SER F 234 12.76 -23.75 -20.25
C SER F 234 12.24 -23.74 -21.69
N GLN F 235 11.05 -24.29 -21.85
CA GLN F 235 10.36 -24.26 -23.13
C GLN F 235 9.90 -22.85 -23.43
N ALA F 236 10.18 -22.38 -24.64
CA ALA F 236 9.71 -21.06 -25.02
C ALA F 236 8.18 -21.06 -25.13
N PRO F 237 7.53 -20.03 -24.61
CA PRO F 237 6.07 -19.92 -24.81
C PRO F 237 5.74 -19.82 -26.28
N SER F 238 4.61 -20.41 -26.64
CA SER F 238 4.21 -20.53 -28.04
C SER F 238 3.67 -19.20 -28.53
N GLY F 239 4.35 -18.62 -29.53
CA GLY F 239 3.90 -17.36 -30.07
C GLY F 239 2.66 -17.51 -30.94
N PHE F 240 2.42 -18.71 -31.46
CA PHE F 240 1.28 -18.91 -32.34
C PHE F 240 -0.03 -18.73 -31.59
N LYS F 241 -0.23 -19.53 -30.54
CA LYS F 241 -1.45 -19.38 -29.73
C LYS F 241 -1.62 -17.93 -29.29
N TYR F 242 -0.52 -17.28 -28.91
CA TYR F 242 -0.59 -15.91 -28.44
C TYR F 242 -1.09 -14.96 -29.52
N TRP F 243 -0.57 -15.10 -30.74
CA TRP F 243 -0.99 -14.22 -31.83
C TRP F 243 -2.49 -14.27 -32.01
N LEU F 244 -3.09 -15.43 -31.75
CA LEU F 244 -4.55 -15.51 -31.80
C LEU F 244 -5.18 -14.62 -30.74
N LYS F 245 -4.45 -14.34 -29.67
CA LYS F 245 -4.99 -13.50 -28.61
C LYS F 245 -4.94 -12.02 -28.98
N GLU F 246 -3.91 -11.60 -29.72
CA GLU F 246 -3.78 -10.22 -30.16
C GLU F 246 -3.95 -10.08 -31.67
N ARG F 247 -4.88 -10.82 -32.27
CA ARG F 247 -5.03 -10.75 -33.72
C ARG F 247 -5.32 -9.33 -34.17
N GLY F 248 -6.26 -8.66 -33.53
CA GLY F 248 -6.66 -7.33 -33.93
C GLY F 248 -7.84 -7.38 -34.88
N ALA F 249 -8.13 -6.21 -35.46
CA ALA F 249 -9.27 -6.07 -36.35
C ALA F 249 -9.05 -6.85 -37.63
N SER F 250 -10.10 -7.55 -38.07
CA SER F 250 -10.05 -8.26 -39.34
C SER F 250 -10.17 -7.29 -40.50
N LEU F 251 -9.77 -7.77 -41.68
CA LEU F 251 -9.81 -6.93 -42.86
C LEU F 251 -11.23 -6.64 -43.32
N GLN F 252 -12.24 -7.38 -42.85
CA GLN F 252 -13.59 -7.10 -43.31
C GLN F 252 -14.07 -5.78 -42.73
N HIS F 253 -13.40 -5.30 -41.67
CA HIS F 253 -13.66 -3.98 -41.12
C HIS F 253 -12.62 -2.94 -41.54
N THR F 254 -11.38 -3.34 -41.80
CA THR F 254 -10.35 -2.40 -42.16
C THR F 254 -10.23 -2.17 -43.66
N ALA F 255 -11.00 -2.89 -44.47
CA ALA F 255 -10.90 -2.76 -45.91
C ALA F 255 -11.57 -1.47 -46.37
N PRO F 256 -10.85 -0.56 -47.03
CA PRO F 256 -11.51 0.59 -47.62
C PRO F 256 -12.53 0.15 -48.66
N PHE F 257 -13.64 0.87 -48.72
CA PHE F 257 -14.79 0.56 -49.57
C PHE F 257 -15.53 -0.67 -49.09
N GLY F 258 -15.17 -1.23 -47.93
CA GLY F 258 -15.96 -2.28 -47.31
C GLY F 258 -16.21 -3.47 -48.18
N CYS F 259 -15.18 -3.95 -48.87
CA CYS F 259 -15.33 -5.13 -49.72
C CYS F 259 -15.45 -6.37 -48.84
N GLN F 260 -16.67 -6.92 -48.76
CA GLN F 260 -16.91 -8.07 -47.90
C GLN F 260 -16.01 -9.23 -48.32
N ILE F 261 -15.43 -9.91 -47.33
CA ILE F 261 -14.43 -10.93 -47.56
C ILE F 261 -14.98 -12.27 -47.09
N ALA F 262 -14.84 -13.29 -47.93
CA ALA F 262 -15.25 -14.65 -47.64
C ALA F 262 -14.02 -15.57 -47.68
N THR F 263 -14.27 -16.87 -47.59
CA THR F 263 -13.19 -17.85 -47.58
C THR F 263 -13.68 -19.11 -48.27
N ASN F 264 -12.73 -20.01 -48.56
CA ASN F 264 -12.98 -21.26 -49.27
C ASN F 264 -13.96 -21.04 -50.42
N PRO F 265 -13.56 -20.29 -51.46
CA PRO F 265 -12.29 -19.60 -51.64
C PRO F 265 -12.30 -18.20 -51.04
N VAL F 266 -11.14 -17.57 -50.92
CA VAL F 266 -11.07 -16.21 -50.38
C VAL F 266 -11.41 -15.23 -51.49
N ARG F 267 -12.45 -14.43 -51.27
CA ARG F 267 -12.87 -13.42 -52.22
C ARG F 267 -13.18 -12.13 -51.50
N ALA F 268 -13.06 -11.02 -52.23
CA ALA F 268 -13.48 -9.71 -51.76
C ALA F 268 -14.65 -9.25 -52.62
N VAL F 269 -15.76 -8.92 -51.98
CA VAL F 269 -17.01 -8.71 -52.70
C VAL F 269 -17.67 -7.43 -52.24
N ASN F 270 -18.44 -6.83 -53.15
CA ASN F 270 -19.29 -5.67 -52.86
C ASN F 270 -18.47 -4.50 -52.34
N CYS F 271 -17.57 -4.01 -53.19
CA CYS F 271 -16.85 -2.77 -52.96
C CYS F 271 -16.97 -1.90 -54.19
N ALA F 272 -17.37 -0.65 -53.98
CA ALA F 272 -17.64 0.28 -55.07
C ALA F 272 -16.38 1.07 -55.39
N VAL F 273 -15.77 0.77 -56.53
CA VAL F 273 -14.58 1.47 -56.98
C VAL F 273 -14.54 1.43 -58.50
N GLY F 274 -14.32 2.59 -59.11
CA GLY F 274 -14.24 2.63 -60.55
C GLY F 274 -15.61 2.41 -61.21
N ASN F 275 -15.54 1.92 -62.45
CA ASN F 275 -16.73 1.65 -63.23
C ASN F 275 -16.48 0.43 -64.10
N ILE F 276 -17.53 0.02 -64.81
CA ILE F 276 -17.51 -1.19 -65.62
C ILE F 276 -17.96 -0.87 -67.04
N PRO F 277 -17.24 -1.33 -68.06
CA PRO F 277 -17.77 -1.25 -69.43
C PRO F 277 -18.52 -2.51 -69.81
N ILE F 278 -19.66 -2.32 -70.46
CA ILE F 278 -20.52 -3.42 -70.87
C ILE F 278 -20.87 -3.25 -72.34
N SER F 279 -20.66 -4.32 -73.11
CA SER F 279 -21.01 -4.34 -74.54
C SER F 279 -22.06 -5.43 -74.75
N ILE F 280 -23.19 -5.04 -75.33
CA ILE F 280 -24.32 -5.94 -75.54
C ILE F 280 -24.62 -5.98 -77.03
N ASP F 281 -24.54 -7.18 -77.60
CA ASP F 281 -25.01 -7.44 -78.95
C ASP F 281 -26.43 -7.99 -78.84
N ILE F 282 -27.38 -7.22 -79.33
CA ILE F 282 -28.81 -7.49 -79.17
C ILE F 282 -29.37 -7.86 -80.55
N PRO F 283 -29.91 -9.05 -80.74
CA PRO F 283 -30.53 -9.37 -82.04
C PRO F 283 -31.70 -8.44 -82.34
N ASP F 284 -31.92 -8.22 -83.63
CA ASP F 284 -32.97 -7.31 -84.07
C ASP F 284 -34.37 -7.81 -83.73
N ALA F 285 -34.52 -9.08 -83.34
CA ALA F 285 -35.84 -9.61 -83.02
C ALA F 285 -36.53 -8.75 -81.97
N ALA F 286 -35.80 -8.37 -80.92
CA ALA F 286 -36.39 -7.50 -79.90
C ALA F 286 -36.70 -6.13 -80.48
N PHE F 287 -35.88 -5.65 -81.41
CA PHE F 287 -36.12 -4.35 -82.01
C PHE F 287 -37.44 -4.36 -82.77
N THR F 288 -38.16 -3.24 -82.67
CA THR F 288 -39.45 -3.07 -83.33
C THR F 288 -39.40 -1.82 -84.19
N ARG F 289 -39.83 -1.95 -85.44
CA ARG F 289 -39.82 -0.81 -86.34
C ARG F 289 -40.70 0.31 -85.79
N VAL F 290 -40.30 1.54 -86.08
CA VAL F 290 -40.97 2.71 -85.51
C VAL F 290 -42.46 2.69 -85.87
N VAL F 291 -42.78 2.28 -87.09
CA VAL F 291 -44.17 2.24 -87.51
C VAL F 291 -44.98 1.33 -86.60
N ASP F 292 -44.38 0.26 -86.10
CA ASP F 292 -45.10 -0.64 -85.20
C ASP F 292 -45.53 0.09 -83.94
N ALA F 293 -44.66 0.90 -83.37
CA ALA F 293 -44.98 1.61 -82.14
C ALA F 293 -46.11 2.61 -82.41
N PRO F 294 -47.08 2.74 -81.49
CA PRO F 294 -48.10 3.77 -81.67
C PRO F 294 -47.49 5.16 -81.58
N SER F 295 -48.11 6.09 -82.31
CA SER F 295 -47.64 7.47 -82.31
C SER F 295 -48.03 8.14 -81.00
N VAL F 296 -47.59 9.39 -80.84
CA VAL F 296 -47.88 10.18 -79.64
C VAL F 296 -48.07 11.63 -80.05
N THR F 297 -48.99 12.30 -79.38
CA THR F 297 -49.28 13.70 -79.69
C THR F 297 -49.99 14.33 -78.49
N ASP F 298 -50.05 15.66 -78.50
CA ASP F 298 -50.72 16.42 -77.46
C ASP F 298 -50.11 16.10 -76.09
N MET F 299 -48.83 16.44 -75.96
CA MET F 299 -48.07 16.12 -74.77
C MET F 299 -48.08 17.31 -73.81
N SER F 300 -48.56 17.08 -72.60
CA SER F 300 -48.54 18.09 -71.54
C SER F 300 -47.99 17.45 -70.29
N CYS F 301 -47.28 18.25 -69.50
CA CYS F 301 -46.65 17.76 -68.28
C CYS F 301 -47.06 18.65 -67.11
N GLU F 302 -47.11 18.05 -65.92
CA GLU F 302 -47.42 18.79 -64.71
C GLU F 302 -46.84 18.05 -63.53
N VAL F 303 -46.50 18.80 -62.50
CA VAL F 303 -45.95 18.23 -61.27
C VAL F 303 -46.79 18.71 -60.09
N PRO F 304 -47.72 17.90 -59.59
CA PRO F 304 -48.50 18.34 -58.42
C PRO F 304 -47.62 18.64 -57.22
N ALA F 305 -46.52 17.92 -57.07
CA ALA F 305 -45.57 18.13 -56.00
C ALA F 305 -44.36 17.24 -56.24
N CYS F 306 -43.22 17.66 -55.70
CA CYS F 306 -42.01 16.87 -55.79
C CYS F 306 -41.14 17.17 -54.59
N THR F 307 -40.26 16.22 -54.26
CA THR F 307 -39.46 16.30 -53.05
C THR F 307 -38.12 15.60 -53.32
N HIS F 308 -37.09 16.40 -53.58
CA HIS F 308 -35.76 15.86 -53.83
C HIS F 308 -35.33 15.02 -52.63
N SER F 309 -35.10 13.74 -52.86
CA SER F 309 -34.75 12.81 -51.80
C SER F 309 -34.03 11.61 -52.42
N SER F 310 -33.51 10.76 -51.54
CA SER F 310 -32.85 9.55 -52.00
C SER F 310 -33.84 8.59 -52.65
N ASP F 311 -35.13 8.76 -52.38
CA ASP F 311 -36.17 7.91 -52.94
C ASP F 311 -36.78 8.56 -54.17
N PHE F 312 -37.84 7.95 -54.69
CA PHE F 312 -38.57 8.48 -55.84
C PHE F 312 -39.62 9.48 -55.34
N GLY F 313 -39.12 10.56 -54.76
CA GLY F 313 -39.99 11.55 -54.16
C GLY F 313 -40.70 12.45 -55.15
N GLY F 314 -40.34 12.38 -56.42
CA GLY F 314 -40.96 13.20 -57.44
C GLY F 314 -42.05 12.43 -58.18
N VAL F 315 -43.17 13.08 -58.41
CA VAL F 315 -44.29 12.50 -59.16
C VAL F 315 -44.69 13.49 -60.23
N ALA F 316 -44.84 12.99 -61.47
CA ALA F 316 -45.18 13.83 -62.61
C ALA F 316 -46.35 13.20 -63.35
N ILE F 317 -47.35 14.01 -63.67
CA ILE F 317 -48.52 13.58 -64.42
C ILE F 317 -48.43 14.16 -65.81
N ILE F 318 -48.56 13.31 -66.82
CA ILE F 318 -48.45 13.71 -68.21
C ILE F 318 -49.73 13.34 -68.94
N LYS F 319 -50.26 14.30 -69.69
CA LYS F 319 -51.39 14.07 -70.58
C LYS F 319 -50.85 13.81 -71.98
N TYR F 320 -51.30 12.71 -72.59
CA TYR F 320 -50.78 12.26 -73.86
C TYR F 320 -51.93 11.82 -74.74
N THR F 321 -51.68 11.83 -76.05
CA THR F 321 -52.60 11.27 -77.02
C THR F 321 -51.80 10.45 -78.02
N ALA F 322 -52.28 9.24 -78.31
CA ALA F 322 -51.55 8.28 -79.12
C ALA F 322 -52.45 7.70 -80.19
N SER F 323 -51.81 7.10 -81.19
CA SER F 323 -52.55 6.53 -82.32
C SER F 323 -53.33 5.28 -81.90
N LYS F 324 -52.67 4.38 -81.17
CA LYS F 324 -53.26 3.08 -80.88
C LYS F 324 -52.65 2.53 -79.60
N LYS F 325 -53.30 1.50 -79.07
CA LYS F 325 -52.78 0.83 -77.88
C LYS F 325 -51.42 0.21 -78.18
N GLY F 326 -50.49 0.39 -77.25
CA GLY F 326 -49.19 -0.23 -77.40
C GLY F 326 -48.18 0.18 -76.35
N LYS F 327 -47.13 -0.61 -76.18
CA LYS F 327 -46.07 -0.27 -75.25
C LYS F 327 -45.20 0.84 -75.84
N CYS F 328 -44.58 1.60 -74.95
CA CYS F 328 -43.68 2.67 -75.37
C CYS F 328 -42.70 2.95 -74.24
N ALA F 329 -41.43 3.09 -74.60
CA ALA F 329 -40.39 3.33 -73.61
C ALA F 329 -40.42 4.78 -73.15
N VAL F 330 -39.88 5.00 -71.95
CA VAL F 330 -39.78 6.33 -71.36
C VAL F 330 -38.38 6.50 -70.79
N HIS F 331 -37.84 7.70 -70.92
CA HIS F 331 -36.49 7.97 -70.48
C HIS F 331 -36.34 9.44 -70.15
N SER F 332 -35.29 9.75 -69.38
CA SER F 332 -34.86 11.11 -69.13
C SER F 332 -33.45 11.27 -69.66
N MET F 333 -33.26 12.27 -70.51
CA MET F 333 -31.98 12.47 -71.18
C MET F 333 -31.03 13.34 -70.37
N THR F 334 -31.45 13.79 -69.19
CA THR F 334 -30.59 14.56 -68.29
C THR F 334 -30.17 13.66 -67.14
N ASN F 335 -28.86 13.54 -66.93
CA ASN F 335 -28.35 12.66 -65.88
C ASN F 335 -28.71 13.15 -64.49
N ALA F 336 -29.06 14.43 -64.34
CA ALA F 336 -29.36 14.97 -63.03
C ALA F 336 -30.63 14.37 -62.44
N VAL F 337 -31.45 13.70 -63.25
CA VAL F 337 -32.71 13.12 -62.80
C VAL F 337 -32.81 11.70 -63.32
N THR F 338 -33.43 10.83 -62.55
CA THR F 338 -33.63 9.45 -62.92
C THR F 338 -35.10 9.07 -62.78
N ILE F 339 -35.53 8.11 -63.58
CA ILE F 339 -36.91 7.64 -63.58
C ILE F 339 -36.92 6.16 -63.22
N ARG F 340 -37.76 5.80 -62.25
CA ARG F 340 -37.86 4.41 -61.84
C ARG F 340 -38.39 3.54 -62.97
N GLU F 341 -39.42 4.02 -63.67
CA GLU F 341 -40.08 3.21 -64.69
C GLU F 341 -39.27 3.20 -65.98
N ALA F 342 -39.43 2.11 -66.74
CA ALA F 342 -38.74 1.92 -68.01
C ALA F 342 -39.64 2.19 -69.20
N ASP F 343 -40.81 1.56 -69.25
CA ASP F 343 -41.76 1.74 -70.32
C ASP F 343 -43.16 1.83 -69.73
N VAL F 344 -44.17 1.95 -70.59
CA VAL F 344 -45.55 2.05 -70.16
C VAL F 344 -46.45 1.80 -71.35
N GLU F 345 -47.65 1.31 -71.08
CA GLU F 345 -48.65 1.12 -72.12
C GLU F 345 -49.40 2.42 -72.34
N VAL F 346 -49.67 2.73 -73.61
CA VAL F 346 -50.37 3.94 -74.00
C VAL F 346 -51.55 3.54 -74.87
N GLU F 347 -52.73 4.03 -74.54
CA GLU F 347 -53.96 3.71 -75.24
C GLU F 347 -54.40 4.79 -76.22
N GLY F 348 -54.17 6.05 -75.88
CA GLY F 348 -54.60 7.15 -76.72
C GLY F 348 -54.68 8.46 -75.95
N ASN F 349 -55.79 9.17 -76.11
CA ASN F 349 -56.00 10.44 -75.42
C ASN F 349 -56.29 10.14 -73.95
N SER F 350 -55.23 9.96 -73.19
CA SER F 350 -55.32 9.62 -71.78
C SER F 350 -54.20 10.34 -71.03
N GLN F 351 -53.96 9.91 -69.80
CA GLN F 351 -52.90 10.47 -68.97
C GLN F 351 -52.15 9.33 -68.30
N LEU F 352 -51.05 9.70 -67.63
CA LEU F 352 -50.28 8.72 -66.88
C LEU F 352 -49.48 9.44 -65.81
N GLN F 353 -48.99 8.65 -64.85
CA GLN F 353 -48.21 9.15 -63.74
C GLN F 353 -46.86 8.43 -63.71
N ILE F 354 -45.82 9.16 -63.34
CA ILE F 354 -44.47 8.62 -63.31
C ILE F 354 -43.77 9.07 -62.04
N SER F 355 -43.04 8.15 -61.43
CA SER F 355 -42.30 8.40 -60.19
C SER F 355 -40.82 8.46 -60.51
N PHE F 356 -40.17 9.54 -60.06
CA PHE F 356 -38.79 9.83 -60.41
C PHE F 356 -38.05 10.38 -59.21
N SER F 357 -36.73 10.40 -59.32
CA SER F 357 -35.84 10.93 -58.30
C SER F 357 -34.97 12.02 -58.89
N THR F 358 -34.74 13.08 -58.12
CA THR F 358 -33.94 14.21 -58.54
C THR F 358 -33.14 14.73 -57.36
N ALA F 359 -32.27 15.69 -57.65
CA ALA F 359 -31.50 16.37 -56.62
C ALA F 359 -31.54 17.88 -56.74
N LEU F 360 -31.96 18.42 -57.88
CA LEU F 360 -32.04 19.87 -58.05
C LEU F 360 -33.13 20.44 -57.17
N ALA F 361 -32.87 21.63 -56.61
CA ALA F 361 -33.91 22.31 -55.84
C ALA F 361 -35.12 22.59 -56.70
N SER F 362 -34.90 23.07 -57.92
CA SER F 362 -35.94 23.21 -58.92
C SER F 362 -35.64 22.24 -60.06
N ALA F 363 -36.61 21.38 -60.37
CA ALA F 363 -36.44 20.35 -61.37
C ALA F 363 -37.01 20.85 -62.69
N GLU F 364 -36.13 21.09 -63.66
CA GLU F 364 -36.52 21.56 -64.98
C GLU F 364 -35.83 20.65 -65.99
N PHE F 365 -36.60 19.74 -66.60
CA PHE F 365 -35.99 18.76 -67.47
C PHE F 365 -36.94 18.33 -68.58
N ARG F 366 -36.36 17.74 -69.62
CA ARG F 366 -37.11 17.13 -70.69
C ARG F 366 -37.27 15.64 -70.41
N VAL F 367 -38.31 15.04 -70.99
CA VAL F 367 -38.56 13.61 -70.89
C VAL F 367 -38.87 13.09 -72.28
N GLN F 368 -38.30 11.93 -72.61
CA GLN F 368 -38.44 11.34 -73.93
C GLN F 368 -39.35 10.12 -73.85
N VAL F 369 -40.29 10.04 -74.78
CA VAL F 369 -41.20 8.90 -74.87
C VAL F 369 -41.73 8.83 -76.30
N CYS F 370 -41.73 7.63 -76.88
CA CYS F 370 -42.19 7.43 -78.25
C CYS F 370 -41.51 8.42 -79.19
N SER F 371 -40.21 8.62 -78.98
CA SER F 371 -39.40 9.51 -79.81
C SER F 371 -39.98 10.93 -79.81
N THR F 372 -40.44 11.39 -78.65
CA THR F 372 -40.96 12.74 -78.50
C THR F 372 -40.54 13.29 -77.16
N GLN F 373 -40.40 14.62 -77.10
CA GLN F 373 -39.91 15.31 -75.91
C GLN F 373 -41.02 16.12 -75.27
N VAL F 374 -41.02 16.13 -73.93
CA VAL F 374 -41.98 16.92 -73.17
C VAL F 374 -41.23 17.60 -72.03
N HIS F 375 -41.47 18.89 -71.85
CA HIS F 375 -40.84 19.64 -70.77
C HIS F 375 -41.54 19.38 -69.44
N CYS F 376 -40.82 19.62 -68.36
CA CYS F 376 -41.37 19.47 -67.02
C CYS F 376 -40.62 20.40 -66.07
N ALA F 377 -41.36 21.29 -65.42
CA ALA F 377 -40.80 22.27 -64.50
C ALA F 377 -41.53 22.17 -63.17
N ALA F 378 -40.76 22.16 -62.08
CA ALA F 378 -41.34 22.06 -60.75
C ALA F 378 -40.34 22.57 -59.73
N ALA F 379 -40.83 22.86 -58.53
CA ALA F 379 -40.01 23.33 -57.42
C ALA F 379 -40.12 22.32 -56.28
N CYS F 380 -39.08 21.51 -56.10
CA CYS F 380 -39.07 20.53 -55.04
C CYS F 380 -38.79 21.21 -53.70
N HIS F 381 -39.01 20.46 -52.62
CA HIS F 381 -38.77 20.94 -51.27
C HIS F 381 -37.93 19.93 -50.51
N PRO F 382 -37.16 20.38 -49.52
CA PRO F 382 -36.32 19.45 -48.76
C PRO F 382 -37.18 18.54 -47.89
N PRO F 383 -36.91 17.24 -47.89
CA PRO F 383 -37.59 16.35 -46.93
C PRO F 383 -37.14 16.62 -45.49
N LYS F 384 -37.62 15.78 -44.58
CA LYS F 384 -37.36 15.99 -43.16
C LYS F 384 -36.15 15.20 -42.68
N ASP F 385 -35.95 14.00 -43.21
CA ASP F 385 -34.87 13.14 -42.76
C ASP F 385 -33.53 13.61 -43.31
N HIS F 386 -32.48 13.41 -42.51
CA HIS F 386 -31.14 13.83 -42.87
C HIS F 386 -30.22 12.67 -43.25
N ILE F 387 -30.66 11.43 -43.03
CA ILE F 387 -29.83 10.25 -43.27
C ILE F 387 -30.74 9.04 -43.39
N VAL F 388 -30.37 8.13 -44.29
CA VAL F 388 -31.20 6.99 -44.65
C VAL F 388 -30.30 5.76 -44.69
N ASN F 389 -30.93 4.59 -44.62
CA ASN F 389 -30.17 3.35 -44.57
C ASN F 389 -29.93 2.77 -45.96
N TYR F 390 -30.97 2.60 -46.74
CA TYR F 390 -30.76 1.96 -48.02
C TYR F 390 -29.93 2.88 -48.91
N PRO F 391 -29.16 2.32 -49.84
CA PRO F 391 -28.33 3.16 -50.69
C PRO F 391 -29.09 3.66 -51.91
N ALA F 392 -28.70 4.84 -52.39
CA ALA F 392 -29.30 5.46 -53.56
C ALA F 392 -28.31 6.46 -54.16
N SER F 393 -27.69 6.09 -55.27
CA SER F 393 -26.75 6.98 -55.93
C SER F 393 -27.30 7.61 -57.20
N HIS F 394 -28.55 7.30 -57.56
CA HIS F 394 -29.09 7.80 -58.83
C HIS F 394 -29.09 9.32 -58.88
N THR F 395 -29.56 9.96 -57.81
CA THR F 395 -29.68 11.41 -57.78
C THR F 395 -28.31 12.01 -57.43
N THR F 396 -27.49 12.19 -58.45
CA THR F 396 -26.17 12.77 -58.31
C THR F 396 -26.19 14.19 -58.88
N LEU F 397 -25.66 15.14 -58.11
CA LEU F 397 -25.66 16.54 -58.49
C LEU F 397 -24.23 17.05 -58.47
N GLY F 398 -23.80 17.64 -59.59
CA GLY F 398 -22.48 18.21 -59.68
C GLY F 398 -22.40 19.59 -59.06
N VAL F 399 -21.24 20.21 -59.23
CA VAL F 399 -21.06 21.58 -58.73
C VAL F 399 -22.05 22.51 -59.41
N GLN F 400 -22.27 22.33 -60.71
CA GLN F 400 -23.33 23.06 -61.40
C GLN F 400 -24.67 22.66 -60.81
N ASP F 401 -25.47 23.67 -60.46
CA ASP F 401 -26.78 23.42 -59.86
C ASP F 401 -27.70 24.58 -60.22
N ILE F 402 -29.00 24.33 -60.08
CA ILE F 402 -30.01 25.32 -60.44
C ILE F 402 -30.22 26.25 -59.27
N SER F 403 -29.89 27.53 -59.46
CA SER F 403 -30.19 28.54 -58.45
C SER F 403 -31.67 28.84 -58.38
N THR F 404 -32.45 28.32 -59.34
CA THR F 404 -33.92 28.41 -59.32
C THR F 404 -34.29 29.88 -59.43
N THR F 405 -35.21 30.40 -58.61
CA THR F 405 -35.54 31.81 -58.67
C THR F 405 -34.30 32.66 -58.44
N ALA F 406 -33.47 32.26 -57.47
CA ALA F 406 -32.25 33.00 -57.18
C ALA F 406 -31.34 33.09 -58.40
N MET F 407 -31.50 32.17 -59.36
CA MET F 407 -30.76 32.30 -60.61
C MET F 407 -30.98 33.69 -61.20
N SER F 408 -32.24 34.08 -61.37
CA SER F 408 -32.54 35.43 -61.85
C SER F 408 -31.79 36.47 -61.02
N TRP F 409 -31.79 36.29 -59.69
CA TRP F 409 -31.10 37.25 -58.83
C TRP F 409 -29.65 37.41 -59.28
N VAL F 410 -28.93 36.31 -59.44
CA VAL F 410 -27.54 36.44 -59.87
C VAL F 410 -27.50 36.97 -61.29
N GLN F 411 -28.43 36.55 -62.13
CA GLN F 411 -28.53 37.14 -63.47
C GLN F 411 -28.71 38.65 -63.38
N LYS F 412 -29.44 39.11 -62.36
CA LYS F 412 -29.56 40.55 -62.13
C LYS F 412 -28.27 41.11 -61.54
N ILE F 413 -27.60 40.34 -60.67
CA ILE F 413 -26.36 40.80 -60.07
C ILE F 413 -25.27 40.91 -61.12
N THR F 414 -25.29 40.02 -62.12
CA THR F 414 -24.22 40.00 -63.11
C THR F 414 -24.08 41.35 -63.81
N GLY F 415 -25.15 42.14 -63.85
CA GLY F 415 -25.07 43.45 -64.45
C GLY F 415 -23.99 44.29 -63.78
N GLY F 416 -23.11 44.86 -64.61
CA GLY F 416 -22.01 45.65 -64.11
C GLY F 416 -21.89 46.96 -64.86
N VAL F 417 -21.07 47.86 -64.31
CA VAL F 417 -20.87 49.18 -64.89
C VAL F 417 -19.63 49.24 -65.77
N GLY F 418 -19.06 48.10 -66.15
CA GLY F 418 -17.90 48.12 -67.03
C GLY F 418 -18.21 48.75 -68.38
N LEU F 419 -19.44 48.60 -68.85
CA LEU F 419 -19.80 49.19 -70.14
C LEU F 419 -19.71 50.71 -70.08
N ILE F 420 -20.25 51.32 -69.03
CA ILE F 420 -20.23 52.78 -68.94
C ILE F 420 -18.80 53.29 -68.73
N VAL F 421 -17.99 52.55 -67.98
CA VAL F 421 -16.63 53.01 -67.74
C VAL F 421 -15.82 52.93 -69.03
N ALA F 422 -16.02 51.87 -69.81
CA ALA F 422 -15.37 51.78 -71.11
C ALA F 422 -15.85 52.90 -72.03
N VAL F 423 -17.14 53.23 -71.98
CA VAL F 423 -17.66 54.32 -72.79
C VAL F 423 -16.98 55.63 -72.41
N ALA F 424 -16.83 55.89 -71.10
CA ALA F 424 -16.17 57.12 -70.67
C ALA F 424 -14.72 57.15 -71.14
N ALA F 425 -14.02 56.01 -71.03
CA ALA F 425 -12.64 55.97 -71.50
C ALA F 425 -12.54 56.25 -72.99
N LEU F 426 -13.45 55.67 -73.78
CA LEU F 426 -13.45 55.92 -75.21
C LEU F 426 -13.72 57.40 -75.51
N ILE F 427 -14.68 57.99 -74.80
CA ILE F 427 -15.02 59.39 -75.04
C ILE F 427 -13.82 60.29 -74.73
N LEU F 428 -13.18 60.06 -73.59
CA LEU F 428 -12.05 60.90 -73.23
C LEU F 428 -10.90 60.71 -74.21
N ILE F 429 -10.61 59.47 -74.61
CA ILE F 429 -9.48 59.26 -75.50
C ILE F 429 -9.74 59.89 -76.86
N VAL F 430 -10.99 59.86 -77.35
CA VAL F 430 -11.25 60.50 -78.63
C VAL F 430 -11.15 62.03 -78.50
N VAL F 431 -11.85 62.62 -77.53
CA VAL F 431 -11.78 64.06 -77.39
C VAL F 431 -10.33 64.50 -77.20
N LEU F 432 -9.49 63.59 -76.73
CA LEU F 432 -8.05 63.84 -76.72
C LEU F 432 -7.40 63.56 -78.08
N CYS F 433 -7.99 62.69 -78.89
CA CYS F 433 -7.36 62.34 -80.17
C CYS F 433 -7.18 63.56 -81.04
N VAL F 434 -7.93 64.63 -80.78
CA VAL F 434 -7.61 65.90 -81.40
C VAL F 434 -6.12 66.19 -81.27
N SER F 435 -5.52 65.82 -80.14
CA SER F 435 -4.10 65.98 -79.92
C SER F 435 -3.36 64.65 -79.85
N PHE F 436 -4.09 63.54 -79.72
CA PHE F 436 -3.52 62.20 -79.67
C PHE F 436 -3.73 61.52 -81.02
N SER F 437 -2.65 61.25 -81.74
CA SER F 437 -2.77 60.78 -83.11
C SER F 437 -2.62 59.27 -83.23
N ARG F 438 -1.47 58.73 -82.80
CA ARG F 438 -1.22 57.29 -82.91
C ARG F 438 -0.54 56.69 -81.70
N HIS F 439 -0.06 57.48 -80.74
CA HIS F 439 0.66 56.95 -79.59
C HIS F 439 -0.12 55.82 -78.92
N ASN G 1 -12.51 -54.25 -28.39
CA ASN G 1 -13.24 -53.09 -27.89
C ASN G 1 -12.28 -52.04 -27.34
N PHE G 2 -11.39 -51.55 -28.20
CA PHE G 2 -10.40 -50.55 -27.83
C PHE G 2 -9.65 -50.98 -26.57
N ASN G 3 -9.02 -52.14 -26.67
CA ASN G 3 -8.30 -52.77 -25.57
C ASN G 3 -6.85 -52.95 -26.00
N VAL G 4 -6.02 -51.97 -25.67
CA VAL G 4 -4.60 -51.96 -26.02
C VAL G 4 -3.71 -51.79 -24.81
N TYR G 5 -4.29 -51.69 -23.63
CA TYR G 5 -3.61 -51.28 -22.41
C TYR G 5 -3.44 -52.46 -21.45
N LYS G 6 -3.14 -53.63 -22.00
CA LYS G 6 -3.04 -54.83 -21.17
C LYS G 6 -1.91 -54.72 -20.17
N ALA G 7 -0.71 -54.35 -20.64
CA ALA G 7 0.49 -54.34 -19.82
C ALA G 7 0.78 -52.98 -19.21
N THR G 8 -0.14 -52.04 -19.33
CA THR G 8 0.08 -50.72 -18.75
C THR G 8 0.04 -50.80 -17.23
N ARG G 9 0.46 -49.71 -16.59
CA ARG G 9 0.40 -49.60 -15.14
C ARG G 9 0.27 -48.14 -14.78
N PRO G 10 -0.21 -47.83 -13.58
CA PRO G 10 -0.27 -46.44 -13.13
C PRO G 10 1.08 -45.97 -12.61
N TYR G 11 1.17 -44.67 -12.38
CA TYR G 11 2.34 -44.11 -11.71
C TYR G 11 2.11 -44.05 -10.21
N LEU G 12 3.18 -43.67 -9.50
CA LEU G 12 3.09 -43.05 -8.18
C LEU G 12 4.27 -42.07 -8.14
N ALA G 13 4.00 -40.84 -8.57
CA ALA G 13 5.04 -39.88 -8.88
C ALA G 13 4.94 -38.67 -7.96
N HIS G 14 6.00 -37.88 -7.94
CA HIS G 14 6.03 -36.69 -7.10
C HIS G 14 5.07 -35.67 -7.66
N CYS G 15 3.88 -35.60 -7.08
CA CYS G 15 2.99 -34.52 -7.50
C CYS G 15 3.49 -33.21 -6.92
N PRO G 16 3.36 -32.10 -7.67
CA PRO G 16 3.81 -30.82 -7.11
C PRO G 16 3.13 -30.47 -5.81
N ASP G 17 1.88 -30.89 -5.61
CA ASP G 17 1.15 -30.47 -4.42
C ASP G 17 0.22 -31.61 -3.98
N CYS G 18 0.47 -32.13 -2.79
CA CYS G 18 -0.42 -33.11 -2.15
C CYS G 18 -1.40 -32.44 -1.21
N GLY G 19 -1.51 -31.12 -1.25
CA GLY G 19 -2.30 -30.36 -0.31
C GLY G 19 -1.46 -29.71 0.76
N GLU G 20 -2.11 -28.81 1.51
CA GLU G 20 -1.52 -28.12 2.65
C GLU G 20 -0.05 -27.73 2.44
N GLY G 21 0.28 -27.28 1.23
CA GLY G 21 1.55 -26.62 1.00
C GLY G 21 2.71 -27.53 0.64
N HIS G 22 2.86 -28.62 1.39
CA HIS G 22 3.95 -29.54 1.12
C HIS G 22 3.66 -30.36 -0.13
N SER G 23 4.71 -30.63 -0.90
CA SER G 23 4.65 -31.46 -2.09
C SER G 23 5.09 -32.89 -1.77
N CYS G 24 4.26 -33.87 -2.14
CA CYS G 24 4.62 -35.27 -1.87
C CYS G 24 4.35 -36.12 -3.10
N HIS G 25 4.36 -37.44 -2.92
CA HIS G 25 4.21 -38.38 -4.01
C HIS G 25 2.80 -38.95 -3.98
N SER G 26 2.11 -38.86 -5.11
CA SER G 26 0.73 -39.28 -5.26
C SER G 26 0.58 -40.11 -6.52
N PRO G 27 -0.50 -40.88 -6.63
CA PRO G 27 -0.79 -41.61 -7.87
C PRO G 27 -1.55 -40.82 -8.92
N ILE G 28 -1.77 -39.52 -8.68
CA ILE G 28 -2.61 -38.72 -9.56
C ILE G 28 -1.77 -37.59 -10.14
N ALA G 29 -0.48 -37.82 -10.30
CA ALA G 29 0.39 -36.82 -10.92
C ALA G 29 -0.07 -36.54 -12.34
N LEU G 30 -0.02 -35.27 -12.72
CA LEU G 30 -0.37 -34.82 -14.05
C LEU G 30 0.78 -33.98 -14.60
N GLU G 31 1.06 -34.12 -15.89
CA GLU G 31 2.19 -33.44 -16.49
C GLU G 31 1.88 -32.86 -17.87
N ARG G 32 0.64 -32.96 -18.34
CA ARG G 32 0.29 -32.46 -19.66
C ARG G 32 -1.11 -31.88 -19.62
N ILE G 33 -1.25 -30.66 -20.13
CA ILE G 33 -2.53 -29.97 -20.24
C ILE G 33 -2.68 -29.48 -21.66
N ARG G 34 -3.81 -29.82 -22.28
CA ARG G 34 -4.12 -29.41 -23.65
C ARG G 34 -5.35 -28.52 -23.62
N ASN G 35 -5.23 -27.32 -24.18
CA ASN G 35 -6.35 -26.37 -24.20
C ASN G 35 -6.45 -25.65 -25.53
N GLU G 36 -5.88 -26.20 -26.60
CA GLU G 36 -5.94 -25.56 -27.90
C GLU G 36 -7.36 -25.48 -28.45
N ALA G 37 -8.29 -26.26 -27.91
CA ALA G 37 -9.66 -26.25 -28.40
C ALA G 37 -10.28 -24.86 -28.18
N THR G 38 -10.95 -24.35 -29.21
CA THR G 38 -11.59 -23.05 -29.11
C THR G 38 -12.82 -23.12 -28.22
N ASP G 39 -13.54 -24.25 -28.25
CA ASP G 39 -14.77 -24.35 -27.48
C ASP G 39 -14.51 -24.15 -25.99
N GLY G 40 -13.36 -24.58 -25.51
CA GLY G 40 -13.00 -24.47 -24.11
C GLY G 40 -12.85 -25.78 -23.39
N THR G 41 -13.30 -26.89 -23.97
CA THR G 41 -13.11 -28.19 -23.34
C THR G 41 -11.64 -28.57 -23.35
N LEU G 42 -11.19 -29.22 -22.29
CA LEU G 42 -9.78 -29.50 -22.08
C LEU G 42 -9.54 -30.99 -21.91
N LYS G 43 -8.48 -31.47 -22.56
CA LYS G 43 -7.91 -32.77 -22.24
C LYS G 43 -7.00 -32.63 -21.03
N ILE G 44 -7.09 -33.61 -20.13
CA ILE G 44 -6.22 -33.68 -18.97
C ILE G 44 -5.60 -35.06 -18.96
N GLN G 45 -4.28 -35.11 -19.10
CA GLN G 45 -3.55 -36.37 -18.94
C GLN G 45 -3.37 -36.64 -17.46
N VAL G 46 -3.47 -37.91 -17.09
CA VAL G 46 -3.41 -38.31 -15.69
C VAL G 46 -2.55 -39.56 -15.57
N SER G 47 -1.91 -39.70 -14.41
CA SER G 47 -0.98 -40.80 -14.20
C SER G 47 -1.68 -42.15 -14.24
N LEU G 48 -2.79 -42.28 -13.53
CA LEU G 48 -3.40 -43.58 -13.32
C LEU G 48 -4.44 -43.90 -14.38
N GLN G 49 -4.67 -45.19 -14.57
CA GLN G 49 -5.63 -45.68 -15.55
C GLN G 49 -7.06 -45.49 -15.05
N ILE G 50 -8.00 -45.66 -15.96
CA ILE G 50 -9.42 -45.51 -15.65
C ILE G 50 -10.22 -46.40 -16.58
N GLY G 51 -11.35 -46.89 -16.08
CA GLY G 51 -12.24 -47.71 -16.87
C GLY G 51 -11.85 -49.17 -16.97
N ILE G 52 -10.91 -49.62 -16.14
CA ILE G 52 -10.40 -50.99 -16.18
C ILE G 52 -10.32 -51.52 -14.76
N LYS G 53 -10.16 -52.84 -14.66
CA LYS G 53 -9.87 -53.53 -13.41
C LYS G 53 -8.58 -54.34 -13.59
N THR G 54 -8.22 -55.07 -12.54
CA THR G 54 -7.00 -55.86 -12.59
C THR G 54 -7.09 -56.97 -13.64
N ASP G 55 -8.31 -57.42 -13.94
CA ASP G 55 -8.53 -58.48 -14.91
C ASP G 55 -8.70 -57.96 -16.33
N ASP G 56 -8.49 -56.66 -16.54
CA ASP G 56 -8.57 -56.04 -17.87
C ASP G 56 -9.99 -56.14 -18.43
N SER G 57 -10.93 -55.62 -17.66
CA SER G 57 -12.31 -55.48 -18.12
C SER G 57 -12.48 -54.12 -18.77
N HIS G 58 -13.73 -53.71 -19.01
CA HIS G 58 -13.99 -52.39 -19.58
C HIS G 58 -15.13 -51.67 -18.88
N ASP G 59 -15.57 -52.12 -17.72
CA ASP G 59 -16.61 -51.42 -16.99
C ASP G 59 -16.08 -50.08 -16.49
N TRP G 60 -16.92 -49.05 -16.62
CA TRP G 60 -16.54 -47.71 -16.17
C TRP G 60 -16.64 -47.55 -14.66
N THR G 61 -17.17 -48.56 -13.95
CA THR G 61 -17.35 -48.42 -12.52
C THR G 61 -16.04 -48.18 -11.80
N LYS G 62 -15.00 -48.91 -12.18
CA LYS G 62 -13.74 -48.92 -11.45
C LYS G 62 -12.64 -48.22 -12.25
N LEU G 63 -11.53 -47.97 -11.55
CA LEU G 63 -10.32 -47.46 -12.15
C LEU G 63 -9.12 -48.05 -11.42
N ARG G 64 -7.98 -48.07 -12.10
CA ARG G 64 -6.77 -48.67 -11.59
C ARG G 64 -5.87 -47.61 -10.97
N TYR G 65 -5.26 -47.96 -9.84
CA TYR G 65 -4.28 -47.09 -9.20
C TYR G 65 -3.16 -47.92 -8.59
N MET G 66 -1.97 -47.34 -8.57
CA MET G 66 -0.81 -47.94 -7.96
C MET G 66 -0.75 -47.62 -6.47
N ASP G 67 -0.23 -48.56 -5.69
CA ASP G 67 -0.03 -48.35 -4.27
C ASP G 67 0.83 -49.47 -3.74
N SER G 68 1.88 -49.15 -2.99
CA SER G 68 2.80 -50.14 -2.47
C SER G 68 3.28 -51.06 -3.58
N HIS G 69 3.65 -50.44 -4.70
CA HIS G 69 4.09 -51.16 -5.90
C HIS G 69 3.17 -52.34 -6.20
N THR G 70 1.86 -52.08 -6.14
CA THR G 70 0.86 -53.08 -6.44
C THR G 70 -0.37 -52.39 -6.99
N PRO G 71 -1.06 -52.99 -7.96
CA PRO G 71 -2.27 -52.36 -8.49
C PRO G 71 -3.48 -52.60 -7.60
N ALA G 72 -4.46 -51.72 -7.75
CA ALA G 72 -5.72 -51.85 -7.04
C ALA G 72 -6.80 -51.14 -7.81
N ASP G 73 -8.06 -51.45 -7.48
CA ASP G 73 -9.22 -50.93 -8.17
C ASP G 73 -10.05 -50.09 -7.20
N ALA G 74 -10.46 -48.90 -7.65
CA ALA G 74 -11.23 -47.98 -6.83
C ALA G 74 -12.39 -47.42 -7.64
N GLU G 75 -13.45 -47.02 -6.93
CA GLU G 75 -14.67 -46.56 -7.57
C GLU G 75 -14.39 -45.32 -8.42
N ARG G 76 -14.98 -45.30 -9.62
CA ARG G 76 -14.80 -44.18 -10.53
C ARG G 76 -15.63 -42.96 -10.14
N ALA G 77 -16.67 -43.14 -9.32
CA ALA G 77 -17.58 -42.04 -9.04
C ALA G 77 -16.87 -40.88 -8.35
N GLY G 78 -16.00 -41.19 -7.39
CA GLY G 78 -15.43 -40.16 -6.55
C GLY G 78 -14.46 -39.23 -7.26
N LEU G 79 -14.02 -39.60 -8.46
CA LEU G 79 -13.11 -38.75 -9.20
C LEU G 79 -13.75 -37.39 -9.45
N LEU G 80 -12.95 -36.34 -9.30
CA LEU G 80 -13.44 -34.99 -9.54
C LEU G 80 -12.28 -34.07 -9.87
N VAL G 81 -12.61 -32.92 -10.46
CA VAL G 81 -11.64 -31.90 -10.80
C VAL G 81 -12.24 -30.54 -10.48
N ARG G 82 -11.37 -29.55 -10.31
CA ARG G 82 -11.80 -28.21 -9.92
C ARG G 82 -10.78 -27.20 -10.41
N THR G 83 -11.28 -26.01 -10.74
CA THR G 83 -10.42 -24.85 -10.96
C THR G 83 -10.76 -23.72 -10.00
N SER G 84 -12.02 -23.32 -9.95
CA SER G 84 -12.52 -22.41 -8.93
C SER G 84 -13.80 -22.97 -8.33
N ALA G 85 -14.51 -23.79 -9.11
CA ALA G 85 -15.72 -24.47 -8.69
C ALA G 85 -15.73 -25.85 -9.30
N PRO G 86 -16.55 -26.78 -8.81
CA PRO G 86 -16.59 -28.12 -9.41
C PRO G 86 -16.85 -28.04 -10.90
N CYS G 87 -16.04 -28.75 -11.67
CA CYS G 87 -16.12 -28.75 -13.12
C CYS G 87 -16.96 -29.95 -13.57
N THR G 88 -16.99 -30.21 -14.88
CA THR G 88 -17.81 -31.27 -15.45
C THR G 88 -16.91 -32.21 -16.26
N ILE G 89 -16.98 -33.49 -15.94
CA ILE G 89 -16.23 -34.51 -16.65
C ILE G 89 -17.08 -35.09 -17.76
N THR G 90 -16.47 -35.32 -18.90
CA THR G 90 -17.14 -35.94 -20.04
C THR G 90 -16.38 -37.14 -20.59
N GLY G 91 -15.06 -37.08 -20.60
CA GLY G 91 -14.23 -38.16 -21.12
C GLY G 91 -13.62 -38.98 -20.00
N THR G 92 -13.60 -40.30 -20.20
CA THR G 92 -13.05 -41.22 -19.21
C THR G 92 -12.49 -42.42 -19.97
N MET G 93 -11.18 -42.41 -20.22
CA MET G 93 -10.55 -43.49 -20.93
C MET G 93 -9.04 -43.42 -20.74
N GLY G 94 -8.43 -44.59 -20.52
CA GLY G 94 -6.99 -44.69 -20.44
C GLY G 94 -6.37 -43.73 -19.43
N HIS G 95 -5.65 -42.74 -19.94
CA HIS G 95 -4.97 -41.77 -19.10
C HIS G 95 -5.36 -40.34 -19.45
N PHE G 96 -6.51 -40.16 -20.09
CA PHE G 96 -6.94 -38.84 -20.54
C PHE G 96 -8.41 -38.64 -20.16
N ILE G 97 -8.72 -37.43 -19.69
CA ILE G 97 -10.05 -37.07 -19.27
C ILE G 97 -10.45 -35.78 -19.97
N LEU G 98 -11.64 -35.75 -20.56
CA LEU G 98 -12.18 -34.54 -21.15
C LEU G 98 -13.05 -33.84 -20.12
N ALA G 99 -12.68 -32.60 -19.78
CA ALA G 99 -13.40 -31.84 -18.78
C ALA G 99 -13.58 -30.42 -19.26
N ARG G 100 -14.71 -29.83 -18.91
CA ARG G 100 -14.98 -28.42 -19.13
C ARG G 100 -15.17 -27.75 -17.78
N CYS G 101 -14.56 -26.59 -17.60
CA CYS G 101 -14.57 -26.00 -16.28
C CYS G 101 -14.65 -24.48 -16.43
N PRO G 102 -15.43 -23.80 -15.59
CA PRO G 102 -15.58 -22.35 -15.77
C PRO G 102 -14.27 -21.62 -15.62
N LYS G 103 -14.26 -20.30 -15.85
CA LYS G 103 -13.02 -19.53 -15.75
C LYS G 103 -12.33 -19.80 -14.42
N GLY G 104 -11.14 -20.38 -14.50
CA GLY G 104 -10.34 -20.67 -13.33
C GLY G 104 -8.87 -20.57 -13.66
N GLU G 105 -8.05 -20.34 -12.63
CA GLU G 105 -6.63 -20.09 -12.84
C GLU G 105 -5.76 -21.28 -12.45
N THR G 106 -6.09 -21.97 -11.38
CA THR G 106 -5.43 -23.21 -11.01
C THR G 106 -6.31 -24.39 -11.40
N LEU G 107 -5.77 -25.59 -11.26
CA LEU G 107 -6.48 -26.78 -11.70
C LEU G 107 -6.03 -27.95 -10.85
N THR G 108 -6.96 -28.50 -10.06
CA THR G 108 -6.68 -29.62 -9.20
C THR G 108 -7.59 -30.77 -9.57
N VAL G 109 -7.11 -31.98 -9.28
CA VAL G 109 -7.87 -33.20 -9.43
C VAL G 109 -7.80 -33.96 -8.12
N GLY G 110 -8.84 -34.73 -7.83
CA GLY G 110 -8.90 -35.49 -6.61
C GLY G 110 -9.71 -36.75 -6.79
N PHE G 111 -9.43 -37.73 -5.95
CA PHE G 111 -10.15 -38.99 -6.02
C PHE G 111 -10.09 -39.64 -4.65
N THR G 112 -11.00 -40.60 -4.45
CA THR G 112 -11.12 -41.33 -3.19
C THR G 112 -10.64 -42.75 -3.40
N ASP G 113 -9.79 -43.22 -2.49
CA ASP G 113 -9.16 -44.52 -2.62
C ASP G 113 -10.06 -45.61 -2.07
N SER G 114 -9.77 -46.85 -2.49
CA SER G 114 -10.25 -48.00 -1.74
C SER G 114 -9.68 -48.02 -0.34
N ARG G 115 -8.61 -47.27 -0.11
CA ARG G 115 -8.06 -47.00 1.21
C ARG G 115 -8.95 -46.05 2.02
N LYS G 116 -10.09 -45.67 1.46
CA LYS G 116 -10.94 -44.60 2.00
C LYS G 116 -10.10 -43.37 2.29
N ILE G 117 -9.26 -43.01 1.35
CA ILE G 117 -8.39 -41.84 1.47
C ILE G 117 -8.59 -40.96 0.26
N SER G 118 -8.47 -39.66 0.46
CA SER G 118 -8.59 -38.68 -0.61
C SER G 118 -7.20 -38.28 -1.06
N HIS G 119 -6.87 -38.61 -2.31
CA HIS G 119 -5.61 -38.22 -2.92
C HIS G 119 -5.90 -37.15 -3.96
N THR G 120 -5.20 -36.03 -3.84
CA THR G 120 -5.43 -34.88 -4.69
C THR G 120 -4.10 -34.28 -5.13
N CYS G 121 -4.11 -33.69 -6.32
CA CYS G 121 -2.96 -33.01 -6.88
C CYS G 121 -3.45 -31.75 -7.57
N THR G 122 -2.57 -30.79 -7.81
CA THR G 122 -2.96 -29.57 -8.49
C THR G 122 -1.77 -28.95 -9.21
N HIS G 123 -2.08 -28.24 -10.30
CA HIS G 123 -1.11 -27.48 -11.07
C HIS G 123 -1.69 -26.10 -11.34
N PRO G 124 -0.89 -25.05 -11.30
CA PRO G 124 -1.39 -23.74 -11.70
C PRO G 124 -1.45 -23.61 -13.21
N PHE G 125 -2.64 -23.68 -13.77
CA PHE G 125 -2.85 -23.61 -15.21
C PHE G 125 -3.94 -22.59 -15.49
N HIS G 126 -3.58 -21.50 -16.15
CA HIS G 126 -4.52 -20.43 -16.41
C HIS G 126 -5.45 -20.82 -17.55
N HIS G 127 -6.70 -21.13 -17.23
CA HIS G 127 -7.70 -21.59 -18.19
C HIS G 127 -8.60 -20.42 -18.55
N GLU G 128 -8.45 -19.91 -19.77
CA GLU G 128 -9.24 -18.79 -20.25
C GLU G 128 -9.91 -19.16 -21.56
N PRO G 129 -11.20 -19.48 -21.57
CA PRO G 129 -11.88 -19.74 -22.83
C PRO G 129 -11.74 -18.56 -23.77
N PRO G 130 -11.42 -18.79 -25.04
CA PRO G 130 -11.27 -17.66 -25.98
C PRO G 130 -12.63 -17.13 -26.39
N VAL G 131 -12.77 -15.80 -26.31
CA VAL G 131 -14.01 -15.16 -26.74
C VAL G 131 -14.16 -15.34 -28.23
N ILE G 132 -15.20 -16.07 -28.63
CA ILE G 132 -15.49 -16.35 -30.03
C ILE G 132 -16.56 -15.38 -30.47
N GLY G 133 -16.27 -14.60 -31.50
CA GLY G 133 -17.12 -13.50 -31.89
C GLY G 133 -16.85 -12.27 -31.04
N ARG G 134 -17.46 -11.16 -31.47
CA ARG G 134 -17.23 -9.91 -30.76
C ARG G 134 -17.94 -9.92 -29.42
N GLU G 135 -19.17 -10.43 -29.39
CA GLU G 135 -19.92 -10.44 -28.15
C GLU G 135 -19.30 -11.42 -27.17
N ARG G 136 -18.60 -10.88 -26.17
CA ARG G 136 -17.97 -11.69 -25.14
C ARG G 136 -19.08 -12.32 -24.31
N PHE G 137 -19.47 -13.52 -24.68
CA PHE G 137 -20.56 -14.24 -24.01
C PHE G 137 -19.98 -15.34 -23.16
N HIS G 138 -20.67 -15.64 -22.05
CA HIS G 138 -20.19 -16.60 -21.06
C HIS G 138 -21.10 -17.82 -20.93
N SER G 139 -22.35 -17.75 -21.40
CA SER G 139 -23.18 -18.94 -21.47
C SER G 139 -24.01 -18.85 -22.75
N ARG G 140 -23.95 -19.92 -23.54
CA ARG G 140 -24.47 -19.83 -24.89
C ARG G 140 -26.00 -19.73 -24.84
N PRO G 141 -26.61 -19.12 -25.85
CA PRO G 141 -28.01 -18.70 -25.72
C PRO G 141 -29.01 -19.70 -26.27
N GLN G 142 -30.27 -19.47 -25.92
CA GLN G 142 -31.36 -20.13 -26.63
C GLN G 142 -31.41 -19.70 -28.08
N HIS G 143 -31.24 -18.41 -28.33
CA HIS G 143 -31.29 -17.83 -29.68
C HIS G 143 -30.00 -17.10 -29.98
N GLY G 144 -29.51 -17.28 -31.20
CA GLY G 144 -28.29 -16.60 -31.61
C GLY G 144 -27.75 -17.19 -32.89
N LYS G 145 -26.65 -16.59 -33.34
CA LYS G 145 -25.98 -17.02 -34.55
C LYS G 145 -25.12 -18.26 -34.25
N GLU G 146 -24.66 -18.91 -35.32
CA GLU G 146 -23.83 -20.10 -35.21
C GLU G 146 -22.52 -19.88 -35.95
N LEU G 147 -21.41 -20.14 -35.28
CA LEU G 147 -20.08 -19.94 -35.84
C LEU G 147 -19.22 -21.19 -35.63
N PRO G 148 -18.25 -21.42 -36.50
CA PRO G 148 -17.38 -22.58 -36.32
C PRO G 148 -16.45 -22.40 -35.12
N CYS G 149 -16.04 -23.52 -34.56
CA CYS G 149 -15.14 -23.51 -33.41
C CYS G 149 -14.58 -24.90 -33.20
N SER G 150 -13.30 -24.98 -32.88
CA SER G 150 -12.66 -26.26 -32.64
C SER G 150 -13.18 -26.85 -31.32
N THR G 151 -13.07 -28.17 -31.22
CA THR G 151 -13.56 -28.90 -30.05
C THR G 151 -13.12 -30.35 -30.20
N TYR G 152 -13.51 -31.16 -29.21
CA TYR G 152 -13.13 -32.56 -29.14
C TYR G 152 -14.34 -33.43 -29.42
N VAL G 153 -14.15 -34.74 -29.28
CA VAL G 153 -15.18 -35.72 -29.59
C VAL G 153 -14.93 -36.98 -28.75
N GLN G 154 -15.96 -37.81 -28.64
CA GLN G 154 -15.95 -38.97 -27.76
C GLN G 154 -15.39 -40.22 -28.42
N SER G 155 -14.93 -40.13 -29.66
CA SER G 155 -14.40 -41.30 -30.34
C SER G 155 -13.21 -41.87 -29.58
N THR G 156 -13.08 -43.19 -29.61
CA THR G 156 -12.05 -43.92 -28.89
C THR G 156 -11.17 -44.72 -29.84
N ALA G 157 -10.87 -44.14 -31.00
CA ALA G 157 -10.01 -44.79 -31.99
C ALA G 157 -9.26 -43.69 -32.73
N ALA G 158 -8.00 -43.47 -32.36
CA ALA G 158 -7.21 -42.39 -32.92
C ALA G 158 -6.50 -42.84 -34.19
N THR G 159 -5.77 -41.92 -34.81
CA THR G 159 -5.08 -42.16 -36.08
C THR G 159 -3.63 -41.69 -35.94
N ALA G 160 -2.76 -42.62 -35.55
CA ALA G 160 -1.31 -42.39 -35.53
C ALA G 160 -0.96 -41.20 -34.63
N GLU G 161 -1.29 -41.34 -33.35
CA GLU G 161 -0.85 -40.43 -32.29
C GLU G 161 -0.29 -41.32 -31.20
N GLU G 162 0.97 -41.70 -31.33
CA GLU G 162 1.54 -42.76 -30.52
C GLU G 162 2.30 -42.21 -29.32
N ILE G 163 2.19 -42.94 -28.21
CA ILE G 163 2.92 -42.66 -26.99
C ILE G 163 3.61 -43.95 -26.56
N GLU G 164 4.91 -43.86 -26.29
CA GLU G 164 5.69 -45.04 -25.99
C GLU G 164 5.45 -45.49 -24.55
N VAL G 165 5.60 -46.79 -24.32
CA VAL G 165 5.57 -47.37 -22.99
C VAL G 165 6.79 -48.27 -22.85
N HIS G 166 7.46 -48.17 -21.70
CA HIS G 166 8.73 -48.84 -21.48
C HIS G 166 8.70 -49.57 -20.14
N MET G 167 9.61 -50.52 -20.00
CA MET G 167 9.68 -51.34 -18.80
C MET G 167 10.13 -50.50 -17.61
N PRO G 168 9.38 -50.45 -16.52
CA PRO G 168 9.77 -49.58 -15.40
C PRO G 168 11.16 -49.94 -14.91
N PRO G 169 12.00 -48.95 -14.62
CA PRO G 169 13.38 -49.25 -14.21
C PRO G 169 13.44 -50.09 -12.94
N ASP G 170 12.93 -49.54 -11.85
CA ASP G 170 12.88 -50.22 -10.56
C ASP G 170 12.25 -49.26 -9.57
N THR G 171 12.02 -49.76 -8.36
CA THR G 171 11.50 -48.95 -7.25
C THR G 171 12.29 -49.31 -5.99
N PRO G 172 13.37 -48.60 -5.69
CA PRO G 172 14.20 -48.95 -4.53
C PRO G 172 13.56 -48.61 -3.19
N ASP G 173 13.06 -49.62 -2.50
CA ASP G 173 12.42 -49.44 -1.21
C ASP G 173 13.13 -50.29 -0.17
N ARG G 174 13.33 -49.72 1.01
CA ARG G 174 14.08 -50.38 2.07
C ARG G 174 13.18 -51.00 3.13
N THR G 175 11.85 -50.92 2.96
CA THR G 175 10.95 -51.55 3.92
C THR G 175 11.22 -53.05 4.00
N LEU G 176 11.67 -53.66 2.91
CA LEU G 176 12.00 -55.07 2.93
C LEU G 176 13.13 -55.38 3.90
N MET G 177 13.98 -54.40 4.21
CA MET G 177 15.11 -54.64 5.09
C MET G 177 14.70 -54.54 6.55
N THR G 178 15.51 -55.15 7.41
CA THR G 178 15.30 -55.15 8.84
C THR G 178 16.57 -55.68 9.51
N GLN G 179 16.97 -55.05 10.61
CA GLN G 179 18.20 -55.41 11.30
C GLN G 179 17.94 -56.54 12.29
N GLN G 180 18.67 -57.64 12.14
CA GLN G 180 18.60 -58.77 13.04
C GLN G 180 19.97 -58.92 13.72
N SER G 181 20.16 -58.17 14.81
CA SER G 181 21.40 -58.21 15.58
C SER G 181 22.61 -58.00 14.67
N GLY G 182 22.58 -56.90 13.94
CA GLY G 182 23.64 -56.60 12.98
C GLY G 182 23.59 -57.45 11.73
N ASN G 183 22.52 -58.19 11.52
CA ASN G 183 22.34 -59.04 10.35
C ASN G 183 21.11 -58.54 9.59
N VAL G 184 21.34 -57.90 8.45
CA VAL G 184 20.24 -57.34 7.67
C VAL G 184 19.47 -58.46 7.01
N LYS G 185 18.15 -58.41 7.12
CA LYS G 185 17.26 -59.39 6.52
C LYS G 185 16.43 -58.69 5.46
N ILE G 186 16.55 -59.14 4.22
CA ILE G 186 15.81 -58.57 3.08
C ILE G 186 14.74 -59.56 2.68
N THR G 187 13.50 -59.08 2.64
CA THR G 187 12.34 -59.91 2.31
C THR G 187 11.86 -59.55 0.92
N VAL G 188 11.51 -60.56 0.13
CA VAL G 188 11.18 -60.38 -1.27
C VAL G 188 9.69 -60.56 -1.51
N ASN G 189 9.04 -61.47 -0.77
CA ASN G 189 7.60 -61.72 -0.88
C ASN G 189 7.16 -61.91 -2.33
N GLY G 190 8.03 -62.45 -3.17
CA GLY G 190 7.63 -62.92 -4.48
C GLY G 190 7.84 -61.95 -5.63
N GLN G 191 8.97 -61.23 -5.62
CA GLN G 191 9.34 -60.33 -6.70
C GLN G 191 10.81 -60.56 -7.05
N THR G 192 11.26 -59.86 -8.09
CA THR G 192 12.66 -59.87 -8.52
C THR G 192 13.32 -58.64 -7.91
N VAL G 193 14.27 -58.86 -6.99
CA VAL G 193 14.90 -57.78 -6.27
C VAL G 193 16.41 -57.87 -6.45
N ARG G 194 17.01 -56.77 -6.89
CA ARG G 194 18.45 -56.61 -6.91
C ARG G 194 18.88 -55.91 -5.63
N TYR G 195 19.69 -56.60 -4.84
CA TYR G 195 20.34 -56.00 -3.68
C TYR G 195 21.79 -55.69 -4.06
N LYS G 196 22.30 -54.59 -3.52
CA LYS G 196 23.70 -54.25 -3.72
C LYS G 196 24.15 -53.50 -2.46
N CYS G 197 25.21 -53.97 -1.83
CA CYS G 197 25.71 -53.35 -0.62
C CYS G 197 27.20 -53.08 -0.71
N ASN G 198 27.63 -51.98 -0.09
CA ASN G 198 29.05 -51.69 0.02
C ASN G 198 29.76 -52.73 0.88
N CYS G 199 29.01 -53.39 1.77
CA CYS G 199 29.58 -54.47 2.56
C CYS G 199 30.23 -55.50 1.65
N GLY G 200 31.22 -56.20 2.18
CA GLY G 200 31.92 -57.21 1.43
C GLY G 200 31.07 -58.44 1.17
N GLY G 201 31.72 -59.57 0.86
CA GLY G 201 30.97 -60.78 0.59
C GLY G 201 30.02 -60.59 -0.57
N SER G 202 28.77 -61.02 -0.38
CA SER G 202 27.76 -60.88 -1.41
C SER G 202 27.32 -59.43 -1.53
N ASN G 203 28.22 -58.56 -1.98
CA ASN G 203 27.89 -57.14 -2.09
C ASN G 203 26.73 -56.92 -3.04
N GLU G 204 26.74 -57.62 -4.18
CA GLU G 204 25.73 -57.43 -5.23
C GLU G 204 25.07 -58.76 -5.56
N GLY G 205 23.80 -58.70 -5.95
CA GLY G 205 23.10 -59.90 -6.40
C GLY G 205 21.63 -59.68 -6.65
N LEU G 206 21.10 -60.31 -7.69
CA LEU G 206 19.68 -60.28 -8.00
C LEU G 206 19.08 -61.60 -7.58
N THR G 207 18.04 -61.55 -6.75
CA THR G 207 17.41 -62.74 -6.22
C THR G 207 15.91 -62.54 -6.13
N THR G 208 15.19 -63.66 -5.98
CA THR G 208 13.76 -63.66 -5.77
C THR G 208 13.38 -64.38 -4.48
N THR G 209 14.34 -64.61 -3.58
CA THR G 209 14.10 -65.32 -2.34
C THR G 209 14.60 -64.48 -1.17
N ASP G 210 13.95 -64.63 -0.03
CA ASP G 210 14.34 -63.89 1.16
C ASP G 210 15.80 -64.21 1.50
N LYS G 211 16.57 -63.17 1.81
CA LYS G 211 18.01 -63.31 2.01
C LYS G 211 18.43 -62.58 3.28
N VAL G 212 19.62 -62.93 3.76
CA VAL G 212 20.19 -62.29 4.94
C VAL G 212 21.67 -62.03 4.67
N ILE G 213 22.12 -60.82 5.01
CA ILE G 213 23.54 -60.47 4.99
C ILE G 213 23.92 -60.14 6.41
N ASN G 214 24.71 -61.02 7.02
CA ASN G 214 25.03 -60.90 8.44
C ASN G 214 26.10 -59.83 8.67
N ASN G 215 26.22 -59.42 9.93
CA ASN G 215 27.26 -58.51 10.38
C ASN G 215 27.40 -57.30 9.45
N CYS G 216 26.27 -56.64 9.21
CA CYS G 216 26.27 -55.42 8.41
C CYS G 216 25.08 -54.57 8.82
N LYS G 217 25.28 -53.25 8.79
CA LYS G 217 24.22 -52.32 9.14
C LYS G 217 23.20 -52.23 8.02
N ILE G 218 21.93 -52.05 8.40
CA ILE G 218 20.87 -51.93 7.40
C ILE G 218 21.06 -50.69 6.55
N ASP G 219 21.45 -49.58 7.19
CA ASP G 219 21.70 -48.35 6.46
C ASP G 219 22.95 -48.41 5.58
N GLN G 220 23.62 -49.56 5.54
CA GLN G 220 24.81 -49.69 4.69
C GLN G 220 24.48 -49.39 3.24
N CYS G 221 23.33 -49.86 2.76
CA CYS G 221 23.06 -49.86 1.33
C CYS G 221 21.56 -49.90 1.09
N HIS G 222 21.20 -49.96 -0.18
CA HIS G 222 19.81 -50.02 -0.63
C HIS G 222 19.64 -51.16 -1.63
N ALA G 223 18.38 -51.55 -1.81
CA ALA G 223 18.03 -52.58 -2.77
C ALA G 223 16.71 -52.19 -3.43
N ALA G 224 16.47 -52.74 -4.62
CA ALA G 224 15.30 -52.36 -5.39
C ALA G 224 14.70 -53.57 -6.08
N VAL G 225 13.37 -53.65 -6.05
CA VAL G 225 12.67 -54.70 -6.78
C VAL G 225 12.68 -54.35 -8.26
N THR G 226 13.15 -55.28 -9.08
CA THR G 226 13.28 -55.08 -10.52
C THR G 226 12.06 -55.68 -11.20
N ASN G 227 11.04 -54.86 -11.41
CA ASN G 227 9.84 -55.29 -12.12
C ASN G 227 9.99 -55.03 -13.61
N HIS G 228 9.65 -56.04 -14.42
CA HIS G 228 9.72 -55.92 -15.86
C HIS G 228 8.56 -56.67 -16.52
N LYS G 229 7.42 -56.74 -15.84
CA LYS G 229 6.31 -57.57 -16.30
C LYS G 229 5.31 -56.75 -17.10
N ASN G 230 4.73 -55.72 -16.48
CA ASN G 230 3.77 -54.85 -17.13
C ASN G 230 4.44 -53.50 -17.36
N TRP G 231 4.37 -53.02 -18.60
CA TRP G 231 5.11 -51.84 -18.98
C TRP G 231 4.43 -50.58 -18.46
N GLN G 232 5.21 -49.51 -18.36
CA GLN G 232 4.79 -48.25 -17.76
C GLN G 232 5.01 -47.14 -18.77
N TYR G 233 3.99 -46.32 -19.00
CA TYR G 233 4.04 -45.40 -20.12
C TYR G 233 4.79 -44.14 -19.75
N ASN G 234 5.61 -43.67 -20.68
CA ASN G 234 6.68 -42.72 -20.38
C ASN G 234 6.11 -41.40 -19.86
N SER G 235 6.82 -40.82 -18.90
CA SER G 235 6.52 -39.50 -18.37
C SER G 235 7.83 -38.86 -17.95
N PRO G 236 7.91 -37.53 -17.95
CA PRO G 236 9.16 -36.89 -17.50
C PRO G 236 9.52 -37.23 -16.08
N LEU G 237 8.53 -37.33 -15.19
CA LEU G 237 8.83 -37.57 -13.78
C LEU G 237 9.51 -38.91 -13.57
N VAL G 238 9.02 -39.95 -14.23
CA VAL G 238 9.56 -41.29 -13.99
C VAL G 238 11.00 -41.35 -14.50
N PRO G 239 11.93 -41.94 -13.75
CA PRO G 239 13.29 -42.08 -14.26
C PRO G 239 13.35 -43.11 -15.39
N ARG G 240 14.33 -42.93 -16.26
CA ARG G 240 14.52 -43.84 -17.38
C ARG G 240 15.18 -45.13 -16.90
N ASN G 241 15.04 -46.16 -17.72
CA ASN G 241 15.61 -47.46 -17.40
C ASN G 241 17.13 -47.49 -17.52
N ALA G 242 17.73 -46.45 -18.09
CA ALA G 242 19.17 -46.20 -18.10
C ALA G 242 19.94 -47.04 -19.11
N GLU G 243 19.27 -47.60 -20.13
CA GLU G 243 19.97 -48.29 -21.20
C GLU G 243 19.94 -47.52 -22.50
N LEU G 244 18.81 -46.90 -22.83
CA LEU G 244 18.65 -46.15 -24.07
C LEU G 244 17.42 -45.27 -23.91
N GLY G 245 17.04 -44.61 -25.00
CA GLY G 245 15.91 -43.68 -24.97
C GLY G 245 14.55 -44.35 -25.05
N ASP G 246 14.33 -45.12 -26.12
CA ASP G 246 13.01 -45.65 -26.43
C ASP G 246 12.96 -47.15 -26.17
N ARG G 247 11.73 -47.65 -26.05
CA ARG G 247 11.47 -49.07 -25.87
C ARG G 247 10.16 -49.40 -26.57
N LYS G 248 10.02 -50.64 -27.01
CA LYS G 248 8.83 -51.04 -27.73
C LYS G 248 7.60 -50.94 -26.83
N GLY G 249 6.44 -50.80 -27.48
CA GLY G 249 5.19 -50.60 -26.77
C GLY G 249 4.65 -49.21 -26.99
N LYS G 250 3.62 -49.09 -27.83
CA LYS G 250 3.04 -47.80 -28.17
C LYS G 250 1.53 -47.86 -28.05
N ILE G 251 0.93 -46.75 -27.66
CA ILE G 251 -0.51 -46.65 -27.48
C ILE G 251 -0.99 -45.35 -28.10
N HIS G 252 -2.19 -45.38 -28.69
CA HIS G 252 -2.76 -44.19 -29.30
C HIS G 252 -3.52 -43.38 -28.27
N ILE G 253 -3.52 -42.07 -28.46
CA ILE G 253 -4.22 -41.14 -27.58
C ILE G 253 -5.61 -40.91 -28.15
N PRO G 254 -6.68 -41.18 -27.40
CA PRO G 254 -8.03 -41.00 -27.95
C PRO G 254 -8.53 -39.57 -27.84
N PHE G 255 -9.81 -39.37 -28.16
CA PHE G 255 -10.45 -38.07 -28.11
C PHE G 255 -9.80 -37.11 -29.11
N PRO G 256 -9.96 -37.36 -30.40
CA PRO G 256 -9.36 -36.47 -31.41
C PRO G 256 -10.04 -35.11 -31.46
N LEU G 257 -9.61 -34.29 -32.42
CA LEU G 257 -10.07 -32.91 -32.56
C LEU G 257 -10.85 -32.73 -33.85
N ALA G 258 -11.91 -31.94 -33.79
CA ALA G 258 -12.64 -31.52 -34.98
C ALA G 258 -13.32 -30.20 -34.65
N ASN G 259 -13.67 -29.44 -35.68
CA ASN G 259 -14.34 -28.16 -35.46
C ASN G 259 -15.80 -28.30 -35.87
N VAL G 260 -16.68 -27.80 -35.01
CA VAL G 260 -18.12 -27.89 -35.18
C VAL G 260 -18.70 -26.52 -34.91
N THR G 261 -19.96 -26.33 -35.30
CA THR G 261 -20.61 -25.07 -35.05
C THR G 261 -21.01 -24.94 -33.58
N CYS G 262 -21.00 -23.70 -33.10
CA CYS G 262 -21.40 -23.38 -31.74
C CYS G 262 -22.21 -22.10 -31.77
N ARG G 263 -23.11 -21.97 -30.81
CA ARG G 263 -24.01 -20.82 -30.78
C ARG G 263 -23.35 -19.64 -30.09
N VAL G 264 -23.83 -18.46 -30.45
CA VAL G 264 -23.32 -17.21 -29.91
C VAL G 264 -24.47 -16.21 -29.87
N PRO G 265 -24.64 -15.46 -28.78
CA PRO G 265 -25.80 -14.57 -28.68
C PRO G 265 -25.67 -13.36 -29.58
N LYS G 266 -26.83 -12.84 -29.97
CA LYS G 266 -26.90 -11.57 -30.67
C LYS G 266 -26.78 -10.46 -29.63
N ALA G 267 -27.04 -9.23 -30.03
CA ALA G 267 -26.93 -8.08 -29.14
C ALA G 267 -28.21 -7.28 -29.19
N ARG G 268 -28.56 -6.72 -28.04
CA ARG G 268 -29.70 -5.80 -27.96
C ARG G 268 -29.60 -4.75 -29.05
N ASN G 269 -30.64 -4.66 -29.87
CA ASN G 269 -30.64 -3.66 -30.93
C ASN G 269 -30.68 -2.28 -30.29
N PRO G 270 -29.72 -1.40 -30.58
CA PRO G 270 -29.68 -0.10 -29.90
C PRO G 270 -30.81 0.80 -30.36
N THR G 271 -31.07 1.83 -29.55
CA THR G 271 -32.09 2.82 -29.86
C THR G 271 -31.40 4.05 -30.42
N VAL G 272 -31.79 4.46 -31.61
CA VAL G 272 -31.08 5.49 -32.35
C VAL G 272 -31.95 6.75 -32.39
N THR G 273 -31.39 7.85 -31.93
CA THR G 273 -31.96 9.18 -32.09
C THR G 273 -31.17 9.94 -33.14
N TYR G 274 -31.62 11.15 -33.43
CA TYR G 274 -31.37 11.77 -34.71
C TYR G 274 -30.79 13.17 -34.55
N GLY G 275 -30.14 13.64 -35.62
CA GLY G 275 -29.69 15.01 -35.67
C GLY G 275 -29.14 15.33 -37.05
N LYS G 276 -28.90 16.61 -37.29
CA LYS G 276 -28.39 17.07 -38.57
C LYS G 276 -27.13 16.31 -38.95
N ASN G 277 -27.23 15.53 -40.03
CA ASN G 277 -26.13 14.71 -40.52
C ASN G 277 -25.42 14.02 -39.37
N GLN G 278 -26.18 13.65 -38.34
CA GLN G 278 -25.59 13.08 -37.13
C GLN G 278 -26.54 12.07 -36.54
N VAL G 279 -25.98 10.99 -36.00
CA VAL G 279 -26.75 9.89 -35.46
C VAL G 279 -26.30 9.64 -34.03
N THR G 280 -27.27 9.48 -33.12
CA THR G 280 -26.99 9.27 -31.71
C THR G 280 -27.51 7.89 -31.32
N MET G 281 -26.62 6.91 -31.32
CA MET G 281 -27.00 5.54 -30.99
C MET G 281 -26.78 5.31 -29.51
N LEU G 282 -27.83 4.93 -28.81
CA LEU G 282 -27.72 4.52 -27.42
C LEU G 282 -27.72 3.01 -27.38
N LEU G 283 -26.75 2.46 -26.67
CA LEU G 283 -26.42 1.04 -26.71
C LEU G 283 -26.63 0.42 -25.35
N TYR G 284 -27.28 -0.74 -25.31
CA TYR G 284 -27.39 -1.51 -24.08
C TYR G 284 -26.51 -2.74 -24.21
N PRO G 285 -25.37 -2.82 -23.52
CA PRO G 285 -24.50 -3.99 -23.71
C PRO G 285 -25.15 -5.29 -23.28
N ASP G 286 -25.57 -5.37 -22.02
CA ASP G 286 -26.07 -6.59 -21.39
C ASP G 286 -24.93 -7.56 -21.11
N HIS G 287 -23.73 -7.28 -21.61
CA HIS G 287 -22.49 -7.98 -21.29
C HIS G 287 -21.40 -7.36 -22.15
N PRO G 288 -20.13 -7.62 -21.83
CA PRO G 288 -19.06 -7.01 -22.63
C PRO G 288 -19.21 -7.33 -24.10
N THR G 289 -19.18 -6.28 -24.93
CA THR G 289 -19.41 -6.43 -26.35
C THR G 289 -18.65 -5.35 -27.10
N LEU G 290 -18.40 -5.61 -28.38
CA LEU G 290 -17.59 -4.71 -29.19
C LEU G 290 -18.47 -3.94 -30.16
N LEU G 291 -18.16 -2.65 -30.32
CA LEU G 291 -18.84 -1.78 -31.26
C LEU G 291 -17.79 -1.12 -32.13
N SER G 292 -17.92 -1.24 -33.45
CA SER G 292 -16.98 -0.63 -34.37
C SER G 292 -17.74 0.15 -35.43
N TYR G 293 -17.08 1.15 -35.99
CA TYR G 293 -17.65 1.90 -37.10
C TYR G 293 -16.55 2.29 -38.08
N ARG G 294 -16.95 2.43 -39.34
CA ARG G 294 -16.00 2.73 -40.41
C ARG G 294 -16.73 3.44 -41.55
N ASN G 295 -15.99 4.32 -42.22
CA ASN G 295 -16.52 5.04 -43.36
C ASN G 295 -16.70 4.12 -44.55
N MET G 296 -17.56 4.53 -45.47
CA MET G 296 -17.86 3.75 -46.66
C MET G 296 -16.97 4.10 -47.84
N GLY G 297 -16.08 5.07 -47.69
CA GLY G 297 -15.25 5.55 -48.77
C GLY G 297 -13.87 4.93 -48.78
N GLN G 298 -12.97 5.57 -49.54
CA GLN G 298 -11.59 5.09 -49.62
C GLN G 298 -10.87 5.23 -48.30
N GLU G 299 -11.38 6.03 -47.39
CA GLU G 299 -10.75 6.21 -46.08
C GLU G 299 -11.56 5.45 -45.05
N PRO G 300 -10.93 4.61 -44.22
CA PRO G 300 -11.71 3.78 -43.30
C PRO G 300 -12.37 4.56 -42.18
N ASN G 301 -11.62 5.47 -41.55
CA ASN G 301 -12.04 6.10 -40.30
C ASN G 301 -12.35 5.05 -39.24
N TYR G 302 -11.52 4.01 -39.21
CA TYR G 302 -11.77 2.87 -38.34
C TYR G 302 -11.87 3.29 -36.88
N HIS G 303 -12.83 2.69 -36.18
CA HIS G 303 -12.85 2.75 -34.72
C HIS G 303 -13.51 1.49 -34.20
N GLU G 304 -13.02 1.00 -33.06
CA GLU G 304 -13.57 -0.18 -32.41
C GLU G 304 -13.35 -0.06 -30.91
N GLU G 305 -14.44 -0.05 -30.15
CA GLU G 305 -14.38 0.08 -28.70
C GLU G 305 -15.05 -1.12 -28.06
N TRP G 306 -14.67 -1.36 -26.81
CA TRP G 306 -15.34 -2.32 -25.94
C TRP G 306 -16.34 -1.57 -25.07
N VAL G 307 -17.51 -2.18 -24.86
CA VAL G 307 -18.59 -1.57 -24.11
C VAL G 307 -19.12 -2.58 -23.11
N THR G 308 -19.32 -2.12 -21.89
CA THR G 308 -19.93 -2.93 -20.84
C THR G 308 -21.05 -2.21 -20.11
N HIS G 309 -21.16 -0.90 -20.26
CA HIS G 309 -22.26 -0.13 -19.69
C HIS G 309 -22.97 0.57 -20.84
N LYS G 310 -24.13 1.15 -20.55
CA LYS G 310 -24.88 1.85 -21.58
C LYS G 310 -24.15 3.15 -21.92
N LYS G 311 -23.48 3.13 -23.06
CA LYS G 311 -22.91 4.33 -23.63
C LYS G 311 -23.80 4.86 -24.74
N GLU G 312 -24.09 6.15 -24.67
CA GLU G 312 -24.75 6.87 -25.76
C GLU G 312 -23.66 7.52 -26.60
N VAL G 313 -23.51 7.04 -27.83
CA VAL G 313 -22.43 7.46 -28.71
C VAL G 313 -23.02 8.24 -29.86
N THR G 314 -22.23 9.15 -30.41
CA THR G 314 -22.66 10.00 -31.51
C THR G 314 -21.68 9.86 -32.67
N LEU G 315 -22.22 9.71 -33.87
CA LEU G 315 -21.44 9.59 -35.09
C LEU G 315 -21.87 10.65 -36.08
N THR G 316 -20.89 11.18 -36.80
CA THR G 316 -21.12 12.17 -37.85
C THR G 316 -20.92 11.49 -39.20
N VAL G 317 -22.00 11.33 -39.93
CA VAL G 317 -21.95 10.59 -41.19
C VAL G 317 -21.11 11.37 -42.20
N PRO G 318 -20.33 10.71 -43.06
CA PRO G 318 -19.70 11.40 -44.18
C PRO G 318 -20.64 11.42 -45.39
N THR G 319 -20.26 12.23 -46.38
CA THR G 319 -21.06 12.31 -47.60
C THR G 319 -21.14 10.98 -48.32
N GLU G 320 -20.22 10.05 -48.03
CA GLU G 320 -20.14 8.80 -48.76
C GLU G 320 -20.69 7.61 -47.98
N GLY G 321 -21.12 7.81 -46.75
CA GLY G 321 -21.76 6.75 -46.00
C GLY G 321 -20.88 6.20 -44.89
N LEU G 322 -21.52 5.57 -43.91
CA LEU G 322 -20.83 5.03 -42.75
C LEU G 322 -21.57 3.78 -42.29
N GLU G 323 -20.81 2.73 -41.99
CA GLU G 323 -21.38 1.48 -41.52
C GLU G 323 -20.81 1.12 -40.16
N VAL G 324 -21.68 0.62 -39.29
CA VAL G 324 -21.35 0.31 -37.92
C VAL G 324 -21.69 -1.15 -37.65
N THR G 325 -20.74 -1.86 -37.06
CA THR G 325 -20.92 -3.25 -36.65
C THR G 325 -21.10 -3.30 -35.15
N TRP G 326 -22.17 -3.95 -34.71
CA TRP G 326 -22.52 -4.07 -33.30
C TRP G 326 -22.60 -5.55 -32.94
N GLY G 327 -21.74 -5.98 -32.04
CA GLY G 327 -21.72 -7.39 -31.67
C GLY G 327 -21.59 -8.26 -32.88
N ASN G 328 -22.28 -9.40 -32.86
CA ASN G 328 -22.31 -10.31 -34.00
C ASN G 328 -23.52 -10.09 -34.88
N ASN G 329 -24.31 -9.06 -34.59
CA ASN G 329 -25.47 -8.74 -35.41
C ASN G 329 -25.01 -8.11 -36.72
N GLU G 330 -25.87 -8.21 -37.72
CA GLU G 330 -25.53 -7.70 -39.04
C GLU G 330 -25.26 -6.19 -38.97
N PRO G 331 -24.21 -5.70 -39.61
CA PRO G 331 -23.89 -4.26 -39.49
C PRO G 331 -24.98 -3.39 -40.08
N TYR G 332 -25.16 -2.22 -39.48
CA TYR G 332 -26.13 -1.25 -39.95
C TYR G 332 -25.44 -0.16 -40.76
N LYS G 333 -26.03 0.21 -41.89
CA LYS G 333 -25.50 1.22 -42.78
C LYS G 333 -26.36 2.48 -42.71
N TYR G 334 -25.72 3.63 -42.50
CA TYR G 334 -26.37 4.92 -42.58
C TYR G 334 -25.56 5.80 -43.52
N TRP G 335 -26.21 6.41 -44.51
CA TRP G 335 -25.52 7.37 -45.34
C TRP G 335 -26.36 8.64 -45.39
N PRO G 336 -25.75 9.81 -45.51
CA PRO G 336 -26.51 11.05 -45.34
C PRO G 336 -27.56 11.24 -46.43
N GLN G 337 -28.61 11.95 -46.05
CA GLN G 337 -29.57 12.54 -46.95
C GLN G 337 -29.43 14.06 -46.80
N MET G 338 -30.12 14.81 -47.65
CA MET G 338 -30.05 16.26 -47.57
C MET G 338 -30.28 16.70 -46.13
N SER G 339 -29.77 17.87 -45.78
CA SER G 339 -29.67 18.23 -44.36
C SER G 339 -30.98 18.78 -43.82
N THR G 340 -31.46 19.91 -44.35
CA THR G 340 -32.49 20.66 -43.67
C THR G 340 -33.52 21.21 -44.64
N ASN G 341 -34.69 21.51 -44.07
CA ASN G 341 -35.71 22.32 -44.72
C ASN G 341 -35.55 23.80 -44.42
N GLY G 342 -34.58 24.17 -43.59
CA GLY G 342 -34.43 25.57 -43.21
C GLY G 342 -34.23 26.48 -44.41
N THR G 343 -33.42 26.03 -45.36
CA THR G 343 -33.25 26.78 -46.59
C THR G 343 -34.52 26.71 -47.45
N ALA G 344 -34.76 27.77 -48.21
CA ALA G 344 -35.94 27.81 -49.07
C ALA G 344 -35.79 28.96 -50.06
N HIS G 345 -36.33 28.74 -51.25
CA HIS G 345 -36.31 29.75 -52.31
C HIS G 345 -37.57 30.59 -52.25
N GLY G 346 -37.40 31.91 -52.29
CA GLY G 346 -38.53 32.82 -52.21
C GLY G 346 -38.06 34.25 -52.30
N HIS G 347 -39.00 35.17 -52.09
CA HIS G 347 -38.67 36.59 -52.17
C HIS G 347 -37.52 36.95 -51.25
N PRO G 348 -37.52 36.57 -49.97
CA PRO G 348 -36.27 36.62 -49.20
C PRO G 348 -35.34 35.53 -49.69
N HIS G 349 -34.12 35.92 -50.05
CA HIS G 349 -33.23 35.00 -50.76
C HIS G 349 -33.23 33.62 -50.10
N GLU G 350 -32.74 33.52 -48.86
CA GLU G 350 -32.64 32.24 -48.17
C GLU G 350 -31.92 31.17 -49.01
N ILE G 351 -31.07 31.59 -49.95
CA ILE G 351 -30.27 30.64 -50.71
C ILE G 351 -28.94 30.32 -50.05
N ILE G 352 -28.43 31.20 -49.19
CA ILE G 352 -27.19 30.89 -48.50
C ILE G 352 -27.34 29.62 -47.68
N LEU G 353 -28.51 29.44 -47.08
CA LEU G 353 -28.78 28.19 -46.37
C LEU G 353 -28.82 27.01 -47.33
N TYR G 354 -29.39 27.19 -48.52
CA TYR G 354 -29.32 26.13 -49.52
C TYR G 354 -27.88 25.71 -49.77
N TYR G 355 -27.02 26.67 -50.09
CA TYR G 355 -25.68 26.33 -50.51
C TYR G 355 -24.75 26.01 -49.35
N TYR G 356 -25.21 26.22 -48.11
CA TYR G 356 -24.46 25.79 -46.94
C TYR G 356 -24.86 24.39 -46.51
N GLU G 357 -26.16 24.17 -46.30
CA GLU G 357 -26.62 22.84 -45.92
C GLU G 357 -26.21 21.80 -46.95
N LEU G 358 -26.44 22.08 -48.22
CA LEU G 358 -25.95 21.24 -49.30
C LEU G 358 -24.63 21.81 -49.82
N TYR G 359 -23.60 20.96 -49.84
CA TYR G 359 -22.26 21.37 -50.21
C TYR G 359 -21.76 22.47 -49.29
N PRO G 360 -21.71 22.24 -47.98
CA PRO G 360 -21.17 23.25 -47.07
C PRO G 360 -19.73 23.59 -47.41
N THR G 361 -19.40 24.88 -47.27
CA THR G 361 -18.07 25.39 -47.55
C THR G 361 -17.77 25.41 -49.05
N MET G 362 -18.65 24.82 -49.86
CA MET G 362 -18.54 24.86 -51.31
C MET G 362 -19.76 25.60 -51.86
N THR G 363 -19.56 26.28 -52.98
CA THR G 363 -20.57 27.16 -53.58
C THR G 363 -20.95 28.29 -52.63
N VAL G 364 -20.21 28.46 -51.54
CA VAL G 364 -20.42 29.55 -50.59
C VAL G 364 -19.19 30.44 -50.51
N VAL G 365 -18.01 29.83 -50.40
CA VAL G 365 -16.77 30.57 -50.64
C VAL G 365 -16.73 31.04 -52.09
N ILE G 366 -17.41 30.33 -52.97
CA ILE G 366 -17.58 30.80 -54.35
C ILE G 366 -18.32 32.12 -54.35
N VAL G 367 -19.31 32.26 -53.47
CA VAL G 367 -19.99 33.55 -53.33
C VAL G 367 -19.02 34.59 -52.81
N SER G 368 -18.09 34.20 -51.93
CA SER G 368 -17.10 35.14 -51.43
C SER G 368 -16.20 35.64 -52.56
N VAL G 369 -15.77 34.74 -53.44
CA VAL G 369 -14.90 35.18 -54.53
C VAL G 369 -15.69 36.05 -55.50
N ALA G 370 -16.94 35.69 -55.76
CA ALA G 370 -17.81 36.56 -56.56
C ALA G 370 -17.90 37.95 -55.93
N SER G 371 -17.98 37.99 -54.59
CA SER G 371 -18.09 39.26 -53.89
C SER G 371 -16.85 40.11 -54.12
N PHE G 372 -15.66 39.52 -53.93
CA PHE G 372 -14.47 40.34 -54.06
C PHE G 372 -14.25 40.75 -55.51
N VAL G 373 -14.61 39.90 -56.47
CA VAL G 373 -14.42 40.28 -57.87
C VAL G 373 -15.39 41.39 -58.26
N LEU G 374 -16.63 41.33 -57.78
CA LEU G 374 -17.56 42.41 -58.09
C LEU G 374 -17.10 43.71 -57.44
N LEU G 375 -16.55 43.60 -56.23
CA LEU G 375 -15.87 44.75 -55.64
C LEU G 375 -14.76 45.26 -56.56
N SER G 376 -14.06 44.35 -57.23
CA SER G 376 -12.98 44.74 -58.13
C SER G 376 -13.51 45.51 -59.34
N MET G 377 -14.59 45.03 -59.97
CA MET G 377 -15.13 45.79 -61.09
C MET G 377 -15.65 47.16 -60.65
N VAL G 378 -16.30 47.23 -59.49
CA VAL G 378 -16.75 48.55 -59.06
C VAL G 378 -15.56 49.45 -58.72
N GLY G 379 -14.46 48.87 -58.23
CA GLY G 379 -13.28 49.65 -57.96
C GLY G 379 -12.68 50.23 -59.23
N THR G 380 -12.56 49.42 -60.27
CA THR G 380 -12.08 49.95 -61.54
C THR G 380 -13.09 50.92 -62.15
N ALA G 381 -14.37 50.79 -61.81
CA ALA G 381 -15.35 51.76 -62.27
C ALA G 381 -15.11 53.13 -61.64
N VAL G 382 -14.91 53.17 -60.33
CA VAL G 382 -14.57 54.45 -59.71
C VAL G 382 -13.22 54.95 -60.20
N GLY G 383 -12.33 54.02 -60.55
CA GLY G 383 -11.10 54.40 -61.21
C GLY G 383 -11.36 55.12 -62.53
N MET G 384 -12.31 54.62 -63.32
CA MET G 384 -12.64 55.32 -64.55
C MET G 384 -13.28 56.67 -64.25
N CYS G 385 -14.04 56.73 -63.16
CA CYS G 385 -14.62 58.01 -62.75
C CYS G 385 -13.53 59.05 -62.54
N VAL G 386 -12.52 58.70 -61.74
CA VAL G 386 -11.44 59.65 -61.47
C VAL G 386 -10.64 59.93 -62.74
N CYS G 387 -10.45 58.90 -63.58
CA CYS G 387 -9.73 59.11 -64.83
C CYS G 387 -10.47 60.09 -65.73
N ALA G 388 -11.79 59.95 -65.83
CA ALA G 388 -12.58 60.89 -66.62
C ALA G 388 -12.51 62.28 -66.01
N ARG G 389 -12.49 62.37 -64.68
CA ARG G 389 -12.35 63.66 -64.03
C ARG G 389 -11.05 64.35 -64.48
N ARG G 390 -9.93 63.64 -64.35
CA ARG G 390 -8.65 64.26 -64.73
C ARG G 390 -8.61 64.56 -66.21
N ARG G 391 -9.16 63.65 -67.05
CA ARG G 391 -9.13 63.87 -68.48
C ARG G 391 -9.98 65.07 -68.89
N CYS G 392 -11.09 65.31 -68.18
CA CYS G 392 -11.95 66.43 -68.53
C CYS G 392 -11.36 67.74 -68.03
N ILE G 393 -10.68 67.73 -66.88
CA ILE G 393 -10.09 68.97 -66.39
C ILE G 393 -8.81 69.31 -67.13
N THR G 394 -8.11 68.30 -67.65
CA THR G 394 -6.81 68.55 -68.29
C THR G 394 -6.91 69.49 -69.47
N PRO G 395 -7.84 69.34 -70.42
CA PRO G 395 -7.95 70.34 -71.49
C PRO G 395 -8.17 71.73 -70.94
N TYR G 396 -8.82 71.84 -69.78
CA TYR G 396 -8.80 73.10 -69.05
C TYR G 396 -7.39 73.47 -68.63
N GLU G 397 -6.80 72.66 -67.74
CA GLU G 397 -5.46 72.91 -67.22
C GLU G 397 -5.24 74.41 -66.99
N LEU G 398 -6.30 75.08 -66.52
CA LEU G 398 -6.26 76.51 -66.29
C LEU G 398 -5.87 77.26 -67.56
N THR G 399 -6.74 77.17 -68.57
CA THR G 399 -6.49 77.87 -69.82
C THR G 399 -6.45 79.38 -69.57
N PRO G 400 -5.76 80.13 -70.44
CA PRO G 400 -5.79 81.59 -70.29
C PRO G 400 -7.19 82.16 -70.38
N GLY G 401 -8.05 81.56 -71.19
CA GLY G 401 -9.43 82.03 -71.28
C GLY G 401 -10.21 81.81 -69.99
N ALA G 402 -10.08 80.62 -69.39
CA ALA G 402 -10.72 80.30 -68.11
C ALA G 402 -12.24 80.48 -68.20
N THR G 403 -12.87 79.65 -69.04
CA THR G 403 -14.31 79.75 -69.24
C THR G 403 -14.85 78.42 -69.78
N VAL G 404 -15.85 77.88 -69.10
CA VAL G 404 -16.61 76.73 -69.60
C VAL G 404 -18.09 76.98 -69.33
N PRO G 405 -18.72 77.97 -69.99
CA PRO G 405 -20.14 78.23 -69.68
C PRO G 405 -21.06 77.09 -70.03
N PHE G 406 -20.64 76.16 -70.89
CA PHE G 406 -21.50 75.09 -71.36
C PHE G 406 -21.04 73.71 -70.93
N LEU G 407 -19.90 73.58 -70.26
CA LEU G 407 -19.37 72.28 -69.88
C LEU G 407 -19.38 72.05 -68.38
N LEU G 408 -18.69 72.88 -67.60
CA LEU G 408 -18.69 72.67 -66.16
C LEU G 408 -20.00 73.14 -65.55
N SER G 409 -20.56 74.23 -66.09
CA SER G 409 -21.88 74.67 -65.65
C SER G 409 -22.95 73.62 -65.96
N LEU G 410 -22.71 72.74 -66.93
CA LEU G 410 -23.67 71.73 -67.35
C LEU G 410 -23.20 70.33 -67.04
N LEU G 411 -22.01 69.94 -67.50
CA LEU G 411 -21.54 68.57 -67.30
C LEU G 411 -21.13 68.32 -65.85
N CYS G 412 -20.69 69.36 -65.14
CA CYS G 412 -20.37 69.24 -63.72
C CYS G 412 -19.34 68.13 -63.48
N CYS G 413 -18.31 68.10 -64.33
CA CYS G 413 -17.33 67.03 -64.27
C CYS G 413 -16.56 67.07 -62.94
N VAL G 414 -15.97 68.22 -62.60
CA VAL G 414 -15.07 68.32 -61.47
C VAL G 414 -15.11 69.74 -60.93
N ARG G 415 -15.02 69.86 -59.61
CA ARG G 415 -14.96 71.15 -58.93
C ARG G 415 -15.93 72.14 -59.56
N THR G 416 -17.18 71.71 -59.70
CA THR G 416 -18.20 72.56 -60.29
C THR G 416 -18.48 73.81 -59.45
N THR G 417 -17.88 73.91 -58.26
CA THR G 417 -17.96 75.15 -57.49
C THR G 417 -17.51 76.34 -58.33
N LYS G 418 -16.44 76.16 -59.10
CA LYS G 418 -15.90 77.19 -59.96
C LYS G 418 -16.39 76.93 -61.39
N ALA G 419 -17.13 77.88 -61.95
CA ALA G 419 -17.65 77.75 -63.30
C ALA G 419 -18.56 76.53 -63.42
N TYR H 1 -1.50 22.39 26.10
CA TYR H 1 -0.62 23.50 25.74
C TYR H 1 0.81 23.02 25.58
N GLU H 2 1.52 23.61 24.62
CA GLU H 2 2.90 23.28 24.33
C GLU H 2 3.77 24.49 24.63
N HIS H 3 4.86 24.26 25.36
CA HIS H 3 5.83 25.32 25.66
C HIS H 3 7.23 24.80 25.35
N VAL H 4 8.04 25.64 24.73
CA VAL H 4 9.40 25.29 24.35
C VAL H 4 10.35 26.27 25.02
N THR H 5 11.45 25.74 25.53
CA THR H 5 12.46 26.57 26.18
C THR H 5 13.83 25.96 25.93
N VAL H 6 14.86 26.69 26.34
CA VAL H 6 16.24 26.23 26.25
C VAL H 6 16.95 26.62 27.53
N ILE H 7 17.80 25.73 28.02
CA ILE H 7 18.51 25.99 29.27
C ILE H 7 19.99 25.65 29.11
N PRO H 8 20.89 26.36 29.78
CA PRO H 8 22.31 26.03 29.68
C PRO H 8 22.59 24.61 30.14
N ASN H 9 23.55 23.97 29.48
CA ASN H 9 23.96 22.62 29.86
C ASN H 9 24.78 22.68 31.13
N THR H 10 24.11 22.65 32.28
CA THR H 10 24.77 22.69 33.57
C THR H 10 24.00 21.82 34.55
N VAL H 11 24.69 21.30 35.55
CA VAL H 11 24.12 20.37 36.51
C VAL H 11 24.13 21.01 37.89
N GLY H 12 23.03 20.82 38.62
CA GLY H 12 22.91 21.32 39.97
C GLY H 12 22.44 22.75 40.09
N VAL H 13 22.17 23.43 38.98
CA VAL H 13 21.72 24.81 38.98
C VAL H 13 20.23 24.81 38.64
N PRO H 14 19.34 25.14 39.57
CA PRO H 14 17.92 25.21 39.23
C PRO H 14 17.64 26.30 38.21
N TYR H 15 16.65 26.04 37.36
CA TYR H 15 16.25 26.99 36.32
C TYR H 15 14.75 27.21 36.40
N LYS H 16 14.35 28.47 36.39
CA LYS H 16 12.94 28.85 36.36
C LYS H 16 12.51 29.15 34.93
N THR H 17 11.41 28.54 34.50
CA THR H 17 10.84 28.79 33.19
C THR H 17 9.37 29.13 33.37
N LEU H 18 8.99 30.34 32.99
CA LEU H 18 7.64 30.84 33.21
C LEU H 18 6.82 30.62 31.94
N VAL H 19 5.88 29.69 32.01
CA VAL H 19 4.93 29.47 30.92
C VAL H 19 3.65 30.20 31.26
N ASN H 20 3.18 31.02 30.32
CA ASN H 20 1.98 31.82 30.50
C ASN H 20 0.97 31.46 29.43
N ARG H 21 -0.30 31.42 29.81
CA ARG H 21 -1.37 31.09 28.89
C ARG H 21 -2.54 32.03 29.13
N PRO H 22 -2.95 32.80 28.12
CA PRO H 22 -4.07 33.74 28.35
C PRO H 22 -5.33 33.01 28.76
N GLY H 23 -6.09 33.63 29.64
CA GLY H 23 -7.28 33.02 30.20
C GLY H 23 -7.01 32.14 31.40
N TYR H 24 -5.75 31.95 31.79
CA TYR H 24 -5.41 31.13 32.93
C TYR H 24 -4.23 31.76 33.66
N SER H 25 -4.08 31.39 34.92
CA SER H 25 -2.99 31.93 35.72
C SER H 25 -1.66 31.40 35.21
N PRO H 26 -0.71 32.27 34.86
CA PRO H 26 0.59 31.78 34.40
C PRO H 26 1.32 31.06 35.52
N MET H 27 2.15 30.09 35.13
CA MET H 27 2.80 29.21 36.09
C MET H 27 4.27 29.08 35.69
N VAL H 28 5.14 29.02 36.69
CA VAL H 28 6.58 28.98 36.49
C VAL H 28 7.12 27.68 37.08
N LEU H 29 7.84 26.91 36.27
CA LEU H 29 8.32 25.60 36.64
C LEU H 29 9.82 25.63 36.90
N GLU H 30 10.25 24.85 37.87
CA GLU H 30 11.66 24.72 38.23
C GLU H 30 12.18 23.40 37.66
N MET H 31 13.24 23.50 36.87
CA MET H 31 13.86 22.35 36.22
C MET H 31 15.33 22.29 36.60
N GLU H 32 15.79 21.11 37.00
CA GLU H 32 17.15 20.89 37.44
C GLU H 32 17.72 19.66 36.75
N LEU H 33 19.01 19.71 36.46
CA LEU H 33 19.73 18.63 35.80
C LEU H 33 20.38 17.76 36.86
N GLN H 34 19.90 16.52 36.99
CA GLN H 34 20.54 15.59 37.92
C GLN H 34 21.86 15.09 37.36
N SER H 35 21.90 14.77 36.07
CA SER H 35 23.11 14.33 35.41
C SER H 35 22.78 14.11 33.93
N VAL H 36 23.83 14.14 33.11
CA VAL H 36 23.71 13.91 31.67
C VAL H 36 24.79 12.93 31.27
N THR H 37 24.39 11.83 30.64
CA THR H 37 25.30 10.76 30.26
C THR H 37 25.50 10.74 28.74
N LEU H 38 26.75 10.59 28.32
CA LEU H 38 27.11 10.46 26.91
C LEU H 38 27.70 9.08 26.73
N GLU H 39 27.03 8.25 25.94
CA GLU H 39 27.46 6.89 25.69
C GLU H 39 28.08 6.86 24.30
N PRO H 40 29.38 6.60 24.17
CA PRO H 40 29.99 6.55 22.84
C PRO H 40 29.87 5.17 22.20
N THR H 41 30.10 5.14 20.90
CA THR H 41 30.06 3.88 20.18
C THR H 41 31.08 2.91 20.78
N LEU H 42 30.95 1.64 20.42
CA LEU H 42 31.87 0.61 20.88
C LEU H 42 32.16 -0.33 19.71
N SER H 43 33.34 -0.18 19.12
CA SER H 43 33.85 -1.07 18.08
C SER H 43 35.17 -1.61 18.59
N LEU H 44 35.14 -2.80 19.17
CA LEU H 44 36.32 -3.40 19.79
C LEU H 44 37.34 -3.67 18.70
N ASP H 45 38.38 -2.84 18.62
CA ASP H 45 39.42 -3.08 17.65
C ASP H 45 40.19 -4.35 17.98
N TYR H 46 40.66 -4.47 19.20
CA TYR H 46 41.33 -5.69 19.63
C TYR H 46 41.62 -5.61 21.12
N ILE H 47 42.37 -6.59 21.63
CA ILE H 47 42.77 -6.66 23.03
C ILE H 47 44.23 -7.06 23.10
N THR H 48 44.81 -6.91 24.28
CA THR H 48 46.18 -7.35 24.51
C THR H 48 46.37 -7.62 25.99
N CYS H 49 47.46 -8.34 26.28
CA CYS H 49 47.77 -8.80 27.63
C CYS H 49 49.19 -9.33 27.63
N GLU H 50 49.64 -9.76 28.80
CA GLU H 50 50.97 -10.32 28.93
C GLU H 50 51.03 -11.69 28.25
N TYR H 51 52.21 -12.03 27.74
CA TYR H 51 52.44 -13.25 27.00
C TYR H 51 53.33 -14.19 27.79
N LYS H 52 53.18 -15.49 27.51
CA LYS H 52 53.99 -16.52 28.13
C LYS H 52 54.89 -17.16 27.09
N THR H 53 56.15 -17.36 27.45
CA THR H 53 57.16 -17.90 26.56
C THR H 53 57.34 -19.37 26.88
N VAL H 54 57.05 -20.23 25.90
CA VAL H 54 57.17 -21.67 26.05
C VAL H 54 58.45 -22.12 25.37
N ILE H 55 59.28 -22.82 26.12
CA ILE H 55 60.56 -23.34 25.67
C ILE H 55 60.70 -24.78 26.15
N PRO H 56 60.21 -25.77 25.42
CA PRO H 56 60.28 -27.15 25.92
C PRO H 56 61.72 -27.61 26.12
N SER H 57 61.89 -28.81 26.64
CA SER H 57 63.22 -29.29 26.97
C SER H 57 64.09 -29.31 25.72
N PRO H 58 65.29 -28.73 25.77
CA PRO H 58 66.13 -28.69 24.58
C PRO H 58 66.57 -30.08 24.14
N TYR H 59 66.75 -30.24 22.84
CA TYR H 59 67.17 -31.51 22.26
C TYR H 59 68.69 -31.58 22.30
N VAL H 60 69.21 -32.58 22.97
CA VAL H 60 70.65 -32.80 23.04
C VAL H 60 70.98 -33.99 22.16
N LYS H 61 72.22 -34.02 21.67
CA LYS H 61 72.65 -35.11 20.81
C LYS H 61 74.16 -35.24 20.88
N CYS H 62 74.64 -36.46 20.60
CA CYS H 62 76.05 -36.80 20.59
C CYS H 62 76.41 -37.48 19.28
N CYS H 63 77.61 -37.18 18.79
CA CYS H 63 78.20 -37.83 17.62
C CYS H 63 77.32 -37.71 16.38
N GLY H 64 76.33 -36.80 16.42
CA GLY H 64 75.33 -36.63 15.38
C GLY H 64 74.84 -35.21 15.47
N THR H 65 74.02 -34.82 14.50
CA THR H 65 73.57 -33.43 14.41
C THR H 65 72.06 -33.39 14.28
N ALA H 66 71.47 -32.33 14.83
CA ALA H 66 70.04 -32.11 14.78
C ALA H 66 69.70 -31.24 13.57
N GLU H 67 68.44 -30.81 13.49
CA GLU H 67 68.00 -30.05 12.34
C GLU H 67 66.76 -29.25 12.74
N CYS H 68 66.61 -28.08 12.11
CA CYS H 68 65.47 -27.20 12.37
C CYS H 68 64.38 -27.47 11.35
N LYS H 69 63.19 -27.81 11.85
CA LYS H 69 62.00 -27.96 11.03
C LYS H 69 61.03 -26.84 11.38
N ASP H 70 60.59 -26.10 10.36
CA ASP H 70 59.77 -24.92 10.60
C ASP H 70 58.47 -25.31 11.30
N LYS H 71 58.03 -24.45 12.20
CA LYS H 71 56.78 -24.62 12.92
C LYS H 71 55.88 -23.43 12.64
N SER H 72 54.62 -23.70 12.32
CA SER H 72 53.66 -22.66 12.00
C SER H 72 53.06 -22.13 13.30
N LEU H 73 53.91 -21.48 14.08
CA LEU H 73 53.54 -20.92 15.37
C LEU H 73 54.01 -19.48 15.44
N PRO H 74 53.39 -18.66 16.29
CA PRO H 74 53.76 -17.24 16.36
C PRO H 74 55.19 -17.06 16.86
N ASP H 75 55.96 -16.28 16.11
CA ASP H 75 57.32 -15.92 16.49
C ASP H 75 58.15 -17.14 16.87
N TYR H 76 57.79 -18.30 16.34
CA TYR H 76 58.57 -19.49 16.62
C TYR H 76 60.00 -19.33 16.12
N SER H 77 60.95 -19.75 16.95
CA SER H 77 62.35 -19.63 16.58
C SER H 77 63.09 -20.89 17.01
N CYS H 78 64.21 -21.13 16.34
CA CYS H 78 65.03 -22.31 16.61
C CYS H 78 66.49 -21.97 16.33
N LYS H 79 67.37 -22.80 16.85
CA LYS H 79 68.80 -22.65 16.62
C LYS H 79 69.50 -23.95 16.98
N VAL H 80 70.73 -24.08 16.51
CA VAL H 80 71.58 -25.22 16.82
C VAL H 80 72.96 -24.72 17.19
N PHE H 81 73.68 -25.54 17.95
CA PHE H 81 75.02 -25.24 18.39
C PHE H 81 75.82 -26.53 18.45
N THR H 82 77.14 -26.39 18.41
CA THR H 82 78.04 -27.54 18.34
C THR H 82 79.20 -27.36 19.31
N GLY H 83 79.79 -28.47 19.71
CA GLY H 83 80.93 -28.46 20.59
C GLY H 83 80.59 -28.32 22.06
N VAL H 84 79.31 -28.27 22.41
CA VAL H 84 78.92 -28.12 23.80
C VAL H 84 79.08 -29.45 24.53
N TYR H 85 79.64 -29.41 25.73
CA TYR H 85 79.93 -30.60 26.52
C TYR H 85 79.28 -30.45 27.88
N PRO H 86 77.95 -30.59 27.93
CA PRO H 86 77.24 -30.35 29.19
C PRO H 86 77.60 -31.37 30.27
N PHE H 87 77.51 -30.92 31.51
CA PHE H 87 77.74 -31.75 32.68
C PHE H 87 76.51 -31.73 33.57
N MET H 88 76.14 -32.88 34.09
CA MET H 88 75.05 -33.01 35.05
C MET H 88 75.62 -33.40 36.41
N TRP H 89 74.72 -33.67 37.37
CA TRP H 89 75.16 -33.96 38.72
C TRP H 89 76.07 -35.18 38.77
N GLY H 90 75.68 -36.25 38.08
CA GLY H 90 76.44 -37.48 38.13
C GLY H 90 77.66 -37.52 37.24
N GLY H 91 77.86 -36.52 36.41
CA GLY H 91 79.01 -36.42 35.55
C GLY H 91 78.61 -35.88 34.19
N ALA H 92 79.47 -36.10 33.21
CA ALA H 92 79.18 -35.66 31.85
C ALA H 92 77.96 -36.38 31.32
N TYR H 93 77.15 -35.65 30.55
CA TYR H 93 75.98 -36.26 29.93
C TYR H 93 76.41 -37.40 29.01
N CYS H 94 77.46 -37.18 28.24
CA CYS H 94 77.86 -38.10 27.19
C CYS H 94 79.34 -37.90 26.85
N PHE H 95 79.87 -38.84 26.04
CA PHE H 95 81.31 -38.90 25.85
C PHE H 95 81.77 -37.99 24.70
N CYS H 96 81.00 -37.91 23.62
CA CYS H 96 81.46 -37.19 22.44
C CYS H 96 81.88 -35.78 22.83
N ASP H 97 83.19 -35.54 22.80
CA ASP H 97 83.76 -34.33 23.40
C ASP H 97 83.32 -33.09 22.65
N ALA H 98 83.36 -33.12 21.32
CA ALA H 98 82.98 -31.99 20.51
C ALA H 98 82.06 -32.35 19.35
N GLU H 99 81.91 -33.64 19.04
CA GLU H 99 81.02 -34.05 17.96
C GLU H 99 79.56 -33.86 18.32
N ASN H 100 79.25 -33.59 19.58
CA ASN H 100 77.88 -33.47 20.04
C ASN H 100 77.27 -32.15 19.55
N THR H 101 75.94 -32.09 19.61
CA THR H 101 75.21 -30.92 19.15
C THR H 101 74.00 -30.68 20.05
N GLN H 102 73.49 -29.44 19.97
CA GLN H 102 72.34 -29.02 20.75
C GLN H 102 71.38 -28.29 19.82
N LEU H 103 70.11 -28.68 19.86
CA LEU H 103 69.05 -27.98 19.15
C LEU H 103 68.10 -27.38 20.18
N SER H 104 67.77 -26.12 20.00
CA SER H 104 66.84 -25.42 20.88
C SER H 104 65.80 -24.71 20.04
N GLU H 105 64.62 -24.53 20.61
CA GLU H 105 63.57 -23.77 19.96
C GLU H 105 62.58 -23.28 21.00
N ALA H 106 61.81 -22.26 20.61
CA ALA H 106 60.88 -21.65 21.55
C ALA H 106 59.81 -20.91 20.76
N HIS H 107 58.69 -20.65 21.45
CA HIS H 107 57.64 -19.80 20.89
C HIS H 107 56.95 -19.07 22.02
N VAL H 108 55.99 -18.22 21.65
CA VAL H 108 55.28 -17.35 22.58
C VAL H 108 53.79 -17.52 22.37
N GLU H 109 53.05 -17.60 23.46
CA GLU H 109 51.61 -17.81 23.41
C GLU H 109 50.93 -16.85 24.38
N LYS H 110 49.60 -16.82 24.31
CA LYS H 110 48.80 -16.00 25.21
C LYS H 110 48.73 -16.64 26.59
N SER H 111 48.56 -15.81 27.60
CA SER H 111 48.50 -16.24 28.98
C SER H 111 47.05 -16.42 29.42
N GLU H 112 46.80 -17.43 30.24
CA GLU H 112 45.46 -17.63 30.77
C GLU H 112 45.00 -16.43 31.59
N SER H 113 45.96 -15.70 32.17
CA SER H 113 45.62 -14.48 32.90
C SER H 113 44.88 -13.49 32.01
N CYS H 114 45.07 -13.57 30.69
CA CYS H 114 44.34 -12.70 29.78
C CYS H 114 42.85 -12.81 29.98
N LYS H 115 42.36 -13.98 30.38
CA LYS H 115 40.92 -14.17 30.55
C LYS H 115 40.37 -13.32 31.67
N THR H 116 41.22 -12.77 32.53
CA THR H 116 40.80 -11.95 33.66
C THR H 116 41.32 -10.53 33.58
N GLU H 117 42.60 -10.36 33.23
CA GLU H 117 43.23 -9.05 33.17
C GLU H 117 43.76 -8.82 31.77
N PHE H 118 43.52 -7.62 31.24
CA PHE H 118 43.89 -7.29 29.87
C PHE H 118 43.56 -5.82 29.63
N ALA H 119 43.98 -5.33 28.46
CA ALA H 119 43.68 -3.98 28.03
C ALA H 119 43.07 -4.05 26.64
N SER H 120 41.95 -3.36 26.45
CA SER H 120 41.17 -3.48 25.22
C SER H 120 41.14 -2.15 24.47
N ALA H 121 41.43 -2.20 23.18
CA ALA H 121 41.47 -1.02 22.33
C ALA H 121 40.22 -1.00 21.45
N TYR H 122 39.48 0.11 21.51
CA TYR H 122 38.26 0.32 20.74
C TYR H 122 38.42 1.55 19.85
N ARG H 123 37.55 1.63 18.85
CA ARG H 123 37.55 2.73 17.90
C ARG H 123 36.24 3.50 17.98
N ALA H 124 35.78 3.78 19.20
CA ALA H 124 34.54 4.54 19.38
C ALA H 124 34.64 5.88 18.68
N HIS H 125 33.59 6.24 17.94
CA HIS H 125 33.58 7.45 17.14
C HIS H 125 32.48 8.42 17.56
N THR H 126 31.24 7.98 17.60
CA THR H 126 30.09 8.83 17.91
C THR H 126 29.56 8.47 19.30
N ALA H 127 28.46 9.12 19.67
CA ALA H 127 27.88 8.91 20.99
C ALA H 127 26.42 9.33 20.98
N SER H 128 25.71 8.89 22.01
CA SER H 128 24.32 9.28 22.25
C SER H 128 24.22 9.83 23.66
N ALA H 129 23.20 10.66 23.88
CA ALA H 129 23.04 11.41 25.12
C ALA H 129 21.79 10.95 25.86
N SER H 130 21.94 10.72 27.16
CA SER H 130 20.83 10.45 28.06
C SER H 130 20.99 11.30 29.30
N ALA H 131 19.85 11.68 29.90
CA ALA H 131 19.89 12.67 30.96
C ALA H 131 18.74 12.44 31.93
N LYS H 132 18.93 13.00 33.13
CA LYS H 132 17.98 12.94 34.24
C LYS H 132 17.59 14.35 34.64
N LEU H 133 16.28 14.57 34.79
CA LEU H 133 15.75 15.89 35.12
C LEU H 133 14.85 15.80 36.34
N ARG H 134 14.85 16.87 37.12
CA ARG H 134 13.94 17.04 38.25
C ARG H 134 13.09 18.27 37.99
N VAL H 135 11.77 18.11 38.08
CA VAL H 135 10.83 19.15 37.72
C VAL H 135 9.88 19.39 38.89
N LEU H 136 9.66 20.66 39.23
CA LEU H 136 8.68 21.03 40.24
C LEU H 136 7.34 21.18 39.56
N TYR H 137 6.46 20.22 39.77
CA TYR H 137 5.14 20.19 39.14
C TYR H 137 4.09 20.04 40.24
N GLN H 138 3.08 20.91 40.20
CA GLN H 138 1.98 20.85 41.16
C GLN H 138 2.51 20.75 42.59
N GLY H 139 3.57 21.50 42.87
CA GLY H 139 4.14 21.51 44.20
C GLY H 139 4.77 20.21 44.63
N ASN H 140 5.45 19.52 43.73
CA ASN H 140 6.21 18.34 44.11
C ASN H 140 7.32 18.11 43.10
N ASN H 141 8.45 17.60 43.59
CA ASN H 141 9.59 17.26 42.74
C ASN H 141 9.34 15.92 42.08
N ILE H 142 9.53 15.86 40.76
CA ILE H 142 9.31 14.66 39.97
C ILE H 142 10.55 14.39 39.13
N THR H 143 10.93 13.13 39.04
CA THR H 143 12.13 12.72 38.31
C THR H 143 11.74 12.16 36.95
N VAL H 144 12.53 12.50 35.93
CA VAL H 144 12.32 12.04 34.57
C VAL H 144 13.67 11.64 34.00
N ALA H 145 13.65 10.64 33.13
CA ALA H 145 14.85 10.15 32.45
C ALA H 145 14.56 10.02 30.98
N ALA H 146 15.48 10.50 30.13
CA ALA H 146 15.22 10.40 28.69
C ALA H 146 16.50 10.62 27.91
N TYR H 147 16.48 10.14 26.67
CA TYR H 147 17.62 10.31 25.78
C TYR H 147 17.67 11.76 25.31
N ALA H 148 18.78 12.44 25.59
CA ALA H 148 18.92 13.86 25.29
C ALA H 148 19.41 14.07 23.85
N ASN H 149 18.61 13.58 22.91
CA ASN H 149 18.92 13.71 21.49
C ASN H 149 17.75 14.25 20.69
N GLY H 150 16.74 14.80 21.34
CA GLY H 150 15.61 15.39 20.64
C GLY H 150 14.64 14.39 20.05
N ASP H 151 14.77 13.11 20.38
CA ASP H 151 13.90 12.06 19.85
C ASP H 151 13.02 11.43 20.92
N HIS H 152 13.60 11.00 22.03
CA HIS H 152 12.84 10.31 23.06
C HIS H 152 11.82 11.24 23.68
N ALA H 153 10.58 10.78 23.73
CA ALA H 153 9.48 11.49 24.40
C ALA H 153 9.01 10.66 25.58
N VAL H 154 8.76 11.31 26.70
CA VAL H 154 8.43 10.62 27.95
C VAL H 154 7.17 11.24 28.53
N THR H 155 6.23 10.38 28.93
CA THR H 155 4.98 10.81 29.54
C THR H 155 5.07 10.63 31.04
N VAL H 156 4.71 11.67 31.78
CA VAL H 156 4.71 11.62 33.24
C VAL H 156 3.62 12.54 33.75
N LYS H 157 2.76 12.01 34.62
CA LYS H 157 1.72 12.79 35.28
C LYS H 157 0.90 13.56 34.24
N ASP H 158 0.57 12.88 33.15
CA ASP H 158 -0.31 13.36 32.08
C ASP H 158 0.38 14.37 31.15
N ALA H 159 1.66 14.65 31.35
CA ALA H 159 2.38 15.65 30.56
C ALA H 159 3.49 15.00 29.76
N LYS H 160 3.74 15.51 28.56
CA LYS H 160 4.72 14.95 27.65
C LYS H 160 5.96 15.83 27.62
N PHE H 161 7.11 15.25 27.96
CA PHE H 161 8.39 15.93 27.96
C PHE H 161 9.24 15.41 26.80
N VAL H 162 9.88 16.32 26.09
CA VAL H 162 10.86 15.98 25.08
C VAL H 162 12.11 16.83 25.32
N VAL H 163 13.27 16.18 25.29
CA VAL H 163 14.53 16.82 25.63
C VAL H 163 15.50 16.63 24.47
N GLY H 164 16.44 17.56 24.36
CA GLY H 164 17.44 17.50 23.32
C GLY H 164 16.92 18.05 22.01
N PRO H 165 17.73 17.95 20.96
CA PRO H 165 19.06 17.35 20.93
C PRO H 165 20.13 18.24 21.53
N MET H 166 21.26 17.64 21.93
CA MET H 166 22.37 18.40 22.47
C MET H 166 22.80 19.47 21.49
N SER H 167 22.94 20.70 21.99
CA SER H 167 23.34 21.80 21.13
C SER H 167 24.75 21.58 20.58
N SER H 168 25.66 21.09 21.42
CA SER H 168 27.04 20.87 21.03
C SER H 168 27.29 19.39 20.79
N ALA H 169 27.96 19.08 19.70
CA ALA H 169 28.36 17.71 19.40
C ALA H 169 29.72 17.36 20.00
N TRP H 170 30.31 18.28 20.76
CA TRP H 170 31.63 18.03 21.33
C TRP H 170 31.58 16.85 22.28
N THR H 171 32.67 16.09 22.31
CA THR H 171 32.83 14.96 23.21
C THR H 171 34.22 15.00 23.81
N PRO H 172 34.39 14.45 25.01
CA PRO H 172 35.74 14.30 25.56
C PRO H 172 36.50 13.11 24.99
N PHE H 173 35.79 12.17 24.37
CA PHE H 173 36.42 10.97 23.86
C PHE H 173 37.17 11.26 22.57
N ASP H 174 37.66 10.19 21.95
CA ASP H 174 38.40 10.28 20.69
C ASP H 174 38.09 9.04 19.86
N ASN H 175 38.37 9.14 18.56
CA ASN H 175 38.08 8.04 17.65
C ASN H 175 38.65 6.72 18.16
N LYS H 176 39.86 6.76 18.70
CA LYS H 176 40.55 5.57 19.19
C LYS H 176 40.82 5.73 20.68
N ILE H 177 40.47 4.71 21.45
CA ILE H 177 40.64 4.74 22.90
C ILE H 177 41.10 3.38 23.38
N VAL H 178 41.77 3.36 24.53
CA VAL H 178 42.24 2.13 25.15
C VAL H 178 41.76 2.11 26.59
N VAL H 179 41.20 0.99 27.01
CA VAL H 179 40.55 0.86 28.31
C VAL H 179 41.21 -0.25 29.10
N TYR H 180 41.57 0.05 30.34
CA TYR H 180 42.01 -0.92 31.32
C TYR H 180 40.79 -1.39 32.11
N LYS H 181 41.02 -2.06 33.24
CA LYS H 181 39.91 -2.59 34.04
C LYS H 181 38.89 -1.50 34.35
N GLY H 182 39.37 -0.33 34.78
CA GLY H 182 38.47 0.74 35.16
C GLY H 182 38.97 2.12 34.78
N ASP H 183 39.89 2.17 33.81
CA ASP H 183 40.48 3.43 33.37
C ASP H 183 40.41 3.50 31.85
N VAL H 184 40.35 4.72 31.35
CA VAL H 184 40.23 4.99 29.92
C VAL H 184 41.33 5.97 29.53
N TYR H 185 41.87 5.78 28.32
CA TYR H 185 42.97 6.60 27.84
C TYR H 185 42.75 6.93 26.37
N ASN H 186 42.97 8.20 26.04
CA ASN H 186 43.00 8.66 24.66
C ASN H 186 44.42 8.45 24.14
N MET H 187 44.59 7.52 23.21
CA MET H 187 45.92 7.12 22.79
C MET H 187 45.80 6.31 21.51
N ASP H 188 46.62 6.64 20.51
CA ASP H 188 46.51 6.05 19.19
C ASP H 188 47.31 4.76 19.21
N TYR H 189 46.61 3.63 19.33
CA TYR H 189 47.28 2.35 19.35
C TYR H 189 47.83 2.01 17.97
N PRO H 190 48.90 1.22 17.89
CA PRO H 190 49.41 0.81 16.60
C PRO H 190 48.42 -0.08 15.88
N PRO H 191 48.46 -0.12 14.55
CA PRO H 191 47.53 -0.97 13.81
C PRO H 191 47.76 -2.44 14.13
N PHE H 192 46.69 -3.21 14.06
CA PHE H 192 46.76 -4.63 14.36
C PHE H 192 47.77 -5.31 13.43
N GLY H 193 48.55 -6.21 14.00
CA GLY H 193 49.55 -6.94 13.24
C GLY H 193 50.84 -6.21 13.02
N ALA H 194 51.02 -5.04 13.62
CA ALA H 194 52.24 -4.24 13.47
C ALA H 194 52.72 -3.77 14.83
N GLY H 195 52.50 -4.58 15.86
CA GLY H 195 52.91 -4.18 17.20
C GLY H 195 54.40 -3.94 17.28
N ARG H 196 54.78 -2.84 17.92
CA ARG H 196 56.17 -2.51 18.12
C ARG H 196 56.64 -3.06 19.46
N PRO H 197 57.70 -3.85 19.50
CA PRO H 197 58.09 -4.48 20.77
C PRO H 197 58.43 -3.43 21.82
N GLY H 198 58.10 -3.74 23.07
CA GLY H 198 58.32 -2.83 24.17
C GLY H 198 57.30 -1.72 24.29
N GLN H 199 56.25 -1.76 23.50
CA GLN H 199 55.22 -0.73 23.51
C GLN H 199 53.85 -1.39 23.53
N PHE H 200 52.83 -0.59 23.79
CA PHE H 200 51.46 -1.09 23.78
C PHE H 200 51.14 -1.69 22.44
N GLY H 201 50.43 -2.82 22.44
CA GLY H 201 50.16 -3.56 21.24
C GLY H 201 51.24 -4.54 20.85
N ASP H 202 52.25 -4.73 21.69
CA ASP H 202 53.32 -5.68 21.38
C ASP H 202 52.79 -7.07 21.10
N ILE H 203 51.72 -7.48 21.78
CA ILE H 203 50.98 -8.68 21.42
C ILE H 203 49.54 -8.29 21.11
N GLN H 204 49.01 -8.84 20.02
CA GLN H 204 47.67 -8.53 19.56
C GLN H 204 46.84 -9.81 19.56
N SER H 205 45.63 -9.70 20.12
CA SER H 205 44.68 -10.79 20.10
C SER H 205 43.31 -10.24 19.73
N ARG H 206 42.61 -10.93 18.84
CA ARG H 206 41.30 -10.48 18.42
C ARG H 206 40.33 -10.47 19.60
N THR H 207 40.35 -11.51 20.41
CA THR H 207 39.46 -11.64 21.56
C THR H 207 40.19 -12.38 22.67
N PRO H 208 39.73 -12.26 23.91
CA PRO H 208 40.41 -12.95 25.01
C PRO H 208 40.41 -14.47 24.86
N GLU H 209 39.48 -15.02 24.09
CA GLU H 209 39.36 -16.46 23.93
C GLU H 209 39.87 -16.98 22.59
N SER H 210 39.99 -16.11 21.59
CA SER H 210 40.47 -16.56 20.29
C SER H 210 41.87 -17.15 20.41
N LYS H 211 42.06 -18.33 19.82
CA LYS H 211 43.36 -19.00 19.91
C LYS H 211 44.40 -18.29 19.06
N ASP H 212 44.01 -17.82 17.87
CA ASP H 212 44.94 -17.15 17.00
C ASP H 212 45.42 -15.84 17.63
N VAL H 213 46.70 -15.53 17.43
CA VAL H 213 47.32 -14.33 17.97
C VAL H 213 48.39 -13.86 17.00
N TYR H 214 48.95 -12.69 17.30
CA TYR H 214 50.07 -12.12 16.56
C TYR H 214 51.09 -11.60 17.56
N ALA H 215 52.37 -11.74 17.21
CA ALA H 215 53.44 -11.38 18.13
C ALA H 215 54.63 -10.83 17.36
N ASN H 216 55.45 -10.07 18.08
CA ASN H 216 56.69 -9.51 17.52
C ASN H 216 57.63 -9.30 18.70
N THR H 217 58.56 -10.24 18.90
CA THR H 217 59.37 -10.23 20.10
C THR H 217 60.83 -10.59 19.87
N GLN H 218 61.29 -10.71 18.62
CA GLN H 218 62.71 -10.86 18.32
C GLN H 218 63.35 -11.96 19.17
N LEU H 219 62.68 -13.11 19.22
CA LEU H 219 63.15 -14.23 20.03
C LEU H 219 64.38 -14.83 19.37
N VAL H 220 65.55 -14.43 19.86
CA VAL H 220 66.83 -14.91 19.37
C VAL H 220 67.47 -15.75 20.45
N LEU H 221 67.98 -16.92 20.07
CA LEU H 221 68.65 -17.80 21.01
C LEU H 221 70.13 -17.48 21.08
N GLN H 222 70.81 -18.10 22.04
CA GLN H 222 72.23 -17.87 22.25
C GLN H 222 72.90 -19.20 22.57
N ARG H 223 74.22 -19.23 22.39
CA ARG H 223 74.98 -20.43 22.70
C ARG H 223 74.92 -20.68 24.20
N PRO H 224 74.59 -21.89 24.64
CA PRO H 224 74.50 -22.14 26.09
C PRO H 224 75.86 -22.05 26.75
N ALA H 225 75.83 -21.73 28.05
CA ALA H 225 77.05 -21.65 28.83
C ALA H 225 77.78 -22.98 28.81
N ALA H 226 79.09 -22.93 28.60
CA ALA H 226 79.88 -24.14 28.51
C ALA H 226 79.84 -24.91 29.82
N GLY H 227 79.82 -26.24 29.71
CA GLY H 227 79.82 -27.09 30.87
C GLY H 227 78.48 -27.23 31.55
N THR H 228 77.42 -26.67 30.98
CA THR H 228 76.10 -26.72 31.58
C THR H 228 75.08 -27.10 30.52
N VAL H 229 73.98 -27.68 30.98
CA VAL H 229 72.84 -28.01 30.13
C VAL H 229 71.70 -27.09 30.51
N HIS H 230 71.24 -26.30 29.54
CA HIS H 230 70.21 -25.29 29.77
C HIS H 230 69.91 -24.66 28.42
N VAL H 231 68.84 -23.87 28.39
CA VAL H 231 68.46 -23.12 27.20
C VAL H 231 68.48 -21.63 27.54
N PRO H 232 69.30 -20.83 26.89
CA PRO H 232 69.16 -19.37 26.99
C PRO H 232 68.17 -18.86 25.95
N TYR H 233 67.50 -17.77 26.31
CA TYR H 233 66.60 -17.13 25.36
C TYR H 233 66.79 -15.63 25.45
N SER H 234 66.76 -14.97 24.31
CA SER H 234 66.64 -13.52 24.25
C SER H 234 65.18 -13.17 23.99
N GLN H 235 64.37 -13.44 24.99
CA GLN H 235 62.96 -13.05 24.95
C GLN H 235 62.83 -11.54 25.07
N ALA H 236 62.04 -10.95 24.19
CA ALA H 236 61.82 -9.53 24.27
C ALA H 236 61.03 -9.20 25.54
N PRO H 237 61.43 -8.16 26.26
CA PRO H 237 60.62 -7.73 27.41
C PRO H 237 59.23 -7.32 26.97
N SER H 238 58.26 -7.60 27.83
CA SER H 238 56.85 -7.41 27.49
C SER H 238 56.50 -5.93 27.59
N GLY H 239 56.11 -5.35 26.46
CA GLY H 239 55.73 -3.94 26.45
C GLY H 239 54.40 -3.69 27.11
N PHE H 240 53.55 -4.71 27.18
CA PHE H 240 52.22 -4.53 27.75
C PHE H 240 52.30 -4.23 29.24
N LYS H 241 52.92 -5.11 30.01
CA LYS H 241 53.09 -4.87 31.44
C LYS H 241 53.74 -3.50 31.66
N TYR H 242 54.71 -3.16 30.84
CA TYR H 242 55.42 -1.89 31.00
C TYR H 242 54.50 -0.70 30.79
N TRP H 243 53.66 -0.75 29.76
CA TRP H 243 52.75 0.37 29.50
C TRP H 243 51.89 0.65 30.72
N LEU H 244 51.56 -0.38 31.48
CA LEU H 244 50.82 -0.17 32.73
C LEU H 244 51.65 0.66 33.69
N LYS H 245 52.98 0.60 33.57
CA LYS H 245 53.84 1.35 34.48
C LYS H 245 53.89 2.83 34.11
N GLU H 246 53.85 3.14 32.82
CA GLU H 246 53.87 4.52 32.35
C GLU H 246 52.52 4.95 31.74
N ARG H 247 51.40 4.52 32.32
CA ARG H 247 50.11 4.85 31.74
C ARG H 247 49.93 6.35 31.62
N GLY H 248 50.22 7.08 32.67
CA GLY H 248 50.02 8.52 32.70
C GLY H 248 48.65 8.87 33.25
N ALA H 249 48.31 10.15 33.11
CA ALA H 249 47.06 10.66 33.64
C ALA H 249 45.87 10.07 32.89
N SER H 250 44.84 9.68 33.65
CA SER H 250 43.62 9.19 33.06
C SER H 250 42.79 10.35 32.49
N LEU H 251 41.86 9.99 31.62
CA LEU H 251 41.02 11.01 30.99
C LEU H 251 40.05 11.65 31.96
N GLN H 252 39.82 11.06 33.14
CA GLN H 252 38.88 11.68 34.05
C GLN H 252 39.48 12.96 34.63
N HIS H 253 40.80 13.12 34.52
CA HIS H 253 41.47 14.35 34.88
C HIS H 253 41.84 15.21 33.68
N THR H 254 42.08 14.62 32.52
CA THR H 254 42.48 15.38 31.35
C THR H 254 41.31 15.82 30.50
N ALA H 255 40.09 15.41 30.83
CA ALA H 255 38.94 15.76 30.03
C ALA H 255 38.55 17.22 30.25
N PRO H 256 38.54 18.05 29.20
CA PRO H 256 38.00 19.40 29.38
C PRO H 256 36.54 19.35 29.79
N PHE H 257 36.15 20.28 30.65
CA PHE H 257 34.82 20.35 31.25
C PHE H 257 34.60 19.23 32.25
N GLY H 258 35.61 18.44 32.56
CA GLY H 258 35.53 17.48 33.66
C GLY H 258 34.38 16.51 33.56
N CYS H 259 34.14 15.95 32.38
CA CYS H 259 33.07 14.99 32.21
C CYS H 259 33.47 13.68 32.88
N GLN H 260 32.84 13.38 34.01
CA GLN H 260 33.19 12.17 34.76
C GLN H 260 32.97 10.94 33.89
N ILE H 261 33.92 10.00 33.94
CA ILE H 261 33.92 8.85 33.06
C ILE H 261 33.75 7.60 33.90
N ALA H 262 32.85 6.72 33.46
CA ALA H 262 32.59 5.44 34.11
C ALA H 262 32.90 4.32 33.12
N THR H 263 32.55 3.10 33.49
CA THR H 263 32.80 1.93 32.66
C THR H 263 31.68 0.93 32.87
N ASN H 264 31.65 -0.08 31.99
CA ASN H 264 30.63 -1.13 31.97
C ASN H 264 29.25 -0.53 32.24
N PRO H 265 28.72 0.27 31.32
CA PRO H 265 29.33 0.72 30.05
C PRO H 265 30.18 1.97 30.22
N VAL H 266 30.96 2.33 29.22
CA VAL H 266 31.78 3.53 29.29
C VAL H 266 30.90 4.74 28.94
N ARG H 267 30.83 5.68 29.87
CA ARG H 267 30.05 6.90 29.66
C ARG H 267 30.84 8.09 30.15
N ALA H 268 30.54 9.26 29.58
CA ALA H 268 31.07 10.53 30.06
C ALA H 268 29.91 11.34 30.60
N VAL H 269 30.02 11.78 31.84
CA VAL H 269 28.88 12.36 32.55
C VAL H 269 29.28 13.66 33.22
N ASN H 270 28.29 14.55 33.38
CA ASN H 270 28.44 15.78 34.14
C ASN H 270 29.54 16.67 33.57
N CYS H 271 29.34 17.09 32.32
CA CYS H 271 30.17 18.10 31.69
C CYS H 271 29.28 19.18 31.12
N ALA H 272 29.57 20.43 31.43
CA ALA H 272 28.74 21.56 31.04
C ALA H 272 29.24 22.12 29.72
N VAL H 273 28.48 21.89 28.66
CA VAL H 273 28.81 22.39 27.33
C VAL H 273 27.51 22.60 26.57
N GLY H 274 27.36 23.78 25.96
CA GLY H 274 26.18 24.04 25.18
C GLY H 274 24.95 24.21 26.05
N ASN H 275 23.80 23.93 25.44
CA ASN H 275 22.51 24.04 26.11
C ASN H 275 21.59 22.95 25.58
N ILE H 276 20.40 22.88 26.17
CA ILE H 276 19.43 21.84 25.89
C ILE H 276 18.10 22.47 25.54
N PRO H 277 17.42 22.05 24.46
CA PRO H 277 16.04 22.47 24.23
C PRO H 277 15.06 21.46 24.82
N ILE H 278 14.03 21.98 25.47
CA ILE H 278 13.02 21.17 26.12
C ILE H 278 11.65 21.64 25.67
N SER H 279 10.82 20.70 25.23
CA SER H 279 9.44 20.98 24.83
C SER H 279 8.51 20.18 25.74
N ILE H 280 7.59 20.87 26.39
CA ILE H 280 6.68 20.27 27.36
C ILE H 280 5.26 20.53 26.89
N ASP H 281 4.52 19.45 26.66
CA ASP H 281 3.08 19.52 26.42
C ASP H 281 2.39 19.26 27.76
N ILE H 282 1.72 20.28 28.27
CA ILE H 282 1.13 20.28 29.60
C ILE H 282 -0.39 20.27 29.44
N PRO H 283 -1.09 19.26 29.94
CA PRO H 283 -2.56 19.28 29.87
C PRO H 283 -3.13 20.47 30.64
N ASP H 284 -4.28 20.94 30.18
CA ASP H 284 -4.92 22.11 30.78
C ASP H 284 -5.39 21.85 32.20
N ALA H 285 -5.43 20.59 32.65
CA ALA H 285 -5.89 20.30 34.00
C ALA H 285 -5.11 21.10 35.03
N ALA H 286 -3.78 21.13 34.89
CA ALA H 286 -2.97 21.93 35.80
C ALA H 286 -3.28 23.41 35.65
N PHE H 287 -3.57 23.86 34.44
CA PHE H 287 -3.89 25.26 34.22
C PHE H 287 -5.13 25.65 34.99
N THR H 288 -5.12 26.86 35.55
CA THR H 288 -6.23 27.39 36.33
C THR H 288 -6.64 28.73 35.74
N ARG H 289 -7.94 28.90 35.51
CA ARG H 289 -8.44 30.15 34.95
C ARG H 289 -8.10 31.31 35.86
N VAL H 290 -7.86 32.47 35.25
CA VAL H 290 -7.40 33.64 36.01
C VAL H 290 -8.39 33.98 37.11
N VAL H 291 -9.69 33.84 36.84
CA VAL H 291 -10.69 34.15 37.84
C VAL H 291 -10.51 33.30 39.07
N ASP H 292 -10.05 32.06 38.90
CA ASP H 292 -9.84 31.19 40.05
C ASP H 292 -8.78 31.77 40.98
N ALA H 293 -7.70 32.29 40.42
CA ALA H 293 -6.63 32.84 41.25
C ALA H 293 -7.12 34.08 41.98
N PRO H 294 -6.76 34.25 43.26
CA PRO H 294 -7.13 35.48 43.95
C PRO H 294 -6.44 36.68 43.33
N SER H 295 -7.13 37.82 43.41
CA SER H 295 -6.57 39.06 42.88
C SER H 295 -5.47 39.57 43.79
N VAL H 296 -4.83 40.67 43.37
CA VAL H 296 -3.76 41.29 44.13
C VAL H 296 -3.83 42.79 43.95
N THR H 297 -3.53 43.53 45.01
CA THR H 297 -3.58 44.98 44.98
C THR H 297 -2.74 45.53 46.11
N ASP H 298 -2.44 46.83 46.03
CA ASP H 298 -1.68 47.53 47.05
C ASP H 298 -0.30 46.88 47.23
N MET H 299 0.48 46.92 46.15
CA MET H 299 1.77 46.26 46.11
C MET H 299 2.86 47.25 46.46
N SER H 300 3.63 46.94 47.50
CA SER H 300 4.78 47.72 47.91
C SER H 300 5.96 46.79 48.11
N CYS H 301 7.15 47.29 47.82
CA CYS H 301 8.37 46.50 47.92
C CYS H 301 9.39 47.25 48.76
N GLU H 302 10.24 46.48 49.44
CA GLU H 302 11.30 47.06 50.24
C GLU H 302 12.41 46.03 50.38
N VAL H 303 13.64 46.51 50.52
CA VAL H 303 14.79 45.65 50.71
C VAL H 303 15.53 46.09 51.97
N PRO H 304 15.34 45.41 53.11
CA PRO H 304 16.08 45.81 54.32
C PRO H 304 17.58 45.72 54.11
N ALA H 305 18.04 44.78 53.29
CA ALA H 305 19.45 44.62 52.99
C ALA H 305 19.58 43.54 51.92
N CYS H 306 20.66 43.63 51.15
CA CYS H 306 20.95 42.64 50.13
C CYS H 306 22.46 42.55 49.95
N THR H 307 22.90 41.41 49.44
CA THR H 307 24.33 41.13 49.33
C THR H 307 24.54 40.22 48.11
N HIS H 308 24.99 40.82 47.02
CA HIS H 308 25.26 40.07 45.81
C HIS H 308 26.28 38.98 46.09
N SER H 309 25.87 37.73 45.91
CA SER H 309 26.72 36.59 46.22
C SER H 309 26.24 35.40 45.41
N SER H 310 27.02 34.31 45.48
CA SER H 310 26.62 33.09 44.80
C SER H 310 25.38 32.47 45.43
N ASP H 311 25.06 32.85 46.66
CA ASP H 311 23.90 32.33 47.37
C ASP H 311 22.73 33.29 47.22
N PHE H 312 21.64 33.00 47.94
CA PHE H 312 20.46 33.85 47.96
C PHE H 312 20.65 34.94 49.02
N GLY H 313 21.63 35.80 48.76
CA GLY H 313 21.99 36.83 49.72
C GLY H 313 21.04 38.01 49.76
N GLY H 314 20.09 38.07 48.82
CA GLY H 314 19.13 39.15 48.78
C GLY H 314 17.82 38.74 49.44
N VAL H 315 17.26 39.65 50.22
CA VAL H 315 15.98 39.43 50.88
C VAL H 315 15.10 40.65 50.60
N ALA H 316 13.87 40.40 50.17
CA ALA H 316 12.94 41.46 49.83
C ALA H 316 11.61 41.22 50.53
N ILE H 317 11.07 42.26 51.15
CA ILE H 317 9.79 42.20 51.85
C ILE H 317 8.78 42.97 51.02
N ILE H 318 7.65 42.34 50.73
CA ILE H 318 6.61 42.93 49.90
C ILE H 318 5.32 42.96 50.69
N LYS H 319 4.66 44.11 50.70
CA LYS H 319 3.33 44.26 51.24
C LYS H 319 2.31 44.13 50.12
N TYR H 320 1.33 43.27 50.31
CA TYR H 320 0.37 42.93 49.28
C TYR H 320 -1.03 42.88 49.88
N THR H 321 -2.02 43.06 49.02
CA THR H 321 -3.41 42.87 49.40
C THR H 321 -4.10 42.08 48.30
N ALA H 322 -4.86 41.06 48.69
CA ALA H 322 -5.44 40.12 47.76
C ALA H 322 -6.92 39.91 48.06
N SER H 323 -7.63 39.37 47.07
CA SER H 323 -9.06 39.15 47.21
C SER H 323 -9.36 38.04 48.21
N LYS H 324 -8.66 36.91 48.10
CA LYS H 324 -9.00 35.73 48.87
C LYS H 324 -7.76 34.86 49.03
N LYS H 325 -7.84 33.92 49.95
CA LYS H 325 -6.76 32.97 50.15
C LYS H 325 -6.54 32.14 48.90
N GLY H 326 -5.27 31.96 48.53
CA GLY H 326 -4.95 31.13 47.39
C GLY H 326 -3.49 31.15 47.00
N LYS H 327 -3.05 30.15 46.25
CA LYS H 327 -1.70 30.12 45.76
C LYS H 327 -1.52 31.10 44.61
N CYS H 328 -0.29 31.56 44.43
CA CYS H 328 0.02 32.49 43.34
C CYS H 328 1.49 32.37 43.02
N ALA H 329 1.81 32.31 41.74
CA ALA H 329 3.19 32.17 41.30
C ALA H 329 3.93 33.50 41.40
N VAL H 330 5.25 33.40 41.50
CA VAL H 330 6.12 34.56 41.59
C VAL H 330 7.29 34.36 40.64
N HIS H 331 7.71 35.43 39.98
CA HIS H 331 8.78 35.34 39.00
C HIS H 331 9.49 36.68 38.90
N SER H 332 10.70 36.63 38.33
CA SER H 332 11.44 37.82 37.96
C SER H 332 11.67 37.77 36.46
N MET H 333 11.27 38.84 35.76
CA MET H 333 11.34 38.89 34.32
C MET H 333 12.68 39.40 33.81
N THR H 334 13.61 39.72 34.71
CA THR H 334 14.95 40.14 34.33
C THR H 334 15.91 39.00 34.62
N ASN H 335 16.66 38.58 33.60
CA ASN H 335 17.58 37.47 33.76
C ASN H 335 18.72 37.78 34.71
N ALA H 336 19.00 39.06 34.96
CA ALA H 336 20.11 39.42 35.83
C ALA H 336 19.89 39.00 37.27
N VAL H 337 18.67 38.66 37.64
CA VAL H 337 18.33 38.28 39.01
C VAL H 337 17.49 37.02 38.98
N THR H 338 17.66 36.17 39.99
CA THR H 338 16.91 34.94 40.11
C THR H 338 16.27 34.86 41.49
N ILE H 339 15.15 34.14 41.56
CA ILE H 339 14.40 33.97 42.80
C ILE H 339 14.35 32.50 43.13
N ARG H 340 14.71 32.15 44.37
CA ARG H 340 14.67 30.75 44.79
C ARG H 340 13.25 30.21 44.78
N GLU H 341 12.31 31.00 45.27
CA GLU H 341 10.94 30.52 45.43
C GLU H 341 10.19 30.55 44.10
N ALA H 342 9.22 29.67 43.97
CA ALA H 342 8.40 29.55 42.77
C ALA H 342 7.02 30.19 42.93
N ASP H 343 6.30 29.82 43.98
CA ASP H 343 4.98 30.37 44.26
C ASP H 343 4.88 30.64 45.76
N VAL H 344 3.70 31.11 46.17
CA VAL H 344 3.47 31.41 47.58
C VAL H 344 1.97 31.54 47.80
N GLU H 345 1.54 31.27 49.02
CA GLU H 345 0.14 31.47 49.40
C GLU H 345 -0.08 32.92 49.80
N VAL H 346 -1.21 33.47 49.38
CA VAL H 346 -1.58 34.84 49.67
C VAL H 346 -2.96 34.83 50.30
N GLU H 347 -3.10 35.51 51.45
CA GLU H 347 -4.34 35.55 52.20
C GLU H 347 -5.11 36.85 51.98
N GLY H 348 -4.41 37.97 51.82
CA GLY H 348 -5.06 39.25 51.68
C GLY H 348 -4.13 40.40 52.00
N ASN H 349 -4.61 41.34 52.82
CA ASN H 349 -3.80 42.50 53.21
C ASN H 349 -2.76 42.03 54.21
N SER H 350 -1.66 41.51 53.68
CA SER H 350 -0.57 40.97 54.50
C SER H 350 0.75 41.31 53.83
N GLN H 351 1.81 40.65 54.26
CA GLN H 351 3.13 40.84 53.69
C GLN H 351 3.79 39.47 53.49
N LEU H 352 4.94 39.49 52.84
CA LEU H 352 5.70 38.27 52.63
C LEU H 352 7.16 38.63 52.39
N GLN H 353 8.00 37.62 52.52
CA GLN H 353 9.45 37.75 52.35
C GLN H 353 9.91 36.78 51.27
N ILE H 354 10.89 37.21 50.47
CA ILE H 354 11.40 36.41 49.36
C ILE H 354 12.92 36.49 49.36
N SER H 355 13.56 35.36 49.11
CA SER H 355 15.01 35.24 49.05
C SER H 355 15.44 35.06 47.60
N PHE H 356 16.38 35.89 47.17
CA PHE H 356 16.78 35.95 45.77
C PHE H 356 18.28 36.14 45.68
N SER H 357 18.80 35.90 44.47
CA SER H 357 20.21 36.06 44.15
C SER H 357 20.36 37.04 42.99
N THR H 358 21.38 37.89 43.08
CA THR H 358 21.66 38.89 42.06
C THR H 358 23.16 39.03 41.90
N ALA H 359 23.55 39.83 40.91
CA ALA H 359 24.96 40.16 40.69
C ALA H 359 25.19 41.65 40.51
N LEU H 360 24.15 42.44 40.26
CA LEU H 360 24.32 43.88 40.11
C LEU H 360 24.71 44.51 41.43
N ALA H 361 25.59 45.51 41.36
CA ALA H 361 25.95 46.25 42.57
C ALA H 361 24.72 46.91 43.17
N SER H 362 23.90 47.53 42.33
CA SER H 362 22.59 48.05 42.73
C SER H 362 21.53 47.24 42.01
N ALA H 363 20.62 46.65 42.77
CA ALA H 363 19.58 45.78 42.23
C ALA H 363 18.32 46.61 42.02
N GLU H 364 17.95 46.81 40.76
CA GLU H 364 16.75 47.56 40.39
C GLU H 364 15.98 46.71 39.40
N PHE H 365 14.89 46.09 39.85
CA PHE H 365 14.19 45.15 39.00
C PHE H 365 12.70 45.11 39.31
N ARG H 366 11.95 44.60 38.36
CA ARG H 366 10.53 44.33 38.54
C ARG H 366 10.33 42.89 38.97
N VAL H 367 9.21 42.62 39.63
CA VAL H 367 8.84 41.27 40.04
C VAL H 367 7.39 41.06 39.68
N GLN H 368 7.08 39.89 39.13
CA GLN H 368 5.74 39.55 38.66
C GLN H 368 5.10 38.55 39.61
N VAL H 369 3.86 38.81 39.98
CA VAL H 369 3.09 37.92 40.83
C VAL H 369 1.61 38.19 40.59
N CYS H 370 0.82 37.13 40.42
CA CYS H 370 -0.61 37.26 40.16
C CYS H 370 -0.86 38.22 39.02
N SER H 371 -0.04 38.12 37.98
CA SER H 371 -0.16 38.95 36.78
C SER H 371 -0.09 40.43 37.15
N THR H 372 0.81 40.78 38.06
CA THR H 372 1.02 42.16 38.46
C THR H 372 2.50 42.40 38.70
N GLN H 373 2.93 43.63 38.48
CA GLN H 373 4.33 44.01 38.57
C GLN H 373 4.58 44.91 39.76
N VAL H 374 5.71 44.71 40.43
CA VAL H 374 6.13 45.54 41.55
C VAL H 374 7.61 45.86 41.40
N HIS H 375 7.96 47.12 41.57
CA HIS H 375 9.36 47.54 41.48
C HIS H 375 10.10 47.20 42.76
N CYS H 376 11.43 47.11 42.65
CA CYS H 376 12.29 46.86 43.80
C CYS H 376 13.66 47.45 43.52
N ALA H 377 14.09 48.35 44.40
CA ALA H 377 15.37 49.04 44.28
C ALA H 377 16.15 48.88 45.57
N ALA H 378 17.44 48.52 45.44
CA ALA H 378 18.28 48.32 46.60
C ALA H 378 19.73 48.45 46.19
N ALA H 379 20.60 48.64 47.18
CA ALA H 379 22.05 48.74 46.96
C ALA H 379 22.73 47.60 47.73
N CYS H 380 23.16 46.58 47.00
CA CYS H 380 23.85 45.45 47.61
C CYS H 380 25.27 45.83 47.96
N HIS H 381 25.91 44.98 48.76
CA HIS H 381 27.29 45.17 49.16
C HIS H 381 28.08 43.90 48.90
N PRO H 382 29.38 44.00 48.68
CA PRO H 382 30.20 42.82 48.43
C PRO H 382 30.33 41.97 49.68
N PRO H 383 30.14 40.65 49.58
CA PRO H 383 30.44 39.79 50.72
C PRO H 383 31.93 39.72 51.02
N LYS H 384 32.30 38.85 51.97
CA LYS H 384 33.68 38.78 52.42
C LYS H 384 34.45 37.69 51.69
N ASP H 385 33.80 36.58 51.37
CA ASP H 385 34.47 35.44 50.74
C ASP H 385 34.73 35.72 49.26
N HIS H 386 35.84 35.19 48.77
CA HIS H 386 36.26 35.38 47.38
C HIS H 386 36.07 34.13 46.53
N ILE H 387 35.76 33.00 47.14
CA ILE H 387 35.65 31.72 46.43
C ILE H 387 34.84 30.75 47.26
N VAL H 388 34.02 29.96 46.59
CA VAL H 388 33.05 29.08 47.24
C VAL H 388 33.13 27.72 46.57
N ASN H 389 32.62 26.70 47.26
CA ASN H 389 32.71 25.34 46.74
C ASN H 389 31.50 24.96 45.91
N TYR H 390 30.30 25.13 46.45
CA TYR H 390 29.15 24.70 45.70
C TYR H 390 28.99 25.55 44.44
N PRO H 391 28.42 25.01 43.38
CA PRO H 391 28.28 25.79 42.15
C PRO H 391 27.01 26.63 42.17
N ALA H 392 27.06 27.76 41.47
CA ALA H 392 25.94 28.67 41.36
C ALA H 392 26.13 29.55 40.12
N SER H 393 25.36 29.24 39.07
CA SER H 393 25.45 30.02 37.83
C SER H 393 24.26 30.94 37.63
N HIS H 394 23.30 30.96 38.57
CA HIS H 394 22.09 31.75 38.35
C HIS H 394 22.42 33.24 38.18
N THR H 395 23.27 33.77 39.05
CA THR H 395 23.60 35.19 39.03
C THR H 395 24.67 35.43 37.97
N THR H 396 24.22 35.60 36.73
CA THR H 396 25.08 35.88 35.59
C THR H 396 24.93 37.35 35.20
N LEU H 397 26.06 38.03 35.02
CA LEU H 397 26.07 39.44 34.71
C LEU H 397 26.87 39.65 33.43
N GLY H 398 26.26 40.31 32.45
CA GLY H 398 26.92 40.60 31.20
C GLY H 398 27.82 41.82 31.29
N VAL H 399 28.36 42.22 30.14
CA VAL H 399 29.19 43.41 30.10
C VAL H 399 28.38 44.63 30.54
N GLN H 400 27.13 44.70 30.10
CA GLN H 400 26.23 45.74 30.61
C GLN H 400 26.03 45.54 32.10
N ASP H 401 26.20 46.61 32.87
CA ASP H 401 26.05 46.55 34.31
C ASP H 401 25.60 47.91 34.82
N ILE H 402 25.07 47.91 36.04
CA ILE H 402 24.53 49.12 36.64
C ILE H 402 25.67 49.87 37.31
N SER H 403 25.96 51.06 36.80
CA SER H 403 26.92 51.94 37.46
C SER H 403 26.37 52.53 38.74
N THR H 404 25.08 52.34 39.01
CA THR H 404 24.45 52.71 40.28
C THR H 404 24.53 54.23 40.39
N THR H 405 24.94 54.78 41.54
CA THR H 405 25.07 56.23 41.65
C THR H 405 26.05 56.75 40.62
N ALA H 406 27.15 56.03 40.41
CA ALA H 406 28.14 56.46 39.42
C ALA H 406 27.54 56.56 38.03
N MET H 407 26.43 55.87 37.78
CA MET H 407 25.73 56.05 36.51
C MET H 407 25.46 57.53 36.29
N SER H 408 24.84 58.19 37.25
CA SER H 408 24.61 59.62 37.14
C SER H 408 25.92 60.34 36.80
N TRP H 409 27.01 59.95 37.48
CA TRP H 409 28.29 60.59 37.21
C TRP H 409 28.61 60.53 35.72
N VAL H 410 28.54 59.34 35.12
CA VAL H 410 28.83 59.26 33.69
C VAL H 410 27.78 60.00 32.90
N GLN H 411 26.53 59.93 33.34
CA GLN H 411 25.49 60.73 32.71
C GLN H 411 25.85 62.21 32.76
N LYS H 412 26.49 62.64 33.85
CA LYS H 412 26.98 64.01 33.92
C LYS H 412 28.21 64.19 33.05
N ILE H 413 29.06 63.17 32.98
CA ILE H 413 30.26 63.26 32.15
C ILE H 413 29.89 63.33 30.68
N THR H 414 28.82 62.63 30.29
CA THR H 414 28.46 62.55 28.88
C THR H 414 28.24 63.94 28.28
N GLY H 415 27.92 64.93 29.11
CA GLY H 415 27.76 66.28 28.61
C GLY H 415 29.02 66.76 27.92
N GLY H 416 28.86 67.27 26.70
CA GLY H 416 29.98 67.73 25.91
C GLY H 416 29.71 69.09 25.31
N VAL H 417 30.78 69.70 24.78
CA VAL H 417 30.69 71.03 24.20
C VAL H 417 30.53 70.99 22.69
N GLY H 418 30.19 69.83 22.12
CA GLY H 418 29.97 69.77 20.69
C GLY H 418 28.84 70.65 20.22
N LEU H 419 27.82 70.84 21.08
CA LEU H 419 26.70 71.68 20.69
C LEU H 419 27.15 73.13 20.49
N ILE H 420 27.96 73.66 21.41
CA ILE H 420 28.39 75.04 21.30
C ILE H 420 29.35 75.21 20.13
N VAL H 421 30.19 74.21 19.86
CA VAL H 421 31.14 74.33 18.75
C VAL H 421 30.38 74.31 17.42
N ALA H 422 29.36 73.44 17.32
CA ALA H 422 28.53 73.44 16.13
C ALA H 422 27.80 74.77 15.98
N VAL H 423 27.33 75.34 17.09
CA VAL H 423 26.66 76.64 17.03
C VAL H 423 27.61 77.71 16.49
N ALA H 424 28.85 77.70 16.98
CA ALA H 424 29.83 78.68 16.51
C ALA H 424 30.11 78.50 15.02
N ALA H 425 30.24 77.24 14.58
CA ALA H 425 30.47 76.99 13.16
C ALA H 425 29.30 77.50 12.32
N LEU H 426 28.07 77.25 12.77
CA LEU H 426 26.90 77.72 12.04
C LEU H 426 26.88 79.25 11.98
N ILE H 427 27.20 79.90 13.10
CA ILE H 427 27.17 81.37 13.14
C ILE H 427 28.20 81.94 12.18
N LEU H 428 29.42 81.39 12.20
CA LEU H 428 30.45 81.92 11.31
C LEU H 428 30.09 81.67 9.86
N ILE H 429 29.58 80.48 9.54
CA ILE H 429 29.29 80.19 8.13
C ILE H 429 28.15 81.08 7.63
N VAL H 430 27.17 81.38 8.47
CA VAL H 430 26.10 82.26 8.00
C VAL H 430 26.62 83.69 7.82
N VAL H 431 27.27 84.24 8.85
CA VAL H 431 27.78 85.61 8.72
C VAL H 431 28.71 85.71 7.52
N LEU H 432 29.28 84.57 7.11
CA LEU H 432 30.01 84.52 5.85
C LEU H 432 29.08 84.34 4.65
N CYS H 433 27.90 83.75 4.84
CA CYS H 433 27.01 83.49 3.71
C CYS H 433 26.64 84.79 3.00
N VAL H 434 26.79 85.92 3.67
CA VAL H 434 26.71 87.20 2.96
C VAL H 434 27.57 87.15 1.71
N SER H 435 28.72 86.48 1.79
CA SER H 435 29.61 86.31 0.64
C SER H 435 29.67 84.86 0.17
N PHE H 436 29.18 83.92 0.97
CA PHE H 436 29.18 82.50 0.63
C PHE H 436 27.76 82.11 0.23
N SER H 437 27.57 81.75 -1.03
CA SER H 437 26.22 81.55 -1.56
C SER H 437 25.83 80.06 -1.61
N ARG H 438 26.59 79.26 -2.34
CA ARG H 438 26.26 77.84 -2.47
C ARG H 438 27.47 76.90 -2.39
N HIS H 439 28.70 77.42 -2.42
CA HIS H 439 29.89 76.57 -2.42
C HIS H 439 29.84 75.53 -1.31
N ASN I 1 40.54 -36.58 45.27
CA ASN I 1 40.93 -35.39 46.02
C ASN I 1 42.09 -34.67 45.36
N PHE I 2 41.89 -34.25 44.11
CA PHE I 2 42.91 -33.55 43.34
C PHE I 2 44.22 -34.33 43.36
N ASN I 3 44.13 -35.57 42.89
CA ASN I 3 45.26 -36.51 42.87
C ASN I 3 45.51 -36.91 41.42
N VAL I 4 46.41 -36.19 40.77
CA VAL I 4 46.76 -36.42 39.37
C VAL I 4 48.25 -36.65 39.18
N TYR I 5 49.02 -36.62 40.26
CA TYR I 5 50.47 -36.58 40.22
C TYR I 5 51.08 -37.91 40.66
N LYS I 6 50.45 -39.01 40.27
CA LYS I 6 50.90 -40.34 40.71
C LYS I 6 52.30 -40.63 40.20
N ALA I 7 52.54 -40.43 38.91
CA ALA I 7 53.80 -40.82 38.27
C ALA I 7 54.79 -39.67 38.17
N THR I 8 54.50 -38.55 38.83
CA THR I 8 55.42 -37.43 38.79
C THR I 8 56.68 -37.74 39.59
N ARG I 9 57.68 -36.90 39.42
CA ARG I 9 58.93 -37.02 40.17
C ARG I 9 59.54 -35.64 40.32
N PRO I 10 60.42 -35.46 41.29
CA PRO I 10 61.12 -34.18 41.43
C PRO I 10 62.30 -34.09 40.47
N TYR I 11 62.86 -32.89 40.38
CA TYR I 11 64.10 -32.70 39.64
C TYR I 11 65.30 -32.85 40.57
N LEU I 12 66.48 -32.82 39.96
CA LEU I 12 67.72 -32.43 40.62
C LEU I 12 68.53 -31.74 39.52
N ALA I 13 68.36 -30.44 39.42
CA ALA I 13 68.82 -29.67 38.27
C ALA I 13 69.84 -28.65 38.69
N HIS I 14 70.55 -28.10 37.70
CA HIS I 14 71.57 -27.11 37.97
C HIS I 14 70.90 -25.82 38.42
N CYS I 15 70.87 -25.60 39.73
CA CYS I 15 70.37 -24.32 40.18
C CYS I 15 71.42 -23.24 39.89
N PRO I 16 71.00 -22.03 39.53
CA PRO I 16 72.00 -20.98 39.29
C PRO I 16 72.88 -20.72 40.48
N ASP I 17 72.38 -20.89 41.70
CA ASP I 17 73.16 -20.55 42.89
C ASP I 17 72.83 -21.51 44.02
N CYS I 18 73.83 -22.28 44.44
CA CYS I 18 73.73 -23.13 45.62
C CYS I 18 74.24 -22.44 46.87
N GLY I 19 74.49 -21.13 46.80
CA GLY I 19 75.11 -20.40 47.88
C GLY I 19 76.57 -20.13 47.62
N GLU I 20 77.13 -19.25 48.45
CA GLU I 20 78.55 -18.90 48.43
C GLU I 20 79.13 -18.79 47.02
N GLY I 21 78.38 -18.23 46.09
CA GLY I 21 78.92 -17.82 44.81
C GLY I 21 78.92 -18.88 43.74
N HIS I 22 79.36 -20.09 44.08
CA HIS I 22 79.40 -21.15 43.10
C HIS I 22 77.99 -21.67 42.81
N SER I 23 77.76 -22.03 41.54
CA SER I 23 76.50 -22.62 41.10
C SER I 23 76.64 -24.13 41.03
N CYS I 24 75.70 -24.85 41.65
CA CYS I 24 75.74 -26.30 41.63
C CYS I 24 74.36 -26.87 41.34
N HIS I 25 74.19 -28.16 41.55
CA HIS I 25 72.95 -28.86 41.25
C HIS I 25 72.19 -29.12 42.54
N SER I 26 70.93 -28.70 42.57
CA SER I 26 70.07 -28.80 43.72
C SER I 26 68.72 -29.36 43.31
N PRO I 27 67.94 -29.85 44.26
CA PRO I 27 66.57 -30.29 43.98
C PRO I 27 65.52 -29.19 44.04
N ILE I 28 65.93 -27.93 44.21
CA ILE I 28 65.00 -26.83 44.42
C ILE I 28 65.17 -25.81 43.30
N ALA I 29 65.57 -26.30 42.13
CA ALA I 29 65.69 -25.41 40.97
C ALA I 29 64.34 -24.80 40.64
N LEU I 30 64.35 -23.53 40.28
CA LEU I 30 63.17 -22.80 39.88
C LEU I 30 63.44 -22.14 38.52
N GLU I 31 62.42 -22.12 37.66
CA GLU I 31 62.60 -21.59 36.31
C GLU I 31 61.42 -20.75 35.85
N ARG I 32 60.43 -20.51 36.70
CA ARG I 32 59.27 -19.73 36.30
C ARG I 32 58.80 -18.88 37.46
N ILE I 33 58.60 -17.59 37.21
CA ILE I 33 58.10 -16.64 38.19
C ILE I 33 56.93 -15.89 37.57
N ARG I 34 55.80 -15.88 38.28
CA ARG I 34 54.60 -15.19 37.83
C ARG I 34 54.28 -14.09 38.82
N ASN I 35 54.15 -12.86 38.31
CA ASN I 35 53.86 -11.72 39.16
C ASN I 35 52.85 -10.77 38.52
N GLU I 36 52.07 -11.24 37.56
CA GLU I 36 51.09 -10.39 36.90
C GLU I 36 49.99 -9.93 37.85
N ALA I 37 49.83 -10.58 39.00
CA ALA I 37 48.79 -10.19 39.93
C ALA I 37 49.03 -8.77 40.44
N THR I 38 47.97 -7.97 40.45
CA THR I 38 48.09 -6.60 40.93
C THR I 38 48.26 -6.55 42.45
N ASP I 39 47.63 -7.48 43.16
CA ASP I 39 47.70 -7.45 44.62
C ASP I 39 49.14 -7.56 45.11
N GLY I 40 49.97 -8.30 44.38
CA GLY I 40 51.36 -8.49 44.76
C GLY I 40 51.71 -9.92 45.13
N THR I 41 50.74 -10.79 45.34
CA THR I 41 51.04 -12.19 45.62
C THR I 41 51.61 -12.86 44.38
N LEU I 42 52.56 -13.76 44.58
CA LEU I 42 53.32 -14.36 43.50
C LEU I 42 53.20 -15.87 43.52
N LYS I 43 53.01 -16.45 42.33
CA LYS I 43 53.23 -17.88 42.14
C LYS I 43 54.70 -18.13 41.94
N ILE I 44 55.20 -19.21 42.55
CA ILE I 44 56.57 -19.65 42.38
C ILE I 44 56.52 -21.12 41.99
N GLN I 45 56.99 -21.42 40.79
CA GLN I 45 57.15 -22.80 40.37
C GLN I 45 58.43 -23.36 40.97
N VAL I 46 58.38 -24.62 41.37
CA VAL I 46 59.52 -25.25 42.04
C VAL I 46 59.70 -26.65 41.50
N SER I 47 60.95 -27.12 41.52
CA SER I 47 61.28 -28.41 40.94
C SER I 47 60.59 -29.55 41.67
N LEU I 48 60.65 -29.57 42.99
CA LEU I 48 60.24 -30.72 43.75
C LEU I 48 58.77 -30.64 44.16
N GLN I 49 58.18 -31.80 44.39
CA GLN I 49 56.79 -31.91 44.78
C GLN I 49 56.60 -31.52 46.25
N ILE I 50 55.34 -31.33 46.63
CA ILE I 50 55.00 -30.94 47.99
C ILE I 50 53.61 -31.47 48.31
N GLY I 51 53.41 -31.79 49.59
CA GLY I 51 52.12 -32.26 50.05
C GLY I 51 51.86 -33.73 49.81
N ILE I 52 52.89 -34.50 49.46
CA ILE I 52 52.74 -35.91 49.14
C ILE I 52 53.86 -36.69 49.82
N LYS I 53 53.69 -38.00 49.87
CA LYS I 53 54.72 -38.94 50.30
C LYS I 53 54.95 -39.95 49.19
N THR I 54 55.84 -40.92 49.47
CA THR I 54 56.16 -41.93 48.47
C THR I 54 54.94 -42.80 48.15
N ASP I 55 54.02 -42.93 49.09
CA ASP I 55 52.82 -43.75 48.91
C ASP I 55 51.67 -42.96 48.30
N ASP I 56 51.90 -41.72 47.89
CA ASP I 56 50.89 -40.89 47.24
C ASP I 56 49.73 -40.59 48.20
N SER I 57 50.09 -40.02 49.34
CA SER I 57 49.10 -39.52 50.29
C SER I 57 48.81 -38.06 49.98
N HIS I 58 48.12 -37.37 50.89
CA HIS I 58 47.84 -35.96 50.70
C HIS I 58 48.10 -35.12 51.96
N ASP I 59 48.78 -35.68 52.96
CA ASP I 59 49.10 -34.90 54.15
C ASP I 59 50.09 -33.80 53.79
N TRP I 60 49.87 -32.62 54.35
CA TRP I 60 50.75 -31.49 54.10
C TRP I 60 52.03 -31.56 54.92
N THR I 61 52.14 -32.53 55.83
CA THR I 61 53.31 -32.60 56.69
C THR I 61 54.59 -32.77 55.89
N LYS I 62 54.56 -33.62 54.87
CA LYS I 62 55.75 -34.02 54.14
C LYS I 62 55.75 -33.44 52.74
N LEU I 63 56.92 -33.56 52.09
CA LEU I 63 57.09 -33.22 50.69
C LEU I 63 58.12 -34.16 50.08
N ARG I 64 58.06 -34.29 48.76
CA ARG I 64 58.90 -35.22 48.02
C ARG I 64 60.10 -34.49 47.45
N TYR I 65 61.26 -35.14 47.52
CA TYR I 65 62.47 -34.62 46.90
C TYR I 65 63.30 -35.75 46.33
N MET I 66 64.01 -35.43 45.24
CA MET I 66 64.91 -36.38 44.60
C MET I 66 66.29 -36.32 45.25
N ASP I 67 66.95 -37.46 45.29
CA ASP I 67 68.32 -37.53 45.79
C ASP I 67 68.88 -38.90 45.43
N SER I 68 70.08 -38.92 44.85
CA SER I 68 70.71 -40.16 44.42
C SER I 68 69.75 -40.97 43.55
N HIS I 69 69.12 -40.26 42.61
CA HIS I 69 68.11 -40.83 41.71
C HIS I 69 67.15 -41.73 42.48
N THR I 70 66.66 -41.22 43.61
CA THR I 70 65.70 -41.92 44.43
C THR I 70 64.84 -40.91 45.15
N PRO I 71 63.54 -41.18 45.34
CA PRO I 71 62.69 -40.22 46.05
C PRO I 71 62.84 -40.36 47.55
N ALA I 72 62.48 -39.27 48.25
CA ALA I 72 62.48 -39.26 49.69
C ALA I 72 61.49 -38.21 50.18
N ASP I 73 61.13 -38.32 51.45
CA ASP I 73 60.14 -37.45 52.07
C ASP I 73 60.79 -36.62 53.17
N ALA I 74 60.51 -35.32 53.18
CA ALA I 74 61.08 -34.41 54.16
C ALA I 74 60.00 -33.49 54.71
N GLU I 75 60.23 -33.02 55.93
CA GLU I 75 59.23 -32.20 56.62
C GLU I 75 58.94 -30.92 55.84
N ARG I 76 57.66 -30.58 55.75
CA ARG I 76 57.24 -29.38 55.04
C ARG I 76 57.50 -28.10 55.81
N ALA I 77 57.68 -28.19 57.13
CA ALA I 77 57.76 -26.99 57.94
C ALA I 77 58.96 -26.14 57.57
N GLY I 78 60.10 -26.78 57.31
CA GLY I 78 61.33 -26.04 57.13
C GLY I 78 61.41 -25.23 55.85
N LEU I 79 60.50 -25.48 54.91
CA LEU I 79 60.49 -24.73 53.67
C LEU I 79 60.33 -23.24 53.96
N LEU I 80 61.08 -22.42 53.24
CA LEU I 80 60.97 -20.98 53.41
C LEU I 80 61.45 -20.28 52.14
N VAL I 81 61.09 -19.01 52.03
CA VAL I 81 61.49 -18.17 50.92
C VAL I 81 61.82 -16.78 51.45
N ARG I 82 62.62 -16.05 50.69
CA ARG I 82 63.09 -14.74 51.11
C ARG I 82 63.38 -13.89 49.89
N THR I 83 63.17 -12.58 50.02
CA THR I 83 63.67 -11.61 49.07
C THR I 83 64.61 -10.61 49.72
N SER I 84 64.17 -9.97 50.79
CA SER I 84 65.03 -9.15 51.64
C SER I 84 64.83 -9.53 53.09
N ALA I 85 63.63 -10.04 53.40
CA ALA I 85 63.27 -10.51 54.72
C ALA I 85 62.39 -11.74 54.57
N PRO I 86 62.21 -12.54 55.61
CA PRO I 86 61.34 -13.72 55.49
C PRO I 86 59.97 -13.33 54.97
N CYS I 87 59.52 -14.08 53.96
CA CYS I 87 58.24 -13.82 53.32
C CYS I 87 57.17 -14.71 53.94
N THR I 88 55.99 -14.74 53.35
CA THR I 88 54.85 -15.50 53.88
C THR I 88 54.34 -16.45 52.81
N ILE I 89 54.28 -17.73 53.16
CA ILE I 89 53.76 -18.75 52.25
C ILE I 89 52.27 -18.95 52.51
N THR I 90 51.51 -19.10 51.44
CA THR I 90 50.09 -19.37 51.53
C THR I 90 49.67 -20.58 50.71
N GLY I 91 50.29 -20.81 49.55
CA GLY I 91 49.95 -21.93 48.70
C GLY I 91 50.98 -23.04 48.80
N THR I 92 50.49 -24.27 48.83
CA THR I 92 51.36 -25.45 48.93
C THR I 92 50.68 -26.59 48.20
N MET I 93 51.07 -26.81 46.94
CA MET I 93 50.48 -27.88 46.16
C MET I 93 51.36 -28.15 44.94
N GLY I 94 51.53 -29.44 44.64
CA GLY I 94 52.23 -29.85 43.45
C GLY I 94 53.61 -29.24 43.31
N HIS I 95 53.76 -28.34 42.34
CA HIS I 95 55.02 -27.69 42.07
C HIS I 95 54.89 -26.17 42.08
N PHE I 96 53.87 -25.64 42.74
CA PHE I 96 53.62 -24.22 42.77
C PHE I 96 53.32 -23.78 44.19
N ILE I 97 53.87 -22.63 44.56
CA ILE I 97 53.71 -22.06 45.90
C ILE I 97 53.26 -20.62 45.77
N LEU I 98 52.22 -20.25 46.50
CA LEU I 98 51.76 -18.87 46.54
C LEU I 98 52.42 -18.18 47.73
N ALA I 99 53.17 -17.13 47.45
CA ALA I 99 53.90 -16.41 48.50
C ALA I 99 53.75 -14.91 48.26
N ARG I 100 53.68 -14.18 49.35
CA ARG I 100 53.71 -12.72 49.32
C ARG I 100 54.94 -12.27 50.10
N CYS I 101 55.66 -11.31 49.54
CA CYS I 101 56.93 -10.95 50.14
C CYS I 101 57.15 -9.46 49.97
N PRO I 102 57.68 -8.77 50.99
CA PRO I 102 57.80 -7.31 50.90
C PRO I 102 58.73 -6.90 49.77
N LYS I 103 58.85 -5.61 49.50
CA LYS I 103 59.70 -5.14 48.42
C LYS I 103 61.09 -5.76 48.49
N GLY I 104 61.42 -6.55 47.48
CA GLY I 104 62.72 -7.20 47.41
C GLY I 104 63.13 -7.36 45.95
N GLU I 105 64.44 -7.48 45.73
CA GLU I 105 64.98 -7.51 44.38
C GLU I 105 65.42 -8.90 43.94
N THR I 106 66.01 -9.67 44.83
CA THR I 106 66.32 -11.07 44.56
C THR I 106 65.28 -11.95 45.25
N LEU I 107 65.35 -13.24 44.97
CA LEU I 107 64.37 -14.16 45.49
C LEU I 107 65.01 -15.53 45.65
N THR I 108 65.12 -16.00 46.89
CA THR I 108 65.70 -17.28 47.19
C THR I 108 64.69 -18.15 47.92
N VAL I 109 64.85 -19.45 47.76
CA VAL I 109 64.07 -20.45 48.47
C VAL I 109 65.03 -21.40 49.13
N GLY I 110 64.60 -21.97 50.25
CA GLY I 110 65.44 -22.90 50.99
C GLY I 110 64.59 -23.92 51.72
N PHE I 111 65.20 -25.06 52.00
CA PHE I 111 64.51 -26.11 52.71
C PHE I 111 65.54 -26.98 53.41
N THR I 112 65.05 -27.75 54.39
CA THR I 112 65.89 -28.63 55.18
C THR I 112 65.58 -30.07 54.81
N ASP I 113 66.63 -30.85 54.57
CA ASP I 113 66.49 -32.21 54.11
C ASP I 113 66.27 -33.18 55.26
N SER I 114 65.74 -34.35 54.94
CA SER I 114 65.87 -35.49 55.84
C SER I 114 67.33 -35.86 56.04
N ARG I 115 68.20 -35.39 55.14
CA ARG I 115 69.65 -35.48 55.29
C ARG I 115 70.16 -34.52 56.37
N LYS I 116 69.26 -33.80 57.04
CA LYS I 116 69.59 -32.70 57.93
C LYS I 116 70.54 -31.73 57.22
N ILE I 117 70.20 -31.40 55.99
CA ILE I 117 71.00 -30.48 55.18
C ILE I 117 70.08 -29.39 54.67
N SER I 118 70.64 -28.20 54.53
CA SER I 118 69.91 -27.05 54.00
C SER I 118 70.26 -26.88 52.53
N HIS I 119 69.27 -27.05 51.67
CA HIS I 119 69.42 -26.84 50.24
C HIS I 119 68.67 -25.57 49.87
N THR I 120 69.36 -24.66 49.20
CA THR I 120 68.81 -23.35 48.87
C THR I 120 69.19 -22.98 47.44
N CYS I 121 68.32 -22.22 46.81
CA CYS I 121 68.55 -21.71 45.46
C CYS I 121 68.04 -20.27 45.43
N THR I 122 68.49 -19.50 44.45
CA THR I 122 68.03 -18.12 44.32
C THR I 122 68.10 -17.66 42.87
N HIS I 123 67.22 -16.73 42.53
CA HIS I 123 67.18 -16.08 41.24
C HIS I 123 67.03 -14.58 41.46
N PRO I 124 67.70 -13.74 40.68
CA PRO I 124 67.46 -12.30 40.78
C PRO I 124 66.17 -11.91 40.07
N PHE I 125 65.12 -11.63 40.85
CA PHE I 125 63.82 -11.28 40.30
C PHE I 125 63.33 -10.04 41.01
N HIS I 126 63.20 -8.95 40.25
CA HIS I 126 62.81 -7.67 40.83
C HIS I 126 61.31 -7.67 41.10
N HIS I 127 60.95 -7.75 42.38
CA HIS I 127 59.55 -7.83 42.81
C HIS I 127 59.13 -6.45 43.29
N GLU I 128 58.28 -5.79 42.52
CA GLU I 128 57.78 -4.45 42.84
C GLU I 128 56.25 -4.46 42.81
N PRO I 129 55.58 -4.49 43.95
CA PRO I 129 54.12 -4.39 43.94
C PRO I 129 53.69 -3.12 43.24
N PRO I 130 52.70 -3.20 42.36
CA PRO I 130 52.24 -2.00 41.66
C PRO I 130 51.40 -1.12 42.57
N VAL I 131 51.73 0.17 42.59
CA VAL I 131 50.96 1.12 43.38
C VAL I 131 49.55 1.23 42.80
N ILE I 132 48.57 0.80 43.57
CA ILE I 132 47.17 0.83 43.16
C ILE I 132 46.54 2.07 43.77
N GLY I 133 46.00 2.92 42.93
CA GLY I 133 45.54 4.23 43.36
C GLY I 133 46.69 5.22 43.43
N ARG I 134 46.33 6.48 43.61
CA ARG I 134 47.35 7.54 43.66
C ARG I 134 48.17 7.44 44.93
N GLU I 135 47.50 7.20 46.05
CA GLU I 135 48.22 7.14 47.31
C GLU I 135 49.09 5.90 47.36
N ARG I 136 50.39 6.11 47.19
CA ARG I 136 51.36 5.02 47.24
C ARG I 136 51.41 4.52 48.67
N PHE I 137 50.61 3.49 48.96
CA PHE I 137 50.50 2.92 50.29
C PHE I 137 51.23 1.59 50.33
N HIS I 138 51.79 1.27 51.50
CA HIS I 138 52.60 0.08 51.68
C HIS I 138 52.01 -0.93 52.65
N SER I 139 51.05 -0.53 53.48
CA SER I 139 50.30 -1.48 54.29
C SER I 139 48.86 -1.02 54.37
N ARG I 140 47.95 -1.91 54.04
CA ARG I 140 46.58 -1.50 53.81
C ARG I 140 45.95 -1.09 55.14
N PRO I 141 44.96 -0.21 55.12
CA PRO I 141 44.53 0.47 56.34
C PRO I 141 43.36 -0.19 57.03
N GLN I 142 43.13 0.23 58.27
CA GLN I 142 41.87 -0.05 58.93
C GLN I 142 40.71 0.62 58.21
N HIS I 143 40.89 1.87 57.80
CA HIS I 143 39.86 2.65 57.14
C HIS I 143 40.38 3.13 55.80
N GLY I 144 39.52 3.07 54.79
CA GLY I 144 39.89 3.54 53.47
C GLY I 144 38.91 3.06 52.43
N LYS I 145 39.18 3.49 51.19
CA LYS I 145 38.35 3.14 50.06
C LYS I 145 38.68 1.72 49.59
N GLU I 146 37.82 1.17 48.74
CA GLU I 146 38.00 -0.17 48.19
C GLU I 146 38.02 -0.10 46.67
N LEU I 147 39.04 -0.70 46.07
CA LEU I 147 39.22 -0.70 44.62
C LEU I 147 39.48 -2.10 44.12
N PRO I 148 39.13 -2.39 42.87
CA PRO I 148 39.40 -3.72 42.32
C PRO I 148 40.89 -3.94 42.10
N CYS I 149 41.28 -5.21 42.13
CA CYS I 149 42.67 -5.57 41.92
C CYS I 149 42.76 -7.07 41.68
N SER I 150 43.60 -7.46 40.74
CA SER I 150 43.80 -8.88 40.45
C SER I 150 44.53 -9.56 41.60
N THR I 151 44.34 -10.86 41.70
CA THR I 151 44.94 -11.65 42.76
C THR I 151 44.65 -13.13 42.46
N TYR I 152 45.11 -13.99 43.36
CA TYR I 152 45.00 -15.42 43.22
C TYR I 152 43.98 -15.97 44.22
N VAL I 153 43.86 -17.29 44.25
CA VAL I 153 42.89 -17.97 45.09
C VAL I 153 43.41 -19.37 45.41
N GLN I 154 42.82 -19.97 46.45
CA GLN I 154 43.29 -21.24 46.99
C GLN I 154 42.68 -22.45 46.31
N SER I 155 41.85 -22.25 45.28
CA SER I 155 41.22 -23.37 44.61
C SER I 155 42.28 -24.31 44.02
N THR I 156 41.98 -25.60 44.02
CA THR I 156 42.89 -26.63 43.56
C THR I 156 42.29 -27.43 42.42
N ALA I 157 41.57 -26.74 41.53
CA ALA I 157 40.97 -27.38 40.36
C ALA I 157 40.94 -26.35 39.24
N ALA I 158 41.89 -26.48 38.31
CA ALA I 158 42.05 -25.51 37.24
C ALA I 158 41.18 -25.87 36.05
N THR I 159 41.21 -25.03 35.02
CA THR I 159 40.39 -25.21 33.82
C THR I 159 41.28 -25.07 32.59
N ALA I 160 41.79 -26.22 32.12
CA ALA I 160 42.53 -26.29 30.86
C ALA I 160 43.76 -25.38 30.87
N GLU I 161 44.66 -25.65 31.81
CA GLU I 161 45.99 -25.05 31.85
C GLU I 161 46.96 -26.21 32.01
N GLU I 162 47.34 -26.82 30.89
CA GLU I 162 48.02 -28.10 30.90
C GLU I 162 49.53 -27.93 30.79
N ILE I 163 50.25 -28.79 31.50
CA ILE I 163 51.70 -28.88 31.44
C ILE I 163 52.06 -30.33 31.19
N GLU I 164 52.90 -30.57 30.20
CA GLU I 164 53.23 -31.92 29.79
C GLU I 164 54.24 -32.54 30.75
N VAL I 165 54.17 -33.86 30.87
CA VAL I 165 55.15 -34.64 31.61
C VAL I 165 55.61 -35.78 30.72
N HIS I 166 56.92 -36.02 30.70
CA HIS I 166 57.53 -36.97 29.78
C HIS I 166 58.47 -37.89 30.54
N MET I 167 58.77 -39.01 29.92
CA MET I 167 59.62 -40.03 30.54
C MET I 167 61.05 -39.51 30.64
N PRO I 168 61.65 -39.48 31.83
CA PRO I 168 63.00 -38.93 31.95
C PRO I 168 63.97 -39.64 31.03
N PRO I 169 64.85 -38.90 30.35
CA PRO I 169 65.76 -39.56 29.40
C PRO I 169 66.66 -40.59 30.05
N ASP I 170 67.50 -40.13 30.98
CA ASP I 170 68.40 -41.00 31.73
C ASP I 170 69.20 -40.10 32.67
N THR I 171 70.00 -40.74 33.51
CA THR I 171 70.91 -40.04 34.42
C THR I 171 72.25 -40.76 34.40
N PRO I 172 73.19 -40.35 33.54
CA PRO I 172 74.46 -41.06 33.43
C PRO I 172 75.39 -40.82 34.60
N ASP I 173 75.51 -41.80 35.50
CA ASP I 173 76.36 -41.70 36.66
C ASP I 173 77.36 -42.86 36.65
N ARG I 174 78.61 -42.54 36.99
CA ARG I 174 79.69 -43.51 36.95
C ARG I 174 80.03 -44.10 38.31
N THR I 175 79.30 -43.71 39.36
CA THR I 175 79.55 -44.30 40.68
C THR I 175 79.36 -45.80 40.65
N LEU I 176 78.50 -46.31 39.77
CA LEU I 176 78.31 -47.74 39.64
C LEU I 176 79.59 -48.44 39.17
N MET I 177 80.47 -47.73 38.49
CA MET I 177 81.68 -48.34 37.98
C MET I 177 82.77 -48.40 39.05
N THR I 178 83.72 -49.30 38.83
CA THR I 178 84.85 -49.50 39.72
C THR I 178 85.87 -50.38 39.01
N GLN I 179 87.15 -50.04 39.15
CA GLN I 179 88.21 -50.76 38.45
C GLN I 179 88.65 -51.96 39.29
N GLN I 180 88.60 -53.15 38.68
CA GLN I 180 89.05 -54.38 39.31
C GLN I 180 90.22 -54.91 38.48
N SER I 181 91.41 -54.43 38.78
CA SER I 181 92.63 -54.85 38.09
C SER I 181 92.46 -54.75 36.58
N GLY I 182 92.11 -53.55 36.12
CA GLY I 182 91.84 -53.33 34.71
C GLY I 182 90.55 -53.92 34.21
N ASN I 183 89.69 -54.38 35.12
CA ASN I 183 88.40 -54.97 34.78
C ASN I 183 87.32 -54.10 35.41
N VAL I 184 86.60 -53.34 34.58
CA VAL I 184 85.58 -52.44 35.09
C VAL I 184 84.37 -53.25 35.55
N LYS I 185 83.88 -52.95 36.75
CA LYS I 185 82.70 -53.61 37.31
C LYS I 185 81.60 -52.57 37.42
N ILE I 186 80.48 -52.82 36.76
CA ILE I 186 79.33 -51.94 36.78
C ILE I 186 78.24 -52.59 37.61
N THR I 187 77.75 -51.87 38.61
CA THR I 187 76.74 -52.36 39.53
C THR I 187 75.41 -51.68 39.23
N VAL I 188 74.34 -52.46 39.24
CA VAL I 188 73.03 -51.98 38.82
C VAL I 188 72.09 -51.80 40.01
N ASN I 189 72.20 -52.67 41.01
CA ASN I 189 71.40 -52.59 42.24
C ASN I 189 69.91 -52.43 41.93
N GLY I 190 69.46 -52.99 40.81
CA GLY I 190 68.03 -53.14 40.55
C GLY I 190 67.40 -52.06 39.71
N GLN I 191 68.10 -51.61 38.67
CA GLN I 191 67.58 -50.65 37.72
C GLN I 191 67.89 -51.11 36.30
N THR I 192 67.37 -50.35 35.32
CA THR I 192 67.66 -50.58 33.91
C THR I 192 68.79 -49.65 33.51
N VAL I 193 69.95 -50.21 33.18
CA VAL I 193 71.12 -49.41 32.86
C VAL I 193 71.64 -49.79 31.48
N ARG I 194 71.81 -48.78 30.64
CA ARG I 194 72.48 -48.93 29.36
C ARG I 194 73.95 -48.56 29.56
N TYR I 195 74.83 -49.52 29.31
CA TYR I 195 76.26 -49.27 29.26
C TYR I 195 76.68 -49.22 27.80
N LYS I 196 77.64 -48.35 27.51
CA LYS I 196 78.21 -48.28 26.17
C LYS I 196 79.66 -47.87 26.33
N CYS I 197 80.57 -48.65 25.77
CA CYS I 197 82.00 -48.36 25.88
C CYS I 197 82.66 -48.40 24.51
N ASN I 198 83.66 -47.52 24.34
CA ASN I 198 84.48 -47.56 23.13
C ASN I 198 85.27 -48.86 23.05
N CYS I 199 85.54 -49.49 24.20
CA CYS I 199 86.20 -50.79 24.21
C CYS I 199 85.47 -51.76 23.30
N GLY I 200 86.22 -52.73 22.78
CA GLY I 200 85.63 -53.73 21.91
C GLY I 200 84.72 -54.69 22.65
N GLY I 201 84.47 -55.85 22.05
CA GLY I 201 83.60 -56.82 22.69
C GLY I 201 82.22 -56.25 22.91
N SER I 202 81.70 -56.43 24.13
CA SER I 202 80.38 -55.91 24.48
C SER I 202 80.45 -54.39 24.66
N ASN I 203 80.69 -53.68 23.56
CA ASN I 203 80.80 -52.22 23.65
C ASN I 203 79.51 -51.61 24.16
N GLU I 204 78.37 -52.09 23.67
CA GLU I 204 77.06 -51.52 23.99
C GLU I 204 76.15 -52.61 24.54
N GLY I 205 75.25 -52.23 25.43
CA GLY I 205 74.25 -53.16 25.93
C GLY I 205 73.42 -52.59 27.07
N LEU I 206 72.13 -52.91 27.07
CA LEU I 206 71.22 -52.53 28.15
C LEU I 206 70.97 -53.76 29.01
N THR I 207 71.21 -53.63 30.31
CA THR I 207 71.08 -54.73 31.23
C THR I 207 70.52 -54.25 32.55
N THR I 208 70.05 -55.20 33.35
CA THR I 208 69.56 -54.93 34.70
C THR I 208 70.31 -55.75 35.75
N THR I 209 71.45 -56.33 35.38
CA THR I 209 72.23 -57.16 36.27
C THR I 209 73.67 -56.67 36.32
N ASP I 210 74.31 -56.85 37.47
CA ASP I 210 75.69 -56.42 37.64
C ASP I 210 76.57 -57.09 36.59
N LYS I 211 77.45 -56.31 35.97
CA LYS I 211 78.24 -56.78 34.85
C LYS I 211 79.70 -56.38 35.02
N VAL I 212 80.57 -57.04 34.27
CA VAL I 212 81.99 -56.75 34.28
C VAL I 212 82.51 -56.76 32.85
N ILE I 213 83.29 -55.75 32.51
CA ILE I 213 84.02 -55.70 31.24
C ILE I 213 85.49 -55.70 31.58
N ASN I 214 86.16 -56.82 31.30
CA ASN I 214 87.54 -57.00 31.70
C ASN I 214 88.49 -56.24 30.78
N ASN I 215 89.73 -56.08 31.26
CA ASN I 215 90.82 -55.49 30.48
C ASN I 215 90.38 -54.20 29.79
N CYS I 216 89.82 -53.28 30.57
CA CYS I 216 89.44 -51.98 30.06
C CYS I 216 89.46 -50.97 31.21
N LYS I 217 89.85 -49.75 30.88
CA LYS I 217 89.90 -48.68 31.87
C LYS I 217 88.49 -48.19 32.19
N ILE I 218 88.28 -47.82 33.46
CA ILE I 218 86.97 -47.33 33.87
C ILE I 218 86.65 -46.02 33.16
N ASP I 219 87.64 -45.14 33.02
CA ASP I 219 87.44 -43.88 32.32
C ASP I 219 87.24 -44.06 30.82
N GLN I 220 87.23 -45.30 30.32
CA GLN I 220 87.02 -45.53 28.90
C GLN I 220 85.70 -44.94 28.43
N CYS I 221 84.65 -45.07 29.23
CA CYS I 221 83.31 -44.76 28.76
C CYS I 221 82.41 -44.45 29.95
N HIS I 222 81.13 -44.22 29.63
CA HIS I 222 80.11 -43.92 30.62
C HIS I 222 78.89 -44.81 30.39
N ALA I 223 78.06 -44.90 31.43
CA ALA I 223 76.82 -45.66 31.37
C ALA I 223 75.76 -44.89 32.14
N ALA I 224 74.49 -45.17 31.81
CA ALA I 224 73.39 -44.42 32.40
C ALA I 224 72.23 -45.36 32.72
N VAL I 225 71.63 -45.15 33.89
CA VAL I 225 70.43 -45.89 34.23
C VAL I 225 69.25 -45.31 33.46
N THR I 226 68.54 -46.18 32.74
CA THR I 226 67.41 -45.77 31.90
C THR I 226 66.13 -45.98 32.68
N ASN I 227 65.67 -44.93 33.36
CA ASN I 227 64.42 -44.98 34.10
C ASN I 227 63.29 -44.52 33.20
N HIS I 228 62.19 -45.28 33.21
CA HIS I 228 61.01 -44.94 32.43
C HIS I 228 59.74 -45.30 33.18
N LYS I 229 59.78 -45.25 34.50
CA LYS I 229 58.67 -45.74 35.32
C LYS I 229 57.74 -44.60 35.70
N ASN I 230 58.25 -43.61 36.40
CA ASN I 230 57.48 -42.44 36.82
C ASN I 230 57.91 -41.25 36.00
N TRP I 231 56.95 -40.57 35.39
CA TRP I 231 57.25 -39.52 34.44
C TRP I 231 57.70 -38.24 35.16
N GLN I 232 58.42 -37.40 34.42
CA GLN I 232 59.04 -36.20 34.95
C GLN I 232 58.55 -35.00 34.15
N TYR I 233 58.09 -33.96 34.84
CA TYR I 233 57.38 -32.90 34.15
C TYR I 233 58.37 -31.91 33.55
N ASN I 234 58.06 -31.47 32.34
CA ASN I 234 59.03 -30.83 31.48
C ASN I 234 59.55 -29.53 32.08
N SER I 235 60.84 -29.27 31.88
CA SER I 235 61.48 -28.04 32.27
C SER I 235 62.60 -27.76 31.27
N PRO I 236 62.96 -26.49 31.07
CA PRO I 236 64.07 -26.21 30.15
C PRO I 236 65.38 -26.85 30.58
N LEU I 237 65.65 -26.90 31.88
CA LEU I 237 66.93 -27.41 32.35
C LEU I 237 67.09 -28.89 32.01
N VAL I 238 66.05 -29.67 32.20
CA VAL I 238 66.17 -31.12 31.99
C VAL I 238 66.38 -31.40 30.51
N PRO I 239 67.30 -32.28 30.14
CA PRO I 239 67.45 -32.62 28.71
C PRO I 239 66.26 -33.43 28.22
N ARG I 240 66.01 -33.31 26.91
CA ARG I 240 64.92 -34.05 26.30
C ARG I 240 65.31 -35.50 26.09
N ASN I 241 64.29 -36.34 25.91
CA ASN I 241 64.50 -37.76 25.71
C ASN I 241 65.08 -38.09 24.35
N ALA I 242 65.14 -37.11 23.44
CA ALA I 242 65.85 -37.19 22.16
C ALA I 242 65.13 -37.98 21.09
N GLU I 243 63.82 -38.21 21.21
CA GLU I 243 63.06 -38.84 20.15
C GLU I 243 62.11 -37.86 19.45
N LEU I 244 61.47 -36.99 20.21
CA LEU I 244 60.53 -36.02 19.65
C LEU I 244 60.32 -34.93 20.71
N GLY I 245 59.38 -34.03 20.44
CA GLY I 245 59.12 -32.92 21.33
C GLY I 245 58.26 -33.26 22.52
N ASP I 246 57.05 -33.78 22.28
CA ASP I 246 56.06 -33.97 23.32
C ASP I 246 55.88 -35.44 23.64
N ARG I 247 55.30 -35.69 24.82
CA ARG I 247 54.97 -37.04 25.26
C ARG I 247 53.70 -36.95 26.09
N LYS I 248 52.95 -38.05 26.11
CA LYS I 248 51.68 -38.07 26.84
C LYS I 248 51.92 -37.86 28.33
N GLY I 249 50.88 -37.37 28.99
CA GLY I 249 50.95 -37.03 30.40
C GLY I 249 50.86 -35.55 30.62
N LYS I 250 49.71 -35.07 31.08
CA LYS I 250 49.46 -33.65 31.28
C LYS I 250 48.86 -33.42 32.65
N ILE I 251 49.20 -32.28 33.25
CA ILE I 251 48.71 -31.92 34.58
C ILE I 251 48.29 -30.46 34.56
N HIS I 252 47.22 -30.14 35.30
CA HIS I 252 46.73 -28.78 35.37
C HIS I 252 47.47 -28.00 36.45
N ILE I 253 47.63 -26.71 36.22
CA ILE I 253 48.29 -25.82 37.17
C ILE I 253 47.22 -25.21 38.07
N PRO I 254 47.31 -25.37 39.39
CA PRO I 254 46.27 -24.83 40.26
C PRO I 254 46.48 -23.36 40.60
N PHE I 255 45.67 -22.85 41.52
CA PHE I 255 45.74 -21.46 41.97
C PHE I 255 45.42 -20.51 40.82
N PRO I 256 44.18 -20.50 40.34
CA PRO I 256 43.82 -19.60 39.24
C PRO I 256 43.80 -18.15 39.66
N LEU I 257 43.38 -17.27 38.73
CA LEU I 257 43.40 -15.84 38.93
C LEU I 257 41.98 -15.29 38.93
N ALA I 258 41.75 -14.31 39.80
CA ALA I 258 40.50 -13.55 39.81
C ALA I 258 40.79 -12.19 40.42
N ASN I 259 39.95 -11.21 40.13
CA ASN I 259 40.13 -9.88 40.69
C ASN I 259 39.09 -9.64 41.77
N VAL I 260 39.54 -9.12 42.91
CA VAL I 260 38.70 -8.87 44.07
C VAL I 260 39.01 -7.47 44.56
N THR I 261 38.15 -6.97 45.44
CA THR I 261 38.38 -5.65 46.00
C THR I 261 39.49 -5.70 47.06
N CYS I 262 40.20 -4.59 47.16
CA CYS I 262 41.26 -4.43 48.15
C CYS I 262 41.19 -3.00 48.69
N ARG I 263 41.62 -2.85 49.94
CA ARG I 263 41.52 -1.57 50.61
C ARG I 263 42.70 -0.68 50.26
N VAL I 264 42.47 0.62 50.38
CA VAL I 264 43.48 1.63 50.06
C VAL I 264 43.23 2.82 50.98
N PRO I 265 44.27 3.39 51.60
CA PRO I 265 44.04 4.47 52.55
C PRO I 265 43.63 5.77 51.87
N LYS I 266 42.89 6.58 52.63
CA LYS I 266 42.58 7.94 52.21
C LYS I 266 43.80 8.80 52.51
N ALA I 267 43.64 10.12 52.40
CA ALA I 267 44.73 11.04 52.64
C ALA I 267 44.31 12.10 53.64
N ARG I 268 45.26 12.52 54.46
CA ARG I 268 45.03 13.62 55.38
C ARG I 268 44.41 14.80 54.65
N ASN I 269 43.26 15.24 55.13
CA ASN I 269 42.60 16.38 54.51
C ASN I 269 43.48 17.62 54.72
N PRO I 270 43.88 18.31 53.66
CA PRO I 270 44.80 19.43 53.82
C PRO I 270 44.12 20.61 54.49
N THR I 271 44.94 21.52 55.00
CA THR I 271 44.46 22.75 55.63
C THR I 271 44.61 23.88 54.63
N VAL I 272 43.50 24.56 54.34
CA VAL I 272 43.45 25.54 53.25
C VAL I 272 43.33 26.93 53.86
N THR I 273 44.26 27.80 53.49
CA THR I 273 44.19 29.22 53.77
C THR I 273 43.85 29.97 52.48
N TYR I 274 43.69 31.28 52.62
CA TYR I 274 42.86 32.04 51.70
C TYR I 274 43.62 33.24 51.14
N GLY I 275 43.12 33.73 50.00
CA GLY I 275 43.62 34.97 49.44
C GLY I 275 42.78 35.38 48.25
N LYS I 276 43.00 36.62 47.80
CA LYS I 276 42.25 37.17 46.68
C LYS I 276 42.31 36.23 45.48
N ASN I 277 41.16 35.68 45.12
CA ASN I 277 41.04 34.74 44.00
C ASN I 277 42.17 33.73 44.03
N GLN I 278 42.62 33.36 45.23
CA GLN I 278 43.78 32.49 45.37
C GLN I 278 43.59 31.61 46.60
N VAL I 279 44.05 30.37 46.48
CA VAL I 279 43.88 29.37 47.54
C VAL I 279 45.24 28.81 47.88
N THR I 280 45.54 28.70 49.17
CA THR I 280 46.82 28.21 49.65
C THR I 280 46.57 26.93 50.43
N MET I 281 46.73 25.79 49.77
CA MET I 281 46.50 24.50 50.39
C MET I 281 47.81 23.98 50.96
N LEU I 282 47.84 23.72 52.26
CA LEU I 282 48.96 23.07 52.89
C LEU I 282 48.62 21.59 53.06
N LEU I 283 49.54 20.74 52.63
CA LEU I 283 49.30 19.32 52.46
C LEU I 283 50.22 18.53 53.39
N TYR I 284 49.65 17.55 54.09
CA TYR I 284 50.47 16.62 54.87
C TYR I 284 50.46 15.27 54.17
N PRO I 285 51.54 14.85 53.53
CA PRO I 285 51.49 13.57 52.80
C PRO I 285 51.24 12.38 53.72
N ASP I 286 52.11 12.18 54.71
CA ASP I 286 52.11 11.01 55.57
C ASP I 286 52.64 9.78 54.82
N HIS I 287 52.82 9.90 53.51
CA HIS I 287 53.49 8.91 52.68
C HIS I 287 53.41 9.42 51.24
N PRO I 288 54.21 8.85 50.33
CA PRO I 288 54.18 9.34 48.95
C PRO I 288 52.76 9.31 48.38
N THR I 289 52.33 10.45 47.84
CA THR I 289 50.98 10.60 47.35
C THR I 289 50.94 11.60 46.22
N LEU I 290 49.91 11.52 45.39
CA LEU I 290 49.81 12.35 44.21
C LEU I 290 48.77 13.43 44.40
N LEU I 291 49.10 14.64 43.93
CA LEU I 291 48.19 15.78 43.96
C LEU I 291 48.10 16.35 42.56
N SER I 292 46.88 16.47 42.04
CA SER I 292 46.69 17.02 40.71
C SER I 292 45.62 18.10 40.76
N TYR I 293 45.68 19.02 39.81
CA TYR I 293 44.67 20.05 39.68
C TYR I 293 44.44 20.35 38.21
N ARG I 294 43.21 20.79 37.91
CA ARG I 294 42.81 21.07 36.55
C ARG I 294 41.68 22.09 36.53
N ASN I 295 41.67 22.88 35.47
CA ASN I 295 40.63 23.89 35.29
C ASN I 295 39.30 23.23 34.96
N MET I 296 38.22 23.97 35.19
CA MET I 296 36.87 23.48 34.97
C MET I 296 36.37 23.83 33.57
N GLY I 297 37.15 24.55 32.77
CA GLY I 297 36.71 25.02 31.47
C GLY I 297 37.20 24.14 30.34
N GLN I 298 37.11 24.68 29.12
CA GLN I 298 37.55 23.95 27.95
C GLN I 298 39.05 23.71 27.95
N GLU I 299 39.79 24.45 28.75
CA GLU I 299 41.23 24.26 28.85
C GLU I 299 41.57 23.53 30.13
N PRO I 300 42.34 22.44 30.08
CA PRO I 300 42.57 21.65 31.30
C PRO I 300 43.42 22.36 32.33
N ASN I 301 44.53 22.97 31.90
CA ASN I 301 45.56 23.46 32.82
C ASN I 301 46.05 22.33 33.71
N TYR I 302 46.21 21.15 33.13
CA TYR I 302 46.55 19.97 33.90
C TYR I 302 47.86 20.14 34.65
N HIS I 303 47.87 19.66 35.89
CA HIS I 303 49.11 19.46 36.61
C HIS I 303 48.95 18.30 37.58
N GLU I 304 50.02 17.54 37.77
CA GLU I 304 50.03 16.41 38.69
C GLU I 304 51.44 16.23 39.21
N GLU I 305 51.60 16.33 40.54
CA GLU I 305 52.88 16.21 41.19
C GLU I 305 52.84 15.08 42.21
N TRP I 306 54.02 14.56 42.52
CA TRP I 306 54.21 13.63 43.62
C TRP I 306 54.68 14.42 44.84
N VAL I 307 54.17 14.04 46.01
CA VAL I 307 54.46 14.74 47.25
C VAL I 307 54.82 13.71 48.30
N THR I 308 55.89 13.99 49.05
CA THR I 308 56.31 13.16 50.17
C THR I 308 56.59 13.95 51.43
N HIS I 309 56.74 15.27 51.32
CA HIS I 309 56.91 16.15 52.45
C HIS I 309 55.78 17.16 52.44
N LYS I 310 55.64 17.91 53.52
CA LYS I 310 54.59 18.93 53.58
C LYS I 310 54.95 20.08 52.66
N LYS I 311 54.28 20.11 51.52
CA LYS I 311 54.36 21.24 50.62
C LYS I 311 53.13 22.13 50.79
N GLU I 312 53.38 23.42 50.95
CA GLU I 312 52.33 24.43 50.90
C GLU I 312 52.27 24.96 49.48
N VAL I 313 51.17 24.68 48.79
CA VAL I 313 51.02 24.99 47.38
C VAL I 313 49.95 26.07 47.24
N THR I 314 50.08 26.88 46.20
CA THR I 314 49.15 27.97 45.94
C THR I 314 48.58 27.83 44.53
N LEU I 315 47.26 28.00 44.43
CA LEU I 315 46.56 27.92 43.16
C LEU I 315 45.78 29.20 42.93
N THR I 316 45.74 29.63 41.67
CA THR I 316 44.98 30.80 41.25
C THR I 316 43.76 30.33 40.48
N VAL I 317 42.60 30.52 41.08
CA VAL I 317 41.36 30.01 40.48
C VAL I 317 41.07 30.76 39.18
N PRO I 318 40.54 30.09 38.16
CA PRO I 318 40.03 30.81 36.99
C PRO I 318 38.58 31.23 37.20
N THR I 319 38.11 32.10 36.31
CA THR I 319 36.73 32.55 36.38
C THR I 319 35.74 31.41 36.23
N GLU I 320 36.18 30.28 35.68
CA GLU I 320 35.29 29.17 35.36
C GLU I 320 35.40 28.01 36.34
N GLY I 321 36.30 28.09 37.31
CA GLY I 321 36.39 27.07 38.34
C GLY I 321 37.61 26.17 38.18
N LEU I 322 38.00 25.54 39.28
CA LEU I 322 39.16 24.68 39.32
C LEU I 322 38.91 23.55 40.30
N GLU I 323 39.26 22.33 39.91
CA GLU I 323 39.08 21.16 40.76
C GLU I 323 40.42 20.47 40.98
N VAL I 324 40.64 20.02 42.21
CA VAL I 324 41.88 19.43 42.64
C VAL I 324 41.59 18.05 43.20
N THR I 325 42.36 17.06 42.74
CA THR I 325 42.27 15.70 43.26
C THR I 325 43.47 15.44 44.15
N TRP I 326 43.19 14.96 45.36
CA TRP I 326 44.21 14.68 46.37
C TRP I 326 44.10 13.23 46.77
N GLY I 327 45.16 12.47 46.51
CA GLY I 327 45.14 11.05 46.83
C GLY I 327 43.94 10.38 46.19
N ASN I 328 43.36 9.43 46.92
CA ASN I 328 42.16 8.73 46.48
C ASN I 328 40.90 9.37 47.06
N ASN I 329 41.03 10.47 47.79
CA ASN I 329 39.89 11.16 48.35
C ASN I 329 39.14 11.88 47.23
N GLU I 330 37.86 12.14 47.49
CA GLU I 330 37.02 12.79 46.50
C GLU I 330 37.57 14.16 46.15
N PRO I 331 37.65 14.53 44.88
CA PRO I 331 38.24 15.82 44.51
C PRO I 331 37.45 16.99 45.07
N TYR I 332 38.18 18.05 45.41
CA TYR I 332 37.56 19.28 45.92
C TYR I 332 37.47 20.31 44.81
N LYS I 333 36.32 20.98 44.73
CA LYS I 333 36.05 21.99 43.72
C LYS I 333 36.03 23.37 44.37
N TYR I 334 36.79 24.31 43.81
CA TYR I 334 36.74 25.71 44.20
C TYR I 334 36.54 26.53 42.95
N TRP I 335 35.54 27.42 42.96
CA TRP I 335 35.39 28.34 41.84
C TRP I 335 35.27 29.75 42.41
N PRO I 336 35.74 30.78 41.71
CA PRO I 336 35.84 32.10 42.33
C PRO I 336 34.48 32.69 42.68
N GLN I 337 34.50 33.52 43.71
CA GLN I 337 33.43 34.45 44.03
C GLN I 337 34.00 35.85 43.82
N MET I 338 33.14 36.86 43.92
CA MET I 338 33.61 38.23 43.75
C MET I 338 34.84 38.46 44.62
N SER I 339 35.67 39.42 44.23
CA SER I 339 37.00 39.51 44.81
C SER I 339 37.00 40.23 46.15
N THR I 340 36.62 41.50 46.19
CA THR I 340 36.91 42.33 47.34
C THR I 340 35.75 43.24 47.70
N ASN I 341 35.76 43.68 48.95
CA ASN I 341 34.95 44.78 49.44
C ASN I 341 35.65 46.12 49.29
N GLY I 342 36.89 46.14 48.82
CA GLY I 342 37.63 47.39 48.74
C GLY I 342 36.92 48.42 47.89
N THR I 343 36.36 47.99 46.77
CA THR I 343 35.58 48.88 45.93
C THR I 343 34.26 49.22 46.61
N ALA I 344 33.75 50.41 46.34
CA ALA I 344 32.50 50.85 46.92
C ALA I 344 32.01 52.09 46.19
N HIS I 345 30.68 52.20 46.09
CA HIS I 345 30.04 53.33 45.44
C HIS I 345 29.72 54.40 46.48
N GLY I 346 30.09 55.64 46.18
CA GLY I 346 29.86 56.74 47.10
C GLY I 346 30.35 58.03 46.49
N HIS I 347 30.33 59.08 47.33
CA HIS I 347 30.77 60.39 46.86
C HIS I 347 32.17 60.35 46.28
N PRO I 348 33.16 59.77 46.95
CA PRO I 348 34.41 59.42 46.25
C PRO I 348 34.15 58.26 45.32
N HIS I 349 34.50 58.43 44.05
CA HIS I 349 34.08 57.48 43.01
C HIS I 349 34.30 56.05 43.48
N GLU I 350 35.54 55.64 43.68
CA GLU I 350 35.87 54.27 44.07
C GLU I 350 35.22 53.23 43.14
N ILE I 351 34.90 53.61 41.91
CA ILE I 351 34.39 52.66 40.92
C ILE I 351 35.49 51.96 40.14
N ILE I 352 36.67 52.56 40.04
CA ILE I 352 37.76 51.89 39.32
C ILE I 352 38.07 50.55 40.00
N LEU I 353 38.00 50.52 41.33
CA LEU I 353 38.17 49.26 42.03
C LEU I 353 37.05 48.29 41.71
N TYR I 354 35.82 48.79 41.60
CA TYR I 354 34.73 47.91 41.16
C TYR I 354 35.06 47.25 39.83
N TYR I 355 35.42 48.04 38.84
CA TYR I 355 35.59 47.51 37.49
C TYR I 355 36.94 46.82 37.31
N TYR I 356 37.84 46.91 38.29
CA TYR I 356 39.07 46.14 38.26
C TYR I 356 38.91 44.80 38.97
N GLU I 357 38.44 44.82 40.21
CA GLU I 357 38.22 43.58 40.94
C GLU I 357 37.28 42.66 40.18
N LEU I 358 36.16 43.20 39.72
CA LEU I 358 35.24 42.46 38.85
C LEU I 358 35.55 42.82 37.40
N TYR I 359 35.80 41.79 36.59
CA TYR I 359 36.19 41.97 35.20
C TYR I 359 37.48 42.78 35.12
N PRO I 360 38.57 42.31 35.74
CA PRO I 360 39.84 43.03 35.63
C PRO I 360 40.30 43.12 34.18
N THR I 361 40.87 44.26 33.83
CA THR I 361 41.38 44.52 32.48
C THR I 361 40.24 44.73 31.48
N MET I 362 39.01 44.48 31.90
CA MET I 362 37.83 44.74 31.09
C MET I 362 36.99 45.79 31.80
N THR I 363 36.28 46.59 31.00
CA THR I 363 35.53 47.75 31.49
C THR I 363 36.44 48.76 32.18
N VAL I 364 37.76 48.60 32.06
CA VAL I 364 38.75 49.52 32.59
C VAL I 364 39.60 50.11 31.48
N VAL I 365 40.09 49.26 30.57
CA VAL I 365 40.62 49.76 29.32
C VAL I 365 39.53 50.44 28.53
N ILE I 366 38.28 50.04 28.74
CA ILE I 366 37.15 50.76 28.16
C ILE I 366 37.13 52.20 28.66
N VAL I 367 37.46 52.39 29.93
CA VAL I 367 37.59 53.74 30.47
C VAL I 367 38.74 54.47 29.78
N SER I 368 39.82 53.73 29.45
CA SER I 368 40.93 54.36 28.74
C SER I 368 40.51 54.85 27.35
N VAL I 369 39.73 54.03 26.64
CA VAL I 369 39.30 54.46 25.31
C VAL I 369 38.33 55.62 25.41
N ALA I 370 37.44 55.58 26.41
CA ALA I 370 36.58 56.73 26.67
C ALA I 370 37.42 57.98 26.93
N SER I 371 38.53 57.82 27.66
CA SER I 371 39.40 58.96 27.96
C SER I 371 39.99 59.54 26.69
N PHE I 372 40.53 58.69 25.81
CA PHE I 372 41.18 59.26 24.64
C PHE I 372 40.15 59.85 23.69
N VAL I 373 38.95 59.26 23.62
CA VAL I 373 37.94 59.83 22.73
C VAL I 373 37.44 61.16 23.25
N LEU I 374 37.26 61.28 24.57
CA LEU I 374 36.84 62.57 25.11
C LEU I 374 37.92 63.62 24.90
N LEU I 375 39.19 63.20 25.02
CA LEU I 375 40.28 64.07 24.61
C LEU I 375 40.13 64.48 23.16
N SER I 376 39.66 63.56 22.31
CA SER I 376 39.48 63.88 20.90
C SER I 376 38.40 64.92 20.68
N MET I 377 37.25 64.79 21.34
CA MET I 377 36.23 65.82 21.19
C MET I 377 36.71 67.18 21.71
N VAL I 378 37.42 67.19 22.84
CA VAL I 378 37.91 68.49 23.31
C VAL I 378 38.96 69.04 22.35
N GLY I 379 39.74 68.16 21.71
CA GLY I 379 40.70 68.63 20.73
C GLY I 379 40.04 69.28 19.53
N THR I 380 39.00 68.63 19.00
CA THR I 380 38.28 69.27 17.90
C THR I 380 37.53 70.51 18.37
N ALA I 381 37.21 70.60 19.67
CA ALA I 381 36.60 71.82 20.18
C ALA I 381 37.58 72.98 20.15
N VAL I 382 38.81 72.76 20.61
CA VAL I 382 39.81 73.82 20.51
C VAL I 382 40.13 74.09 19.04
N GLY I 383 40.01 73.06 18.19
CA GLY I 383 40.10 73.30 16.76
C GLY I 383 39.05 74.26 16.27
N MET I 384 37.82 74.12 16.74
CA MET I 384 36.78 75.06 16.36
C MET I 384 37.08 76.44 16.92
N CYS I 385 37.68 76.49 18.12
CA CYS I 385 38.08 77.77 18.68
C CYS I 385 39.02 78.51 17.74
N VAL I 386 40.08 77.82 17.30
CA VAL I 386 41.04 78.46 16.40
C VAL I 386 40.38 78.78 15.05
N CYS I 387 39.50 77.90 14.57
CA CYS I 387 38.82 78.16 13.31
C CYS I 387 37.94 79.40 13.41
N ALA I 388 37.22 79.56 14.52
CA ALA I 388 36.42 80.75 14.72
C ALA I 388 37.31 81.98 14.81
N ARG I 389 38.48 81.84 15.44
CA ARG I 389 39.43 82.95 15.50
C ARG I 389 39.81 83.41 14.10
N ARG I 390 40.26 82.48 13.26
CA ARG I 390 40.68 82.87 11.91
C ARG I 390 39.49 83.39 11.11
N ARG I 391 38.32 82.78 11.27
CA ARG I 391 37.15 83.22 10.50
C ARG I 391 36.72 84.62 10.92
N CYS I 392 36.87 84.96 12.20
CA CYS I 392 36.45 86.29 12.65
C CYS I 392 37.48 87.34 12.26
N ILE I 393 38.77 87.00 12.24
CA ILE I 393 39.76 87.98 11.86
C ILE I 393 39.80 88.16 10.34
N THR I 394 39.43 87.13 9.59
CA THR I 394 39.54 87.21 8.13
C THR I 394 38.72 88.34 7.53
N PRO I 395 37.45 88.55 7.89
CA PRO I 395 36.74 89.71 7.34
C PRO I 395 37.45 91.01 7.66
N TYR I 396 38.17 91.05 8.78
CA TYR I 396 39.10 92.15 9.00
C TYR I 396 40.21 92.12 7.95
N GLU I 397 41.03 91.08 7.96
CA GLU I 397 42.16 90.95 7.05
C GLU I 397 42.81 92.31 6.81
N LEU I 398 42.91 93.10 7.88
CA LEU I 398 43.47 94.43 7.83
C LEU I 398 42.75 95.29 6.78
N THR I 399 41.47 95.55 7.05
CA THR I 399 40.69 96.38 6.14
C THR I 399 41.30 97.78 6.07
N PRO I 400 41.06 98.50 4.97
CA PRO I 400 41.53 99.90 4.92
C PRO I 400 40.96 100.75 6.04
N GLY I 401 39.72 100.49 6.44
CA GLY I 401 39.13 101.24 7.54
C GLY I 401 39.81 100.98 8.86
N ALA I 402 40.09 99.71 9.17
CA ALA I 402 40.80 99.33 10.39
C ALA I 402 40.09 99.82 11.64
N THR I 403 38.88 99.29 11.85
CA THR I 403 38.07 99.73 12.98
C THR I 403 37.04 98.66 13.31
N VAL I 404 37.02 98.23 14.58
CA VAL I 404 35.95 97.37 15.10
C VAL I 404 35.57 97.87 16.49
N PRO I 405 34.96 99.06 16.61
CA PRO I 405 34.65 99.57 17.96
C PRO I 405 33.63 98.72 18.70
N PHE I 406 32.87 97.87 18.01
CA PHE I 406 31.81 97.10 18.63
C PHE I 406 32.04 95.60 18.59
N LEU I 407 33.12 95.12 17.95
CA LEU I 407 33.35 93.69 17.80
C LEU I 407 34.57 93.23 18.58
N LEU I 408 35.76 93.75 18.27
CA LEU I 408 36.93 93.31 19.01
C LEU I 408 36.97 93.93 20.40
N SER I 409 36.52 95.18 20.52
CA SER I 409 36.40 95.81 21.82
C SER I 409 35.39 95.08 22.69
N LEU I 410 34.45 94.36 22.09
CA LEU I 410 33.40 93.65 22.82
C LEU I 410 33.54 92.14 22.72
N LEU I 411 33.59 91.61 21.50
CA LEU I 411 33.64 90.15 21.33
C LEU I 411 34.99 89.58 21.72
N CYS I 412 36.07 90.38 21.59
CA CYS I 412 37.39 89.95 22.02
C CYS I 412 37.80 88.63 21.36
N CYS I 413 37.53 88.53 20.06
CA CYS I 413 37.78 87.28 19.35
C CYS I 413 39.27 86.93 19.33
N VAL I 414 40.11 87.86 18.88
CA VAL I 414 41.52 87.58 18.65
C VAL I 414 42.31 88.87 18.81
N ARG I 415 43.51 88.74 19.36
CA ARG I 415 44.44 89.87 19.52
C ARG I 415 43.70 91.13 19.94
N THR I 416 42.90 90.99 21.00
CA THR I 416 42.14 92.13 21.51
C THR I 416 43.04 93.24 22.03
N THR I 417 44.35 93.02 22.08
CA THR I 417 45.28 94.09 22.41
C THR I 417 45.06 95.29 21.48
N LYS I 418 44.87 95.02 20.20
CA LYS I 418 44.62 96.06 19.21
C LYS I 418 43.12 96.14 18.95
N ALA I 419 42.54 97.31 19.21
CA ALA I 419 41.11 97.52 19.02
C ALA I 419 40.29 96.55 19.86
C1 NAG J . 43.58 -18.16 -11.36
C2 NAG J . 43.77 -19.62 -11.73
C3 NAG J . 43.58 -19.83 -13.23
C4 NAG J . 42.24 -19.26 -13.67
C5 NAG J . 42.11 -17.80 -13.23
C6 NAG J . 40.77 -17.21 -13.54
C7 NAG J . 46.27 -19.71 -11.59
C8 NAG J . 46.35 -18.53 -12.51
N2 NAG J . 45.05 -20.16 -11.27
O3 NAG J . 43.66 -21.22 -13.53
O4 NAG J . 42.11 -19.35 -15.08
O5 NAG J . 42.30 -17.70 -11.81
O6 NAG J . 40.12 -17.92 -14.60
O7 NAG J . 47.28 -20.24 -11.14
H2 NAG J . 43.06 -20.12 -11.28
H3 NAG J . 44.27 -19.36 -13.73
H4 NAG J . 41.53 -19.78 -13.25
H5 NAG J . 42.81 -17.29 -13.68
H61 NAG J . 40.88 -16.28 -13.81
H62 NAG J . 40.21 -17.25 -12.74
H81 NAG J . 47.27 -18.20 -12.50
H82 NAG J . 46.15 -18.81 -13.43
H83 NAG J . 45.77 -17.80 -12.24
HN2 NAG J . 45.01 -20.88 -10.70
HO3 NAG J . 44.41 -21.55 -13.21
HO4 NAG J . 41.29 -19.11 -15.32
HO6 NAG J . 39.97 -17.36 -15.27
C1 NAG K . 13.05 -16.19 12.96
C2 NAG K . 14.56 -16.27 12.73
C3 NAG K . 15.30 -16.47 14.06
C4 NAG K . 14.90 -15.38 15.04
C5 NAG K . 13.38 -15.35 15.20
C6 NAG K . 12.90 -14.23 16.09
C7 NAG K . 14.67 -18.60 11.82
C8 NAG K . 13.92 -19.09 13.02
N2 NAG K . 14.93 -17.28 11.75
O3 NAG K . 16.70 -16.42 13.83
O4 NAG K . 15.50 -15.63 16.32
O5 NAG K . 12.76 -15.16 13.91
O6 NAG K . 13.93 -13.80 16.98
O7 NAG K . 15.03 -19.37 10.93
H2 NAG K . 14.84 -15.40 12.38
H3 NAG K . 15.08 -17.32 14.45
H4 NAG K . 15.20 -14.52 14.71
H5 NAG K . 13.09 -16.20 15.57
H61 NAG K . 12.14 -14.54 16.60
H62 NAG K . 12.63 -13.48 15.52
H81 NAG K . 13.64 -20.00 12.85
H82 NAG K . 14.51 -19.10 13.80
H83 NAG K . 13.12 -18.56 13.21
HN2 NAG K . 15.38 -16.98 11.02
HO3 NAG K . 16.92 -17.00 13.19
HO4 NAG K . 15.33 -14.95 16.85
HO6 NAG K . 13.65 -13.91 17.81
C1 NAG L . -49.50 -42.07 18.13
C2 NAG L . -50.83 -42.38 17.45
C3 NAG L . -51.39 -43.71 17.95
C4 NAG L . -50.35 -44.80 17.78
C5 NAG L . -49.05 -44.40 18.46
C6 NAG L . -47.94 -45.41 18.24
C7 NAG L . -52.27 -40.79 18.74
C8 NAG L . -51.77 -41.38 20.02
N2 NAG L . -51.80 -41.30 17.59
O3 NAG L . -52.57 -44.03 17.23
O4 NAG L . -50.83 -46.03 18.35
O5 NAG L . -48.59 -43.16 17.93
O6 NAG L . -48.45 -46.70 17.93
O7 NAG L . -53.09 -39.88 18.74
H2 NAG L . -50.65 -42.49 16.50
H3 NAG L . -51.60 -43.66 18.90
H4 NAG L . -50.18 -44.94 16.83
H5 NAG L . -49.21 -44.31 19.42
H61 NAG L . -47.40 -45.46 19.05
H62 NAG L . -47.37 -45.10 17.50
H81 NAG L . -52.04 -40.80 20.76
H82 NAG L . -52.17 -42.26 20.17
H83 NAG L . -50.79 -41.44 20.04
HN2 NAG L . -52.12 -40.93 16.82
HO3 NAG L . -53.13 -43.35 17.27
HO4 NAG L . -50.26 -46.69 18.16
HO6 NAG L . -48.18 -47.28 18.53
C1 NAG M . -44.09 0.57 2.12
C2 NAG M . -44.41 1.67 3.12
C3 NAG M . -45.92 1.83 3.29
C4 NAG M . -46.58 2.05 1.92
C5 NAG M . -46.19 0.92 0.98
C6 NAG M . -46.70 1.12 -0.43
C7 NAG M . -43.88 0.42 5.23
C8 NAG M . -44.80 -0.69 4.78
N2 NAG M . -43.76 1.48 4.41
O3 NAG M . -46.20 2.94 4.13
O4 NAG M . -47.99 2.08 2.06
O5 NAG M . -44.75 0.84 0.87
O6 NAG M . -47.83 1.98 -0.43
O7 NAG M . -43.27 0.36 6.29
H2 NAG M . -44.08 2.51 2.75
H3 NAG M . -46.32 1.03 3.66
H4 NAG M . -46.27 2.90 1.55
H5 NAG M . -46.53 0.07 1.33
H61 NAG M . -46.96 0.26 -0.79
H62 NAG M . -46.00 1.51 -0.97
H81 NAG M . -44.65 -1.45 5.36
H82 NAG M . -45.73 -0.41 4.89
H83 NAG M . -44.63 -0.97 3.86
HN2 NAG M . -43.19 2.15 4.68
HO3 NAG M . -45.75 2.84 4.90
HO4 NAG M . -48.36 2.31 1.28
HO6 NAG M . -48.54 1.55 -0.78
C1 NAG N . -32.40 26.50 28.92
C2 NAG N . -32.29 25.76 30.25
C3 NAG N . -30.86 25.78 30.77
C4 NAG N . -29.91 25.24 29.71
C5 NAG N . -30.10 26.00 28.41
C6 NAG N . -29.27 25.46 27.27
C7 NAG N . -33.32 27.52 31.72
C8 NAG N . -32.34 28.52 31.18
N2 NAG N . -33.23 26.25 31.25
O3 NAG N . -30.76 24.99 31.95
O4 NAG N . -28.57 25.36 30.14
O5 NAG N . -31.47 25.93 27.98
O6 NAG N . -28.15 24.72 27.76
O7 NAG N . -34.14 27.83 32.56
H2 NAG N . -32.52 24.82 30.08
H3 NAG N . -30.57 26.69 30.97
H4 NAG N . -30.12 24.30 29.55
H5 NAG N . -29.86 26.94 28.55
H61 NAG N . -28.96 26.20 26.72
H62 NAG N . -29.82 24.86 26.73
H81 NAG N . -32.64 29.40 31.45
H82 NAG N . -31.45 28.36 31.55
H83 NAG N . -32.31 28.51 30.20
HN2 NAG N . -33.83 25.66 31.59
HO3 NAG N . -31.38 25.26 32.53
HO4 NAG N . -28.02 24.96 29.56
HO6 NAG N . -27.40 25.10 27.46
C1 NAG O . -37.95 -7.29 -61.24
C2 NAG O . -39.32 -7.93 -61.03
C3 NAG O . -40.28 -6.95 -60.36
C4 NAG O . -39.68 -6.44 -59.07
C5 NAG O . -38.31 -5.83 -59.35
C6 NAG O . -37.59 -5.38 -58.10
C7 NAG O . -40.13 -7.78 -63.40
C8 NAG O . -39.84 -6.31 -63.40
N2 NAG O . -39.88 -8.47 -62.28
O3 NAG O . -41.51 -7.62 -60.08
O4 NAG O . -40.51 -5.44 -58.50
O5 NAG O . -37.46 -6.81 -59.98
O6 NAG O . -38.52 -5.13 -57.04
O7 NAG O . -40.61 -8.34 -64.39
H2 NAG O . -39.20 -8.68 -60.43
H3 NAG O . -40.46 -6.19 -60.92
H4 NAG O . -39.57 -7.18 -58.44
H5 NAG O . -38.41 -5.07 -59.95
H61 NAG O . -37.09 -4.57 -58.29
H62 NAG O . -36.97 -6.08 -57.82
H81 NAG O . -39.89 -5.99 -64.32
H82 NAG O . -40.50 -5.83 -62.88
H83 NAG O . -38.93 -6.12 -63.07
HN2 NAG O . -40.06 -9.36 -62.29
HO3 NAG O . -41.81 -8.00 -60.83
HO4 NAG O . -40.20 -5.21 -57.70
HO6 NAG O . -38.43 -4.29 -56.78
C1 NAG P . -12.13 -28.14 -40.61
C2 NAG P . -12.82 -27.82 -41.93
C3 NAG P . -12.45 -28.85 -43.00
C4 NAG P . -10.94 -28.94 -43.12
C5 NAG P . -10.31 -29.24 -41.75
C6 NAG P . -8.81 -29.24 -41.79
C7 NAG P . -15.12 -28.64 -41.33
C8 NAG P . -14.53 -29.95 -40.93
N2 NAG P . -14.27 -27.70 -41.79
O3 NAG P . -13.03 -28.48 -44.24
O4 NAG P . -10.58 -29.99 -44.02
O5 NAG P . -10.71 -28.22 -40.81
O6 NAG P . -8.32 -29.50 -43.09
O7 NAG P . -16.33 -28.42 -41.26
H2 NAG P . -12.48 -26.96 -42.23
H3 NAG P . -12.77 -29.74 -42.76
H4 NAG P . -10.59 -28.10 -43.45
H5 NAG P . -10.64 -30.11 -41.44
H61 NAG P . -8.48 -29.93 -41.18
H62 NAG P . -8.48 -28.37 -41.49
H81 NAG P . -15.23 -30.45 -40.44
H82 NAG P . -14.29 -30.48 -41.71
H83 NAG P . -13.77 -29.85 -40.32
HN2 NAG P . -14.63 -26.90 -42.03
HO3 NAG P . -13.89 -28.35 -44.14
HO4 NAG P . -9.70 -29.97 -44.17
HO6 NAG P . -7.82 -30.23 -43.07
C1 NAG Q . 12.45 19.47 46.20
C2 NAG Q . 11.82 19.10 47.55
C3 NAG Q . 12.19 20.13 48.61
C4 NAG Q . 13.71 20.29 48.68
C5 NAG Q . 14.24 20.63 47.29
C6 NAG Q . 15.76 20.71 47.25
C7 NAG Q . 9.46 19.81 47.06
C8 NAG Q . 9.98 21.17 46.66
N2 NAG Q . 10.38 18.91 47.47
O3 NAG Q . 11.69 19.70 49.88
O4 NAG Q . 14.05 21.33 49.58
O5 NAG Q . 13.86 19.62 46.34
O6 NAG Q . 16.29 20.96 48.54
O7 NAG Q . 8.27 19.55 47.03
H2 NAG Q . 12.22 18.25 47.82
H3 NAG Q . 11.82 21.00 48.41
H4 NAG Q . 14.11 19.45 48.97
H5 NAG Q . 13.88 21.49 47.01
H61 NAG Q . 16.02 21.42 46.64
H62 NAG Q . 16.11 19.86 46.92
H81 NAG Q . 9.24 21.64 46.22
H82 NAG Q . 10.24 21.68 47.44
H83 NAG Q . 10.71 21.11 46.02
HN2 NAG Q . 10.05 18.10 47.71
HO3 NAG Q . 10.83 19.53 49.81
HO4 NAG Q . 14.93 21.35 49.68
HO6 NAG Q . 16.76 21.72 48.52
C1 NAG R . 36.74 -9.46 36.23
C2 NAG R . 35.37 -8.80 36.14
C3 NAG R . 34.38 -9.69 35.39
C4 NAG R . 34.95 -10.06 34.03
C5 NAG R . 36.32 -10.70 34.21
C6 NAG R . 36.99 -11.01 32.89
C7 NAG R . 34.62 -9.20 38.50
C8 NAG R . 34.91 -10.66 38.33
N2 NAG R . 34.86 -8.40 37.45
O3 NAG R . 33.15 -8.99 35.23
O4 NAG R . 34.08 -10.99 33.38
O5 NAG R . 37.19 -9.80 34.91
O6 NAG R . 36.04 -11.15 31.85
O7 NAG R . 34.19 -8.75 39.56
H2 NAG R . 35.48 -7.98 35.61
H3 NAG R . 34.21 -10.51 35.88
H4 NAG R . 35.03 -9.27 33.48
H5 NAG R . 36.23 -11.52 34.72
H61 NAG R . 37.49 -11.85 32.98
H62 NAG R . 37.61 -10.29 32.67
H81 NAG R . 34.89 -11.07 39.21
H82 NAG R . 34.24 -11.08 37.78
H83 NAG R . 35.81 -10.82 37.95
HN2 NAG R . 34.68 -7.50 37.56
HO3 NAG R . 32.87 -8.70 36.02
HO4 NAG R . 34.36 -11.14 32.56
HO6 NAG R . 36.10 -11.96 31.49
#